data_2BFG
#
_entry.id   2BFG
#
_cell.length_a   88.950
_cell.length_b   162.160
_cell.length_c   308.200
_cell.angle_alpha   90.00
_cell.angle_beta   90.00
_cell.angle_gamma   90.00
#
_symmetry.space_group_name_H-M   'P 21 21 21'
#
loop_
_entity.id
_entity.type
_entity.pdbx_description
1 polymer BETA-XYLOSIDASE
2 non-polymer 'SODIUM ION'
3 non-polymer 2,5-DINITROPHENOL
4 non-polymer beta-D-xylopyranose
5 non-polymer alpha-D-xylopyranose
6 non-polymer 'SULFATE ION'
7 water water
#
_entity_poly.entity_id   1
_entity_poly.type   'polypeptide(L)'
_entity_poly.pdbx_seq_one_letter_code
;MGVVNVPSNGREKFKKNWKFCVGTGRLGLALQKEYLDHLKLVQEKIGFRYIRGHGLLSDDVGIYREVEIDGEMKPFYNFT
YIDRIVDSYLALNIRPFIEFGFMPKALASGDQTVFYWKGNVTPPKDYNKWRDLIVAVVSHFIERYGIEEVRTWLFEVWNA
PNLVNFWKDANKQEYFKLYEVTARAVKSVDPHLQVGGPAICGGSDEWITDFLHFCAERRVPVDFVSRHAYTSKAPHKKTF
EYYYQELEPPEDMLEQFKTVRALIRQSPFPHLPLHITEYNTSYSPINPVHDTALNAAYIARILSEGGDYVDSFSYWTFSD
VFEEMDVPKALFHGGFGLVALHSIPKPTFHAFTFFNALGDELLYRDGEMIVTRRKDGSIAAVLWNLVMEKGEGLTKEVQL
VIPVSESAVFIKRQIVNEQYGNAWRVWKQMGRPRFPSRQAVETLRQVAQPHVMTEQRRATDGVIHLSIVLSKNEVTLIEI
EQVRDETSTYVGLDDGEITSYSS
;
_entity_poly.pdbx_strand_id   A,B,C,D,E,F,G,H
#
# COMPACT_ATOMS: atom_id res chain seq x y z
N GLY A 2 71.66 -3.16 -6.58
CA GLY A 2 72.79 -4.01 -7.05
C GLY A 2 72.60 -4.50 -8.48
N VAL A 3 73.62 -4.30 -9.33
CA VAL A 3 73.61 -4.68 -10.76
C VAL A 3 73.87 -6.18 -10.97
N VAL A 4 73.03 -6.77 -11.82
CA VAL A 4 73.07 -8.19 -12.15
C VAL A 4 73.16 -8.31 -13.68
N ASN A 5 74.26 -8.88 -14.15
CA ASN A 5 74.39 -9.13 -15.58
C ASN A 5 73.88 -10.51 -15.92
N VAL A 6 72.63 -10.56 -16.37
CA VAL A 6 71.91 -11.80 -16.56
C VAL A 6 72.54 -12.52 -17.75
N PRO A 7 73.11 -13.71 -17.53
CA PRO A 7 73.65 -14.50 -18.66
C PRO A 7 72.52 -14.90 -19.60
N SER A 8 72.85 -15.11 -20.88
CA SER A 8 71.86 -15.46 -21.90
C SER A 8 71.27 -16.86 -21.70
N ASN A 9 72.10 -17.74 -21.17
CA ASN A 9 71.77 -19.15 -20.96
C ASN A 9 72.24 -19.60 -19.59
N GLY A 10 71.55 -20.58 -19.02
CA GLY A 10 71.91 -21.09 -17.71
C GLY A 10 71.92 -22.61 -17.71
N ARG A 11 72.94 -23.18 -17.07
CA ARG A 11 73.12 -24.63 -17.01
C ARG A 11 72.00 -25.30 -16.22
N GLU A 12 71.55 -24.68 -15.14
CA GLU A 12 70.60 -25.34 -14.22
C GLU A 12 69.12 -25.10 -14.59
N LYS A 13 68.25 -25.98 -14.12
CA LYS A 13 66.79 -25.78 -14.25
C LYS A 13 66.21 -25.33 -12.90
N PHE A 14 65.33 -24.33 -12.92
CA PHE A 14 64.50 -24.02 -11.75
C PHE A 14 63.40 -25.04 -11.75
N LYS A 15 63.31 -25.80 -10.69
CA LYS A 15 62.35 -26.87 -10.61
C LYS A 15 61.07 -26.35 -10.07
N LYS A 16 60.03 -27.12 -10.34
CA LYS A 16 58.66 -26.81 -9.97
C LYS A 16 58.28 -27.40 -8.61
N ASN A 17 59.28 -27.81 -7.81
CA ASN A 17 59.04 -28.34 -6.47
C ASN A 17 58.18 -27.39 -5.64
N TRP A 18 58.41 -26.08 -5.83
CA TRP A 18 57.74 -25.02 -5.07
C TRP A 18 56.23 -25.09 -5.17
N LYS A 19 55.71 -25.69 -6.23
CA LYS A 19 54.29 -25.78 -6.41
C LYS A 19 53.83 -27.21 -6.64
N PHE A 20 54.66 -28.16 -6.23
CA PHE A 20 54.28 -29.56 -6.19
C PHE A 20 53.03 -29.72 -5.34
N CYS A 21 53.06 -29.13 -4.17
CA CYS A 21 52.02 -29.39 -3.22
C CYS A 21 51.69 -28.14 -2.47
N VAL A 22 50.47 -28.08 -1.96
CA VAL A 22 49.95 -26.95 -1.20
C VAL A 22 49.13 -27.45 -0.02
N GLY A 23 49.08 -26.65 1.04
CA GLY A 23 48.34 -27.00 2.24
C GLY A 23 46.86 -26.71 2.13
N THR A 24 46.06 -27.33 3.00
CA THR A 24 44.62 -27.04 3.11
C THR A 24 44.10 -27.25 4.54
N GLY A 25 43.06 -26.53 4.90
CA GLY A 25 42.23 -26.92 6.02
C GLY A 25 41.74 -28.36 5.90
N ARG A 26 41.11 -28.87 6.93
CA ARG A 26 40.79 -30.30 7.00
C ARG A 26 39.94 -30.67 5.79
N LEU A 27 40.04 -31.93 5.34
CA LEU A 27 39.45 -32.30 4.05
C LEU A 27 37.97 -32.07 4.09
N GLY A 28 37.38 -32.18 5.27
CA GLY A 28 35.97 -31.92 5.48
C GLY A 28 35.50 -30.60 4.92
N LEU A 29 36.29 -29.55 5.10
CA LEU A 29 35.98 -28.22 4.54
C LEU A 29 36.01 -28.16 3.04
N ALA A 30 36.71 -29.10 2.41
CA ALA A 30 36.69 -29.28 0.98
C ALA A 30 35.26 -29.37 0.42
N LEU A 31 34.31 -29.72 1.28
CA LEU A 31 32.94 -29.82 0.89
C LEU A 31 32.28 -28.47 0.72
N GLN A 32 32.90 -27.42 1.27
CA GLN A 32 32.37 -26.07 1.23
C GLN A 32 32.50 -25.44 -0.14
N LYS A 33 31.44 -24.82 -0.63
CA LYS A 33 31.53 -24.07 -1.88
C LYS A 33 32.62 -23.01 -1.82
N GLU A 34 32.76 -22.35 -0.68
CA GLU A 34 33.80 -21.33 -0.56
C GLU A 34 35.13 -21.95 -0.91
N TYR A 35 35.43 -23.09 -0.27
CA TYR A 35 36.73 -23.78 -0.40
C TYR A 35 37.13 -24.08 -1.81
N LEU A 36 36.15 -24.49 -2.59
CA LEU A 36 36.41 -24.96 -3.94
C LEU A 36 36.53 -23.77 -4.87
N ASP A 37 35.85 -22.66 -4.58
CA ASP A 37 36.02 -21.40 -5.34
C ASP A 37 37.48 -21.06 -5.25
N HIS A 38 37.98 -21.13 -4.03
CA HIS A 38 39.34 -20.80 -3.70
C HIS A 38 40.34 -21.71 -4.40
N LEU A 39 40.01 -22.99 -4.47
CA LEU A 39 40.90 -23.97 -5.02
C LEU A 39 40.92 -23.77 -6.51
N LYS A 40 39.75 -23.48 -7.06
CA LYS A 40 39.61 -23.21 -8.49
C LYS A 40 40.57 -22.12 -8.82
N LEU A 41 40.49 -21.01 -8.10
CA LEU A 41 41.32 -19.88 -8.39
C LEU A 41 42.79 -20.24 -8.31
N VAL A 42 43.14 -20.94 -7.25
CA VAL A 42 44.51 -21.30 -6.98
C VAL A 42 45.03 -22.12 -8.14
N GLN A 43 44.22 -23.06 -8.61
CA GLN A 43 44.58 -23.95 -9.68
C GLN A 43 44.55 -23.27 -11.05
N GLU A 44 43.81 -22.18 -11.21
CA GLU A 44 43.83 -21.45 -12.48
C GLU A 44 45.06 -20.57 -12.59
N LYS A 45 45.64 -20.17 -11.47
CA LYS A 45 46.68 -19.13 -11.45
C LYS A 45 48.07 -19.64 -11.03
N ILE A 46 48.08 -20.61 -10.12
CA ILE A 46 49.24 -21.34 -9.63
C ILE A 46 48.92 -22.77 -9.96
N GLY A 47 49.80 -23.55 -10.52
CA GLY A 47 49.31 -24.88 -10.86
C GLY A 47 49.66 -25.98 -9.90
N PHE A 48 49.02 -26.09 -8.74
CA PHE A 48 49.49 -27.09 -7.75
C PHE A 48 49.19 -28.55 -8.16
N ARG A 49 50.20 -29.40 -8.06
CA ARG A 49 49.98 -30.80 -8.33
C ARG A 49 49.33 -31.57 -7.19
N TYR A 50 49.64 -31.23 -5.94
CA TYR A 50 49.13 -31.99 -4.79
C TYR A 50 48.45 -31.08 -3.77
N ILE A 51 47.55 -31.65 -2.97
CA ILE A 51 47.02 -30.91 -1.84
C ILE A 51 47.07 -31.72 -0.55
N ARG A 52 47.51 -31.10 0.53
CA ARG A 52 47.85 -31.78 1.74
C ARG A 52 47.15 -31.16 2.95
N GLY A 53 46.24 -31.90 3.55
CA GLY A 53 45.70 -31.51 4.83
C GLY A 53 45.29 -32.65 5.73
N HIS A 54 44.66 -32.25 6.83
CA HIS A 54 44.32 -33.08 7.95
C HIS A 54 42.93 -33.63 7.80
N GLY A 55 42.55 -34.51 8.71
CA GLY A 55 41.14 -34.80 8.90
C GLY A 55 40.57 -35.83 7.94
N LEU A 56 41.42 -36.43 7.12
CA LEU A 56 40.96 -37.40 6.19
C LEU A 56 40.09 -38.40 6.96
N LEU A 57 40.59 -38.82 8.12
CA LEU A 57 39.98 -39.86 8.93
C LEU A 57 39.22 -39.32 10.14
N SER A 58 39.19 -38.01 10.28
CA SER A 58 38.40 -37.41 11.31
C SER A 58 36.96 -37.40 10.91
N ASP A 59 36.09 -37.18 11.86
CA ASP A 59 34.73 -37.65 11.73
C ASP A 59 33.81 -36.74 10.97
N ASP A 60 34.10 -35.48 10.86
CA ASP A 60 33.32 -34.70 9.89
C ASP A 60 33.40 -35.38 8.50
N VAL A 61 34.57 -35.81 8.04
CA VAL A 61 34.61 -36.52 6.74
C VAL A 61 33.87 -37.87 6.82
N GLY A 62 33.87 -38.50 7.98
CA GLY A 62 32.86 -39.49 8.30
C GLY A 62 33.20 -40.92 7.92
N ILE A 63 34.46 -41.18 7.57
CA ILE A 63 34.85 -42.52 7.08
C ILE A 63 34.75 -43.62 8.11
N TYR A 64 35.26 -43.40 9.31
CA TYR A 64 35.24 -44.48 10.31
C TYR A 64 34.09 -44.34 11.32
N ARG A 65 33.18 -45.31 11.26
CA ARG A 65 32.11 -45.46 12.22
C ARG A 65 32.07 -46.90 12.70
N GLU A 66 31.40 -47.10 13.84
CA GLU A 66 30.84 -48.38 14.25
C GLU A 66 29.50 -47.95 14.91
N VAL A 67 28.29 -48.41 14.62
CA VAL A 67 27.78 -49.54 13.83
C VAL A 67 27.61 -50.86 14.62
N GLU A 68 26.53 -50.87 15.39
CA GLU A 68 26.04 -52.03 16.10
C GLU A 68 25.30 -52.93 15.13
N ILE A 69 25.95 -54.04 14.77
CA ILE A 69 25.29 -55.12 14.03
C ILE A 69 25.26 -56.30 15.01
N ASP A 70 24.04 -56.79 15.30
CA ASP A 70 23.79 -57.78 16.38
C ASP A 70 24.03 -57.14 17.76
N GLY A 71 24.96 -57.72 18.53
CA GLY A 71 25.46 -57.09 19.74
C GLY A 71 26.88 -56.55 19.57
N GLU A 72 27.46 -56.76 18.40
CA GLU A 72 28.85 -56.37 18.16
C GLU A 72 28.94 -54.98 17.51
N MET A 73 29.96 -54.21 17.89
CA MET A 73 30.33 -52.99 17.19
C MET A 73 31.34 -53.33 16.10
N LYS A 74 30.92 -53.21 14.86
CA LYS A 74 31.76 -53.55 13.73
C LYS A 74 32.07 -52.29 12.94
N PRO A 75 33.29 -52.17 12.44
CA PRO A 75 33.66 -50.99 11.67
C PRO A 75 32.85 -50.87 10.38
N PHE A 76 32.62 -49.63 9.97
CA PHE A 76 31.88 -49.30 8.76
C PHE A 76 32.56 -48.10 8.14
N TYR A 77 32.84 -48.17 6.85
CA TYR A 77 33.62 -47.17 6.19
C TYR A 77 32.71 -46.34 5.32
N ASN A 78 32.64 -45.04 5.56
CA ASN A 78 31.79 -44.16 4.76
C ASN A 78 32.63 -43.27 3.82
N PHE A 79 32.53 -43.55 2.52
CA PHE A 79 33.27 -42.76 1.53
C PHE A 79 32.50 -41.63 0.86
N THR A 80 31.35 -41.26 1.41
CA THR A 80 30.45 -40.33 0.74
C THR A 80 31.11 -39.00 0.58
N TYR A 81 31.74 -38.57 1.65
CA TYR A 81 32.40 -37.26 1.64
C TYR A 81 33.71 -37.33 0.88
N ILE A 82 34.69 -38.19 1.26
CA ILE A 82 35.98 -38.09 0.53
C ILE A 82 35.86 -38.41 -0.95
N ASP A 83 34.87 -39.16 -1.36
CA ASP A 83 34.65 -39.32 -2.77
C ASP A 83 34.40 -37.98 -3.42
N ARG A 84 33.54 -37.19 -2.80
CA ARG A 84 33.16 -35.92 -3.36
C ARG A 84 34.34 -34.96 -3.27
N ILE A 85 35.15 -35.10 -2.23
CA ILE A 85 36.31 -34.25 -2.00
C ILE A 85 37.38 -34.58 -3.02
N VAL A 86 37.74 -35.83 -3.12
CA VAL A 86 38.81 -36.24 -3.99
C VAL A 86 38.40 -36.07 -5.43
N ASP A 87 37.13 -36.29 -5.76
CA ASP A 87 36.66 -35.93 -7.09
C ASP A 87 36.85 -34.46 -7.39
N SER A 88 36.39 -33.63 -6.47
CA SER A 88 36.49 -32.20 -6.62
C SER A 88 37.97 -31.83 -6.78
N TYR A 89 38.86 -32.52 -6.07
CA TYR A 89 40.29 -32.34 -6.22
C TYR A 89 40.81 -32.64 -7.66
N LEU A 90 40.44 -33.82 -8.19
CA LEU A 90 40.92 -34.27 -9.48
C LEU A 90 40.37 -33.42 -10.63
N ALA A 91 39.10 -32.99 -10.49
CA ALA A 91 38.42 -32.08 -11.39
C ALA A 91 39.14 -30.76 -11.41
N LEU A 92 39.76 -30.41 -10.29
CA LEU A 92 40.59 -29.21 -10.27
C LEU A 92 42.09 -29.50 -10.55
N ASN A 93 42.39 -30.71 -11.01
CA ASN A 93 43.76 -31.15 -11.42
C ASN A 93 44.78 -31.13 -10.30
N ILE A 94 44.33 -31.50 -9.11
CA ILE A 94 45.16 -31.55 -7.92
C ILE A 94 44.92 -32.88 -7.20
N ARG A 95 45.98 -33.47 -6.68
CA ARG A 95 45.92 -34.83 -6.17
C ARG A 95 46.19 -34.83 -4.71
N PRO A 96 45.59 -35.73 -3.97
CA PRO A 96 45.79 -35.75 -2.53
C PRO A 96 47.18 -36.24 -2.15
N PHE A 97 47.90 -35.38 -1.45
CA PHE A 97 48.98 -35.80 -0.59
C PHE A 97 48.29 -36.23 0.67
N ILE A 98 47.86 -37.49 0.69
CA ILE A 98 47.04 -37.98 1.78
C ILE A 98 47.83 -37.92 3.06
N GLU A 99 47.08 -37.80 4.14
CA GLU A 99 47.61 -37.84 5.45
C GLU A 99 46.62 -38.61 6.30
N PHE A 100 47.08 -39.72 6.85
CA PHE A 100 46.22 -40.53 7.66
C PHE A 100 46.12 -39.97 9.04
N GLY A 101 45.06 -39.21 9.24
CA GLY A 101 44.72 -38.72 10.55
C GLY A 101 43.44 -37.91 10.49
N PHE A 102 42.92 -37.53 11.65
CA PHE A 102 43.44 -38.00 12.93
C PHE A 102 42.74 -39.30 13.27
N MET A 103 42.43 -39.52 14.55
CA MET A 103 41.81 -40.76 14.96
C MET A 103 40.35 -40.55 14.92
N PRO A 104 39.65 -41.46 14.27
CA PRO A 104 38.20 -41.48 14.39
C PRO A 104 37.80 -41.67 15.84
N LYS A 105 36.86 -40.88 16.33
CA LYS A 105 36.36 -41.03 17.71
C LYS A 105 36.12 -42.49 18.01
N ALA A 106 35.40 -43.17 17.14
CA ALA A 106 35.03 -44.54 17.40
C ALA A 106 36.23 -45.51 17.49
N LEU A 107 37.38 -45.10 16.98
CA LEU A 107 38.60 -45.89 16.99
C LEU A 107 39.61 -45.45 18.02
N ALA A 108 39.41 -44.25 18.56
CA ALA A 108 40.28 -43.60 19.51
C ALA A 108 40.45 -44.42 20.79
N SER A 109 41.67 -44.49 21.32
CA SER A 109 41.94 -45.17 22.58
C SER A 109 41.62 -44.28 23.76
N GLY A 110 41.50 -42.97 23.47
CA GLY A 110 41.39 -41.93 24.47
C GLY A 110 40.64 -40.71 23.99
N ASP A 111 40.55 -39.73 24.89
CA ASP A 111 39.64 -38.58 24.72
C ASP A 111 40.32 -37.30 24.21
N GLN A 112 41.65 -37.29 24.14
CA GLN A 112 42.34 -36.07 23.76
C GLN A 112 42.03 -35.74 22.31
N THR A 113 41.66 -34.49 22.11
CA THR A 113 41.46 -33.95 20.80
C THR A 113 42.27 -32.69 20.63
N VAL A 114 42.32 -32.25 19.38
CA VAL A 114 43.00 -31.06 19.00
C VAL A 114 42.08 -30.26 18.13
N PHE A 115 42.25 -28.94 18.22
CA PHE A 115 41.54 -27.97 17.41
C PHE A 115 40.14 -27.77 17.87
N TYR A 116 39.57 -26.70 17.35
CA TYR A 116 38.19 -26.41 17.54
C TYR A 116 37.36 -27.58 17.05
N TRP A 117 37.74 -28.11 15.89
CA TRP A 117 36.98 -29.23 15.33
C TRP A 117 37.23 -30.59 16.00
N LYS A 118 38.23 -30.66 16.87
CA LYS A 118 38.38 -31.77 17.84
C LYS A 118 38.80 -33.07 17.20
N GLY A 119 39.88 -33.03 16.42
CA GLY A 119 40.43 -34.23 15.86
C GLY A 119 40.94 -35.07 17.02
N ASN A 120 40.70 -36.37 17.01
CA ASN A 120 41.17 -37.18 18.11
C ASN A 120 42.64 -37.54 17.87
N VAL A 121 43.47 -37.34 18.87
CA VAL A 121 44.91 -37.45 18.73
C VAL A 121 45.48 -38.61 19.54
N THR A 122 44.64 -39.59 19.87
CA THR A 122 45.07 -40.77 20.63
C THR A 122 45.32 -41.93 19.72
N PRO A 123 46.21 -42.85 20.10
CA PRO A 123 46.46 -44.04 19.30
C PRO A 123 45.18 -44.81 19.12
N PRO A 124 45.06 -45.64 18.11
CA PRO A 124 43.87 -46.45 18.01
C PRO A 124 43.77 -47.40 19.23
N LYS A 125 42.55 -47.79 19.55
CA LYS A 125 42.27 -48.70 20.66
C LYS A 125 42.61 -50.13 20.23
N ASP A 126 42.82 -50.27 18.92
CA ASP A 126 43.04 -51.57 18.30
C ASP A 126 43.78 -51.29 17.00
N TYR A 127 45.03 -51.74 16.90
CA TYR A 127 45.83 -51.49 15.69
C TYR A 127 45.38 -52.31 14.51
N ASN A 128 44.73 -53.44 14.73
CA ASN A 128 44.18 -54.19 13.61
C ASN A 128 43.08 -53.34 13.00
N LYS A 129 42.25 -52.76 13.85
CA LYS A 129 41.16 -51.93 13.34
C LYS A 129 41.73 -50.80 12.52
N TRP A 130 42.77 -50.16 13.03
CA TRP A 130 43.38 -49.04 12.37
C TRP A 130 43.89 -49.47 11.00
N ARG A 131 44.71 -50.52 10.97
CA ARG A 131 45.21 -51.16 9.77
C ARG A 131 44.12 -51.39 8.76
N ASP A 132 43.08 -52.09 9.16
CA ASP A 132 41.89 -52.29 8.33
C ASP A 132 41.28 -51.00 7.78
N LEU A 133 41.25 -49.94 8.59
CA LEU A 133 40.84 -48.61 8.13
C LEU A 133 41.68 -48.26 6.94
N ILE A 134 43.00 -48.33 7.07
CA ILE A 134 43.91 -47.87 6.03
C ILE A 134 43.73 -48.67 4.77
N VAL A 135 43.85 -49.98 4.89
CA VAL A 135 43.57 -50.87 3.77
C VAL A 135 42.25 -50.51 3.09
N ALA A 136 41.22 -50.32 3.90
CA ALA A 136 39.90 -49.97 3.38
C ALA A 136 40.01 -48.71 2.59
N VAL A 137 40.69 -47.71 3.16
CA VAL A 137 40.72 -46.39 2.56
C VAL A 137 41.53 -46.41 1.27
N VAL A 138 42.69 -47.01 1.33
CA VAL A 138 43.52 -47.04 0.15
C VAL A 138 42.87 -47.92 -0.91
N SER A 139 42.28 -49.03 -0.51
CA SER A 139 41.64 -49.90 -1.50
C SER A 139 40.56 -49.10 -2.17
N HIS A 140 39.81 -48.32 -1.40
CA HIS A 140 38.73 -47.52 -1.96
C HIS A 140 39.18 -46.57 -3.03
N PHE A 141 40.23 -45.83 -2.70
CA PHE A 141 40.85 -44.92 -3.61
C PHE A 141 41.15 -45.65 -4.89
N ILE A 142 41.90 -46.72 -4.80
CA ILE A 142 42.25 -47.47 -5.99
C ILE A 142 40.99 -47.93 -6.73
N GLU A 143 39.99 -48.41 -6.00
CA GLU A 143 38.72 -48.76 -6.64
C GLU A 143 38.15 -47.59 -7.44
N ARG A 144 38.13 -46.38 -6.88
CA ARG A 144 37.41 -45.27 -7.49
C ARG A 144 38.16 -44.58 -8.62
N TYR A 145 39.47 -44.55 -8.49
CA TYR A 145 40.30 -43.73 -9.31
C TYR A 145 41.30 -44.52 -10.08
N GLY A 146 41.54 -45.75 -9.65
CA GLY A 146 42.37 -46.67 -10.39
C GLY A 146 43.76 -46.60 -9.82
N ILE A 147 44.48 -47.72 -9.94
CA ILE A 147 45.79 -47.87 -9.35
C ILE A 147 46.80 -46.90 -9.92
N GLU A 148 46.72 -46.66 -11.23
CA GLU A 148 47.74 -45.87 -11.90
C GLU A 148 47.68 -44.49 -11.28
N GLU A 149 46.45 -44.04 -11.02
CA GLU A 149 46.19 -42.68 -10.51
C GLU A 149 46.62 -42.63 -9.06
N VAL A 150 46.29 -43.65 -8.28
CA VAL A 150 46.57 -43.61 -6.85
C VAL A 150 48.06 -43.76 -6.58
N ARG A 151 48.76 -44.46 -7.47
CA ARG A 151 50.21 -44.61 -7.37
C ARG A 151 50.93 -43.31 -7.46
N THR A 152 50.30 -42.30 -8.06
CA THR A 152 50.83 -40.95 -8.13
C THR A 152 50.59 -40.16 -6.87
N TRP A 153 49.76 -40.67 -5.95
CA TRP A 153 49.52 -39.98 -4.69
C TRP A 153 50.59 -40.32 -3.68
N LEU A 154 50.64 -39.56 -2.61
CA LEU A 154 51.61 -39.74 -1.54
C LEU A 154 50.84 -39.89 -0.25
N PHE A 155 51.39 -40.62 0.68
CA PHE A 155 50.65 -40.98 1.86
C PHE A 155 51.51 -40.70 3.07
N GLU A 156 51.16 -39.66 3.82
CA GLU A 156 51.89 -39.28 5.03
C GLU A 156 51.13 -39.94 6.16
N VAL A 157 51.84 -40.41 7.17
CA VAL A 157 51.21 -41.00 8.34
C VAL A 157 51.23 -40.03 9.48
N TRP A 158 50.01 -39.61 9.80
CA TRP A 158 49.73 -38.79 10.94
C TRP A 158 50.29 -37.41 10.72
N ASN A 159 50.18 -36.60 11.76
CA ASN A 159 50.67 -35.27 11.74
C ASN A 159 51.26 -34.94 13.06
N ALA A 160 52.46 -34.37 13.01
CA ALA A 160 53.20 -33.82 14.13
C ALA A 160 53.11 -34.70 15.36
N PRO A 161 53.59 -35.94 15.25
CA PRO A 161 53.52 -36.90 16.35
C PRO A 161 54.49 -36.57 17.42
N ASN A 162 55.51 -35.80 17.08
CA ASN A 162 56.39 -35.22 18.08
C ASN A 162 55.77 -34.07 18.87
N LEU A 163 54.47 -33.87 18.75
CA LEU A 163 53.77 -32.84 19.54
C LEU A 163 52.64 -33.47 20.29
N VAL A 164 52.64 -33.13 21.55
CA VAL A 164 51.70 -33.61 22.53
C VAL A 164 50.23 -33.30 22.19
N ASN A 165 50.02 -32.23 21.42
CA ASN A 165 48.69 -31.82 20.98
C ASN A 165 48.09 -32.71 19.92
N PHE A 166 48.99 -33.33 19.15
CA PHE A 166 48.67 -34.01 17.93
C PHE A 166 48.79 -35.50 18.07
N TRP A 167 49.34 -35.96 19.19
CA TRP A 167 49.66 -37.37 19.40
C TRP A 167 49.84 -37.60 20.89
N LYS A 168 48.97 -38.40 21.50
CA LYS A 168 49.06 -38.68 22.94
C LYS A 168 50.51 -38.88 23.38
N ASP A 169 50.97 -37.98 24.26
CA ASP A 169 52.25 -38.06 24.93
C ASP A 169 53.40 -37.95 23.98
N ALA A 170 53.19 -37.31 22.83
CA ALA A 170 54.20 -37.26 21.76
C ALA A 170 55.04 -38.54 21.80
N ASN A 171 54.36 -39.67 21.82
CA ASN A 171 55.02 -40.93 22.06
C ASN A 171 55.70 -41.41 20.79
N LYS A 172 57.01 -41.27 20.75
CA LYS A 172 57.83 -41.68 19.62
C LYS A 172 57.62 -43.14 19.23
N GLN A 173 57.75 -44.03 20.19
CA GLN A 173 57.72 -45.47 19.89
C GLN A 173 56.35 -45.87 19.36
N GLU A 174 55.32 -45.22 19.92
CA GLU A 174 53.94 -45.44 19.52
C GLU A 174 53.70 -44.85 18.13
N TYR A 175 54.31 -43.72 17.79
CA TYR A 175 54.21 -43.25 16.40
C TYR A 175 54.80 -44.23 15.40
N PHE A 176 55.98 -44.79 15.69
CA PHE A 176 56.60 -45.81 14.85
C PHE A 176 55.75 -47.06 14.71
N LYS A 177 55.05 -47.44 15.77
CA LYS A 177 54.09 -48.54 15.66
C LYS A 177 52.96 -48.14 14.69
N LEU A 178 52.43 -46.92 14.85
CA LEU A 178 51.39 -46.43 13.96
C LEU A 178 51.94 -46.28 12.55
N TYR A 179 53.17 -45.83 12.43
CA TYR A 179 53.78 -45.68 11.12
C TYR A 179 53.86 -47.02 10.44
N GLU A 180 54.51 -47.97 11.11
CA GLU A 180 54.72 -49.30 10.56
C GLU A 180 53.45 -49.97 10.16
N VAL A 181 52.43 -49.86 11.01
CA VAL A 181 51.19 -50.53 10.75
C VAL A 181 50.57 -49.88 9.54
N THR A 182 50.69 -48.58 9.45
CA THR A 182 50.11 -47.83 8.35
C THR A 182 50.83 -48.14 7.06
N ALA A 183 52.16 -48.08 7.11
CA ALA A 183 52.98 -48.26 5.91
C ALA A 183 52.86 -49.67 5.41
N ARG A 184 52.84 -50.63 6.31
CA ARG A 184 52.60 -52.01 5.94
C ARG A 184 51.22 -52.20 5.34
N ALA A 185 50.23 -51.49 5.88
CA ALA A 185 48.86 -51.58 5.37
C ALA A 185 48.82 -51.04 3.95
N VAL A 186 49.39 -49.84 3.76
CA VAL A 186 49.50 -49.25 2.43
C VAL A 186 50.17 -50.22 1.46
N LYS A 187 51.42 -50.64 1.70
CA LYS A 187 52.16 -51.54 0.80
C LYS A 187 51.52 -52.92 0.54
N SER A 188 50.61 -53.33 1.42
CA SER A 188 49.89 -54.60 1.28
C SER A 188 48.81 -54.45 0.25
N VAL A 189 48.35 -53.23 0.07
CA VAL A 189 47.36 -52.96 -0.96
C VAL A 189 48.05 -52.88 -2.29
N ASP A 190 49.16 -52.16 -2.32
CA ASP A 190 49.99 -52.11 -3.50
C ASP A 190 51.39 -51.61 -3.13
N PRO A 191 52.42 -52.33 -3.54
CA PRO A 191 53.78 -52.01 -3.11
C PRO A 191 54.38 -50.69 -3.62
N HIS A 192 53.82 -50.11 -4.68
CA HIS A 192 54.33 -48.89 -5.27
C HIS A 192 53.72 -47.60 -4.68
N LEU A 193 52.69 -47.76 -3.85
CA LEU A 193 52.10 -46.68 -3.10
C LEU A 193 53.18 -46.10 -2.23
N GLN A 194 53.25 -44.77 -2.17
CA GLN A 194 54.40 -44.10 -1.57
C GLN A 194 53.96 -43.65 -0.20
N VAL A 195 54.49 -44.31 0.83
CA VAL A 195 54.10 -44.03 2.21
C VAL A 195 55.32 -43.38 2.86
N GLY A 196 55.08 -42.54 3.87
CA GLY A 196 56.10 -41.66 4.37
C GLY A 196 55.73 -41.00 5.69
N GLY A 197 56.71 -40.39 6.29
CA GLY A 197 56.56 -39.74 7.57
C GLY A 197 57.92 -39.18 7.94
N PRO A 198 58.13 -38.73 9.17
CA PRO A 198 57.16 -38.84 10.27
C PRO A 198 56.23 -37.66 10.47
N ALA A 199 56.15 -36.75 9.51
CA ALA A 199 55.24 -35.60 9.60
C ALA A 199 55.50 -34.71 10.80
N ILE A 200 56.74 -34.63 11.23
CA ILE A 200 57.03 -33.96 12.48
C ILE A 200 57.02 -32.45 12.27
N CYS A 201 56.64 -31.69 13.28
CA CYS A 201 56.95 -30.26 13.29
C CYS A 201 58.42 -30.16 13.69
N GLY A 202 59.05 -29.03 13.43
CA GLY A 202 60.45 -28.83 13.75
C GLY A 202 60.73 -28.83 15.24
N GLY A 203 62.01 -28.69 15.57
CA GLY A 203 62.49 -28.62 16.95
C GLY A 203 62.72 -29.99 17.60
N SER A 204 62.89 -31.00 16.75
CA SER A 204 62.84 -32.38 17.20
C SER A 204 63.30 -33.33 16.09
N ASP A 205 64.28 -32.91 15.30
CA ASP A 205 64.67 -33.64 14.09
C ASP A 205 65.38 -35.00 14.30
N GLU A 206 65.81 -35.31 15.53
CA GLU A 206 66.28 -36.64 15.85
C GLU A 206 65.22 -37.72 15.56
N TRP A 207 63.95 -37.30 15.46
CA TRP A 207 62.86 -38.17 15.09
C TRP A 207 62.98 -38.64 13.66
N ILE A 208 63.58 -37.84 12.80
CA ILE A 208 63.73 -38.29 11.44
C ILE A 208 64.79 -39.32 11.42
N THR A 209 65.87 -39.05 12.12
CA THR A 209 66.89 -40.03 12.30
C THR A 209 66.35 -41.33 12.86
N ASP A 210 65.57 -41.21 13.94
CA ASP A 210 65.11 -42.37 14.70
C ASP A 210 64.09 -43.14 13.90
N PHE A 211 63.32 -42.39 13.12
CA PHE A 211 62.30 -42.93 12.27
C PHE A 211 62.97 -43.77 11.21
N LEU A 212 63.98 -43.20 10.52
CA LEU A 212 64.59 -43.90 9.40
C LEU A 212 65.42 -45.08 9.86
N HIS A 213 65.85 -45.06 11.10
CA HIS A 213 66.55 -46.20 11.66
C HIS A 213 65.53 -47.27 12.00
N PHE A 214 64.41 -46.83 12.56
CA PHE A 214 63.37 -47.74 12.93
C PHE A 214 62.94 -48.48 11.67
N CYS A 215 62.72 -47.75 10.58
CA CYS A 215 62.23 -48.34 9.36
C CYS A 215 63.31 -49.20 8.69
N ALA A 216 64.56 -48.75 8.76
CA ALA A 216 65.65 -49.52 8.21
C ALA A 216 65.81 -50.84 8.97
N GLU A 217 65.87 -50.77 10.29
CA GLU A 217 66.07 -51.95 11.15
C GLU A 217 64.90 -52.96 11.11
N ARG A 218 63.68 -52.43 11.07
CA ARG A 218 62.52 -53.28 11.10
C ARG A 218 61.94 -53.49 9.72
N ARG A 219 62.70 -53.07 8.70
CA ARG A 219 62.36 -53.26 7.31
C ARG A 219 60.95 -52.78 7.03
N VAL A 220 60.65 -51.57 7.49
CA VAL A 220 59.36 -50.95 7.30
C VAL A 220 59.48 -50.04 6.08
N PRO A 221 58.51 -50.07 5.19
CA PRO A 221 58.62 -49.27 3.99
C PRO A 221 58.52 -47.77 4.27
N VAL A 222 59.44 -47.02 3.68
CA VAL A 222 59.47 -45.56 3.70
C VAL A 222 59.90 -45.16 2.30
N ASP A 223 59.13 -44.28 1.71
CA ASP A 223 59.42 -43.80 0.39
C ASP A 223 59.74 -42.32 0.38
N PHE A 224 59.47 -41.66 1.50
CA PHE A 224 59.77 -40.25 1.64
C PHE A 224 59.85 -39.85 3.11
N VAL A 225 60.64 -38.83 3.38
CA VAL A 225 60.63 -38.19 4.69
C VAL A 225 59.74 -36.99 4.56
N SER A 226 58.99 -36.72 5.60
CA SER A 226 58.10 -35.57 5.61
C SER A 226 58.30 -34.85 6.90
N ARG A 227 58.09 -33.58 6.86
CA ARG A 227 58.55 -32.73 7.92
C ARG A 227 57.79 -31.44 7.76
N HIS A 228 57.56 -30.75 8.85
CA HIS A 228 56.98 -29.43 8.79
C HIS A 228 58.07 -28.40 9.06
N ALA A 229 57.89 -27.20 8.53
CA ALA A 229 58.80 -26.13 8.69
C ALA A 229 58.04 -24.84 8.97
N TYR A 230 58.35 -24.18 10.08
CA TYR A 230 57.83 -22.87 10.37
C TYR A 230 58.97 -22.09 10.95
N THR A 231 58.78 -20.79 11.02
CA THR A 231 59.80 -19.89 11.52
C THR A 231 59.28 -18.98 12.62
N SER A 232 57.99 -19.05 12.96
CA SER A 232 57.46 -18.22 14.03
C SER A 232 57.84 -18.77 15.40
N LYS A 233 58.24 -17.85 16.28
CA LYS A 233 58.41 -18.17 17.68
C LYS A 233 57.05 -18.29 18.34
N ALA A 234 57.03 -18.83 19.56
CA ALA A 234 55.84 -18.84 20.39
C ALA A 234 55.27 -17.43 20.51
N PRO A 235 53.95 -17.30 20.53
CA PRO A 235 53.33 -15.97 20.59
C PRO A 235 53.80 -15.12 21.76
N HIS A 236 53.85 -13.82 21.50
CA HIS A 236 54.20 -12.82 22.49
C HIS A 236 53.02 -11.91 22.88
N LYS A 237 51.95 -11.97 22.09
CA LYS A 237 50.65 -11.41 22.48
C LYS A 237 49.53 -12.31 21.93
N LYS A 238 48.47 -12.40 22.71
CA LYS A 238 47.23 -12.99 22.27
C LYS A 238 46.15 -11.93 22.42
N THR A 239 45.18 -11.92 21.52
CA THR A 239 43.89 -11.27 21.78
C THR A 239 42.86 -12.37 21.75
N PHE A 240 41.59 -12.03 21.85
CA PHE A 240 40.60 -13.09 21.81
C PHE A 240 40.57 -13.77 20.49
N GLU A 241 41.30 -13.25 19.52
CA GLU A 241 41.20 -13.67 18.14
C GLU A 241 42.52 -13.74 17.38
N TYR A 242 43.60 -13.21 17.93
CA TYR A 242 44.88 -13.24 17.26
C TYR A 242 45.93 -13.94 18.12
N TYR A 243 46.93 -14.52 17.45
CA TYR A 243 48.25 -14.83 18.02
C TYR A 243 49.17 -13.94 17.22
N TYR A 244 50.04 -13.22 17.91
CA TYR A 244 51.02 -12.41 17.25
C TYR A 244 52.40 -13.03 17.56
N GLN A 245 53.25 -13.10 16.54
CA GLN A 245 54.49 -13.85 16.66
C GLN A 245 55.60 -13.21 15.90
N GLU A 246 56.77 -13.22 16.51
CA GLU A 246 58.01 -12.97 15.79
C GLU A 246 58.33 -14.13 14.85
N LEU A 247 59.24 -13.85 13.92
CA LEU A 247 59.59 -14.75 12.85
C LEU A 247 61.08 -14.78 12.67
N GLU A 248 61.68 -15.95 12.76
CA GLU A 248 63.00 -16.16 12.22
C GLU A 248 62.96 -15.82 10.72
N PRO A 249 64.08 -15.36 10.17
CA PRO A 249 64.10 -14.92 8.76
C PRO A 249 64.06 -16.10 7.80
N PRO A 250 63.87 -15.88 6.51
CA PRO A 250 63.70 -16.98 5.58
C PRO A 250 64.87 -17.97 5.52
N GLU A 251 66.08 -17.51 5.87
CA GLU A 251 67.22 -18.41 5.88
C GLU A 251 67.02 -19.54 6.85
N ASP A 252 66.36 -19.26 7.97
CA ASP A 252 66.09 -20.25 9.01
C ASP A 252 65.33 -21.44 8.49
N MET A 253 64.34 -21.16 7.65
CA MET A 253 63.58 -22.22 7.05
C MET A 253 64.41 -23.00 6.05
N LEU A 254 65.16 -22.30 5.23
CA LEU A 254 65.94 -22.95 4.21
C LEU A 254 66.97 -23.83 4.87
N GLU A 255 67.50 -23.36 5.99
CA GLU A 255 68.48 -24.12 6.76
C GLU A 255 67.81 -25.34 7.43
N GLN A 256 66.54 -25.20 7.79
CA GLN A 256 65.71 -26.30 8.27
C GLN A 256 65.62 -27.35 7.16
N PHE A 257 65.35 -26.89 5.94
CA PHE A 257 65.25 -27.78 4.78
C PHE A 257 66.56 -28.49 4.53
N LYS A 258 67.67 -27.78 4.65
CA LYS A 258 68.97 -28.29 4.31
C LYS A 258 69.46 -29.24 5.38
N THR A 259 69.12 -28.93 6.63
CA THR A 259 69.45 -29.74 7.78
C THR A 259 68.78 -31.11 7.69
N VAL A 260 67.47 -31.10 7.40
CA VAL A 260 66.71 -32.33 7.29
C VAL A 260 67.15 -33.15 6.06
N ARG A 261 67.58 -32.48 4.99
CA ARG A 261 68.16 -33.18 3.85
C ARG A 261 69.46 -33.87 4.24
N ALA A 262 70.23 -33.23 5.11
CA ALA A 262 71.46 -33.81 5.61
C ALA A 262 71.15 -35.02 6.48
N LEU A 263 70.20 -34.91 7.40
CA LEU A 263 69.91 -36.06 8.26
C LEU A 263 69.51 -37.26 7.41
N ILE A 264 68.83 -36.99 6.31
CA ILE A 264 68.38 -38.05 5.44
C ILE A 264 69.57 -38.69 4.73
N ARG A 265 70.49 -37.87 4.27
CA ARG A 265 71.68 -38.38 3.58
C ARG A 265 72.54 -39.22 4.53
N GLN A 266 72.58 -38.83 5.79
CA GLN A 266 73.35 -39.47 6.83
C GLN A 266 72.64 -40.75 7.30
N SER A 267 71.47 -41.04 6.76
CA SER A 267 70.63 -42.13 7.26
C SER A 267 70.76 -43.42 6.43
N PRO A 268 70.19 -44.51 6.92
CA PRO A 268 70.08 -45.75 6.17
C PRO A 268 69.33 -45.62 4.84
N PHE A 269 68.59 -44.55 4.62
CA PHE A 269 67.95 -44.28 3.35
C PHE A 269 68.42 -42.91 2.84
N PRO A 270 69.65 -42.86 2.33
CA PRO A 270 70.25 -41.59 1.94
C PRO A 270 69.57 -40.88 0.78
N HIS A 271 68.83 -41.58 -0.06
CA HIS A 271 68.22 -40.97 -1.25
C HIS A 271 66.71 -40.76 -1.17
N LEU A 272 66.13 -40.82 0.03
CA LEU A 272 64.69 -40.60 0.17
C LEU A 272 64.33 -39.16 -0.19
N PRO A 273 63.28 -38.96 -0.98
CA PRO A 273 62.71 -37.61 -1.10
C PRO A 273 62.27 -37.03 0.24
N LEU A 274 62.25 -35.70 0.30
CA LEU A 274 61.88 -34.97 1.50
C LEU A 274 60.77 -34.01 1.12
N HIS A 275 59.60 -34.17 1.75
CA HIS A 275 58.46 -33.33 1.49
C HIS A 275 58.16 -32.52 2.72
N ILE A 276 58.36 -31.22 2.63
CA ILE A 276 57.90 -30.35 3.70
C ILE A 276 56.38 -30.19 3.52
N THR A 277 55.64 -30.93 4.32
CA THR A 277 54.19 -31.04 4.13
C THR A 277 53.40 -29.86 4.75
N GLU A 278 54.12 -28.97 5.42
CA GLU A 278 53.58 -27.74 5.96
C GLU A 278 54.73 -26.78 6.07
N TYR A 279 54.58 -25.62 5.45
CA TYR A 279 55.37 -24.45 5.75
C TYR A 279 54.53 -23.17 5.61
N ASN A 280 54.80 -22.23 6.49
CA ASN A 280 54.40 -20.86 6.39
C ASN A 280 55.36 -20.16 7.27
N THR A 281 55.13 -18.89 7.48
CA THR A 281 55.85 -18.17 8.50
C THR A 281 55.31 -18.52 9.87
N SER A 282 54.07 -18.16 10.16
CA SER A 282 53.46 -18.46 11.43
C SER A 282 52.72 -19.77 11.34
N TYR A 283 52.77 -20.53 12.42
CA TYR A 283 52.05 -21.78 12.54
C TYR A 283 50.65 -21.59 13.14
N SER A 284 50.25 -20.36 13.43
CA SER A 284 48.88 -20.09 13.90
C SER A 284 47.96 -19.58 12.77
N PRO A 285 46.75 -20.14 12.68
CA PRO A 285 45.71 -19.68 11.73
C PRO A 285 44.98 -18.38 12.10
N ILE A 286 45.52 -17.64 13.07
CA ILE A 286 44.98 -16.35 13.47
C ILE A 286 46.10 -15.34 13.69
N ASN A 287 47.21 -15.53 12.98
CA ASN A 287 48.31 -14.56 12.97
C ASN A 287 48.19 -13.65 11.77
N PRO A 288 47.89 -12.38 11.98
CA PRO A 288 47.67 -11.46 10.86
C PRO A 288 48.86 -11.30 9.89
N VAL A 289 50.07 -11.75 10.22
CA VAL A 289 51.16 -11.70 9.26
C VAL A 289 50.84 -12.47 7.98
N HIS A 290 50.09 -13.56 8.11
CA HIS A 290 49.66 -14.33 6.93
C HIS A 290 48.96 -13.47 5.87
N ASP A 291 48.21 -12.48 6.35
CA ASP A 291 47.43 -11.58 5.52
C ASP A 291 48.23 -10.54 4.82
N THR A 292 49.49 -10.38 5.20
CA THR A 292 50.27 -9.25 4.77
C THR A 292 51.17 -9.51 3.59
N ALA A 293 51.74 -8.40 3.13
CA ALA A 293 52.61 -8.37 1.98
C ALA A 293 53.92 -8.95 2.40
N LEU A 294 54.29 -8.74 3.66
CA LEU A 294 55.55 -9.30 4.20
C LEU A 294 55.51 -10.80 4.03
N ASN A 295 54.38 -11.40 4.34
CA ASN A 295 54.26 -12.83 4.14
C ASN A 295 54.71 -13.23 2.76
N ALA A 296 54.13 -12.54 1.78
CA ALA A 296 54.47 -12.71 0.39
C ALA A 296 55.97 -12.63 0.13
N ALA A 297 56.59 -11.50 0.46
CA ALA A 297 58.00 -11.34 0.17
C ALA A 297 58.87 -12.35 0.91
N TYR A 298 58.41 -12.76 2.09
CA TYR A 298 59.10 -13.75 2.88
C TYR A 298 58.99 -15.13 2.20
N ILE A 299 57.79 -15.53 1.80
CA ILE A 299 57.62 -16.82 1.16
C ILE A 299 58.35 -16.88 -0.19
N ALA A 300 58.65 -15.74 -0.79
CA ALA A 300 59.30 -15.71 -2.11
C ALA A 300 60.71 -16.30 -2.13
N ARG A 301 61.49 -16.07 -1.09
CA ARG A 301 62.82 -16.72 -1.05
C ARG A 301 62.63 -18.23 -0.91
N ILE A 302 61.58 -18.61 -0.20
CA ILE A 302 61.33 -20.02 -0.01
C ILE A 302 60.98 -20.68 -1.35
N LEU A 303 60.12 -20.06 -2.13
CA LEU A 303 59.78 -20.59 -3.44
C LEU A 303 61.02 -20.66 -4.36
N SER A 304 61.90 -19.68 -4.23
CA SER A 304 63.10 -19.57 -5.05
C SER A 304 64.09 -20.69 -4.81
N GLU A 305 64.16 -21.18 -3.58
CA GLU A 305 65.32 -21.94 -3.09
C GLU A 305 65.00 -23.25 -2.39
N GLY A 306 63.82 -23.30 -1.77
CA GLY A 306 63.35 -24.50 -1.10
C GLY A 306 63.59 -25.76 -1.90
N GLY A 307 63.46 -25.61 -3.21
CA GLY A 307 63.61 -26.71 -4.13
C GLY A 307 64.98 -27.31 -4.25
N ASP A 308 66.02 -26.61 -3.76
CA ASP A 308 67.38 -27.14 -3.75
C ASP A 308 67.57 -28.27 -2.81
N TYR A 309 66.76 -28.26 -1.76
CA TYR A 309 66.93 -29.09 -0.58
C TYR A 309 65.82 -30.10 -0.40
N VAL A 310 64.63 -29.76 -0.87
CA VAL A 310 63.44 -30.58 -0.65
C VAL A 310 62.75 -30.82 -1.95
N ASP A 311 62.25 -32.02 -2.13
CA ASP A 311 61.45 -32.39 -3.31
C ASP A 311 60.16 -31.65 -3.42
N SER A 312 59.62 -31.25 -2.29
CA SER A 312 58.46 -30.43 -2.29
C SER A 312 58.37 -29.68 -0.98
N PHE A 313 57.55 -28.64 -1.02
CA PHE A 313 57.26 -27.87 0.17
C PHE A 313 55.95 -27.12 0.00
N SER A 314 55.04 -27.42 0.92
CA SER A 314 53.62 -27.27 0.75
C SER A 314 53.16 -26.18 1.67
N TYR A 315 52.85 -25.05 1.04
CA TYR A 315 52.47 -23.86 1.73
C TYR A 315 51.12 -24.09 2.39
N TRP A 316 51.13 -24.05 3.71
CA TRP A 316 49.98 -24.21 4.56
C TRP A 316 49.45 -22.82 4.78
N THR A 317 48.40 -22.37 4.09
CA THR A 317 47.53 -23.20 3.24
C THR A 317 47.16 -22.41 2.03
N PHE A 318 46.46 -23.03 1.12
CA PHE A 318 46.02 -22.35 -0.06
C PHE A 318 44.89 -21.35 0.22
N SER A 319 44.17 -21.54 1.31
CA SER A 319 42.98 -20.75 1.58
C SER A 319 42.65 -20.53 3.05
N ASP A 320 41.82 -19.53 3.27
CA ASP A 320 41.38 -19.16 4.60
C ASP A 320 40.24 -20.04 5.06
N VAL A 321 39.67 -20.85 4.17
CA VAL A 321 38.67 -21.79 4.64
C VAL A 321 39.39 -22.75 5.57
N PHE A 322 39.07 -22.62 6.85
CA PHE A 322 39.87 -23.20 7.90
C PHE A 322 39.10 -23.06 9.18
N GLU A 323 39.27 -23.97 10.12
CA GLU A 323 38.56 -23.91 11.39
C GLU A 323 39.38 -24.44 12.55
N GLU A 324 40.68 -24.65 12.40
CA GLU A 324 41.42 -25.18 13.54
C GLU A 324 41.22 -24.30 14.78
N MET A 325 41.08 -22.99 14.57
CA MET A 325 40.84 -22.05 15.64
C MET A 325 39.46 -21.36 15.54
N ASP A 326 38.45 -22.15 15.15
CA ASP A 326 37.08 -21.70 15.01
C ASP A 326 36.86 -20.99 13.66
N VAL A 327 35.63 -20.56 13.41
CA VAL A 327 35.29 -19.87 12.21
C VAL A 327 35.99 -18.54 12.26
N PRO A 328 36.50 -18.07 11.12
CA PRO A 328 37.11 -16.75 11.02
C PRO A 328 36.24 -15.64 11.58
N LYS A 329 36.86 -14.82 12.41
CA LYS A 329 36.08 -13.83 13.15
C LYS A 329 35.96 -12.54 12.38
N ALA A 330 36.71 -12.46 11.30
CA ALA A 330 36.70 -11.32 10.42
C ALA A 330 37.31 -11.72 9.10
N LEU A 331 37.03 -10.94 8.05
CA LEU A 331 37.59 -11.20 6.74
C LEU A 331 39.07 -11.49 6.74
N PHE A 332 39.91 -10.56 7.20
CA PHE A 332 41.30 -10.87 7.30
C PHE A 332 41.58 -11.07 8.80
N HIS A 333 41.89 -12.31 9.14
CA HIS A 333 41.89 -12.78 10.54
C HIS A 333 43.16 -13.56 10.85
N GLY A 334 44.13 -13.47 9.95
CA GLY A 334 45.43 -14.09 10.09
C GLY A 334 45.47 -15.55 9.72
N GLY A 335 44.54 -15.99 8.89
CA GLY A 335 44.52 -17.37 8.45
C GLY A 335 45.63 -17.67 7.47
N PHE A 336 45.96 -18.95 7.37
CA PHE A 336 47.08 -19.44 6.57
C PHE A 336 46.93 -19.16 5.08
N GLY A 337 45.70 -18.95 4.64
CA GLY A 337 45.35 -18.95 3.25
C GLY A 337 46.10 -18.01 2.34
N LEU A 338 46.42 -18.51 1.17
CA LEU A 338 46.85 -17.63 0.10
C LEU A 338 45.62 -16.89 -0.35
N VAL A 339 44.46 -17.48 -0.13
CA VAL A 339 43.19 -16.87 -0.53
C VAL A 339 42.33 -16.61 0.69
N ALA A 340 42.00 -15.34 0.87
CA ALA A 340 41.01 -14.95 1.87
C ALA A 340 39.61 -15.40 1.44
N LEU A 341 38.69 -15.51 2.38
CA LEU A 341 37.28 -15.65 2.07
C LEU A 341 36.82 -14.59 1.07
N HIS A 342 35.84 -15.01 0.26
CA HIS A 342 35.33 -14.27 -0.88
C HIS A 342 36.30 -14.29 -2.05
N SER A 343 37.25 -15.22 -2.00
CA SER A 343 38.22 -15.42 -3.06
C SER A 343 39.10 -14.21 -3.30
N ILE A 344 39.40 -13.48 -2.24
CA ILE A 344 40.27 -12.33 -2.39
C ILE A 344 41.66 -12.82 -2.13
N PRO A 345 42.52 -12.79 -3.15
CA PRO A 345 43.90 -13.24 -2.98
C PRO A 345 44.66 -12.30 -2.06
N LYS A 346 45.45 -12.86 -1.16
CA LYS A 346 46.38 -12.10 -0.35
C LYS A 346 47.69 -11.99 -1.14
N PRO A 347 48.57 -11.08 -0.74
CA PRO A 347 49.86 -10.90 -1.40
C PRO A 347 50.63 -12.17 -1.67
N THR A 348 50.62 -13.07 -0.71
CA THR A 348 51.32 -14.32 -0.86
C THR A 348 50.87 -15.09 -2.07
N PHE A 349 49.56 -15.10 -2.34
CA PHE A 349 48.97 -15.78 -3.50
C PHE A 349 49.62 -15.28 -4.78
N HIS A 350 49.80 -13.99 -4.82
CA HIS A 350 50.51 -13.33 -5.90
C HIS A 350 51.97 -13.80 -6.08
N ALA A 351 52.64 -14.08 -4.97
CA ALA A 351 54.02 -14.57 -5.02
C ALA A 351 54.07 -15.91 -5.77
N PHE A 352 53.18 -16.82 -5.41
CA PHE A 352 53.04 -18.09 -6.15
C PHE A 352 52.71 -17.91 -7.62
N THR A 353 51.83 -16.95 -7.88
CA THR A 353 51.40 -16.59 -9.23
C THR A 353 52.60 -16.12 -10.06
N PHE A 354 53.42 -15.29 -9.42
CA PHE A 354 54.52 -14.64 -10.10
C PHE A 354 55.59 -15.64 -10.40
N PHE A 355 55.88 -16.49 -9.41
CA PHE A 355 56.73 -17.66 -9.58
C PHE A 355 56.25 -18.61 -10.63
N ASN A 356 54.93 -18.73 -10.78
CA ASN A 356 54.31 -19.56 -11.84
C ASN A 356 54.50 -18.97 -13.24
N ALA A 357 55.01 -17.75 -13.29
CA ALA A 357 55.38 -17.13 -14.54
C ALA A 357 56.79 -17.51 -14.96
N LEU A 358 57.61 -18.07 -14.06
CA LEU A 358 59.03 -18.26 -14.40
C LEU A 358 59.23 -19.41 -15.37
N GLY A 359 60.30 -19.33 -16.16
CA GLY A 359 60.76 -20.42 -16.99
C GLY A 359 61.58 -21.46 -16.23
N ASP A 360 61.93 -22.52 -16.94
CA ASP A 360 62.68 -23.67 -16.43
C ASP A 360 64.16 -23.37 -16.37
N GLU A 361 64.65 -22.59 -17.33
CA GLU A 361 66.08 -22.30 -17.46
C GLU A 361 66.46 -21.16 -16.53
N LEU A 362 67.27 -21.49 -15.54
CA LEU A 362 67.72 -20.53 -14.55
C LEU A 362 68.92 -19.72 -15.04
N LEU A 363 68.67 -18.46 -15.30
CA LEU A 363 69.68 -17.55 -15.81
C LEU A 363 70.51 -17.00 -14.68
N TYR A 364 69.84 -16.64 -13.61
CA TYR A 364 70.50 -16.09 -12.47
C TYR A 364 69.60 -16.21 -11.26
N ARG A 365 70.21 -16.52 -10.13
CA ARG A 365 69.51 -16.48 -8.87
C ARG A 365 70.42 -15.98 -7.79
N ASP A 366 69.87 -15.15 -6.91
CA ASP A 366 70.44 -14.91 -5.60
C ASP A 366 69.26 -14.81 -4.62
N GLY A 367 69.48 -14.29 -3.43
CA GLY A 367 68.54 -14.45 -2.35
C GLY A 367 67.39 -13.49 -2.39
N GLU A 368 67.37 -12.65 -3.43
CA GLU A 368 66.30 -11.68 -3.61
C GLU A 368 65.62 -11.74 -4.97
N MET A 369 66.14 -12.54 -5.89
CA MET A 369 65.51 -12.64 -7.18
C MET A 369 65.80 -13.94 -7.84
N ILE A 370 64.90 -14.34 -8.71
CA ILE A 370 65.13 -15.45 -9.61
C ILE A 370 64.86 -14.87 -10.99
N VAL A 371 65.72 -15.20 -11.93
CA VAL A 371 65.63 -14.72 -13.32
C VAL A 371 65.72 -15.93 -14.20
N THR A 372 64.74 -16.15 -15.04
CA THR A 372 64.70 -17.37 -15.85
C THR A 372 64.42 -17.03 -17.29
N ARG A 373 64.85 -17.91 -18.19
CA ARG A 373 64.49 -17.86 -19.58
C ARG A 373 63.40 -18.89 -19.80
N ARG A 374 62.39 -18.51 -20.57
CA ARG A 374 61.34 -19.41 -20.98
C ARG A 374 61.62 -19.95 -22.38
N LYS A 375 60.84 -20.93 -22.79
CA LYS A 375 61.10 -21.65 -24.04
C LYS A 375 60.96 -20.77 -25.30
N ASP A 376 60.07 -19.79 -25.28
CA ASP A 376 59.98 -18.76 -26.33
C ASP A 376 61.04 -17.65 -26.22
N GLY A 377 62.04 -17.87 -25.36
CA GLY A 377 63.16 -16.94 -25.23
C GLY A 377 62.90 -15.74 -24.33
N SER A 378 61.70 -15.60 -23.82
CA SER A 378 61.36 -14.46 -23.00
C SER A 378 61.94 -14.69 -21.60
N ILE A 379 62.23 -13.60 -20.90
CA ILE A 379 62.74 -13.65 -19.55
C ILE A 379 61.60 -13.50 -18.58
N ALA A 380 61.68 -14.22 -17.46
CA ALA A 380 60.77 -14.01 -16.35
C ALA A 380 61.58 -14.01 -15.06
N ALA A 381 61.39 -12.95 -14.30
CA ALA A 381 62.09 -12.78 -13.04
C ALA A 381 61.09 -12.39 -11.98
N VAL A 382 61.20 -13.02 -10.82
CA VAL A 382 60.46 -12.59 -9.66
C VAL A 382 61.51 -12.00 -8.73
N LEU A 383 61.29 -10.76 -8.32
CA LEU A 383 62.16 -10.07 -7.42
C LEU A 383 61.37 -9.84 -6.12
N TRP A 384 62.06 -9.92 -5.00
CA TRP A 384 61.44 -9.65 -3.72
C TRP A 384 62.30 -8.81 -2.81
N ASN A 385 61.62 -7.94 -2.09
CA ASN A 385 62.24 -7.14 -1.08
C ASN A 385 61.62 -7.35 0.28
N LEU A 386 62.12 -8.35 0.99
CA LEU A 386 61.66 -8.66 2.32
C LEU A 386 62.22 -7.67 3.30
N VAL A 387 61.33 -7.08 4.08
CA VAL A 387 61.73 -6.22 5.16
C VAL A 387 60.94 -6.60 6.42
N MET A 388 61.63 -7.35 7.28
CA MET A 388 61.12 -7.76 8.57
C MET A 388 61.11 -6.63 9.60
N GLU A 389 61.92 -5.59 9.41
CA GLU A 389 61.91 -4.48 10.37
C GLU A 389 60.70 -3.59 10.16
N LYS A 390 60.28 -2.97 11.26
CA LYS A 390 59.29 -1.91 11.22
C LYS A 390 59.87 -0.70 10.53
N GLY A 391 59.00 0.14 9.97
CA GLY A 391 59.41 1.33 9.27
C GLY A 391 58.90 1.49 7.85
N GLU A 392 58.94 2.74 7.40
CA GLU A 392 58.37 3.18 6.14
C GLU A 392 59.45 3.21 5.07
N GLY A 393 59.04 3.35 3.81
CA GLY A 393 59.98 3.47 2.72
C GLY A 393 60.73 2.18 2.45
N LEU A 394 62.01 2.14 2.87
CA LEU A 394 62.89 0.98 2.68
C LEU A 394 62.71 0.28 1.30
N THR A 395 62.92 1.04 0.23
CA THR A 395 62.85 0.49 -1.13
C THR A 395 64.12 -0.31 -1.42
N LYS A 396 64.35 -0.64 -2.69
CA LYS A 396 65.46 -1.49 -3.11
C LYS A 396 65.56 -1.46 -4.63
N GLU A 397 66.68 -0.97 -5.16
CA GLU A 397 66.92 -0.95 -6.60
C GLU A 397 67.63 -2.24 -6.98
N VAL A 398 67.08 -2.94 -7.96
CA VAL A 398 67.77 -4.02 -8.62
C VAL A 398 67.93 -3.53 -10.03
N GLN A 399 69.15 -3.58 -10.54
CA GLN A 399 69.39 -3.28 -11.94
C GLN A 399 69.79 -4.58 -12.65
N LEU A 400 68.86 -5.04 -13.48
CA LEU A 400 69.04 -6.24 -14.27
C LEU A 400 69.56 -5.73 -15.59
N VAL A 401 70.62 -6.35 -16.12
CA VAL A 401 71.11 -6.02 -17.45
C VAL A 401 70.98 -7.26 -18.33
N ILE A 402 69.91 -7.29 -19.13
CA ILE A 402 69.56 -8.44 -19.95
C ILE A 402 70.12 -8.31 -21.38
N PRO A 403 70.70 -9.40 -21.88
CA PRO A 403 71.08 -9.47 -23.28
C PRO A 403 69.83 -9.81 -24.08
N VAL A 404 69.61 -9.02 -25.12
CA VAL A 404 68.62 -9.27 -26.13
C VAL A 404 69.13 -8.61 -27.39
N SER A 405 69.14 -9.34 -28.50
CA SER A 405 69.57 -8.78 -29.79
C SER A 405 68.35 -8.66 -30.69
N GLU A 406 67.24 -8.27 -30.06
CA GLU A 406 65.90 -8.35 -30.66
C GLU A 406 65.37 -7.01 -31.20
N SER A 407 66.12 -5.93 -30.98
CA SER A 407 65.71 -4.55 -31.28
C SER A 407 64.73 -3.97 -30.25
N ALA A 408 63.71 -4.71 -29.85
CA ALA A 408 62.66 -4.17 -28.99
C ALA A 408 61.98 -5.21 -28.10
N VAL A 409 61.46 -4.72 -26.98
CA VAL A 409 61.06 -5.55 -25.89
C VAL A 409 59.82 -4.97 -25.22
N PHE A 410 58.83 -5.81 -24.96
CA PHE A 410 57.68 -5.45 -24.16
C PHE A 410 57.95 -5.90 -22.76
N ILE A 411 57.82 -5.00 -21.80
CA ILE A 411 58.07 -5.35 -20.44
C ILE A 411 56.78 -5.24 -19.69
N LYS A 412 56.46 -6.29 -18.95
CA LYS A 412 55.27 -6.33 -18.16
C LYS A 412 55.70 -6.67 -16.79
N ARG A 413 55.42 -5.78 -15.87
CA ARG A 413 55.83 -5.94 -14.52
C ARG A 413 54.59 -6.02 -13.67
N GLN A 414 54.64 -6.76 -12.57
CA GLN A 414 53.49 -6.84 -11.70
C GLN A 414 53.97 -6.69 -10.30
N ILE A 415 53.29 -5.87 -9.52
CA ILE A 415 53.77 -5.61 -8.19
C ILE A 415 52.66 -5.82 -7.17
N VAL A 416 52.97 -6.62 -6.16
CA VAL A 416 52.20 -6.59 -4.93
C VAL A 416 53.15 -6.17 -3.85
N ASN A 417 52.72 -5.16 -3.09
CA ASN A 417 53.49 -4.67 -1.97
C ASN A 417 52.54 -4.17 -0.88
N GLU A 418 52.96 -3.15 -0.13
CA GLU A 418 52.14 -2.61 0.97
C GLU A 418 50.98 -1.74 0.46
N GLN A 419 51.15 -1.25 -0.76
CA GLN A 419 50.19 -0.37 -1.43
C GLN A 419 49.27 -1.23 -2.33
N TYR A 420 49.88 -1.96 -3.25
CA TYR A 420 49.19 -2.64 -4.34
C TYR A 420 49.07 -4.14 -4.09
N GLY A 421 47.98 -4.74 -4.53
CA GLY A 421 47.73 -6.17 -4.40
C GLY A 421 47.41 -6.58 -2.97
N ASN A 422 47.11 -5.59 -2.15
CA ASN A 422 47.03 -5.71 -0.71
C ASN A 422 45.63 -5.28 -0.26
N ALA A 423 44.79 -6.25 -0.02
CA ALA A 423 43.41 -6.01 0.32
C ALA A 423 43.31 -5.83 1.80
N TRP A 424 44.23 -6.47 2.53
CA TRP A 424 44.33 -6.22 3.97
C TRP A 424 44.45 -4.71 4.24
N ARG A 425 45.25 -4.02 3.45
CA ARG A 425 45.50 -2.60 3.68
C ARG A 425 44.18 -1.84 3.52
N VAL A 426 43.45 -2.14 2.46
CA VAL A 426 42.21 -1.41 2.19
C VAL A 426 41.11 -1.77 3.16
N TRP A 427 41.11 -3.03 3.59
CA TRP A 427 40.15 -3.51 4.57
C TRP A 427 40.27 -2.77 5.87
N LYS A 428 41.48 -2.39 6.19
CA LYS A 428 41.73 -1.59 7.35
C LYS A 428 41.14 -0.22 7.13
N GLN A 429 41.32 0.34 5.95
CA GLN A 429 40.73 1.67 5.69
C GLN A 429 39.21 1.69 5.79
N MET A 430 38.58 0.57 5.39
CA MET A 430 37.12 0.41 5.53
C MET A 430 36.62 0.24 6.99
N GLY A 431 37.54 0.08 7.92
CA GLY A 431 37.15 0.04 9.32
C GLY A 431 37.17 -1.38 9.83
N ARG A 432 38.02 -2.17 9.19
CA ARG A 432 38.10 -3.59 9.42
C ARG A 432 36.73 -4.24 9.54
N PRO A 433 35.88 -4.10 8.54
CA PRO A 433 34.58 -4.76 8.63
C PRO A 433 34.84 -6.25 8.89
N ARG A 434 34.25 -6.78 9.94
CA ARG A 434 34.42 -8.19 10.18
C ARG A 434 33.70 -8.98 9.09
N PHE A 435 32.50 -8.54 8.77
CA PHE A 435 31.64 -9.27 7.87
C PHE A 435 31.16 -8.34 6.76
N PRO A 436 32.07 -8.02 5.83
CA PRO A 436 31.88 -6.93 4.89
C PRO A 436 30.70 -7.14 3.97
N SER A 437 30.09 -6.05 3.53
CA SER A 437 29.12 -6.10 2.46
C SER A 437 29.76 -6.65 1.18
N ARG A 438 28.93 -6.93 0.19
CA ARG A 438 29.40 -7.48 -1.07
C ARG A 438 30.16 -6.39 -1.85
N GLN A 439 29.60 -5.20 -1.82
CA GLN A 439 30.21 -4.01 -2.42
C GLN A 439 31.62 -3.81 -1.86
N ALA A 440 31.77 -4.00 -0.57
CA ALA A 440 33.05 -3.87 0.11
C ALA A 440 34.04 -4.94 -0.36
N VAL A 441 33.55 -6.17 -0.44
CA VAL A 441 34.32 -7.33 -0.91
C VAL A 441 34.82 -7.09 -2.33
N GLU A 442 33.99 -6.44 -3.16
CA GLU A 442 34.31 -6.21 -4.57
C GLU A 442 35.38 -5.15 -4.70
N THR A 443 35.29 -4.12 -3.87
CA THR A 443 36.36 -3.17 -3.79
C THR A 443 37.63 -3.87 -3.36
N LEU A 444 37.49 -4.79 -2.39
CA LEU A 444 38.62 -5.49 -1.81
C LEU A 444 39.33 -6.35 -2.84
N ARG A 445 38.55 -7.01 -3.68
CA ARG A 445 39.05 -7.85 -4.75
C ARG A 445 39.72 -7.04 -5.83
N GLN A 446 39.15 -5.88 -6.11
CA GLN A 446 39.59 -5.04 -7.20
C GLN A 446 40.99 -4.49 -6.76
N VAL A 447 41.07 -4.23 -5.49
CA VAL A 447 42.25 -3.73 -4.86
C VAL A 447 43.33 -4.86 -4.66
N ALA A 448 42.88 -6.11 -4.47
CA ALA A 448 43.78 -7.27 -4.32
C ALA A 448 44.59 -7.62 -5.58
N GLN A 449 44.28 -6.97 -6.70
CA GLN A 449 45.02 -7.27 -7.93
C GLN A 449 46.36 -6.56 -7.87
N PRO A 450 47.37 -7.21 -8.41
CA PRO A 450 48.68 -6.59 -8.48
C PRO A 450 48.61 -5.39 -9.39
N HIS A 451 49.39 -4.38 -9.06
CA HIS A 451 49.62 -3.29 -9.96
C HIS A 451 50.38 -3.78 -11.19
N VAL A 452 49.92 -3.35 -12.37
CA VAL A 452 50.60 -3.74 -13.59
C VAL A 452 51.18 -2.52 -14.23
N MET A 453 52.43 -2.65 -14.62
CA MET A 453 53.12 -1.61 -15.33
C MET A 453 53.65 -2.27 -16.55
N THR A 454 53.49 -1.62 -17.69
CA THR A 454 54.03 -2.14 -18.92
C THR A 454 54.86 -1.04 -19.57
N GLU A 455 55.79 -1.44 -20.40
CA GLU A 455 56.45 -0.53 -21.31
C GLU A 455 57.08 -1.28 -22.48
N GLN A 456 57.38 -0.54 -23.52
CA GLN A 456 58.24 -1.03 -24.60
C GLN A 456 59.60 -0.34 -24.47
N ARG A 457 60.64 -1.15 -24.63
CA ARG A 457 62.00 -0.74 -24.49
C ARG A 457 62.77 -1.18 -25.71
N ARG A 458 63.42 -0.24 -26.37
CA ARG A 458 64.38 -0.57 -27.42
C ARG A 458 65.68 -1.10 -26.81
N ALA A 459 66.37 -1.97 -27.52
CA ALA A 459 67.70 -2.43 -27.11
C ALA A 459 68.76 -1.40 -27.47
N THR A 460 69.75 -1.25 -26.59
CA THR A 460 70.97 -0.52 -26.87
C THR A 460 72.14 -1.47 -26.66
N ASP A 461 73.01 -1.57 -27.66
CA ASP A 461 74.20 -2.42 -27.60
C ASP A 461 73.90 -3.91 -27.49
N GLY A 462 72.70 -4.31 -27.90
CA GLY A 462 72.27 -5.70 -27.76
C GLY A 462 71.89 -6.08 -26.34
N VAL A 463 71.46 -5.07 -25.56
CA VAL A 463 71.21 -5.24 -24.13
C VAL A 463 70.04 -4.35 -23.64
N ILE A 464 69.43 -4.73 -22.52
CA ILE A 464 68.38 -3.93 -21.91
C ILE A 464 68.78 -3.65 -20.47
N HIS A 465 68.79 -2.37 -20.07
CA HIS A 465 69.15 -2.03 -18.67
C HIS A 465 67.87 -1.66 -17.92
N LEU A 466 67.45 -2.57 -17.05
CA LEU A 466 66.17 -2.48 -16.35
C LEU A 466 66.35 -2.09 -14.91
N SER A 467 65.82 -0.93 -14.57
CA SER A 467 65.88 -0.47 -13.18
C SER A 467 64.54 -0.78 -12.55
N ILE A 468 64.58 -1.58 -11.49
CA ILE A 468 63.41 -2.11 -10.83
C ILE A 468 63.48 -1.67 -9.39
N VAL A 469 62.58 -0.78 -9.02
CA VAL A 469 62.49 -0.30 -7.66
C VAL A 469 61.41 -1.10 -6.94
N LEU A 470 61.82 -1.87 -5.95
CA LEU A 470 60.91 -2.60 -5.10
C LEU A 470 60.65 -1.73 -3.89
N SER A 471 59.42 -1.66 -3.42
CA SER A 471 59.18 -0.98 -2.17
C SER A 471 59.04 -2.03 -1.05
N LYS A 472 58.86 -1.59 0.20
CA LYS A 472 58.79 -2.50 1.34
C LYS A 472 57.94 -3.76 1.07
N ASN A 473 58.56 -4.94 1.25
CA ASN A 473 57.84 -6.19 1.18
C ASN A 473 57.11 -6.35 -0.14
N GLU A 474 57.82 -6.05 -1.22
CA GLU A 474 57.26 -6.10 -2.54
C GLU A 474 57.74 -7.35 -3.20
N VAL A 475 56.81 -8.06 -3.82
CA VAL A 475 57.18 -9.12 -4.73
C VAL A 475 56.75 -8.61 -6.08
N THR A 476 57.60 -8.81 -7.08
CA THR A 476 57.25 -8.35 -8.42
C THR A 476 57.69 -9.26 -9.56
N LEU A 477 56.78 -9.48 -10.49
CA LEU A 477 57.04 -10.37 -11.61
C LEU A 477 57.40 -9.46 -12.75
N ILE A 478 58.45 -9.78 -13.45
CA ILE A 478 58.79 -9.03 -14.65
C ILE A 478 58.99 -10.00 -15.77
N GLU A 479 58.34 -9.67 -16.88
CA GLU A 479 58.42 -10.44 -18.09
C GLU A 479 58.97 -9.55 -19.17
N ILE A 480 59.96 -10.07 -19.86
CA ILE A 480 60.51 -9.37 -20.98
C ILE A 480 60.32 -10.27 -22.16
N GLU A 481 59.56 -9.80 -23.13
CA GLU A 481 59.27 -10.53 -24.35
C GLU A 481 59.79 -9.73 -25.53
N GLN A 482 60.17 -10.44 -26.59
CA GLN A 482 60.49 -9.79 -27.87
C GLN A 482 59.22 -9.12 -28.40
N VAL A 483 59.35 -7.88 -28.85
CA VAL A 483 58.30 -7.24 -29.65
C VAL A 483 58.52 -7.53 -31.14
N ARG A 484 57.55 -8.19 -31.76
CA ARG A 484 57.48 -8.22 -33.22
C ARG A 484 56.60 -7.03 -33.59
N ASP A 485 57.21 -5.90 -33.92
CA ASP A 485 56.46 -4.67 -34.14
C ASP A 485 55.74 -4.76 -35.46
N GLU A 486 54.42 -4.60 -35.42
CA GLU A 486 53.56 -4.72 -36.59
C GLU A 486 53.13 -3.39 -37.19
N THR A 487 53.68 -2.31 -36.64
CA THR A 487 53.30 -0.93 -36.98
C THR A 487 53.52 -0.56 -38.48
N SER A 488 54.61 -1.03 -39.05
CA SER A 488 54.87 -0.86 -40.46
C SER A 488 53.75 -1.39 -41.38
N THR A 489 52.98 -2.38 -40.93
CA THR A 489 51.78 -2.86 -41.69
C THR A 489 50.61 -1.91 -41.59
N TYR A 490 50.57 -1.10 -40.53
CA TYR A 490 49.58 -0.03 -40.41
C TYR A 490 49.99 1.17 -41.26
N VAL A 491 50.09 0.99 -42.57
CA VAL A 491 50.64 2.02 -43.46
C VAL A 491 49.77 3.27 -43.43
N GLY A 492 50.41 4.40 -43.12
CA GLY A 492 49.72 5.66 -43.00
C GLY A 492 49.24 5.89 -41.58
N LEU A 493 49.47 4.93 -40.69
CA LEU A 493 49.04 5.13 -39.31
C LEU A 493 49.73 6.36 -38.76
N ASP A 494 49.00 7.10 -37.94
CA ASP A 494 49.45 8.36 -37.41
C ASP A 494 48.46 8.72 -36.34
N ASP A 495 48.72 8.27 -35.11
CA ASP A 495 48.02 8.72 -33.92
C ASP A 495 47.92 10.24 -33.86
N GLY A 496 48.83 10.93 -34.53
CA GLY A 496 48.80 12.39 -34.62
C GLY A 496 47.52 12.91 -35.22
N GLU A 497 46.83 12.07 -35.98
CA GLU A 497 45.54 12.43 -36.58
C GLU A 497 44.31 12.07 -35.68
N ILE A 498 44.58 11.79 -34.40
CA ILE A 498 43.54 11.62 -33.39
C ILE A 498 43.56 12.87 -32.53
N THR A 499 42.41 13.50 -32.35
CA THR A 499 42.23 14.57 -31.38
C THR A 499 43.10 14.36 -30.16
N SER A 500 43.98 15.33 -29.88
CA SER A 500 44.79 15.39 -28.69
C SER A 500 46.04 14.50 -28.69
N TYR A 501 46.13 13.50 -29.56
CA TYR A 501 47.32 12.62 -29.58
C TYR A 501 48.37 13.07 -30.60
N SER A 502 49.60 12.55 -30.46
CA SER A 502 50.72 12.98 -31.29
C SER A 502 51.39 11.80 -31.97
N GLY B 2 17.72 -63.02 -34.75
CA GLY B 2 19.12 -63.41 -35.10
C GLY B 2 19.88 -63.78 -33.84
N VAL B 3 20.55 -64.95 -33.84
CA VAL B 3 21.30 -65.41 -32.66
C VAL B 3 22.81 -65.26 -32.89
N VAL B 4 23.37 -64.27 -32.23
CA VAL B 4 24.78 -63.95 -32.36
C VAL B 4 25.48 -64.31 -31.07
N ASN B 5 26.35 -65.31 -31.18
CA ASN B 5 27.20 -65.76 -30.11
C ASN B 5 28.46 -64.92 -30.09
N VAL B 6 28.62 -64.12 -29.05
CA VAL B 6 29.73 -63.21 -28.90
C VAL B 6 30.88 -63.90 -28.16
N PRO B 7 32.06 -63.97 -28.76
CA PRO B 7 33.24 -64.51 -28.06
C PRO B 7 33.72 -63.61 -26.93
N SER B 8 34.52 -64.19 -26.04
CA SER B 8 35.09 -63.44 -24.91
C SER B 8 36.21 -62.53 -25.39
N ASN B 9 36.89 -62.96 -26.46
CA ASN B 9 38.12 -62.35 -26.92
C ASN B 9 37.99 -61.88 -28.35
N GLY B 10 38.77 -60.86 -28.68
CA GLY B 10 38.72 -60.22 -29.98
C GLY B 10 40.10 -60.04 -30.54
N ARG B 11 40.32 -60.56 -31.75
CA ARG B 11 41.61 -60.39 -32.42
C ARG B 11 41.80 -58.90 -32.79
N GLU B 12 40.71 -58.30 -33.27
CA GLU B 12 40.73 -56.96 -33.84
C GLU B 12 40.47 -55.86 -32.82
N LYS B 13 40.85 -54.64 -33.20
CA LYS B 13 40.53 -53.42 -32.46
C LYS B 13 39.62 -52.55 -33.30
N PHE B 14 38.49 -52.13 -32.73
CA PHE B 14 37.65 -51.11 -33.30
C PHE B 14 38.39 -49.81 -33.15
N LYS B 15 38.66 -49.15 -34.26
CA LYS B 15 39.47 -47.96 -34.25
C LYS B 15 38.53 -46.80 -34.05
N LYS B 16 39.12 -45.64 -33.74
CA LYS B 16 38.36 -44.43 -33.46
C LYS B 16 38.30 -43.54 -34.69
N ASN B 17 38.52 -44.12 -35.88
CA ASN B 17 38.47 -43.38 -37.13
C ASN B 17 37.12 -42.62 -37.29
N TRP B 18 36.05 -43.27 -36.83
CA TRP B 18 34.70 -42.75 -36.95
C TRP B 18 34.50 -41.40 -36.32
N LYS B 19 35.28 -41.09 -35.30
CA LYS B 19 35.13 -39.83 -34.66
C LYS B 19 36.41 -39.00 -34.77
N PHE B 20 37.23 -39.35 -35.74
CA PHE B 20 38.45 -38.58 -36.02
C PHE B 20 38.11 -37.12 -36.29
N CYS B 21 37.11 -36.91 -37.14
CA CYS B 21 36.83 -35.61 -37.66
C CYS B 21 35.31 -35.53 -37.90
N VAL B 22 34.78 -34.31 -37.82
CA VAL B 22 33.38 -34.03 -38.05
C VAL B 22 33.24 -32.80 -38.96
N GLY B 23 32.10 -32.65 -39.59
CA GLY B 23 31.85 -31.53 -40.48
C GLY B 23 31.24 -30.35 -39.78
N THR B 24 31.15 -29.24 -40.49
CA THR B 24 30.60 -28.00 -39.98
C THR B 24 30.28 -27.10 -41.15
N GLY B 25 29.26 -26.27 -40.94
CA GLY B 25 28.99 -25.14 -41.79
C GLY B 25 30.18 -24.21 -41.81
N ARG B 26 30.15 -23.22 -42.67
CA ARG B 26 31.36 -22.46 -43.02
C ARG B 26 31.95 -21.88 -41.76
N LEU B 27 33.27 -21.74 -41.75
CA LEU B 27 33.98 -21.35 -40.55
C LEU B 27 33.44 -20.06 -39.91
N GLY B 28 32.93 -19.16 -40.75
CA GLY B 28 32.39 -17.91 -40.28
C GLY B 28 31.21 -18.07 -39.35
N LEU B 29 30.51 -19.19 -39.45
CA LEU B 29 29.41 -19.47 -38.56
C LEU B 29 29.89 -19.92 -37.20
N ALA B 30 31.16 -20.25 -37.07
CA ALA B 30 31.72 -20.67 -35.79
C ALA B 30 31.81 -19.48 -34.83
N LEU B 31 31.68 -18.31 -35.38
CA LEU B 31 31.58 -17.10 -34.56
C LEU B 31 30.27 -17.04 -33.79
N GLN B 32 29.25 -17.83 -34.20
CA GLN B 32 27.94 -17.76 -33.55
C GLN B 32 27.88 -18.55 -32.25
N LYS B 33 27.36 -17.91 -31.20
CA LYS B 33 27.16 -18.61 -29.95
C LYS B 33 26.38 -19.90 -30.14
N GLU B 34 25.35 -19.90 -30.97
CA GLU B 34 24.60 -21.13 -31.17
C GLU B 34 25.55 -22.24 -31.60
N TYR B 35 26.38 -21.93 -32.60
CA TYR B 35 27.38 -22.85 -33.13
C TYR B 35 28.18 -23.49 -32.04
N LEU B 36 28.73 -22.66 -31.15
CA LEU B 36 29.65 -23.10 -30.14
C LEU B 36 28.91 -23.87 -29.02
N ASP B 37 27.69 -23.48 -28.69
CA ASP B 37 26.85 -24.30 -27.83
C ASP B 37 26.83 -25.74 -28.40
N HIS B 38 26.57 -25.84 -29.70
CA HIS B 38 26.46 -27.13 -30.36
C HIS B 38 27.77 -27.87 -30.31
N LEU B 39 28.86 -27.15 -30.45
CA LEU B 39 30.16 -27.77 -30.54
C LEU B 39 30.56 -28.30 -29.17
N LYS B 40 30.29 -27.49 -28.16
CA LYS B 40 30.41 -27.93 -26.78
C LYS B 40 29.67 -29.25 -26.53
N LEU B 41 28.39 -29.28 -26.87
CA LEU B 41 27.60 -30.48 -26.67
C LEU B 41 28.28 -31.65 -27.35
N VAL B 42 28.54 -31.47 -28.63
CA VAL B 42 29.19 -32.48 -29.42
C VAL B 42 30.48 -33.04 -28.77
N GLN B 43 31.40 -32.16 -28.37
CA GLN B 43 32.66 -32.56 -27.80
C GLN B 43 32.55 -33.11 -26.36
N GLU B 44 31.47 -32.80 -25.65
CA GLU B 44 31.22 -33.42 -24.34
C GLU B 44 30.72 -34.86 -24.47
N LYS B 45 29.93 -35.13 -25.50
CA LYS B 45 29.22 -36.43 -25.65
C LYS B 45 29.88 -37.32 -26.69
N ILE B 46 30.47 -36.73 -27.71
CA ILE B 46 31.23 -37.44 -28.77
C ILE B 46 32.57 -36.80 -28.79
N GLY B 47 33.65 -37.51 -28.88
CA GLY B 47 34.85 -36.69 -28.76
C GLY B 47 35.55 -36.42 -30.06
N PHE B 48 35.06 -35.51 -30.90
CA PHE B 48 35.75 -35.34 -32.20
C PHE B 48 37.14 -34.72 -32.07
N ARG B 49 38.06 -35.24 -32.88
CA ARG B 49 39.42 -34.74 -32.89
C ARG B 49 39.62 -33.60 -33.85
N TYR B 50 38.87 -33.60 -34.93
CA TYR B 50 38.95 -32.56 -35.95
C TYR B 50 37.59 -32.07 -36.37
N ILE B 51 37.59 -30.92 -37.04
CA ILE B 51 36.37 -30.38 -37.62
C ILE B 51 36.68 -29.82 -38.98
N ARG B 52 35.76 -29.98 -39.91
CA ARG B 52 36.05 -29.75 -41.30
C ARG B 52 34.95 -28.94 -41.95
N GLY B 53 35.31 -27.76 -42.40
CA GLY B 53 34.37 -26.87 -43.02
C GLY B 53 34.90 -26.08 -44.19
N HIS B 54 34.00 -25.34 -44.77
CA HIS B 54 34.25 -24.48 -45.90
C HIS B 54 34.52 -23.11 -45.36
N GLY B 55 34.83 -22.18 -46.24
CA GLY B 55 34.77 -20.77 -45.92
C GLY B 55 36.00 -20.17 -45.25
N LEU B 56 36.96 -21.00 -44.85
CA LEU B 56 38.14 -20.46 -44.22
C LEU B 56 38.60 -19.18 -44.93
N LEU B 57 38.72 -19.22 -46.25
CA LEU B 57 39.21 -18.09 -47.01
C LEU B 57 38.11 -17.28 -47.65
N SER B 58 36.86 -17.54 -47.30
CA SER B 58 35.76 -16.76 -47.79
C SER B 58 35.62 -15.55 -46.91
N ASP B 59 34.92 -14.57 -47.41
CA ASP B 59 35.08 -13.22 -46.99
C ASP B 59 34.40 -12.80 -45.72
N ASP B 60 33.51 -13.62 -45.18
CA ASP B 60 32.94 -13.31 -43.87
C ASP B 60 33.99 -13.49 -42.77
N VAL B 61 34.81 -14.52 -42.91
CA VAL B 61 35.95 -14.73 -42.04
C VAL B 61 36.97 -13.62 -42.29
N GLY B 62 37.06 -13.17 -43.54
CA GLY B 62 37.66 -11.88 -43.85
C GLY B 62 39.17 -11.85 -43.93
N ILE B 63 39.79 -13.03 -44.05
CA ILE B 63 41.25 -13.12 -44.15
C ILE B 63 41.78 -12.34 -45.34
N TYR B 64 41.27 -12.63 -46.52
CA TYR B 64 41.85 -12.02 -47.70
C TYR B 64 41.13 -10.74 -48.12
N ARG B 65 41.90 -9.64 -48.11
CA ARG B 65 41.46 -8.36 -48.65
C ARG B 65 42.56 -7.71 -49.46
N GLU B 66 42.15 -6.84 -50.38
CA GLU B 66 42.94 -5.71 -50.89
C GLU B 66 41.97 -4.52 -50.77
N VAL B 67 42.19 -3.31 -50.27
CA VAL B 67 43.29 -2.62 -49.58
C VAL B 67 44.19 -1.79 -50.51
N GLU B 68 43.88 -0.48 -50.56
CA GLU B 68 44.52 0.51 -51.43
C GLU B 68 45.60 1.28 -50.67
N ILE B 69 46.85 1.02 -51.03
CA ILE B 69 48.02 1.61 -50.37
C ILE B 69 48.99 2.15 -51.43
N ASP B 70 49.40 3.40 -51.23
CA ASP B 70 49.86 4.26 -52.34
C ASP B 70 48.65 4.33 -53.28
N GLY B 71 48.78 3.86 -54.51
CA GLY B 71 47.64 3.67 -55.38
C GLY B 71 47.54 2.26 -55.93
N GLU B 72 48.33 1.34 -55.37
CA GLU B 72 48.20 -0.09 -55.68
C GLU B 72 47.25 -0.80 -54.68
N MET B 73 46.48 -1.76 -55.20
CA MET B 73 45.80 -2.73 -54.33
C MET B 73 46.85 -3.72 -53.84
N LYS B 74 47.11 -3.73 -52.54
CA LYS B 74 48.02 -4.67 -51.90
C LYS B 74 47.19 -5.65 -51.04
N PRO B 75 47.51 -6.94 -51.06
CA PRO B 75 46.83 -7.89 -50.17
C PRO B 75 47.02 -7.61 -48.65
N PHE B 76 45.96 -7.86 -47.90
CA PHE B 76 45.93 -7.70 -46.44
C PHE B 76 45.23 -8.91 -45.81
N TYR B 77 45.89 -9.47 -44.81
CA TYR B 77 45.48 -10.70 -44.18
C TYR B 77 44.92 -10.35 -42.82
N ASN B 78 43.67 -10.74 -42.59
CA ASN B 78 42.93 -10.36 -41.40
C ASN B 78 42.54 -11.60 -40.65
N PHE B 79 43.22 -11.90 -39.55
CA PHE B 79 42.94 -13.13 -38.80
C PHE B 79 42.01 -12.92 -37.61
N THR B 80 41.47 -11.72 -37.48
CA THR B 80 40.61 -11.40 -36.35
C THR B 80 39.61 -12.55 -36.13
N TYR B 81 39.01 -13.01 -37.20
CA TYR B 81 37.97 -14.01 -37.03
C TYR B 81 38.49 -15.42 -36.85
N ILE B 82 39.44 -15.91 -37.68
CA ILE B 82 39.83 -17.33 -37.50
C ILE B 82 40.60 -17.55 -36.25
N ASP B 83 41.35 -16.56 -35.80
CA ASP B 83 41.92 -16.60 -34.46
C ASP B 83 40.84 -16.96 -33.44
N ARG B 84 39.75 -16.22 -33.43
CA ARG B 84 38.63 -16.54 -32.56
C ARG B 84 38.06 -17.92 -32.85
N ILE B 85 37.92 -18.24 -34.11
CA ILE B 85 37.34 -19.52 -34.50
C ILE B 85 38.24 -20.65 -34.04
N VAL B 86 39.46 -20.70 -34.54
CA VAL B 86 40.42 -21.75 -34.18
C VAL B 86 40.67 -21.80 -32.66
N ASP B 87 40.69 -20.66 -31.98
CA ASP B 87 40.72 -20.66 -30.53
C ASP B 87 39.52 -21.35 -29.91
N SER B 88 38.33 -21.02 -30.39
CA SER B 88 37.13 -21.62 -29.81
C SER B 88 37.16 -23.13 -30.07
N TYR B 89 37.78 -23.53 -31.17
CA TYR B 89 37.97 -24.92 -31.52
C TYR B 89 38.88 -25.64 -30.53
N LEU B 90 40.11 -25.13 -30.37
CA LEU B 90 41.04 -25.75 -29.45
C LEU B 90 40.47 -25.79 -28.04
N ALA B 91 39.72 -24.77 -27.66
CA ALA B 91 39.18 -24.67 -26.32
C ALA B 91 38.22 -25.82 -26.09
N LEU B 92 37.59 -26.26 -27.17
CA LEU B 92 36.68 -27.42 -27.13
C LEU B 92 37.37 -28.72 -27.56
N ASN B 93 38.69 -28.72 -27.53
CA ASN B 93 39.50 -29.91 -27.85
C ASN B 93 39.23 -30.52 -29.22
N ILE B 94 39.13 -29.66 -30.22
CA ILE B 94 38.88 -30.12 -31.60
C ILE B 94 39.80 -29.30 -32.50
N ARG B 95 40.40 -29.92 -33.50
CA ARG B 95 41.37 -29.25 -34.35
C ARG B 95 40.83 -29.03 -35.72
N PRO B 96 41.27 -27.99 -36.39
CA PRO B 96 40.85 -27.80 -37.78
C PRO B 96 41.44 -28.85 -38.72
N PHE B 97 40.55 -29.51 -39.47
CA PHE B 97 40.88 -30.12 -40.75
C PHE B 97 40.67 -28.99 -41.71
N ILE B 98 41.66 -28.13 -41.86
CA ILE B 98 41.54 -26.95 -42.69
C ILE B 98 41.23 -27.35 -44.13
N GLU B 99 40.47 -26.48 -44.79
CA GLU B 99 40.11 -26.63 -46.16
C GLU B 99 40.25 -25.28 -46.74
N PHE B 100 41.23 -25.12 -47.62
CA PHE B 100 41.49 -23.87 -48.28
C PHE B 100 40.46 -23.57 -49.34
N GLY B 101 39.53 -22.73 -48.98
CA GLY B 101 38.52 -22.29 -49.91
C GLY B 101 37.55 -21.36 -49.19
N PHE B 102 36.72 -20.67 -49.95
CA PHE B 102 36.77 -20.73 -51.38
C PHE B 102 37.62 -19.57 -51.79
N MET B 103 37.36 -18.97 -52.94
CA MET B 103 38.19 -17.87 -53.37
C MET B 103 37.71 -16.62 -52.72
N PRO B 104 38.59 -15.87 -52.08
CA PRO B 104 38.23 -14.51 -51.71
C PRO B 104 37.76 -13.72 -52.92
N LYS B 105 36.71 -12.92 -52.76
CA LYS B 105 36.20 -12.05 -53.82
C LYS B 105 37.30 -11.21 -54.49
N ALA B 106 38.20 -10.64 -53.70
CA ALA B 106 39.21 -9.74 -54.23
C ALA B 106 40.40 -10.50 -54.86
N LEU B 107 40.32 -11.81 -54.87
CA LEU B 107 41.34 -12.69 -55.43
C LEU B 107 40.74 -13.52 -56.55
N ALA B 108 39.42 -13.50 -56.65
CA ALA B 108 38.67 -14.19 -57.69
C ALA B 108 39.05 -13.73 -59.10
N SER B 109 39.05 -14.68 -60.03
CA SER B 109 39.28 -14.38 -61.46
C SER B 109 37.95 -14.20 -62.18
N GLY B 110 36.87 -14.57 -61.51
CA GLY B 110 35.53 -14.40 -62.05
C GLY B 110 34.48 -14.27 -60.97
N ASP B 111 33.22 -14.24 -61.44
CA ASP B 111 32.04 -13.89 -60.64
C ASP B 111 31.40 -15.08 -59.96
N GLN B 112 31.65 -16.27 -60.47
CA GLN B 112 30.82 -17.40 -60.05
C GLN B 112 30.95 -17.60 -58.56
N THR B 113 29.79 -17.75 -57.92
CA THR B 113 29.71 -18.11 -56.51
C THR B 113 28.81 -19.31 -56.27
N VAL B 114 28.92 -19.85 -55.06
CA VAL B 114 28.16 -20.99 -54.63
C VAL B 114 27.57 -20.68 -53.26
N PHE B 115 26.39 -21.24 -53.05
CA PHE B 115 25.62 -21.07 -51.83
C PHE B 115 25.02 -19.69 -51.74
N TYR B 116 24.11 -19.56 -50.79
CA TYR B 116 23.53 -18.29 -50.40
C TYR B 116 24.60 -17.30 -49.88
N TRP B 117 25.61 -17.81 -49.16
CA TRP B 117 26.66 -16.94 -48.66
C TRP B 117 27.71 -16.67 -49.71
N LYS B 118 27.57 -17.27 -50.89
CA LYS B 118 28.28 -16.81 -52.10
C LYS B 118 29.80 -16.98 -52.10
N GLY B 119 30.27 -18.19 -51.79
CA GLY B 119 31.69 -18.47 -51.84
C GLY B 119 32.15 -18.34 -53.29
N ASN B 120 33.21 -17.60 -53.55
CA ASN B 120 33.63 -17.47 -54.94
C ASN B 120 34.36 -18.75 -55.31
N VAL B 121 33.97 -19.33 -56.44
CA VAL B 121 34.46 -20.65 -56.91
C VAL B 121 35.37 -20.55 -58.17
N THR B 122 35.82 -19.35 -58.49
CA THR B 122 36.72 -19.16 -59.60
C THR B 122 38.13 -19.33 -59.12
N PRO B 123 39.05 -19.66 -60.02
CA PRO B 123 40.46 -19.70 -59.66
C PRO B 123 40.99 -18.36 -59.21
N PRO B 124 42.17 -18.36 -58.61
CA PRO B 124 42.81 -17.09 -58.29
C PRO B 124 43.17 -16.36 -59.59
N LYS B 125 42.92 -15.05 -59.63
CA LYS B 125 43.38 -14.18 -60.71
C LYS B 125 44.91 -14.11 -60.76
N ASP B 126 45.54 -14.68 -59.73
CA ASP B 126 46.98 -14.65 -59.56
C ASP B 126 47.36 -15.74 -58.56
N TYR B 127 48.04 -16.76 -59.07
CA TYR B 127 48.50 -17.87 -58.26
C TYR B 127 49.58 -17.50 -57.27
N ASN B 128 50.35 -16.46 -57.59
CA ASN B 128 51.34 -15.95 -56.66
C ASN B 128 50.64 -15.36 -55.45
N LYS B 129 49.57 -14.61 -55.68
CA LYS B 129 48.77 -14.07 -54.59
C LYS B 129 48.15 -15.19 -53.76
N TRP B 130 47.66 -16.24 -54.41
CA TRP B 130 47.01 -17.35 -53.74
C TRP B 130 47.99 -18.06 -52.83
N ARG B 131 49.10 -18.51 -53.41
CA ARG B 131 50.23 -19.08 -52.65
C ARG B 131 50.57 -18.25 -51.45
N ASP B 132 50.68 -16.94 -51.63
CA ASP B 132 51.01 -16.05 -50.50
C ASP B 132 49.92 -16.00 -49.45
N LEU B 133 48.67 -16.15 -49.87
CA LEU B 133 47.54 -16.39 -48.95
C LEU B 133 47.83 -17.57 -48.09
N ILE B 134 48.14 -18.67 -48.76
CA ILE B 134 48.29 -19.97 -48.10
C ILE B 134 49.47 -19.86 -47.16
N VAL B 135 50.61 -19.47 -47.67
CA VAL B 135 51.79 -19.23 -46.81
C VAL B 135 51.43 -18.32 -45.62
N ALA B 136 50.68 -17.24 -45.86
CA ALA B 136 50.32 -16.31 -44.76
C ALA B 136 49.47 -16.97 -43.70
N VAL B 137 48.42 -17.65 -44.12
CA VAL B 137 47.50 -18.35 -43.23
C VAL B 137 48.19 -19.41 -42.41
N VAL B 138 48.86 -20.31 -43.11
CA VAL B 138 49.53 -21.43 -42.51
C VAL B 138 50.59 -20.92 -41.56
N SER B 139 51.26 -19.84 -41.97
CA SER B 139 52.30 -19.24 -41.12
C SER B 139 51.65 -18.58 -39.98
N HIS B 140 50.49 -17.97 -40.20
CA HIS B 140 49.76 -17.37 -39.10
C HIS B 140 49.39 -18.41 -38.06
N PHE B 141 48.85 -19.54 -38.51
CA PHE B 141 48.53 -20.62 -37.62
C PHE B 141 49.72 -21.04 -36.81
N ILE B 142 50.87 -21.17 -37.46
CA ILE B 142 52.05 -21.59 -36.73
C ILE B 142 52.37 -20.57 -35.66
N GLU B 143 52.30 -19.30 -35.98
CA GLU B 143 52.60 -18.30 -34.96
C GLU B 143 51.70 -18.41 -33.76
N ARG B 144 50.41 -18.60 -34.00
CA ARG B 144 49.44 -18.51 -32.95
C ARG B 144 49.44 -19.71 -32.05
N TYR B 145 49.57 -20.88 -32.67
CA TYR B 145 49.31 -22.15 -32.03
C TYR B 145 50.57 -22.98 -31.89
N GLY B 146 51.66 -22.46 -32.46
CA GLY B 146 52.94 -23.15 -32.49
C GLY B 146 52.96 -24.28 -33.49
N ILE B 147 54.16 -24.61 -33.95
CA ILE B 147 54.36 -25.61 -35.00
C ILE B 147 53.89 -27.01 -34.60
N GLU B 148 54.05 -27.41 -33.34
CA GLU B 148 53.77 -28.80 -32.98
C GLU B 148 52.28 -29.06 -33.01
N GLU B 149 51.53 -28.03 -32.66
CA GLU B 149 50.08 -28.04 -32.72
C GLU B 149 49.62 -28.12 -34.17
N VAL B 150 50.14 -27.21 -35.00
CA VAL B 150 49.67 -27.07 -36.40
C VAL B 150 50.01 -28.29 -37.25
N ARG B 151 51.13 -28.94 -36.91
CA ARG B 151 51.54 -30.18 -37.54
C ARG B 151 50.55 -31.31 -37.36
N THR B 152 49.70 -31.20 -36.35
CA THR B 152 48.69 -32.22 -36.16
C THR B 152 47.47 -31.92 -37.01
N TRP B 153 47.44 -30.78 -37.68
CA TRP B 153 46.31 -30.40 -38.50
C TRP B 153 46.46 -30.97 -39.87
N LEU B 154 45.34 -31.05 -40.58
CA LEU B 154 45.35 -31.51 -41.94
C LEU B 154 44.81 -30.40 -42.79
N PHE B 155 45.43 -30.21 -43.95
CA PHE B 155 45.10 -29.13 -44.86
C PHE B 155 44.64 -29.67 -46.19
N GLU B 156 43.33 -29.63 -46.42
CA GLU B 156 42.71 -30.01 -47.67
C GLU B 156 42.70 -28.85 -48.63
N VAL B 157 42.86 -29.11 -49.93
CA VAL B 157 42.94 -28.05 -50.91
C VAL B 157 41.62 -27.94 -51.65
N TRP B 158 40.85 -26.93 -51.29
CA TRP B 158 39.58 -26.65 -51.93
C TRP B 158 38.55 -27.73 -51.62
N ASN B 159 37.56 -27.85 -52.49
CA ASN B 159 36.37 -28.63 -52.20
C ASN B 159 35.63 -28.94 -53.45
N ALA B 160 35.49 -30.22 -53.73
CA ALA B 160 34.65 -30.69 -54.81
C ALA B 160 35.01 -30.00 -56.10
N PRO B 161 36.29 -30.04 -56.49
CA PRO B 161 36.74 -29.35 -57.70
C PRO B 161 36.22 -30.04 -58.97
N ASN B 162 35.80 -31.28 -58.81
CA ASN B 162 35.16 -32.01 -59.88
C ASN B 162 33.76 -31.52 -60.19
N LEU B 163 33.18 -30.71 -59.32
CA LEU B 163 31.87 -30.08 -59.49
C LEU B 163 31.98 -28.65 -59.95
N VAL B 164 31.13 -28.35 -60.91
CA VAL B 164 31.06 -27.09 -61.63
C VAL B 164 30.58 -25.98 -60.69
N ASN B 165 29.85 -26.36 -59.64
CA ASN B 165 29.33 -25.41 -58.65
C ASN B 165 30.38 -24.92 -57.68
N PHE B 166 31.42 -25.72 -57.49
CA PHE B 166 32.47 -25.44 -56.52
C PHE B 166 33.81 -25.03 -57.14
N TRP B 167 33.95 -25.22 -58.43
CA TRP B 167 35.18 -24.94 -59.13
C TRP B 167 34.84 -24.59 -60.58
N LYS B 168 35.27 -23.43 -61.06
CA LYS B 168 34.90 -22.98 -62.41
C LYS B 168 35.16 -24.09 -63.44
N ASP B 169 34.11 -24.46 -64.16
CA ASP B 169 34.16 -25.48 -65.22
C ASP B 169 34.62 -26.86 -64.76
N ALA B 170 34.63 -27.10 -63.47
CA ALA B 170 35.16 -28.33 -62.93
C ALA B 170 36.55 -28.66 -63.53
N ASN B 171 37.38 -27.63 -63.66
CA ASN B 171 38.65 -27.75 -64.37
C ASN B 171 39.63 -28.60 -63.56
N LYS B 172 39.81 -29.84 -64.00
CA LYS B 172 40.74 -30.78 -63.40
C LYS B 172 42.13 -30.22 -63.38
N GLN B 173 42.50 -29.59 -64.49
CA GLN B 173 43.88 -29.16 -64.68
C GLN B 173 44.20 -27.97 -63.85
N GLU B 174 43.33 -27.00 -63.85
CA GLU B 174 43.53 -25.81 -63.04
C GLU B 174 43.36 -26.16 -61.54
N TYR B 175 42.58 -27.19 -61.20
CA TYR B 175 42.52 -27.62 -59.80
C TYR B 175 43.89 -28.17 -59.37
N PHE B 176 44.47 -29.00 -60.22
CA PHE B 176 45.78 -29.57 -60.00
C PHE B 176 46.85 -28.51 -59.92
N LYS B 177 46.67 -27.40 -60.63
CA LYS B 177 47.59 -26.29 -60.51
C LYS B 177 47.37 -25.68 -59.14
N LEU B 178 46.10 -25.44 -58.79
CA LEU B 178 45.76 -24.97 -57.44
C LEU B 178 46.26 -25.91 -56.37
N TYR B 179 46.19 -27.22 -56.59
CA TYR B 179 46.63 -28.16 -55.59
C TYR B 179 48.11 -28.00 -55.39
N GLU B 180 48.83 -27.92 -56.49
CA GLU B 180 50.29 -27.90 -56.46
C GLU B 180 50.83 -26.63 -55.84
N VAL B 181 50.20 -25.50 -56.13
CA VAL B 181 50.63 -24.21 -55.57
C VAL B 181 50.34 -24.28 -54.09
N THR B 182 49.19 -24.86 -53.73
CA THR B 182 48.75 -24.94 -52.33
C THR B 182 49.62 -25.92 -51.57
N ALA B 183 49.86 -27.07 -52.16
CA ALA B 183 50.59 -28.13 -51.48
C ALA B 183 52.01 -27.71 -51.27
N ARG B 184 52.60 -27.15 -52.32
CA ARG B 184 53.96 -26.58 -52.24
C ARG B 184 54.03 -25.42 -51.26
N ALA B 185 53.05 -24.53 -51.29
CA ALA B 185 53.03 -23.42 -50.36
C ALA B 185 53.07 -23.99 -48.93
N VAL B 186 52.23 -25.00 -48.69
CA VAL B 186 52.13 -25.57 -47.35
C VAL B 186 53.43 -26.19 -46.87
N LYS B 187 54.07 -27.00 -47.70
CA LYS B 187 55.28 -27.72 -47.31
C LYS B 187 56.42 -26.73 -47.16
N SER B 188 56.37 -25.65 -47.93
CA SER B 188 57.40 -24.64 -47.86
C SER B 188 57.37 -23.93 -46.51
N VAL B 189 56.23 -23.90 -45.85
CA VAL B 189 56.14 -23.30 -44.52
C VAL B 189 56.68 -24.27 -43.49
N ASP B 190 56.32 -25.53 -43.64
CA ASP B 190 56.94 -26.59 -42.88
C ASP B 190 56.68 -27.91 -43.57
N PRO B 191 57.72 -28.70 -43.82
CA PRO B 191 57.57 -29.97 -44.57
C PRO B 191 56.76 -31.11 -43.90
N HIS B 192 56.53 -31.12 -42.59
CA HIS B 192 55.69 -32.15 -41.98
C HIS B 192 54.19 -31.88 -42.16
N LEU B 193 53.82 -30.63 -42.43
CA LEU B 193 52.41 -30.29 -42.61
C LEU B 193 51.74 -31.14 -43.68
N GLN B 194 50.56 -31.60 -43.35
CA GLN B 194 49.93 -32.64 -44.13
C GLN B 194 48.90 -31.96 -45.01
N VAL B 195 49.21 -31.84 -46.28
CA VAL B 195 48.33 -31.25 -47.27
C VAL B 195 47.75 -32.35 -48.15
N GLY B 196 46.55 -32.16 -48.64
CA GLY B 196 45.91 -33.20 -49.39
C GLY B 196 44.78 -32.75 -50.26
N GLY B 197 44.26 -33.70 -51.01
CA GLY B 197 43.15 -33.47 -51.91
C GLY B 197 42.72 -34.81 -52.47
N PRO B 198 41.96 -34.83 -53.57
CA PRO B 198 41.48 -33.64 -54.25
C PRO B 198 40.13 -33.10 -53.76
N ALA B 199 39.60 -33.59 -52.64
CA ALA B 199 38.33 -33.14 -52.10
C ALA B 199 37.14 -33.35 -53.02
N ILE B 200 37.25 -34.33 -53.91
CA ILE B 200 36.20 -34.54 -54.87
C ILE B 200 34.97 -35.11 -54.18
N CYS B 201 33.80 -34.78 -54.71
CA CYS B 201 32.57 -35.46 -54.36
C CYS B 201 32.61 -36.78 -55.18
N GLY B 202 31.68 -37.69 -54.91
CA GLY B 202 31.58 -38.94 -55.66
C GLY B 202 31.28 -38.68 -57.12
N GLY B 203 31.32 -39.73 -57.96
CA GLY B 203 31.01 -39.65 -59.38
C GLY B 203 32.18 -39.41 -60.34
N SER B 204 33.40 -39.39 -59.83
CA SER B 204 34.55 -38.91 -60.60
C SER B 204 35.85 -39.35 -59.94
N ASP B 205 35.92 -40.63 -59.59
CA ASP B 205 37.09 -41.16 -58.93
C ASP B 205 38.33 -41.30 -59.83
N GLU B 206 38.18 -41.08 -61.14
CA GLU B 206 39.35 -40.94 -62.01
C GLU B 206 40.16 -39.72 -61.59
N TRP B 207 39.51 -38.77 -60.91
CA TRP B 207 40.19 -37.61 -60.35
C TRP B 207 41.23 -38.02 -59.31
N ILE B 208 40.95 -39.00 -58.47
CA ILE B 208 41.91 -39.40 -57.45
C ILE B 208 43.14 -39.99 -58.09
N THR B 209 42.94 -40.92 -59.00
CA THR B 209 44.03 -41.50 -59.81
C THR B 209 44.85 -40.47 -60.59
N ASP B 210 44.18 -39.55 -61.27
CA ASP B 210 44.84 -38.49 -62.03
C ASP B 210 45.54 -37.50 -61.10
N PHE B 211 44.99 -37.35 -59.91
CA PHE B 211 45.53 -36.44 -58.91
C PHE B 211 46.82 -37.04 -58.39
N LEU B 212 46.80 -38.34 -58.16
CA LEU B 212 47.97 -39.03 -57.64
C LEU B 212 49.01 -39.24 -58.74
N HIS B 213 48.57 -39.33 -59.99
CA HIS B 213 49.51 -39.41 -61.12
C HIS B 213 50.12 -38.05 -61.38
N PHE B 214 49.34 -37.00 -61.18
CA PHE B 214 49.82 -35.63 -61.27
C PHE B 214 50.88 -35.37 -60.20
N CYS B 215 50.65 -35.84 -58.97
CA CYS B 215 51.57 -35.59 -57.86
C CYS B 215 52.88 -36.38 -58.00
N ALA B 216 52.81 -37.61 -58.52
CA ALA B 216 54.00 -38.46 -58.70
C ALA B 216 54.82 -37.94 -59.86
N GLU B 217 54.14 -37.65 -60.96
CA GLU B 217 54.75 -37.14 -62.19
C GLU B 217 55.48 -35.82 -61.92
N ARG B 218 54.82 -34.88 -61.25
CA ARG B 218 55.42 -33.55 -61.03
C ARG B 218 56.01 -33.40 -59.64
N ARG B 219 56.11 -34.51 -58.90
CA ARG B 219 56.69 -34.53 -57.55
C ARG B 219 56.02 -33.47 -56.65
N VAL B 220 54.70 -33.49 -56.65
CA VAL B 220 53.88 -32.62 -55.82
C VAL B 220 53.60 -33.36 -54.51
N PRO B 221 53.82 -32.74 -53.36
CA PRO B 221 53.53 -33.39 -52.09
C PRO B 221 52.04 -33.64 -51.85
N VAL B 222 51.72 -34.86 -51.46
CA VAL B 222 50.38 -35.27 -51.03
C VAL B 222 50.58 -36.12 -49.82
N ASP B 223 49.78 -35.87 -48.80
CA ASP B 223 49.90 -36.63 -47.56
C ASP B 223 48.65 -37.38 -47.25
N PHE B 224 47.58 -37.07 -47.98
CA PHE B 224 46.37 -37.84 -47.91
C PHE B 224 45.56 -37.57 -49.14
N VAL B 225 44.67 -38.51 -49.41
CA VAL B 225 43.62 -38.33 -50.37
C VAL B 225 42.36 -38.00 -49.59
N SER B 226 41.59 -37.07 -50.11
CA SER B 226 40.31 -36.79 -49.51
C SER B 226 39.25 -36.87 -50.57
N ARG B 227 38.10 -37.26 -50.10
CA ARG B 227 36.98 -37.53 -50.95
C ARG B 227 35.70 -37.39 -50.12
N HIS B 228 34.62 -37.01 -50.80
CA HIS B 228 33.32 -36.95 -50.16
C HIS B 228 32.52 -38.17 -50.51
N ALA B 229 31.55 -38.48 -49.66
CA ALA B 229 30.68 -39.58 -49.89
C ALA B 229 29.26 -39.24 -49.47
N TYR B 230 28.34 -39.40 -50.41
CA TYR B 230 26.92 -39.29 -50.15
C TYR B 230 26.25 -40.35 -50.98
N THR B 231 25.01 -40.66 -50.59
CA THR B 231 24.27 -41.75 -51.17
C THR B 231 22.93 -41.29 -51.67
N SER B 232 22.67 -39.98 -51.60
CA SER B 232 21.42 -39.46 -52.12
C SER B 232 21.47 -39.28 -53.65
N LYS B 233 20.43 -39.80 -54.31
CA LYS B 233 20.20 -39.49 -55.71
C LYS B 233 19.74 -38.04 -55.73
N ALA B 234 19.58 -37.48 -56.92
CA ALA B 234 19.10 -36.12 -57.09
C ALA B 234 17.64 -35.92 -56.61
N PRO B 235 17.31 -34.70 -56.22
CA PRO B 235 15.97 -34.40 -55.74
C PRO B 235 14.91 -34.78 -56.72
N HIS B 236 13.98 -35.59 -56.23
CA HIS B 236 12.80 -36.01 -56.97
C HIS B 236 11.61 -35.09 -56.55
N LYS B 237 11.84 -34.25 -55.53
CA LYS B 237 10.86 -33.25 -55.15
C LYS B 237 11.51 -32.09 -54.41
N LYS B 238 11.24 -30.88 -54.86
CA LYS B 238 11.65 -29.66 -54.17
C LYS B 238 10.40 -28.96 -53.65
N THR B 239 10.52 -28.29 -52.52
CA THR B 239 9.60 -27.23 -52.13
C THR B 239 10.45 -26.00 -51.97
N PHE B 240 9.83 -24.90 -51.57
CA PHE B 240 10.57 -23.67 -51.36
C PHE B 240 11.62 -23.79 -50.32
N GLU B 241 11.53 -24.80 -49.46
CA GLU B 241 12.46 -24.96 -48.37
C GLU B 241 13.08 -26.33 -48.23
N TYR B 242 12.67 -27.30 -49.03
CA TYR B 242 13.13 -28.68 -48.92
C TYR B 242 13.63 -29.24 -50.24
N TYR B 243 14.62 -30.14 -50.15
CA TYR B 243 14.96 -31.10 -51.22
C TYR B 243 14.66 -32.44 -50.60
N TYR B 244 13.82 -33.22 -51.25
CA TYR B 244 13.60 -34.60 -50.87
C TYR B 244 14.36 -35.48 -51.86
N GLN B 245 15.06 -36.47 -51.33
CA GLN B 245 15.94 -37.31 -52.14
C GLN B 245 15.87 -38.69 -51.63
N GLU B 246 15.86 -39.65 -52.54
CA GLU B 246 16.02 -41.04 -52.14
C GLU B 246 17.49 -41.34 -51.84
N LEU B 247 17.75 -42.52 -51.31
CA LEU B 247 19.09 -42.89 -50.81
C LEU B 247 19.46 -44.26 -51.28
N GLU B 248 20.74 -44.43 -51.54
CA GLU B 248 21.34 -45.73 -51.75
C GLU B 248 21.56 -46.26 -50.36
N PRO B 249 21.61 -47.58 -50.19
CA PRO B 249 21.88 -48.16 -48.86
C PRO B 249 23.30 -47.84 -48.37
N PRO B 250 23.59 -47.97 -47.08
CA PRO B 250 24.91 -47.65 -46.55
C PRO B 250 26.08 -48.41 -47.18
N GLU B 251 25.81 -49.63 -47.65
CA GLU B 251 26.79 -50.44 -48.35
C GLU B 251 27.36 -49.66 -49.52
N ASP B 252 26.53 -48.83 -50.14
CA ASP B 252 26.92 -47.97 -51.28
C ASP B 252 28.04 -46.98 -50.85
N MET B 253 27.94 -46.49 -49.63
CA MET B 253 28.96 -45.61 -49.12
C MET B 253 30.27 -46.34 -48.76
N LEU B 254 30.14 -47.52 -48.14
CA LEU B 254 31.29 -48.33 -47.79
C LEU B 254 32.02 -48.82 -49.05
N GLU B 255 31.29 -49.17 -50.09
CA GLU B 255 31.90 -49.58 -51.35
C GLU B 255 32.62 -48.37 -51.96
N GLN B 256 32.07 -47.17 -51.72
CA GLN B 256 32.66 -45.92 -52.17
C GLN B 256 34.01 -45.79 -51.53
N PHE B 257 34.07 -46.09 -50.24
CA PHE B 257 35.29 -46.02 -49.42
C PHE B 257 36.35 -47.03 -49.87
N LYS B 258 35.92 -48.27 -50.04
CA LYS B 258 36.79 -49.38 -50.39
C LYS B 258 37.44 -49.13 -51.77
N THR B 259 36.60 -48.64 -52.67
CA THR B 259 36.98 -48.30 -54.03
C THR B 259 38.08 -47.25 -54.06
N VAL B 260 37.89 -46.19 -53.30
CA VAL B 260 38.89 -45.14 -53.21
C VAL B 260 40.16 -45.66 -52.47
N ARG B 261 40.01 -46.57 -51.51
CA ARG B 261 41.20 -47.16 -50.87
C ARG B 261 42.03 -47.92 -51.87
N ALA B 262 41.36 -48.63 -52.77
CA ALA B 262 42.01 -49.45 -53.77
C ALA B 262 42.71 -48.57 -54.79
N LEU B 263 42.07 -47.49 -55.22
CA LEU B 263 42.68 -46.54 -56.13
C LEU B 263 43.99 -46.05 -55.56
N ILE B 264 44.01 -45.86 -54.25
CA ILE B 264 45.23 -45.47 -53.56
C ILE B 264 46.28 -46.60 -53.50
N ARG B 265 45.86 -47.84 -53.33
CA ARG B 265 46.79 -48.94 -53.27
C ARG B 265 47.54 -49.09 -54.60
N GLN B 266 46.84 -48.85 -55.71
CA GLN B 266 47.39 -49.03 -57.05
C GLN B 266 48.06 -47.78 -57.62
N SER B 267 48.26 -46.77 -56.79
CA SER B 267 48.83 -45.51 -57.24
C SER B 267 50.28 -45.45 -56.76
N PRO B 268 51.04 -44.47 -57.25
CA PRO B 268 52.44 -44.31 -56.86
C PRO B 268 52.62 -43.95 -55.39
N PHE B 269 51.52 -43.68 -54.67
CA PHE B 269 51.54 -43.34 -53.27
C PHE B 269 50.64 -44.32 -52.54
N PRO B 270 51.05 -45.58 -52.51
CA PRO B 270 50.22 -46.64 -51.91
C PRO B 270 49.87 -46.46 -50.44
N HIS B 271 50.70 -45.75 -49.67
CA HIS B 271 50.52 -45.67 -48.20
C HIS B 271 49.66 -44.51 -47.69
N LEU B 272 49.08 -43.72 -48.59
CA LEU B 272 48.39 -42.49 -48.20
C LEU B 272 47.08 -42.72 -47.46
N PRO B 273 46.91 -42.00 -46.36
CA PRO B 273 45.65 -41.98 -45.65
C PRO B 273 44.51 -41.51 -46.53
N LEU B 274 43.33 -42.09 -46.31
CA LEU B 274 42.13 -41.63 -46.96
C LEU B 274 41.21 -40.99 -45.91
N HIS B 275 40.93 -39.69 -46.07
CA HIS B 275 39.90 -39.02 -45.25
C HIS B 275 38.69 -38.67 -46.09
N ILE B 276 37.56 -39.25 -45.71
CA ILE B 276 36.28 -38.85 -46.25
C ILE B 276 35.87 -37.59 -45.50
N THR B 277 36.13 -36.45 -46.12
CA THR B 277 35.95 -35.18 -45.43
C THR B 277 34.51 -34.65 -45.42
N GLU B 278 33.62 -35.28 -46.19
CA GLU B 278 32.18 -35.08 -46.03
C GLU B 278 31.52 -36.43 -46.17
N TYR B 279 30.64 -36.77 -45.25
CA TYR B 279 29.67 -37.78 -45.53
C TYR B 279 28.34 -37.51 -44.78
N ASN B 280 27.25 -37.85 -45.47
CA ASN B 280 25.94 -38.03 -44.86
C ASN B 280 25.11 -38.87 -45.81
N THR B 281 23.84 -39.05 -45.51
CA THR B 281 22.93 -39.57 -46.51
C THR B 281 22.77 -38.54 -47.63
N SER B 282 22.04 -37.47 -47.37
CA SER B 282 21.72 -36.48 -48.37
C SER B 282 22.79 -35.42 -48.31
N TYR B 283 23.03 -34.80 -49.47
CA TYR B 283 24.06 -33.81 -49.65
C TYR B 283 23.49 -32.40 -49.65
N SER B 284 22.16 -32.29 -49.55
CA SER B 284 21.46 -31.02 -49.37
C SER B 284 21.16 -30.72 -47.91
N PRO B 285 21.50 -29.52 -47.47
CA PRO B 285 21.19 -29.05 -46.13
C PRO B 285 19.72 -28.70 -45.89
N ILE B 286 18.82 -29.06 -46.79
CA ILE B 286 17.41 -28.84 -46.56
C ILE B 286 16.62 -30.12 -46.88
N ASN B 287 17.26 -31.28 -46.72
CA ASN B 287 16.60 -32.56 -46.83
C ASN B 287 16.28 -33.08 -45.42
N PRO B 288 14.99 -33.07 -45.06
CA PRO B 288 14.52 -33.55 -43.75
C PRO B 288 15.02 -34.90 -43.29
N VAL B 289 15.51 -35.78 -44.17
CA VAL B 289 16.04 -37.06 -43.68
C VAL B 289 17.11 -36.88 -42.57
N HIS B 290 17.87 -35.82 -42.63
CA HIS B 290 18.89 -35.59 -41.64
C HIS B 290 18.33 -35.44 -40.23
N ASP B 291 17.06 -35.06 -40.14
CA ASP B 291 16.35 -34.89 -38.88
C ASP B 291 15.74 -36.13 -38.27
N THR B 292 15.87 -37.23 -38.99
CA THR B 292 15.12 -38.43 -38.71
C THR B 292 15.98 -39.49 -38.10
N ALA B 293 15.28 -40.53 -37.64
CA ALA B 293 15.85 -41.68 -36.98
C ALA B 293 16.47 -42.54 -38.01
N LEU B 294 15.92 -42.53 -39.21
CA LEU B 294 16.51 -43.33 -40.29
C LEU B 294 17.93 -42.86 -40.53
N ASN B 295 18.16 -41.59 -40.34
CA ASN B 295 19.47 -41.07 -40.56
C ASN B 295 20.42 -41.68 -39.55
N ALA B 296 20.00 -41.66 -38.29
CA ALA B 296 20.72 -42.32 -37.22
C ALA B 296 21.03 -43.76 -37.64
N ALA B 297 19.99 -44.58 -37.80
CA ALA B 297 20.18 -46.00 -38.06
C ALA B 297 21.12 -46.25 -39.24
N TYR B 298 20.98 -45.45 -40.29
CA TYR B 298 21.78 -45.54 -41.52
C TYR B 298 23.25 -45.26 -41.24
N ILE B 299 23.48 -44.20 -40.48
CA ILE B 299 24.80 -43.68 -40.30
C ILE B 299 25.53 -44.59 -39.34
N ALA B 300 24.80 -45.34 -38.51
CA ALA B 300 25.42 -46.27 -37.57
C ALA B 300 26.24 -47.29 -38.32
N ARG B 301 25.67 -47.86 -39.38
CA ARG B 301 26.44 -48.84 -40.17
C ARG B 301 27.76 -48.23 -40.56
N ILE B 302 27.74 -46.96 -40.96
CA ILE B 302 28.94 -46.33 -41.46
C ILE B 302 29.96 -46.15 -40.36
N LEU B 303 29.48 -45.79 -39.17
CA LEU B 303 30.36 -45.70 -38.01
C LEU B 303 31.05 -47.07 -37.75
N SER B 304 30.24 -48.12 -37.79
CA SER B 304 30.69 -49.49 -37.62
C SER B 304 31.89 -49.87 -38.46
N GLU B 305 31.81 -49.56 -39.75
CA GLU B 305 32.64 -50.20 -40.76
C GLU B 305 33.54 -49.28 -41.58
N GLY B 306 33.14 -48.04 -41.78
CA GLY B 306 33.93 -47.04 -42.49
C GLY B 306 35.42 -47.10 -42.21
N GLY B 307 35.78 -47.26 -40.95
CA GLY B 307 37.17 -47.23 -40.52
C GLY B 307 38.07 -48.34 -41.04
N ASP B 308 37.47 -49.40 -41.56
CA ASP B 308 38.21 -50.48 -42.21
C ASP B 308 38.82 -49.96 -43.46
N TYR B 309 38.13 -49.04 -44.12
CA TYR B 309 38.57 -48.56 -45.43
C TYR B 309 39.27 -47.22 -45.37
N VAL B 310 38.96 -46.43 -44.37
CA VAL B 310 39.32 -45.01 -44.38
C VAL B 310 39.85 -44.61 -43.03
N ASP B 311 40.83 -43.70 -43.05
CA ASP B 311 41.48 -43.25 -41.82
C ASP B 311 40.59 -42.36 -41.02
N SER B 312 39.69 -41.67 -41.73
CA SER B 312 38.64 -40.90 -41.11
C SER B 312 37.47 -40.71 -42.06
N PHE B 313 36.32 -40.39 -41.48
CA PHE B 313 35.17 -40.04 -42.29
C PHE B 313 34.28 -39.13 -41.49
N SER B 314 33.98 -37.98 -42.07
CA SER B 314 33.65 -36.82 -41.30
C SER B 314 32.23 -36.49 -41.61
N TYR B 315 31.36 -36.72 -40.62
CA TYR B 315 29.93 -36.43 -40.72
C TYR B 315 29.63 -34.95 -40.92
N TRP B 316 29.32 -34.60 -42.15
CA TRP B 316 28.72 -33.34 -42.53
C TRP B 316 27.29 -33.26 -41.97
N THR B 317 26.97 -32.51 -40.92
CA THR B 317 27.84 -31.70 -40.08
C THR B 317 27.52 -32.03 -38.65
N PHE B 318 28.32 -31.51 -37.74
CA PHE B 318 27.98 -31.63 -36.33
C PHE B 318 26.76 -30.80 -35.95
N SER B 319 26.36 -29.84 -36.79
CA SER B 319 25.37 -28.84 -36.38
C SER B 319 24.54 -28.24 -37.51
N ASP B 320 23.30 -27.92 -37.16
CA ASP B 320 22.36 -27.28 -38.06
C ASP B 320 22.64 -25.83 -38.29
N VAL B 321 23.66 -25.29 -37.58
CA VAL B 321 24.13 -23.93 -37.79
C VAL B 321 24.87 -23.93 -39.10
N PHE B 322 24.25 -23.28 -40.06
CA PHE B 322 24.49 -23.55 -41.48
C PHE B 322 23.61 -22.61 -42.27
N GLU B 323 24.01 -22.30 -43.47
CA GLU B 323 23.39 -21.24 -44.26
C GLU B 323 23.65 -21.42 -45.73
N GLU B 324 24.25 -22.53 -46.15
CA GLU B 324 24.47 -22.76 -47.57
C GLU B 324 23.21 -22.52 -48.37
N MET B 325 22.06 -22.78 -47.75
CA MET B 325 20.79 -22.64 -48.41
C MET B 325 19.89 -21.69 -47.62
N ASP B 326 20.53 -20.63 -47.11
CA ASP B 326 19.87 -19.57 -46.35
C ASP B 326 19.66 -20.05 -44.91
N VAL B 327 19.27 -19.09 -44.09
CA VAL B 327 18.93 -19.33 -42.69
C VAL B 327 17.79 -20.32 -42.59
N PRO B 328 17.98 -21.35 -41.75
CA PRO B 328 16.94 -22.31 -41.44
C PRO B 328 15.56 -21.69 -41.28
N LYS B 329 14.63 -22.28 -42.03
CA LYS B 329 13.29 -21.73 -42.15
C LYS B 329 12.37 -22.28 -41.09
N ALA B 330 12.87 -23.24 -40.31
CA ALA B 330 12.09 -23.91 -39.29
C ALA B 330 13.04 -24.68 -38.37
N LEU B 331 12.63 -25.02 -37.14
CA LEU B 331 13.55 -25.74 -36.25
C LEU B 331 14.18 -26.95 -36.94
N PHE B 332 13.33 -27.90 -37.35
CA PHE B 332 13.78 -29.07 -38.08
C PHE B 332 13.43 -28.87 -39.54
N HIS B 333 14.48 -28.57 -40.29
CA HIS B 333 14.40 -27.94 -41.61
C HIS B 333 15.19 -28.75 -42.63
N GLY B 334 15.81 -29.84 -42.18
CA GLY B 334 16.50 -30.78 -43.05
C GLY B 334 18.02 -30.67 -43.08
N GLY B 335 18.60 -29.94 -42.13
CA GLY B 335 20.03 -29.66 -42.17
C GLY B 335 20.87 -30.85 -41.78
N PHE B 336 22.12 -30.80 -42.18
CA PHE B 336 23.04 -31.88 -41.93
C PHE B 336 23.32 -32.13 -40.46
N GLY B 337 23.14 -31.11 -39.63
CA GLY B 337 23.58 -31.20 -38.26
C GLY B 337 23.25 -32.47 -37.49
N LEU B 338 24.22 -32.92 -36.67
CA LEU B 338 23.93 -33.85 -35.60
C LEU B 338 23.09 -33.11 -34.58
N VAL B 339 23.38 -31.82 -34.36
CA VAL B 339 22.64 -31.03 -33.38
C VAL B 339 21.73 -30.04 -34.12
N ALA B 340 20.49 -29.91 -33.66
CA ALA B 340 19.58 -28.91 -34.17
C ALA B 340 19.78 -27.65 -33.37
N LEU B 341 19.37 -26.51 -33.95
CA LEU B 341 19.29 -25.26 -33.21
C LEU B 341 18.65 -25.48 -31.87
N HIS B 342 19.03 -24.63 -30.92
CA HIS B 342 18.73 -24.79 -29.49
C HIS B 342 19.32 -26.04 -28.86
N SER B 343 20.40 -26.56 -29.43
CA SER B 343 21.16 -27.72 -28.90
C SER B 343 20.32 -28.98 -28.69
N ILE B 344 19.38 -29.18 -29.59
CA ILE B 344 18.53 -30.35 -29.52
C ILE B 344 19.21 -31.40 -30.36
N PRO B 345 19.75 -32.43 -29.75
CA PRO B 345 20.40 -33.48 -30.53
C PRO B 345 19.34 -34.11 -31.41
N LYS B 346 19.66 -34.40 -32.67
CA LYS B 346 18.85 -35.24 -33.54
C LYS B 346 19.24 -36.66 -33.25
N PRO B 347 18.46 -37.62 -33.72
CA PRO B 347 18.77 -39.02 -33.54
C PRO B 347 20.19 -39.43 -33.92
N THR B 348 20.68 -38.91 -35.05
CA THR B 348 22.02 -39.21 -35.52
C THR B 348 23.12 -38.85 -34.50
N PHE B 349 22.91 -37.77 -33.76
CA PHE B 349 23.80 -37.37 -32.68
C PHE B 349 23.90 -38.52 -31.72
N HIS B 350 22.76 -39.06 -31.35
CA HIS B 350 22.80 -40.16 -30.42
C HIS B 350 23.58 -41.32 -30.98
N ALA B 351 23.52 -41.55 -32.28
CA ALA B 351 24.29 -42.66 -32.87
C ALA B 351 25.78 -42.51 -32.51
N PHE B 352 26.33 -41.33 -32.72
CA PHE B 352 27.72 -41.04 -32.35
C PHE B 352 27.93 -41.21 -30.88
N THR B 353 26.97 -40.82 -30.09
CA THR B 353 27.06 -40.93 -28.65
C THR B 353 27.22 -42.40 -28.25
N PHE B 354 26.52 -43.25 -28.98
CA PHE B 354 26.47 -44.67 -28.69
C PHE B 354 27.80 -45.33 -29.12
N PHE B 355 28.32 -44.96 -30.28
CA PHE B 355 29.61 -45.46 -30.72
C PHE B 355 30.71 -45.04 -29.79
N ASN B 356 30.56 -43.85 -29.19
CA ASN B 356 31.58 -43.33 -28.28
C ASN B 356 31.63 -44.11 -26.97
N ALA B 357 30.70 -45.04 -26.77
CA ALA B 357 30.72 -45.88 -25.58
C ALA B 357 31.37 -47.22 -25.86
N LEU B 358 31.65 -47.52 -27.12
CA LEU B 358 32.30 -48.78 -27.45
C LEU B 358 33.73 -48.80 -26.91
N GLY B 359 34.21 -50.01 -26.64
CA GLY B 359 35.58 -50.24 -26.29
C GLY B 359 36.44 -50.48 -27.51
N ASP B 360 37.76 -50.62 -27.28
CA ASP B 360 38.75 -50.89 -28.31
C ASP B 360 38.62 -52.34 -28.84
N GLU B 361 38.35 -53.30 -27.97
CA GLU B 361 38.38 -54.73 -28.33
C GLU B 361 37.16 -55.22 -29.09
N LEU B 362 37.34 -55.59 -30.34
CA LEU B 362 36.22 -55.98 -31.17
C LEU B 362 35.90 -57.46 -31.02
N LEU B 363 34.77 -57.70 -30.36
CA LEU B 363 34.28 -59.02 -30.05
C LEU B 363 33.52 -59.59 -31.20
N TYR B 364 32.74 -58.73 -31.84
CA TYR B 364 31.88 -59.14 -32.92
C TYR B 364 31.37 -57.92 -33.62
N ARG B 365 31.42 -57.96 -34.94
CA ARG B 365 30.75 -56.96 -35.75
C ARG B 365 30.12 -57.63 -36.95
N ASP B 366 28.90 -57.24 -37.29
CA ASP B 366 28.29 -57.53 -38.59
C ASP B 366 27.53 -56.30 -39.06
N GLY B 367 26.67 -56.44 -40.07
CA GLY B 367 26.05 -55.29 -40.71
C GLY B 367 24.99 -54.54 -39.93
N GLU B 368 24.66 -54.99 -38.72
CA GLU B 368 23.65 -54.32 -37.89
C GLU B 368 24.03 -54.17 -36.41
N MET B 369 25.22 -54.64 -36.03
CA MET B 369 25.70 -54.40 -34.69
C MET B 369 27.22 -54.38 -34.60
N ILE B 370 27.67 -53.86 -33.49
CA ILE B 370 29.08 -53.91 -33.12
C ILE B 370 29.15 -54.20 -31.64
N VAL B 371 30.03 -55.12 -31.26
CA VAL B 371 30.10 -55.59 -29.88
C VAL B 371 31.55 -55.57 -29.46
N THR B 372 31.80 -54.88 -28.35
CA THR B 372 33.15 -54.56 -27.92
C THR B 372 33.35 -54.84 -26.43
N ARG B 373 34.59 -55.10 -26.05
CA ARG B 373 34.98 -55.17 -24.66
C ARG B 373 35.73 -53.89 -24.35
N ARG B 374 35.41 -53.32 -23.20
CA ARG B 374 36.16 -52.23 -22.64
C ARG B 374 37.25 -52.75 -21.68
N LYS B 375 38.15 -51.88 -21.25
CA LYS B 375 39.30 -52.27 -20.42
C LYS B 375 38.87 -52.73 -19.05
N ASP B 376 37.75 -52.22 -18.56
CA ASP B 376 37.21 -52.71 -17.28
C ASP B 376 36.48 -54.04 -17.40
N GLY B 377 36.51 -54.66 -18.59
CA GLY B 377 35.80 -55.92 -18.82
C GLY B 377 34.32 -55.82 -19.20
N SER B 378 33.74 -54.62 -19.11
CA SER B 378 32.34 -54.43 -19.51
C SER B 378 32.21 -54.50 -21.03
N ILE B 379 30.99 -54.75 -21.48
CA ILE B 379 30.68 -54.93 -22.89
C ILE B 379 29.87 -53.76 -23.32
N ALA B 380 30.02 -53.39 -24.58
CA ALA B 380 29.28 -52.28 -25.14
C ALA B 380 28.95 -52.67 -26.55
N ALA B 381 27.66 -52.56 -26.85
CA ALA B 381 27.17 -52.96 -28.13
C ALA B 381 26.38 -51.80 -28.65
N VAL B 382 26.57 -51.46 -29.93
CA VAL B 382 25.63 -50.59 -30.59
C VAL B 382 24.97 -51.45 -31.65
N LEU B 383 23.65 -51.42 -31.68
CA LEU B 383 22.89 -52.15 -32.65
C LEU B 383 22.04 -51.15 -33.39
N TRP B 384 21.74 -51.45 -34.65
CA TRP B 384 20.87 -50.61 -35.41
C TRP B 384 20.00 -51.41 -36.32
N ASN B 385 18.88 -50.80 -36.63
CA ASN B 385 17.86 -51.38 -37.44
C ASN B 385 17.51 -50.41 -38.53
N LEU B 386 18.38 -50.34 -39.52
CA LEU B 386 18.13 -49.55 -40.68
C LEU B 386 17.01 -50.20 -41.52
N VAL B 387 15.99 -49.39 -41.80
CA VAL B 387 14.85 -49.80 -42.60
C VAL B 387 14.53 -48.62 -43.52
N MET B 388 14.87 -48.75 -44.79
CA MET B 388 14.66 -47.69 -45.75
C MET B 388 13.28 -47.77 -46.40
N GLU B 389 12.52 -48.83 -46.11
CA GLU B 389 11.20 -48.99 -46.70
C GLU B 389 10.14 -48.31 -45.84
N LYS B 390 9.02 -47.95 -46.46
CA LYS B 390 7.88 -47.35 -45.77
C LYS B 390 7.11 -48.42 -45.02
N GLY B 391 6.41 -47.99 -43.97
CA GLY B 391 5.67 -48.90 -43.14
C GLY B 391 5.96 -48.73 -41.66
N GLU B 392 5.15 -49.45 -40.88
CA GLU B 392 5.14 -49.37 -39.44
C GLU B 392 5.67 -50.67 -38.87
N GLY B 393 5.79 -50.73 -37.54
CA GLY B 393 6.35 -51.89 -36.85
C GLY B 393 7.78 -52.17 -37.27
N LEU B 394 7.95 -53.13 -38.18
CA LEU B 394 9.27 -53.52 -38.68
C LEU B 394 10.30 -53.60 -37.52
N THR B 395 9.86 -54.25 -36.44
CA THR B 395 10.71 -54.57 -35.29
C THR B 395 11.58 -55.78 -35.63
N LYS B 396 12.82 -55.73 -35.19
CA LYS B 396 13.80 -56.76 -35.45
C LYS B 396 14.32 -57.19 -34.11
N GLU B 397 14.09 -58.44 -33.72
CA GLU B 397 14.73 -58.95 -32.52
C GLU B 397 16.14 -59.49 -32.84
N VAL B 398 17.10 -59.08 -32.01
CA VAL B 398 18.47 -59.54 -32.05
C VAL B 398 18.74 -60.20 -30.71
N GLN B 399 19.09 -61.48 -30.78
CA GLN B 399 19.44 -62.28 -29.60
C GLN B 399 20.95 -62.28 -29.47
N LEU B 400 21.46 -61.85 -28.32
CA LEU B 400 22.90 -61.77 -28.08
C LEU B 400 23.25 -62.70 -26.94
N VAL B 401 24.19 -63.62 -27.17
CA VAL B 401 24.70 -64.49 -26.11
C VAL B 401 26.11 -63.99 -25.77
N ILE B 402 26.30 -63.64 -24.49
CA ILE B 402 27.45 -62.86 -24.08
C ILE B 402 28.17 -63.59 -22.97
N PRO B 403 29.51 -63.61 -23.07
CA PRO B 403 30.32 -64.28 -22.07
C PRO B 403 30.52 -63.31 -20.92
N VAL B 404 30.11 -63.77 -19.75
CA VAL B 404 30.20 -62.97 -18.54
C VAL B 404 30.52 -63.92 -17.38
N SER B 405 31.71 -63.73 -16.80
CA SER B 405 32.17 -64.57 -15.68
C SER B 405 31.74 -63.95 -14.36
N GLU B 406 31.31 -62.69 -14.42
CA GLU B 406 31.02 -61.89 -13.25
C GLU B 406 29.58 -62.20 -12.86
N SER B 407 29.39 -63.10 -11.90
CA SER B 407 28.07 -63.68 -11.60
C SER B 407 26.82 -62.77 -11.73
N ALA B 408 26.95 -61.45 -11.56
CA ALA B 408 25.80 -60.55 -11.78
C ALA B 408 26.12 -59.34 -12.67
N VAL B 409 25.11 -58.87 -13.39
CA VAL B 409 25.31 -57.85 -14.41
C VAL B 409 24.26 -56.74 -14.36
N PHE B 410 24.74 -55.50 -14.51
CA PHE B 410 23.91 -54.32 -14.71
C PHE B 410 23.87 -54.06 -16.19
N ILE B 411 22.70 -54.05 -16.75
CA ILE B 411 22.55 -53.71 -18.15
C ILE B 411 21.87 -52.38 -18.20
N LYS B 412 22.41 -51.51 -19.05
CA LYS B 412 21.86 -50.21 -19.32
C LYS B 412 21.75 -50.12 -20.79
N ARG B 413 20.61 -49.74 -21.27
CA ARG B 413 20.37 -49.67 -22.69
C ARG B 413 19.78 -48.33 -23.05
N GLN B 414 20.29 -47.73 -24.09
CA GLN B 414 19.78 -46.47 -24.53
C GLN B 414 19.22 -46.67 -25.90
N ILE B 415 18.00 -46.21 -26.11
CA ILE B 415 17.43 -46.34 -27.42
C ILE B 415 17.09 -44.97 -27.92
N VAL B 416 17.48 -44.71 -29.18
CA VAL B 416 16.81 -43.68 -29.99
C VAL B 416 16.17 -44.36 -31.19
N ASN B 417 14.98 -43.91 -31.53
CA ASN B 417 14.22 -44.39 -32.69
C ASN B 417 13.10 -43.43 -33.06
N GLU B 418 11.97 -43.96 -33.52
CA GLU B 418 10.88 -43.14 -34.07
C GLU B 418 10.05 -42.52 -32.98
N GLN B 419 10.02 -43.20 -31.84
CA GLN B 419 9.31 -42.75 -30.66
C GLN B 419 10.27 -41.99 -29.72
N TYR B 420 11.45 -42.52 -29.50
CA TYR B 420 12.33 -42.04 -28.45
C TYR B 420 13.58 -41.38 -29.00
N GLY B 421 14.08 -40.39 -28.25
CA GLY B 421 15.25 -39.62 -28.68
C GLY B 421 15.02 -38.88 -29.98
N ASN B 422 13.76 -38.55 -30.24
CA ASN B 422 13.36 -38.03 -31.51
C ASN B 422 12.50 -36.80 -31.30
N ALA B 423 13.14 -35.64 -31.36
CA ALA B 423 12.48 -34.37 -31.20
C ALA B 423 11.74 -34.04 -32.46
N TRP B 424 12.23 -34.49 -33.61
CA TRP B 424 11.55 -34.29 -34.89
C TRP B 424 10.07 -34.75 -34.87
N ARG B 425 9.81 -35.95 -34.37
CA ARG B 425 8.43 -36.49 -34.25
C ARG B 425 7.59 -35.55 -33.38
N VAL B 426 8.15 -35.12 -32.26
CA VAL B 426 7.41 -34.32 -31.29
C VAL B 426 7.18 -32.91 -31.78
N TRP B 427 8.09 -32.43 -32.60
CA TRP B 427 8.04 -31.11 -33.21
C TRP B 427 6.85 -31.04 -34.13
N LYS B 428 6.75 -32.08 -34.94
CA LYS B 428 5.59 -32.36 -35.75
C LYS B 428 4.29 -32.18 -34.98
N GLN B 429 4.20 -32.85 -33.83
CA GLN B 429 2.96 -32.88 -33.03
C GLN B 429 2.58 -31.52 -32.47
N MET B 430 3.58 -30.67 -32.30
CA MET B 430 3.36 -29.34 -31.75
C MET B 430 2.79 -28.36 -32.78
N GLY B 431 2.71 -28.78 -34.03
CA GLY B 431 2.29 -27.92 -35.10
C GLY B 431 3.43 -27.53 -36.02
N ARG B 432 4.48 -28.33 -36.02
CA ARG B 432 5.73 -27.95 -36.68
C ARG B 432 6.09 -26.45 -36.48
N PRO B 433 6.18 -25.96 -35.26
CA PRO B 433 6.47 -24.53 -35.07
C PRO B 433 7.80 -24.24 -35.72
N ARG B 434 7.86 -23.27 -36.59
CA ARG B 434 9.10 -23.01 -37.28
C ARG B 434 10.07 -22.35 -36.35
N PHE B 435 9.50 -21.59 -35.41
CA PHE B 435 10.20 -20.63 -34.56
C PHE B 435 9.65 -20.81 -33.13
N PRO B 436 9.98 -21.96 -32.53
CA PRO B 436 9.25 -22.41 -31.35
C PRO B 436 9.60 -21.53 -30.21
N SER B 437 8.69 -21.42 -29.26
CA SER B 437 8.92 -20.72 -28.01
C SER B 437 9.98 -21.44 -27.24
N ARG B 438 10.50 -20.80 -26.19
CA ARG B 438 11.42 -21.44 -25.26
C ARG B 438 10.82 -22.73 -24.64
N GLN B 439 9.58 -22.66 -24.22
CA GLN B 439 8.93 -23.79 -23.56
C GLN B 439 8.90 -25.02 -24.47
N ALA B 440 8.58 -24.77 -25.72
CA ALA B 440 8.49 -25.79 -26.73
C ALA B 440 9.86 -26.39 -27.04
N VAL B 441 10.86 -25.54 -27.13
CA VAL B 441 12.22 -26.02 -27.30
C VAL B 441 12.58 -26.92 -26.12
N GLU B 442 12.19 -26.52 -24.91
CA GLU B 442 12.58 -27.27 -23.71
C GLU B 442 11.97 -28.64 -23.68
N THR B 443 10.73 -28.72 -24.08
CA THR B 443 10.06 -30.01 -24.25
C THR B 443 10.75 -30.82 -25.30
N LEU B 444 11.13 -30.15 -26.39
CA LEU B 444 11.78 -30.81 -27.50
C LEU B 444 13.06 -31.44 -27.06
N ARG B 445 13.77 -30.79 -26.16
CA ARG B 445 15.05 -31.28 -25.66
C ARG B 445 14.89 -32.44 -24.68
N GLN B 446 13.88 -32.35 -23.82
CA GLN B 446 13.50 -33.44 -22.89
C GLN B 446 13.23 -34.72 -23.69
N VAL B 447 12.53 -34.49 -24.78
CA VAL B 447 12.02 -35.54 -25.61
C VAL B 447 13.17 -36.10 -26.47
N ALA B 448 14.14 -35.25 -26.80
CA ALA B 448 15.26 -35.65 -27.63
C ALA B 448 16.26 -36.57 -26.93
N GLN B 449 16.14 -36.71 -25.62
CA GLN B 449 16.97 -37.64 -24.86
C GLN B 449 16.61 -39.11 -25.18
N PRO B 450 17.61 -39.98 -25.21
CA PRO B 450 17.36 -41.39 -25.54
C PRO B 450 16.57 -42.00 -24.42
N HIS B 451 15.77 -43.00 -24.73
CA HIS B 451 15.07 -43.73 -23.70
C HIS B 451 16.07 -44.60 -23.00
N VAL B 452 16.03 -44.62 -21.69
CA VAL B 452 16.94 -45.50 -20.96
C VAL B 452 16.09 -46.53 -20.29
N MET B 453 16.63 -47.75 -20.31
CA MET B 453 16.08 -48.89 -19.58
C MET B 453 17.28 -49.57 -18.94
N THR B 454 17.07 -50.09 -17.74
CA THR B 454 18.11 -50.80 -17.02
C THR B 454 17.57 -52.08 -16.41
N GLU B 455 18.48 -52.99 -16.11
CA GLU B 455 18.13 -54.13 -15.29
C GLU B 455 19.36 -54.78 -14.67
N GLN B 456 19.15 -55.43 -13.54
CA GLN B 456 20.13 -56.38 -13.04
C GLN B 456 19.73 -57.77 -13.52
N ARG B 457 20.69 -58.45 -14.13
CA ARG B 457 20.51 -59.82 -14.52
C ARG B 457 21.64 -60.68 -13.93
N ARG B 458 21.24 -61.81 -13.33
CA ARG B 458 22.18 -62.85 -12.90
C ARG B 458 22.54 -63.66 -14.13
N ALA B 459 23.81 -64.06 -14.21
CA ALA B 459 24.35 -64.76 -15.36
C ALA B 459 24.38 -66.23 -15.06
N THR B 460 23.48 -66.98 -15.69
CA THR B 460 23.37 -68.43 -15.50
C THR B 460 24.36 -69.13 -16.43
N ASP B 461 25.18 -70.02 -15.88
CA ASP B 461 26.24 -70.75 -16.62
C ASP B 461 27.34 -69.83 -17.18
N GLY B 462 27.58 -68.71 -16.52
CA GLY B 462 28.51 -67.73 -17.07
C GLY B 462 28.03 -67.12 -18.39
N VAL B 463 26.72 -67.10 -18.59
CA VAL B 463 26.15 -66.61 -19.85
C VAL B 463 25.05 -65.61 -19.56
N ILE B 464 25.01 -64.56 -20.37
CA ILE B 464 23.89 -63.65 -20.39
C ILE B 464 23.27 -63.74 -21.78
N HIS B 465 21.95 -63.90 -21.81
CA HIS B 465 21.24 -63.98 -23.08
C HIS B 465 20.36 -62.74 -23.17
N LEU B 466 20.75 -61.83 -24.04
CA LEU B 466 20.04 -60.58 -24.20
C LEU B 466 19.08 -60.61 -25.38
N SER B 467 17.80 -60.41 -25.08
CA SER B 467 16.79 -60.25 -26.12
C SER B 467 16.66 -58.76 -26.36
N ILE B 468 17.02 -58.33 -27.57
CA ILE B 468 17.08 -56.90 -27.85
C ILE B 468 16.15 -56.59 -28.99
N VAL B 469 15.02 -55.99 -28.64
CA VAL B 469 14.00 -55.68 -29.62
C VAL B 469 14.19 -54.24 -30.06
N LEU B 470 14.58 -54.12 -31.34
CA LEU B 470 14.82 -52.86 -32.02
C LEU B 470 13.61 -52.52 -32.82
N SER B 471 13.13 -51.28 -32.76
CA SER B 471 12.02 -50.89 -33.61
C SER B 471 12.56 -50.14 -34.84
N LYS B 472 11.69 -49.60 -35.65
CA LYS B 472 12.08 -49.08 -36.93
C LYS B 472 13.13 -48.04 -36.69
N ASN B 473 14.27 -48.19 -37.35
CA ASN B 473 15.29 -47.16 -37.33
C ASN B 473 15.76 -46.82 -35.91
N GLU B 474 15.87 -47.86 -35.07
CA GLU B 474 16.43 -47.71 -33.74
C GLU B 474 17.92 -47.84 -33.86
N VAL B 475 18.64 -46.98 -33.17
CA VAL B 475 20.01 -47.23 -32.84
C VAL B 475 19.93 -47.39 -31.34
N THR B 476 20.66 -48.34 -30.80
CA THR B 476 20.65 -48.58 -29.39
C THR B 476 22.03 -48.95 -28.87
N LEU B 477 22.33 -48.41 -27.69
CA LEU B 477 23.55 -48.70 -26.98
C LEU B 477 23.21 -49.66 -25.87
N ILE B 478 23.92 -50.77 -25.79
CA ILE B 478 23.77 -51.67 -24.66
C ILE B 478 25.11 -51.82 -24.01
N GLU B 479 25.10 -51.68 -22.70
CA GLU B 479 26.28 -51.84 -21.88
C GLU B 479 26.02 -52.88 -20.81
N ILE B 480 26.98 -53.73 -20.59
CA ILE B 480 26.86 -54.76 -19.59
C ILE B 480 28.02 -54.59 -18.67
N GLU B 481 27.71 -54.18 -17.46
CA GLU B 481 28.68 -53.87 -16.44
C GLU B 481 28.63 -55.01 -15.47
N GLN B 482 29.77 -55.31 -14.88
CA GLN B 482 29.81 -56.15 -13.70
C GLN B 482 29.09 -55.43 -12.55
N VAL B 483 28.21 -56.16 -11.86
CA VAL B 483 27.64 -55.72 -10.61
C VAL B 483 28.51 -56.23 -9.48
N ARG B 484 29.12 -55.30 -8.74
CA ARG B 484 29.75 -55.61 -7.46
C ARG B 484 28.70 -55.27 -6.38
N ASP B 485 27.95 -56.28 -5.96
CA ASP B 485 26.77 -56.11 -5.11
C ASP B 485 27.19 -55.76 -3.70
N GLU B 486 26.56 -54.73 -3.13
CA GLU B 486 26.90 -54.23 -1.82
C GLU B 486 25.80 -54.45 -0.85
N THR B 487 24.71 -55.01 -1.35
CA THR B 487 23.54 -55.38 -0.55
C THR B 487 23.93 -56.05 0.75
N SER B 488 24.87 -56.96 0.72
CA SER B 488 25.15 -57.71 1.95
C SER B 488 25.74 -56.83 3.09
N THR B 489 26.18 -55.62 2.76
CA THR B 489 26.74 -54.70 3.77
C THR B 489 25.67 -53.89 4.43
N TYR B 490 24.47 -53.91 3.84
CA TYR B 490 23.31 -53.23 4.38
C TYR B 490 22.63 -54.23 5.25
N VAL B 491 23.19 -54.48 6.42
CA VAL B 491 22.69 -55.58 7.24
C VAL B 491 21.32 -55.21 7.82
N GLY B 492 20.38 -56.11 7.60
CA GLY B 492 19.00 -55.89 7.97
C GLY B 492 18.25 -55.11 6.90
N LEU B 493 18.91 -54.67 5.85
CA LEU B 493 18.19 -53.95 4.81
C LEU B 493 16.99 -54.79 4.42
N ASP B 494 15.84 -54.12 4.28
CA ASP B 494 14.57 -54.78 4.01
C ASP B 494 13.60 -53.74 3.49
N ASP B 495 13.53 -53.63 2.16
CA ASP B 495 12.58 -52.74 1.52
C ASP B 495 11.14 -53.12 1.82
N GLY B 496 10.92 -54.38 2.24
CA GLY B 496 9.64 -54.80 2.80
C GLY B 496 9.20 -54.00 4.02
N GLU B 497 10.13 -53.34 4.69
CA GLU B 497 9.83 -52.39 5.76
C GLU B 497 9.55 -50.93 5.26
N ILE B 498 9.42 -50.74 3.95
CA ILE B 498 9.00 -49.44 3.42
C ILE B 498 7.54 -49.59 3.03
N THR B 499 6.73 -48.59 3.33
CA THR B 499 5.35 -48.60 2.92
C THR B 499 5.23 -48.88 1.41
N SER B 500 4.53 -49.97 1.05
CA SER B 500 4.17 -50.36 -0.33
C SER B 500 5.16 -51.29 -0.96
N TYR B 501 6.40 -51.30 -0.46
CA TYR B 501 7.48 -52.06 -1.08
C TYR B 501 7.63 -53.46 -0.49
N SER B 502 8.32 -54.32 -1.26
CA SER B 502 8.70 -55.67 -0.82
C SER B 502 10.21 -55.93 -0.84
N GLY C 2 39.69 24.92 -9.98
CA GLY C 2 39.12 25.94 -9.06
C GLY C 2 38.58 25.26 -7.81
N VAL C 3 37.67 25.95 -7.10
CA VAL C 3 37.10 25.46 -5.83
C VAL C 3 35.57 25.27 -5.88
N VAL C 4 35.13 24.13 -5.35
CA VAL C 4 33.74 23.70 -5.48
C VAL C 4 33.22 23.27 -4.11
N ASN C 5 32.20 23.96 -3.63
CA ASN C 5 31.55 23.64 -2.38
C ASN C 5 30.27 22.92 -2.66
N VAL C 6 30.25 21.63 -2.38
CA VAL C 6 29.11 20.81 -2.69
C VAL C 6 28.00 21.08 -1.71
N PRO C 7 26.84 21.53 -2.19
CA PRO C 7 25.64 21.60 -1.37
C PRO C 7 25.36 20.29 -0.69
N SER C 8 24.98 20.34 0.58
CA SER C 8 24.56 19.14 1.34
C SER C 8 23.28 18.56 0.75
N ASN C 9 22.45 19.44 0.18
CA ASN C 9 21.18 19.04 -0.43
C ASN C 9 21.07 19.41 -1.91
N GLY C 10 20.28 18.63 -2.63
CA GLY C 10 20.09 18.85 -4.04
C GLY C 10 18.64 19.11 -4.33
N ARG C 11 18.39 20.16 -5.12
CA ARG C 11 17.06 20.40 -5.67
C ARG C 11 16.75 19.27 -6.69
N GLU C 12 17.63 19.12 -7.67
CA GLU C 12 17.34 18.28 -8.83
C GLU C 12 17.83 16.82 -8.69
N LYS C 13 17.22 15.94 -9.48
CA LYS C 13 17.65 14.57 -9.61
C LYS C 13 18.44 14.43 -10.92
N PHE C 14 19.64 13.86 -10.83
CA PHE C 14 20.34 13.35 -11.99
C PHE C 14 19.58 12.10 -12.41
N LYS C 15 19.08 12.09 -13.65
CA LYS C 15 18.30 10.97 -14.13
C LYS C 15 19.17 9.94 -14.84
N LYS C 16 18.51 8.84 -15.21
CA LYS C 16 19.17 7.70 -15.80
C LYS C 16 19.09 7.71 -17.33
N ASN C 17 18.75 8.87 -17.91
CA ASN C 17 18.60 9.01 -19.36
C ASN C 17 19.88 8.52 -20.03
N TRP C 18 21.01 8.90 -19.47
CA TRP C 18 22.33 8.52 -19.98
C TRP C 18 22.54 7.05 -20.26
N LYS C 19 21.86 6.18 -19.52
CA LYS C 19 21.94 4.75 -19.71
C LYS C 19 20.58 4.08 -20.03
N PHE C 20 19.63 4.87 -20.52
CA PHE C 20 18.39 4.33 -21.04
C PHE C 20 18.67 3.36 -22.17
N CYS C 21 19.44 3.82 -23.15
CA CYS C 21 19.70 3.03 -24.34
C CYS C 21 21.19 3.00 -24.73
N VAL C 22 21.59 2.01 -25.52
CA VAL C 22 22.96 1.93 -26.02
C VAL C 22 22.99 1.36 -27.41
N GLY C 23 24.00 1.74 -28.16
CA GLY C 23 24.17 1.33 -29.54
C GLY C 23 24.67 -0.10 -29.74
N THR C 24 24.33 -0.67 -30.88
CA THR C 24 24.95 -1.89 -31.33
C THR C 24 25.18 -1.90 -32.84
N GLY C 25 26.25 -2.58 -33.21
CA GLY C 25 26.47 -2.90 -34.57
C GLY C 25 25.28 -3.74 -34.87
N ARG C 26 25.08 -4.05 -36.15
CA ARG C 26 23.85 -4.63 -36.60
C ARG C 26 23.43 -5.88 -35.83
N LEU C 27 22.13 -6.11 -35.81
CA LEU C 27 21.53 -7.19 -35.05
C LEU C 27 22.08 -8.55 -35.47
N GLY C 28 22.39 -8.71 -36.76
CA GLY C 28 22.98 -9.99 -37.20
C GLY C 28 24.18 -10.38 -36.33
N LEU C 29 24.94 -9.40 -35.91
CA LEU C 29 26.14 -9.69 -35.16
C LEU C 29 25.87 -10.06 -33.70
N ALA C 30 24.65 -9.86 -33.22
CA ALA C 30 24.29 -10.31 -31.87
C ALA C 30 24.29 -11.87 -31.78
N LEU C 31 24.35 -12.51 -32.93
CA LEU C 31 24.57 -13.93 -33.03
C LEU C 31 25.97 -14.30 -32.61
N GLN C 32 26.90 -13.38 -32.65
CA GLN C 32 28.26 -13.72 -32.26
C GLN C 32 28.35 -13.94 -30.75
N LYS C 33 29.01 -15.02 -30.40
CA LYS C 33 29.31 -15.27 -29.01
C LYS C 33 30.12 -14.07 -28.45
N GLU C 34 30.96 -13.48 -29.30
CA GLU C 34 31.77 -12.36 -28.85
C GLU C 34 30.86 -11.18 -28.52
N TYR C 35 29.80 -11.02 -29.32
CA TYR C 35 28.89 -9.91 -29.14
C TYR C 35 28.24 -10.04 -27.77
N LEU C 36 27.81 -11.24 -27.43
CA LEU C 36 27.04 -11.48 -26.19
C LEU C 36 27.93 -11.44 -24.95
N ASP C 37 29.13 -11.96 -25.05
CA ASP C 37 30.12 -11.80 -24.02
C ASP C 37 30.24 -10.33 -23.66
N HIS C 38 30.33 -9.51 -24.68
CA HIS C 38 30.46 -8.08 -24.57
C HIS C 38 29.24 -7.42 -23.96
N LEU C 39 28.06 -7.92 -24.29
CA LEU C 39 26.83 -7.38 -23.76
C LEU C 39 26.72 -7.80 -22.29
N LYS C 40 26.93 -9.08 -21.99
CA LYS C 40 26.86 -9.49 -20.59
C LYS C 40 27.71 -8.52 -19.77
N LEU C 41 28.95 -8.32 -20.21
CA LEU C 41 29.87 -7.46 -19.50
C LEU C 41 29.28 -6.08 -19.27
N VAL C 42 28.77 -5.51 -20.35
CA VAL C 42 28.17 -4.20 -20.37
C VAL C 42 26.93 -4.12 -19.48
N GLN C 43 26.08 -5.14 -19.50
CA GLN C 43 24.92 -5.23 -18.61
C GLN C 43 25.20 -5.47 -17.14
N GLU C 44 26.34 -6.05 -16.79
CA GLU C 44 26.75 -6.24 -15.40
C GLU C 44 27.36 -4.98 -14.75
N LYS C 45 28.06 -4.17 -15.57
CA LYS C 45 28.82 -3.02 -15.10
C LYS C 45 28.12 -1.67 -15.40
N ILE C 46 27.31 -1.64 -16.45
CA ILE C 46 26.43 -0.53 -16.82
C ILE C 46 25.09 -1.15 -17.09
N GLY C 47 24.01 -0.73 -16.45
CA GLY C 47 22.77 -1.48 -16.72
C GLY C 47 21.89 -0.86 -17.77
N PHE C 48 22.21 -1.03 -19.05
CA PHE C 48 21.42 -0.44 -20.11
C PHE C 48 20.05 -1.10 -20.21
N ARG C 49 19.01 -0.28 -20.39
CA ARG C 49 17.64 -0.79 -20.54
C ARG C 49 17.28 -1.13 -21.98
N TYR C 50 17.85 -0.38 -22.93
CA TYR C 50 17.56 -0.52 -24.35
C TYR C 50 18.81 -0.65 -25.20
N ILE C 51 18.68 -1.38 -26.31
CA ILE C 51 19.74 -1.52 -27.28
C ILE C 51 19.25 -1.22 -28.71
N ARG C 52 19.87 -0.22 -29.33
CA ARG C 52 19.46 0.30 -30.63
C ARG C 52 20.52 -0.02 -31.66
N GLY C 53 20.11 -0.70 -32.71
CA GLY C 53 20.99 -1.13 -33.78
C GLY C 53 20.35 -1.13 -35.16
N HIS C 54 21.21 -1.24 -36.16
CA HIS C 54 20.76 -1.33 -37.52
C HIS C 54 20.47 -2.76 -37.81
N GLY C 55 19.89 -2.99 -38.96
CA GLY C 55 19.93 -4.28 -39.60
C GLY C 55 18.88 -5.28 -39.18
N LEU C 56 17.83 -4.81 -38.49
CA LEU C 56 16.76 -5.68 -38.08
C LEU C 56 16.23 -6.40 -39.27
N LEU C 57 15.91 -5.65 -40.32
CA LEU C 57 15.31 -6.19 -41.51
C LEU C 57 16.29 -6.54 -42.64
N SER C 58 17.57 -6.22 -42.49
CA SER C 58 18.56 -6.55 -43.50
C SER C 58 18.79 -8.05 -43.52
N ASP C 59 19.47 -8.52 -44.54
CA ASP C 59 19.30 -9.91 -44.94
C ASP C 59 20.19 -10.91 -44.27
N ASP C 60 21.16 -10.44 -43.51
CA ASP C 60 21.92 -11.39 -42.74
C ASP C 60 21.03 -11.94 -41.63
N VAL C 61 20.20 -11.09 -41.00
CA VAL C 61 19.29 -11.54 -39.92
C VAL C 61 18.17 -12.37 -40.52
N GLY C 62 17.85 -12.08 -41.78
CA GLY C 62 17.20 -13.05 -42.65
C GLY C 62 15.69 -13.11 -42.60
N ILE C 63 15.08 -12.07 -42.05
CA ILE C 63 13.64 -12.09 -41.82
C ILE C 63 12.82 -12.13 -43.08
N TYR C 64 13.16 -11.28 -44.06
CA TYR C 64 12.28 -11.10 -45.21
C TYR C 64 12.74 -11.86 -46.42
N ARG C 65 11.92 -12.80 -46.87
CA ARG C 65 12.25 -13.54 -48.07
C ARG C 65 11.02 -13.77 -48.94
N GLU C 66 11.26 -14.02 -50.22
CA GLU C 66 10.31 -14.74 -51.07
C GLU C 66 11.18 -15.86 -51.67
N VAL C 67 10.79 -17.14 -51.83
CA VAL C 67 9.59 -17.88 -51.47
C VAL C 67 8.46 -17.84 -52.51
N GLU C 68 8.54 -18.83 -53.39
CA GLU C 68 7.63 -19.03 -54.52
C GLU C 68 6.66 -20.13 -54.08
N ILE C 69 5.43 -19.73 -53.78
CA ILE C 69 4.42 -20.60 -53.21
C ILE C 69 3.14 -20.52 -54.05
N ASP C 70 2.72 -21.64 -54.64
CA ASP C 70 1.51 -21.65 -55.46
C ASP C 70 1.60 -20.57 -56.56
N GLY C 71 2.74 -20.52 -57.21
CA GLY C 71 2.92 -19.73 -58.41
C GLY C 71 3.17 -18.25 -58.18
N GLU C 72 3.30 -17.82 -56.93
CA GLU C 72 3.62 -16.43 -56.62
C GLU C 72 4.79 -16.27 -55.65
N MET C 73 5.42 -15.12 -55.70
CA MET C 73 6.40 -14.75 -54.69
C MET C 73 5.58 -14.19 -53.55
N LYS C 74 5.52 -14.97 -52.46
CA LYS C 74 4.88 -14.57 -51.20
C LYS C 74 5.96 -14.33 -50.17
N PRO C 75 5.65 -13.50 -49.17
CA PRO C 75 6.64 -13.20 -48.14
C PRO C 75 6.84 -14.40 -47.24
N PHE C 76 8.09 -14.57 -46.84
CA PHE C 76 8.45 -15.57 -45.88
C PHE C 76 9.23 -14.85 -44.84
N TYR C 77 8.61 -14.70 -43.67
CA TYR C 77 9.24 -14.12 -42.51
C TYR C 77 9.96 -15.20 -41.72
N ASN C 78 11.29 -15.23 -41.85
CA ASN C 78 12.16 -16.09 -41.07
C ASN C 78 12.55 -15.38 -39.77
N PHE C 79 12.10 -15.92 -38.64
CA PHE C 79 12.38 -15.32 -37.34
C PHE C 79 13.48 -16.03 -36.54
N THR C 80 14.11 -17.03 -37.15
CA THR C 80 15.11 -17.87 -36.48
C THR C 80 16.14 -17.03 -35.78
N TYR C 81 16.68 -16.08 -36.53
CA TYR C 81 17.75 -15.28 -36.00
C TYR C 81 17.27 -14.19 -35.03
N ILE C 82 16.23 -13.38 -35.30
CA ILE C 82 15.85 -12.37 -34.28
C ILE C 82 15.31 -13.05 -33.07
N ASP C 83 14.60 -14.16 -33.20
CA ASP C 83 14.18 -14.86 -32.00
C ASP C 83 15.36 -15.10 -31.09
N ARG C 84 16.48 -15.52 -31.70
CA ARG C 84 17.64 -15.89 -30.92
C ARG C 84 18.28 -14.61 -30.39
N ILE C 85 18.21 -13.56 -31.19
CA ILE C 85 18.86 -12.28 -30.89
C ILE C 85 18.17 -11.58 -29.74
N VAL C 86 16.85 -11.47 -29.84
CA VAL C 86 16.03 -10.74 -28.87
C VAL C 86 16.01 -11.54 -27.59
N ASP C 87 15.88 -12.87 -27.73
CA ASP C 87 15.97 -13.76 -26.58
C ASP C 87 17.18 -13.41 -25.75
N SER C 88 18.31 -13.35 -26.42
CA SER C 88 19.56 -13.13 -25.76
C SER C 88 19.54 -11.70 -25.19
N TYR C 89 18.98 -10.75 -25.91
CA TYR C 89 18.78 -9.43 -25.33
C TYR C 89 18.01 -9.49 -24.02
N LEU C 90 16.87 -10.15 -23.99
CA LEU C 90 16.09 -10.15 -22.76
C LEU C 90 16.77 -10.96 -21.67
N ALA C 91 17.60 -11.93 -22.03
CA ALA C 91 18.28 -12.76 -21.04
C ALA C 91 19.32 -11.95 -20.34
N LEU C 92 19.77 -10.89 -21.01
CA LEU C 92 20.70 -9.93 -20.42
C LEU C 92 20.01 -8.61 -20.00
N ASN C 93 18.70 -8.63 -19.82
CA ASN C 93 17.95 -7.48 -19.34
C ASN C 93 18.08 -6.23 -20.18
N ILE C 94 18.14 -6.44 -21.50
CA ILE C 94 18.12 -5.35 -22.44
C ILE C 94 16.98 -5.54 -23.42
N ARG C 95 16.26 -4.46 -23.70
CA ARG C 95 15.18 -4.53 -24.67
C ARG C 95 15.62 -3.82 -25.95
N PRO C 96 15.04 -4.24 -27.05
CA PRO C 96 15.34 -3.61 -28.32
C PRO C 96 14.67 -2.23 -28.44
N PHE C 97 15.50 -1.22 -28.68
CA PHE C 97 15.05 0.01 -29.33
C PHE C 97 15.14 -0.37 -30.80
N ILE C 98 14.01 -0.83 -31.32
CA ILE C 98 13.92 -1.36 -32.65
C ILE C 98 14.06 -0.25 -33.66
N GLU C 99 14.83 -0.56 -34.70
CA GLU C 99 15.00 0.33 -35.82
C GLU C 99 14.72 -0.43 -37.08
N PHE C 100 13.61 -0.08 -37.72
CA PHE C 100 13.16 -0.75 -38.90
C PHE C 100 14.00 -0.32 -40.06
N GLY C 101 15.05 -1.09 -40.31
CA GLY C 101 15.94 -0.94 -41.45
C GLY C 101 16.89 -2.13 -41.59
N PHE C 102 17.56 -2.26 -42.73
CA PHE C 102 17.38 -1.42 -43.88
C PHE C 102 16.45 -2.23 -44.76
N MET C 103 16.44 -2.00 -46.07
CA MET C 103 15.59 -2.73 -46.98
C MET C 103 16.06 -4.15 -47.14
N PRO C 104 15.18 -5.11 -46.95
CA PRO C 104 15.52 -6.45 -47.41
C PRO C 104 15.77 -6.37 -48.91
N LYS C 105 16.87 -7.00 -49.37
CA LYS C 105 17.21 -7.13 -50.80
C LYS C 105 16.01 -7.47 -51.68
N ALA C 106 15.18 -8.41 -51.24
CA ALA C 106 14.01 -8.80 -52.01
C ALA C 106 12.88 -7.78 -51.94
N LEU C 107 12.92 -6.84 -50.99
CA LEU C 107 11.91 -5.79 -50.91
C LEU C 107 12.36 -4.50 -51.57
N ALA C 108 13.62 -4.46 -51.94
CA ALA C 108 14.28 -3.25 -52.38
C ALA C 108 13.87 -2.90 -53.81
N SER C 109 13.85 -1.60 -54.07
CA SER C 109 13.43 -1.03 -55.35
C SER C 109 14.61 -0.61 -56.23
N GLY C 110 15.76 -0.39 -55.62
CA GLY C 110 17.02 -0.21 -56.31
C GLY C 110 18.16 -0.99 -55.65
N ASP C 111 19.36 -0.75 -56.15
CA ASP C 111 20.51 -1.55 -55.75
C ASP C 111 21.45 -0.87 -54.75
N GLN C 112 21.21 0.41 -54.46
CA GLN C 112 22.11 1.12 -53.61
C GLN C 112 22.19 0.40 -52.28
N THR C 113 23.41 0.09 -51.87
CA THR C 113 23.63 -0.36 -50.52
C THR C 113 24.50 0.61 -49.77
N VAL C 114 24.49 0.37 -48.45
CA VAL C 114 25.37 1.01 -47.52
C VAL C 114 26.11 -0.09 -46.77
N PHE C 115 27.35 0.24 -46.41
CA PHE C 115 28.24 -0.61 -45.63
C PHE C 115 28.80 -1.78 -46.41
N TYR C 116 29.81 -2.39 -45.80
CA TYR C 116 30.40 -3.66 -46.22
C TYR C 116 29.42 -4.80 -46.15
N TRP C 117 28.51 -4.78 -45.17
CA TRP C 117 27.45 -5.78 -45.10
C TRP C 117 26.30 -5.51 -46.02
N LYS C 118 26.36 -4.42 -46.77
CA LYS C 118 25.49 -4.20 -47.95
C LYS C 118 24.00 -4.14 -47.61
N GLY C 119 23.68 -3.41 -46.56
CA GLY C 119 22.29 -3.14 -46.26
C GLY C 119 21.72 -2.32 -47.41
N ASN C 120 20.57 -2.70 -47.89
CA ASN C 120 19.95 -1.96 -48.98
C ASN C 120 19.27 -0.68 -48.49
N VAL C 121 19.50 0.44 -49.18
CA VAL C 121 18.97 1.72 -48.73
C VAL C 121 17.93 2.35 -49.67
N THR C 122 17.23 1.52 -50.41
CA THR C 122 16.18 2.02 -51.29
C THR C 122 14.81 1.89 -50.64
N PRO C 123 13.85 2.70 -51.09
CA PRO C 123 12.44 2.50 -50.69
C PRO C 123 11.99 1.09 -50.98
N PRO C 124 11.00 0.60 -50.27
CA PRO C 124 10.39 -0.66 -50.66
C PRO C 124 9.89 -0.53 -52.08
N LYS C 125 9.96 -1.62 -52.85
CA LYS C 125 9.39 -1.64 -54.21
C LYS C 125 7.86 -1.60 -54.12
N ASP C 126 7.35 -1.89 -52.94
CA ASP C 126 5.93 -1.95 -52.67
C ASP C 126 5.76 -1.61 -51.19
N TYR C 127 5.11 -0.49 -50.89
CA TYR C 127 4.94 -0.03 -49.52
C TYR C 127 3.96 -0.88 -48.74
N ASN C 128 3.09 -1.58 -49.42
CA ASN C 128 2.14 -2.50 -48.75
C ASN C 128 2.89 -3.67 -48.13
N LYS C 129 3.89 -4.17 -48.86
CA LYS C 129 4.69 -5.30 -48.40
C LYS C 129 5.62 -4.87 -47.27
N TRP C 130 6.10 -3.64 -47.35
CA TRP C 130 6.83 -3.07 -46.24
C TRP C 130 5.91 -3.00 -45.01
N ARG C 131 4.68 -2.49 -45.20
CA ARG C 131 3.68 -2.51 -44.13
C ARG C 131 3.51 -3.90 -43.52
N ASP C 132 3.27 -4.90 -44.37
CA ASP C 132 3.10 -6.28 -43.92
C ASP C 132 4.33 -6.84 -43.23
N LEU C 133 5.50 -6.46 -43.69
CA LEU C 133 6.76 -6.78 -42.98
C LEU C 133 6.71 -6.29 -41.55
N ILE C 134 6.36 -5.01 -41.37
CA ILE C 134 6.36 -4.37 -40.05
C ILE C 134 5.34 -5.05 -39.23
N VAL C 135 4.14 -5.18 -39.75
CA VAL C 135 3.08 -5.92 -39.06
C VAL C 135 3.50 -7.33 -38.68
N ALA C 136 4.11 -8.05 -39.60
CA ALA C 136 4.64 -9.40 -39.35
C ALA C 136 5.65 -9.43 -38.20
N VAL C 137 6.66 -8.58 -38.31
CA VAL C 137 7.72 -8.51 -37.31
C VAL C 137 7.16 -8.10 -35.96
N VAL C 138 6.29 -7.09 -35.95
CA VAL C 138 5.83 -6.54 -34.67
C VAL C 138 4.88 -7.52 -34.06
N SER C 139 4.05 -8.09 -34.90
CA SER C 139 3.14 -9.15 -34.46
C SER C 139 3.97 -10.27 -33.88
N HIS C 140 5.01 -10.68 -34.61
CA HIS C 140 5.80 -11.82 -34.19
C HIS C 140 6.36 -11.60 -32.81
N PHE C 141 6.96 -10.43 -32.60
CA PHE C 141 7.49 -10.04 -31.34
C PHE C 141 6.48 -10.21 -30.24
N ILE C 142 5.30 -9.67 -30.46
CA ILE C 142 4.18 -9.80 -29.52
C ILE C 142 3.81 -11.25 -29.28
N GLU C 143 3.73 -12.04 -30.34
CA GLU C 143 3.43 -13.47 -30.16
C GLU C 143 4.50 -14.21 -29.31
N ARG C 144 5.76 -13.76 -29.33
CA ARG C 144 6.85 -14.43 -28.62
C ARG C 144 7.13 -13.87 -27.21
N TYR C 145 6.99 -12.57 -27.06
CA TYR C 145 7.36 -11.90 -25.82
C TYR C 145 6.17 -11.45 -25.00
N GLY C 146 4.97 -11.56 -25.58
CA GLY C 146 3.76 -11.03 -24.98
C GLY C 146 3.67 -9.51 -25.12
N ILE C 147 2.46 -9.01 -25.29
CA ILE C 147 2.20 -7.60 -25.53
C ILE C 147 2.74 -6.66 -24.43
N GLU C 148 2.65 -7.07 -23.15
CA GLU C 148 3.11 -6.23 -22.02
C GLU C 148 4.61 -5.97 -22.10
N GLU C 149 5.34 -6.93 -22.63
CA GLU C 149 6.78 -6.78 -22.89
C GLU C 149 7.04 -5.86 -24.10
N VAL C 150 6.46 -6.17 -25.24
CA VAL C 150 6.72 -5.39 -26.48
C VAL C 150 6.32 -3.89 -26.36
N ARG C 151 5.29 -3.58 -25.56
CA ARG C 151 4.86 -2.23 -25.32
C ARG C 151 5.90 -1.35 -24.65
N THR C 152 6.87 -1.99 -23.98
CA THR C 152 7.98 -1.28 -23.39
C THR C 152 9.07 -0.97 -24.40
N TRP C 153 9.01 -1.56 -25.58
CA TRP C 153 10.02 -1.33 -26.60
C TRP C 153 9.77 0.00 -27.30
N LEU C 154 10.75 0.47 -28.05
CA LEU C 154 10.58 1.64 -28.89
C LEU C 154 10.83 1.25 -30.34
N PHE C 155 10.29 2.03 -31.27
CA PHE C 155 10.32 1.70 -32.68
C PHE C 155 10.66 2.92 -33.55
N GLU C 156 11.89 2.92 -34.07
CA GLU C 156 12.40 4.00 -34.88
C GLU C 156 12.37 3.58 -36.31
N VAL C 157 11.90 4.45 -37.18
CA VAL C 157 11.70 4.07 -38.57
C VAL C 157 12.91 4.50 -39.33
N TRP C 158 13.72 3.54 -39.70
CA TRP C 158 14.81 3.80 -40.62
C TRP C 158 15.91 4.57 -39.90
N ASN C 159 17.01 4.75 -40.62
CA ASN C 159 18.16 5.40 -40.10
C ASN C 159 18.67 6.44 -41.06
N ALA C 160 18.77 7.66 -40.55
CA ALA C 160 19.43 8.77 -41.22
C ALA C 160 18.91 9.02 -42.63
N PRO C 161 17.59 9.13 -42.77
CA PRO C 161 17.01 9.32 -44.09
C PRO C 161 17.53 10.58 -44.75
N ASN C 162 18.01 11.57 -43.98
CA ASN C 162 18.58 12.78 -44.56
C ASN C 162 19.95 12.63 -45.23
N LEU C 163 20.61 11.50 -45.04
CA LEU C 163 21.84 11.17 -45.75
C LEU C 163 21.55 10.27 -46.93
N VAL C 164 22.28 10.51 -48.02
CA VAL C 164 22.11 9.80 -49.27
C VAL C 164 22.65 8.36 -49.16
N ASN C 165 23.62 8.15 -48.28
CA ASN C 165 24.20 6.81 -48.07
C ASN C 165 23.20 5.84 -47.49
N PHE C 166 22.28 6.34 -46.68
CA PHE C 166 21.31 5.53 -45.96
C PHE C 166 19.93 5.51 -46.57
N TRP C 167 19.64 6.45 -47.45
CA TRP C 167 18.32 6.53 -48.03
C TRP C 167 18.43 7.11 -49.46
N LYS C 168 17.97 6.38 -50.47
CA LYS C 168 18.00 6.89 -51.86
C LYS C 168 17.67 8.38 -51.90
N ASP C 169 18.62 9.17 -52.42
CA ASP C 169 18.46 10.62 -52.66
C ASP C 169 18.24 11.47 -51.40
N ALA C 170 18.35 10.85 -50.24
CA ALA C 170 17.89 11.46 -49.00
C ALA C 170 16.50 12.08 -49.22
N ASN C 171 15.62 11.29 -49.84
CA ASN C 171 14.32 11.75 -50.26
C ASN C 171 13.42 11.93 -49.04
N LYS C 172 13.22 13.18 -48.62
CA LYS C 172 12.44 13.53 -47.40
C LYS C 172 10.98 13.12 -47.49
N GLN C 173 10.35 13.41 -48.62
CA GLN C 173 8.94 13.10 -48.82
C GLN C 173 8.71 11.59 -48.88
N GLU C 174 9.68 10.88 -49.45
CA GLU C 174 9.64 9.43 -49.51
C GLU C 174 9.91 8.84 -48.12
N TYR C 175 10.67 9.54 -47.29
CA TYR C 175 10.95 9.00 -45.98
C TYR C 175 9.72 9.17 -45.09
N PHE C 176 9.03 10.31 -45.23
CA PHE C 176 7.79 10.56 -44.50
C PHE C 176 6.76 9.54 -44.90
N LYS C 177 6.65 9.25 -46.19
CA LYS C 177 5.83 8.16 -46.66
C LYS C 177 6.18 6.88 -45.91
N LEU C 178 7.48 6.53 -45.88
CA LEU C 178 7.92 5.31 -45.22
C LEU C 178 7.55 5.36 -43.76
N TYR C 179 7.66 6.55 -43.16
CA TYR C 179 7.48 6.70 -41.74
C TYR C 179 6.04 6.53 -41.44
N GLU C 180 5.18 7.21 -42.20
CA GLU C 180 3.72 7.06 -42.07
C GLU C 180 3.28 5.61 -42.23
N VAL C 181 3.77 4.93 -43.24
CA VAL C 181 3.35 3.57 -43.48
C VAL C 181 3.69 2.75 -42.27
N THR C 182 4.90 2.96 -41.75
CA THR C 182 5.50 2.12 -40.72
C THR C 182 4.82 2.36 -39.37
N ALA C 183 4.64 3.65 -39.07
CA ALA C 183 4.07 4.15 -37.83
C ALA C 183 2.62 3.69 -37.67
N ARG C 184 1.88 3.70 -38.76
CA ARG C 184 0.53 3.18 -38.74
C ARG C 184 0.50 1.67 -38.68
N ALA C 185 1.47 1.02 -39.29
CA ALA C 185 1.53 -0.43 -39.32
C ALA C 185 1.80 -0.90 -37.89
N VAL C 186 2.77 -0.28 -37.25
CA VAL C 186 3.06 -0.55 -35.86
C VAL C 186 1.81 -0.34 -35.03
N LYS C 187 1.18 0.82 -35.18
CA LYS C 187 0.06 1.20 -34.36
C LYS C 187 -1.13 0.32 -34.64
N SER C 188 -1.21 -0.19 -35.87
CA SER C 188 -2.30 -1.10 -36.29
C SER C 188 -2.21 -2.38 -35.48
N VAL C 189 -1.03 -2.65 -34.93
CA VAL C 189 -0.82 -3.88 -34.17
C VAL C 189 -1.12 -3.63 -32.72
N ASP C 190 -0.60 -2.52 -32.22
CA ASP C 190 -0.92 -2.10 -30.90
C ASP C 190 -0.68 -0.61 -30.78
N PRO C 191 -1.69 0.10 -30.33
CA PRO C 191 -1.61 1.55 -30.23
C PRO C 191 -0.62 2.06 -29.17
N HIS C 192 -0.21 1.22 -28.22
CA HIS C 192 0.81 1.63 -27.27
C HIS C 192 2.21 1.64 -27.85
N LEU C 193 2.43 0.96 -28.96
CA LEU C 193 3.78 0.78 -29.47
C LEU C 193 4.35 2.09 -29.91
N GLN C 194 5.40 2.50 -29.20
CA GLN C 194 5.94 3.85 -29.32
C GLN C 194 6.78 3.96 -30.58
N VAL C 195 6.28 4.69 -31.56
CA VAL C 195 6.94 4.77 -32.83
C VAL C 195 7.42 6.18 -33.07
N GLY C 196 8.46 6.32 -33.87
CA GLY C 196 9.14 7.59 -33.93
C GLY C 196 10.19 7.67 -34.99
N GLY C 197 10.53 8.89 -35.38
CA GLY C 197 11.60 9.17 -36.29
C GLY C 197 12.08 10.58 -35.97
N PRO C 198 12.68 11.29 -36.92
CA PRO C 198 13.04 10.76 -38.24
C PRO C 198 14.42 10.08 -38.31
N ALA C 199 15.01 9.74 -37.16
CA ALA C 199 16.33 9.09 -37.10
C ALA C 199 17.44 9.80 -37.90
N ILE C 200 17.28 11.09 -38.12
CA ILE C 200 18.20 11.83 -38.96
C ILE C 200 19.54 12.00 -38.29
N CYS C 201 20.59 11.92 -39.08
CA CYS C 201 21.88 12.44 -38.66
C CYS C 201 21.80 13.95 -38.58
N GLY C 202 22.86 14.58 -38.08
CA GLY C 202 22.88 16.02 -37.93
C GLY C 202 23.11 16.71 -39.25
N GLY C 203 23.01 18.04 -39.21
CA GLY C 203 23.31 18.90 -40.35
C GLY C 203 22.06 19.40 -41.06
N SER C 204 20.89 19.02 -40.55
CA SER C 204 19.70 19.07 -41.39
C SER C 204 18.41 18.97 -40.57
N ASP C 205 18.34 19.81 -39.54
CA ASP C 205 17.31 19.66 -38.50
C ASP C 205 15.95 20.19 -38.88
N GLU C 206 15.84 20.91 -39.99
CA GLU C 206 14.54 21.21 -40.60
C GLU C 206 13.76 19.91 -40.91
N TRP C 207 14.48 18.81 -41.03
CA TRP C 207 13.85 17.50 -41.11
C TRP C 207 13.00 17.18 -39.90
N ILE C 208 13.42 17.62 -38.71
CA ILE C 208 12.56 17.41 -37.55
C ILE C 208 11.28 18.22 -37.72
N THR C 209 11.46 19.52 -37.90
CA THR C 209 10.35 20.45 -38.16
C THR C 209 9.38 19.96 -39.22
N ASP C 210 9.90 19.50 -40.34
CA ASP C 210 9.08 19.08 -41.47
C ASP C 210 8.41 17.76 -41.14
N PHE C 211 9.17 16.86 -40.53
CA PHE C 211 8.68 15.56 -40.14
C PHE C 211 7.48 15.65 -39.20
N LEU C 212 7.60 16.53 -38.22
CA LEU C 212 6.51 16.81 -37.32
C LEU C 212 5.41 17.61 -38.01
N HIS C 213 5.74 18.49 -38.95
CA HIS C 213 4.66 19.18 -39.68
C HIS C 213 3.88 18.11 -40.45
N PHE C 214 4.60 17.21 -41.08
CA PHE C 214 4.02 16.12 -41.85
C PHE C 214 3.04 15.29 -41.02
N CYS C 215 3.47 14.95 -39.80
CA CYS C 215 2.71 14.13 -38.88
C CYS C 215 1.46 14.84 -38.32
N ALA C 216 1.58 16.13 -38.02
CA ALA C 216 0.42 16.91 -37.59
C ALA C 216 -0.59 16.96 -38.72
N GLU C 217 -0.11 17.30 -39.90
CA GLU C 217 -0.99 17.54 -41.03
C GLU C 217 -1.79 16.28 -41.39
N ARG C 218 -1.14 15.14 -41.35
CA ARG C 218 -1.76 13.89 -41.79
C ARG C 218 -2.09 13.01 -40.62
N ARG C 219 -2.02 13.59 -39.41
CA ARG C 219 -2.43 12.91 -38.19
C ARG C 219 -1.77 11.52 -38.14
N VAL C 220 -0.46 11.53 -38.40
CA VAL C 220 0.41 10.36 -38.37
C VAL C 220 0.93 10.21 -36.93
N PRO C 221 0.74 9.04 -36.32
CA PRO C 221 1.13 8.86 -34.92
C PRO C 221 2.64 8.96 -34.75
N VAL C 222 3.06 9.81 -33.83
CA VAL C 222 4.46 9.91 -33.47
C VAL C 222 4.54 10.00 -31.98
N ASP C 223 5.35 9.13 -31.43
CA ASP C 223 5.47 9.06 -30.01
C ASP C 223 6.81 9.58 -29.52
N PHE C 224 7.75 9.78 -30.44
CA PHE C 224 9.03 10.39 -30.12
C PHE C 224 9.76 10.82 -31.37
N VAL C 225 10.66 11.76 -31.13
CA VAL C 225 11.57 12.21 -32.14
C VAL C 225 12.91 11.54 -31.88
N SER C 226 13.58 11.22 -32.97
CA SER C 226 14.83 10.53 -32.89
C SER C 226 15.83 11.22 -33.79
N ARG C 227 17.07 11.17 -33.35
CA ARG C 227 18.12 11.90 -34.00
C ARG C 227 19.50 11.37 -33.63
N HIS C 228 20.41 11.45 -34.58
CA HIS C 228 21.79 11.13 -34.29
C HIS C 228 22.54 12.38 -33.92
N ALA C 229 23.63 12.17 -33.23
CA ALA C 229 24.43 13.28 -32.81
C ALA C 229 25.90 12.88 -32.81
N TYR C 230 26.64 13.49 -33.71
CA TYR C 230 28.08 13.38 -33.65
C TYR C 230 28.67 14.77 -33.65
N THR C 231 29.94 14.81 -33.33
CA THR C 231 30.67 16.03 -33.29
C THR C 231 31.92 15.97 -34.12
N SER C 232 32.10 14.91 -34.94
CA SER C 232 33.26 14.82 -35.85
C SER C 232 33.00 15.36 -37.27
N LYS C 233 33.95 16.14 -37.76
CA LYS C 233 33.95 16.54 -39.16
C LYS C 233 34.32 15.36 -40.07
N ALA C 234 34.08 15.52 -41.37
CA ALA C 234 34.43 14.49 -42.33
C ALA C 234 35.93 14.18 -42.24
N PRO C 235 36.27 12.92 -42.48
CA PRO C 235 37.68 12.49 -42.46
C PRO C 235 38.58 13.40 -43.28
N HIS C 236 39.67 13.84 -42.65
CA HIS C 236 40.67 14.61 -43.32
C HIS C 236 41.82 13.72 -43.75
N LYS C 237 41.92 12.53 -43.17
CA LYS C 237 42.98 11.58 -43.51
C LYS C 237 42.42 10.18 -43.47
N LYS C 238 42.59 9.43 -44.55
CA LYS C 238 42.26 8.01 -44.60
C LYS C 238 43.51 7.19 -44.79
N THR C 239 43.70 6.16 -43.96
CA THR C 239 44.46 4.99 -44.41
C THR C 239 43.49 3.92 -44.93
N PHE C 240 44.01 2.78 -45.35
CA PHE C 240 43.21 1.65 -45.82
C PHE C 240 42.40 1.01 -44.72
N GLU C 241 42.69 1.41 -43.49
CA GLU C 241 42.01 0.89 -42.32
C GLU C 241 41.53 1.95 -41.36
N TYR C 242 41.80 3.24 -41.60
CA TYR C 242 41.34 4.25 -40.67
C TYR C 242 40.71 5.46 -41.37
N TYR C 243 39.75 6.09 -40.67
CA TYR C 243 39.31 7.46 -40.95
C TYR C 243 39.71 8.26 -39.75
N TYR C 244 40.49 9.30 -39.98
CA TYR C 244 40.86 10.22 -38.93
C TYR C 244 40.00 11.47 -39.10
N GLN C 245 39.54 12.04 -37.99
CA GLN C 245 38.57 13.11 -38.01
C GLN C 245 38.83 14.03 -36.89
N GLU C 246 38.58 15.31 -37.15
CA GLU C 246 38.63 16.34 -36.13
C GLU C 246 37.28 16.35 -35.47
N LEU C 247 37.26 16.80 -34.23
CA LEU C 247 36.09 16.72 -33.38
C LEU C 247 35.74 18.10 -32.90
N GLU C 248 34.45 18.40 -32.91
CA GLU C 248 33.95 19.60 -32.26
C GLU C 248 33.95 19.27 -30.76
N PRO C 249 34.02 20.30 -29.91
CA PRO C 249 33.94 20.06 -28.47
C PRO C 249 32.57 19.49 -28.10
N PRO C 250 32.45 18.87 -26.94
CA PRO C 250 31.14 18.32 -26.55
C PRO C 250 30.03 19.37 -26.37
N GLU C 251 30.32 20.64 -26.08
CA GLU C 251 29.22 21.61 -26.02
C GLU C 251 28.43 21.52 -27.32
N ASP C 252 29.14 21.30 -28.42
CA ASP C 252 28.52 21.19 -29.74
C ASP C 252 27.48 20.10 -29.81
N MET C 253 27.79 18.96 -29.23
CA MET C 253 26.79 17.93 -29.15
C MET C 253 25.63 18.33 -28.25
N LEU C 254 25.90 18.94 -27.12
CA LEU C 254 24.82 19.31 -26.20
C LEU C 254 23.96 20.41 -26.81
N GLU C 255 24.55 21.22 -27.69
CA GLU C 255 23.81 22.28 -28.35
C GLU C 255 22.88 21.64 -29.40
N GLN C 256 23.33 20.56 -30.04
CA GLN C 256 22.52 19.74 -30.93
C GLN C 256 21.29 19.23 -30.16
N PHE C 257 21.51 18.72 -28.95
CA PHE C 257 20.46 18.20 -28.10
C PHE C 257 19.45 19.28 -27.74
N LYS C 258 19.97 20.39 -27.24
CA LYS C 258 19.19 21.53 -26.79
C LYS C 258 18.35 22.04 -27.95
N THR C 259 18.97 22.13 -29.11
CA THR C 259 18.42 22.80 -30.29
C THR C 259 17.30 21.99 -30.93
N VAL C 260 17.42 20.65 -30.85
CA VAL C 260 16.44 19.75 -31.41
C VAL C 260 15.26 19.63 -30.46
N ARG C 261 15.54 19.63 -29.16
CA ARG C 261 14.46 19.75 -28.19
C ARG C 261 13.63 21.01 -28.40
N ALA C 262 14.27 22.11 -28.80
CA ALA C 262 13.57 23.38 -28.96
C ALA C 262 12.71 23.35 -30.22
N LEU C 263 13.20 22.69 -31.25
CA LEU C 263 12.42 22.48 -32.46
C LEU C 263 11.19 21.62 -32.15
N ILE C 264 11.30 20.69 -31.21
CA ILE C 264 10.14 19.91 -30.78
C ILE C 264 9.15 20.76 -29.96
N ARG C 265 9.63 21.68 -29.13
CA ARG C 265 8.70 22.50 -28.35
C ARG C 265 7.96 23.53 -29.26
N GLN C 266 8.60 23.96 -30.36
CA GLN C 266 8.00 24.85 -31.36
C GLN C 266 6.94 24.13 -32.19
N SER C 267 6.95 22.80 -32.18
CA SER C 267 6.19 22.01 -33.16
C SER C 267 4.76 21.69 -32.70
N PRO C 268 3.98 21.04 -33.56
CA PRO C 268 2.62 20.66 -33.16
C PRO C 268 2.56 19.55 -32.12
N PHE C 269 3.70 18.91 -31.86
CA PHE C 269 3.82 17.91 -30.82
C PHE C 269 4.87 18.36 -29.78
N PRO C 270 4.58 19.42 -29.03
CA PRO C 270 5.63 20.02 -28.19
C PRO C 270 6.20 19.12 -27.07
N HIS C 271 5.47 18.08 -26.70
CA HIS C 271 5.81 17.30 -25.51
C HIS C 271 6.48 15.97 -25.88
N LEU C 272 6.84 15.79 -27.15
CA LEU C 272 7.37 14.49 -27.62
C LEU C 272 8.73 14.21 -27.02
N PRO C 273 8.93 12.97 -26.54
CA PRO C 273 10.28 12.50 -26.16
C PRO C 273 11.33 12.69 -27.27
N LEU C 274 12.56 13.03 -26.89
CA LEU C 274 13.68 13.05 -27.82
C LEU C 274 14.65 11.94 -27.43
N HIS C 275 14.86 10.98 -28.34
CA HIS C 275 15.83 9.89 -28.13
C HIS C 275 16.90 10.12 -29.15
N ILE C 276 18.10 10.37 -28.67
CA ILE C 276 19.27 10.47 -29.52
C ILE C 276 19.77 9.06 -29.64
N THR C 277 19.56 8.48 -30.80
CA THR C 277 19.71 7.05 -30.95
C THR C 277 21.08 6.60 -31.50
N GLU C 278 22.00 7.53 -31.78
CA GLU C 278 23.44 7.22 -31.98
C GLU C 278 24.19 8.46 -31.62
N TYR C 279 25.03 8.43 -30.61
CA TYR C 279 26.00 9.48 -30.53
C TYR C 279 27.35 8.89 -30.26
N ASN C 280 28.34 9.60 -30.72
CA ASN C 280 29.71 9.36 -30.32
C ASN C 280 30.43 10.62 -30.68
N THR C 281 31.71 10.64 -30.44
CA THR C 281 32.56 11.68 -31.02
C THR C 281 32.55 11.56 -32.53
N SER C 282 33.24 10.57 -33.05
CA SER C 282 33.33 10.33 -34.47
C SER C 282 32.27 9.33 -34.91
N TYR C 283 31.81 9.47 -36.16
CA TYR C 283 30.79 8.58 -36.73
C TYR C 283 31.42 7.50 -37.63
N SER C 284 32.73 7.35 -37.53
CA SER C 284 33.42 6.32 -38.26
C SER C 284 33.78 5.22 -37.28
N PRO C 285 33.47 3.97 -37.67
CA PRO C 285 33.90 2.79 -36.95
C PRO C 285 35.36 2.40 -37.17
N ILE C 286 36.14 3.25 -37.84
CA ILE C 286 37.59 3.05 -37.89
C ILE C 286 38.36 4.34 -37.61
N ASN C 287 37.79 5.16 -36.74
CA ASN C 287 38.51 6.26 -36.12
C ASN C 287 39.09 5.76 -34.80
N PRO C 288 40.42 5.66 -34.70
CA PRO C 288 41.08 5.26 -33.44
C PRO C 288 40.72 6.09 -32.21
N VAL C 289 40.05 7.22 -32.40
CA VAL C 289 39.69 8.08 -31.29
C VAL C 289 38.78 7.38 -30.31
N HIS C 290 37.96 6.48 -30.83
CA HIS C 290 37.04 5.72 -30.02
C HIS C 290 37.75 4.89 -28.97
N ASP C 291 38.99 4.46 -29.29
CA ASP C 291 39.81 3.64 -28.42
C ASP C 291 40.57 4.35 -27.32
N THR C 292 40.55 5.66 -27.38
CA THR C 292 41.40 6.45 -26.52
C THR C 292 40.70 6.84 -25.23
N ALA C 293 41.49 7.44 -24.35
CA ALA C 293 40.97 7.99 -23.11
C ALA C 293 40.26 9.29 -23.40
N LEU C 294 40.63 9.99 -24.49
CA LEU C 294 39.93 11.23 -24.87
C LEU C 294 38.46 10.96 -25.16
N ASN C 295 38.16 9.80 -25.71
CA ASN C 295 36.78 9.48 -26.00
C ASN C 295 35.99 9.42 -24.73
N ALA C 296 36.55 8.75 -23.74
CA ALA C 296 35.97 8.66 -22.42
C ALA C 296 35.69 10.01 -21.80
N ALA C 297 36.72 10.81 -21.66
CA ALA C 297 36.64 12.16 -21.12
C ALA C 297 35.66 13.06 -21.86
N TYR C 298 35.62 12.92 -23.18
CA TYR C 298 34.70 13.66 -24.00
C TYR C 298 33.28 13.29 -23.60
N ILE C 299 32.99 12.00 -23.64
CA ILE C 299 31.63 11.51 -23.52
C ILE C 299 31.11 11.65 -22.10
N ALA C 300 32.00 11.76 -21.12
CA ALA C 300 31.55 11.94 -19.75
C ALA C 300 30.73 13.26 -19.59
N ARG C 301 31.09 14.31 -20.33
CA ARG C 301 30.30 15.56 -20.29
C ARG C 301 28.94 15.31 -20.86
N ILE C 302 28.90 14.48 -21.89
CA ILE C 302 27.63 14.13 -22.51
C ILE C 302 26.80 13.30 -21.53
N LEU C 303 27.42 12.41 -20.78
CA LEU C 303 26.68 11.66 -19.79
C LEU C 303 26.12 12.61 -18.72
N SER C 304 26.98 13.52 -18.25
CA SER C 304 26.63 14.53 -17.29
C SER C 304 25.37 15.35 -17.66
N GLU C 305 25.23 15.75 -18.92
CA GLU C 305 24.25 16.80 -19.28
C GLU C 305 23.19 16.47 -20.34
N GLY C 306 23.44 15.45 -21.13
CA GLY C 306 22.55 15.06 -22.20
C GLY C 306 21.10 14.89 -21.75
N GLY C 307 20.90 14.31 -20.58
CA GLY C 307 19.59 14.08 -20.01
C GLY C 307 18.74 15.31 -19.72
N ASP C 308 19.40 16.45 -19.60
CA ASP C 308 18.73 17.74 -19.41
C ASP C 308 17.88 18.11 -20.59
N TYR C 309 18.31 17.67 -21.78
CA TYR C 309 17.71 18.04 -23.06
C TYR C 309 16.94 16.90 -23.75
N VAL C 310 17.34 15.66 -23.49
CA VAL C 310 16.85 14.49 -24.22
C VAL C 310 16.48 13.38 -23.25
N ASP C 311 15.49 12.57 -23.62
CA ASP C 311 15.06 11.41 -22.82
C ASP C 311 16.02 10.25 -22.86
N SER C 312 16.76 10.17 -23.95
CA SER C 312 17.84 9.21 -24.01
C SER C 312 18.86 9.62 -25.03
N PHE C 313 20.06 9.11 -24.83
CA PHE C 313 21.10 9.29 -25.79
C PHE C 313 21.96 8.05 -25.77
N SER C 314 22.08 7.46 -26.94
CA SER C 314 22.44 6.07 -27.02
C SER C 314 23.81 6.00 -27.61
N TYR C 315 24.78 5.59 -26.80
CA TYR C 315 26.14 5.55 -27.24
C TYR C 315 26.35 4.47 -28.30
N TRP C 316 26.68 4.94 -29.49
CA TRP C 316 27.09 4.12 -30.58
C TRP C 316 28.57 3.79 -30.43
N THR C 317 28.96 2.62 -29.92
CA THR C 317 28.12 1.43 -29.64
C THR C 317 28.62 0.81 -28.37
N PHE C 318 28.00 -0.28 -27.94
CA PHE C 318 28.48 -0.94 -26.73
C PHE C 318 29.70 -1.82 -26.94
N SER C 319 30.05 -2.08 -28.21
CA SER C 319 30.96 -3.18 -28.57
C SER C 319 31.60 -2.95 -29.93
N ASP C 320 32.84 -3.41 -30.06
CA ASP C 320 33.56 -3.33 -31.31
C ASP C 320 33.09 -4.42 -32.22
N VAL C 321 32.19 -5.29 -31.74
CA VAL C 321 31.58 -6.24 -32.63
C VAL C 321 30.73 -5.38 -33.59
N PHE C 322 31.26 -5.29 -34.81
CA PHE C 322 30.84 -4.32 -35.79
C PHE C 322 31.48 -4.67 -37.10
N GLU C 323 30.92 -4.18 -38.19
CA GLU C 323 31.34 -4.60 -39.53
C GLU C 323 31.00 -3.62 -40.66
N GLU C 324 30.43 -2.48 -40.34
CA GLU C 324 30.08 -1.48 -41.33
C GLU C 324 31.24 -1.17 -42.24
N MET C 325 32.46 -1.22 -41.70
CA MET C 325 33.66 -1.03 -42.50
C MET C 325 34.56 -2.25 -42.45
N ASP C 326 33.95 -3.42 -42.60
CA ASP C 326 34.60 -4.71 -42.66
C ASP C 326 35.01 -5.13 -41.26
N VAL C 327 35.63 -6.29 -41.17
CA VAL C 327 36.00 -6.89 -39.92
C VAL C 327 37.18 -6.14 -39.41
N PRO C 328 37.17 -5.84 -38.10
CA PRO C 328 38.27 -5.21 -37.40
C PRO C 328 39.66 -5.67 -37.83
N LYS C 329 40.47 -4.73 -38.25
CA LYS C 329 41.76 -5.09 -38.86
C LYS C 329 42.83 -5.22 -37.80
N ALA C 330 42.50 -4.94 -36.56
CA ALA C 330 43.45 -5.02 -35.45
C ALA C 330 42.63 -4.86 -34.22
N LEU C 331 43.18 -5.26 -33.06
CA LEU C 331 42.44 -5.27 -31.82
C LEU C 331 41.85 -3.91 -31.60
N PHE C 332 42.67 -2.89 -31.47
CA PHE C 332 42.18 -1.52 -31.45
C PHE C 332 42.25 -0.94 -32.88
N HIS C 333 41.08 -0.73 -33.48
CA HIS C 333 40.94 -0.38 -34.90
C HIS C 333 40.03 0.82 -35.09
N GLY C 334 39.65 1.49 -34.01
CA GLY C 334 38.85 2.71 -34.09
C GLY C 334 37.35 2.48 -34.06
N GLY C 335 36.96 1.33 -33.53
CA GLY C 335 35.58 0.88 -33.44
C GLY C 335 34.83 1.70 -32.43
N PHE C 336 33.51 1.74 -32.60
CA PHE C 336 32.65 2.54 -31.74
C PHE C 336 32.52 2.00 -30.34
N GLY C 337 32.85 0.71 -30.19
CA GLY C 337 32.56 -0.03 -29.00
C GLY C 337 33.03 0.61 -27.71
N LEU C 338 32.17 0.59 -26.71
CA LEU C 338 32.60 0.67 -25.35
C LEU C 338 33.57 -0.47 -25.10
N VAL C 339 33.23 -1.65 -25.61
CA VAL C 339 34.02 -2.86 -25.39
C VAL C 339 34.80 -3.35 -26.65
N ALA C 340 36.12 -3.46 -26.52
CA ALA C 340 36.94 -3.98 -27.59
C ALA C 340 36.84 -5.48 -27.63
N LEU C 341 37.31 -6.09 -28.70
CA LEU C 341 37.24 -7.55 -28.80
C LEU C 341 38.03 -8.18 -27.65
N HIS C 342 37.66 -9.41 -27.36
CA HIS C 342 38.18 -10.14 -26.20
C HIS C 342 37.72 -9.51 -24.89
N SER C 343 36.59 -8.78 -24.92
CA SER C 343 35.99 -8.21 -23.72
C SER C 343 36.94 -7.30 -22.98
N ILE C 344 37.73 -6.56 -23.74
CA ILE C 344 38.63 -5.57 -23.15
C ILE C 344 37.90 -4.26 -23.05
N PRO C 345 37.62 -3.79 -21.85
CA PRO C 345 36.88 -2.52 -21.71
C PRO C 345 37.76 -1.43 -22.21
N LYS C 346 37.20 -0.48 -22.97
CA LYS C 346 37.93 0.68 -23.41
C LYS C 346 37.66 1.80 -22.42
N PRO C 347 38.49 2.84 -22.42
CA PRO C 347 38.30 3.94 -21.48
C PRO C 347 36.86 4.41 -21.39
N THR C 348 36.19 4.53 -22.53
CA THR C 348 34.83 5.04 -22.48
C THR C 348 33.89 4.10 -21.69
N PHE C 349 34.10 2.81 -21.79
CA PHE C 349 33.33 1.83 -21.01
C PHE C 349 33.35 2.23 -19.56
N HIS C 350 34.53 2.60 -19.12
CA HIS C 350 34.73 2.94 -17.73
C HIS C 350 34.01 4.23 -17.36
N ALA C 351 33.83 5.13 -18.31
CA ALA C 351 33.04 6.33 -18.07
C ALA C 351 31.61 5.94 -17.69
N PHE C 352 31.02 5.02 -18.45
CA PHE C 352 29.66 4.61 -18.16
C PHE C 352 29.56 3.98 -16.76
N THR C 353 30.51 3.11 -16.49
CA THR C 353 30.68 2.43 -15.21
C THR C 353 30.68 3.47 -14.09
N PHE C 354 31.38 4.58 -14.31
CA PHE C 354 31.55 5.59 -13.28
C PHE C 354 30.25 6.36 -13.06
N PHE C 355 29.54 6.65 -14.14
CA PHE C 355 28.18 7.21 -14.05
C PHE C 355 27.17 6.22 -13.46
N ASN C 356 27.48 4.94 -13.55
CA ASN C 356 26.60 3.92 -13.00
C ASN C 356 26.65 3.85 -11.49
N ALA C 357 27.69 4.46 -10.91
CA ALA C 357 27.86 4.54 -9.46
C ALA C 357 27.24 5.80 -8.84
N LEU C 358 26.84 6.76 -9.65
CA LEU C 358 26.26 8.02 -9.13
C LEU C 358 24.89 7.83 -8.50
N GLY C 359 24.53 8.71 -7.58
CA GLY C 359 23.23 8.75 -6.97
C GLY C 359 22.21 9.58 -7.73
N ASP C 360 20.95 9.47 -7.27
CA ASP C 360 19.82 10.27 -7.70
C ASP C 360 20.03 11.76 -7.39
N GLU C 361 20.32 12.06 -6.12
CA GLU C 361 20.37 13.44 -5.66
C GLU C 361 21.52 14.13 -6.36
N LEU C 362 21.20 15.07 -7.23
CA LEU C 362 22.23 15.87 -7.88
C LEU C 362 22.61 16.99 -6.92
N LEU C 363 23.77 16.87 -6.33
CA LEU C 363 24.27 17.87 -5.39
C LEU C 363 24.93 19.04 -6.10
N TYR C 364 25.82 18.72 -7.02
CA TYR C 364 26.50 19.76 -7.80
C TYR C 364 26.81 19.28 -9.20
N ARG C 365 26.89 20.21 -10.14
CA ARG C 365 27.33 19.90 -11.51
C ARG C 365 27.89 21.12 -12.24
N ASP C 366 29.01 20.94 -12.91
CA ASP C 366 29.46 21.86 -13.94
C ASP C 366 30.00 21.04 -15.09
N GLY C 367 30.62 21.70 -16.07
CA GLY C 367 31.06 21.03 -17.28
C GLY C 367 32.29 20.15 -17.14
N GLU C 368 32.75 19.86 -15.92
CA GLU C 368 33.80 18.84 -15.74
C GLU C 368 33.58 17.85 -14.59
N MET C 369 32.43 17.93 -13.95
CA MET C 369 32.14 17.03 -12.87
C MET C 369 30.66 16.98 -12.53
N ILE C 370 30.30 15.88 -11.89
CA ILE C 370 28.97 15.71 -11.34
C ILE C 370 29.14 15.07 -9.97
N VAL C 371 28.32 15.49 -9.03
CA VAL C 371 28.45 15.06 -7.65
C VAL C 371 27.05 14.76 -7.22
N THR C 372 26.86 13.62 -6.59
CA THR C 372 25.54 13.13 -6.31
C THR C 372 25.50 12.53 -4.94
N ARG C 373 24.34 12.52 -4.29
CA ARG C 373 24.19 11.79 -3.05
C ARG C 373 23.41 10.53 -3.32
N ARG C 374 23.91 9.42 -2.77
CA ARG C 374 23.24 8.14 -2.83
C ARG C 374 22.30 8.10 -1.63
N LYS C 375 21.39 7.13 -1.57
CA LYS C 375 20.35 7.11 -0.56
C LYS C 375 20.91 6.63 0.77
N ASP C 376 21.93 5.79 0.75
CA ASP C 376 22.60 5.40 2.00
C ASP C 376 23.32 6.61 2.62
N GLY C 377 23.43 7.68 1.83
CA GLY C 377 24.03 8.92 2.30
C GLY C 377 25.38 9.21 1.67
N SER C 378 25.98 8.20 1.02
CA SER C 378 27.31 8.33 0.44
C SER C 378 27.35 9.26 -0.78
N ILE C 379 28.51 9.85 -1.03
CA ILE C 379 28.71 10.68 -2.21
C ILE C 379 29.33 9.86 -3.34
N ALA C 380 28.94 10.19 -4.56
CA ALA C 380 29.55 9.62 -5.73
C ALA C 380 29.73 10.78 -6.70
N ALA C 381 30.97 11.03 -7.09
CA ALA C 381 31.34 12.10 -8.01
C ALA C 381 32.08 11.45 -9.14
N VAL C 382 31.75 11.86 -10.35
CA VAL C 382 32.57 11.54 -11.51
C VAL C 382 33.09 12.88 -12.00
N LEU C 383 34.37 12.92 -12.35
CA LEU C 383 35.02 14.08 -12.88
C LEU C 383 35.82 13.67 -14.11
N TRP C 384 35.87 14.56 -15.09
CA TRP C 384 36.60 14.30 -16.30
C TRP C 384 37.43 15.54 -16.65
N ASN C 385 38.58 15.30 -17.24
CA ASN C 385 39.39 16.37 -17.71
C ASN C 385 39.57 16.21 -19.21
N LEU C 386 38.57 16.63 -19.98
CA LEU C 386 38.65 16.55 -21.41
C LEU C 386 39.72 17.51 -21.82
N VAL C 387 40.63 17.05 -22.66
CA VAL C 387 41.67 17.90 -23.21
C VAL C 387 41.83 17.51 -24.66
N MET C 388 41.23 18.29 -25.53
CA MET C 388 41.27 18.01 -26.96
C MET C 388 42.55 18.47 -27.63
N GLU C 389 43.29 19.36 -26.99
CA GLU C 389 44.53 19.86 -27.57
C GLU C 389 45.61 18.77 -27.54
N LYS C 390 46.47 18.82 -28.56
CA LYS C 390 47.66 17.99 -28.60
C LYS C 390 48.61 18.48 -27.52
N GLY C 391 49.48 17.59 -27.04
CA GLY C 391 50.48 17.94 -26.04
C GLY C 391 50.39 17.12 -24.77
N GLU C 392 51.40 17.26 -23.92
CA GLU C 392 51.42 16.51 -22.67
C GLU C 392 51.37 17.47 -21.47
N GLY C 393 51.23 16.90 -20.27
CA GLY C 393 50.89 17.66 -19.07
C GLY C 393 49.38 17.88 -19.09
N LEU C 394 48.95 19.13 -18.96
CA LEU C 394 47.53 19.48 -19.09
C LEU C 394 46.71 18.80 -17.99
N THR C 395 47.12 19.06 -16.75
CA THR C 395 46.49 18.50 -15.54
C THR C 395 45.62 19.53 -14.81
N LYS C 396 44.34 19.18 -14.67
CA LYS C 396 43.37 19.96 -13.93
C LYS C 396 43.44 19.65 -12.43
N GLU C 397 43.64 20.67 -11.59
CA GLU C 397 43.40 20.56 -10.15
C GLU C 397 41.93 20.88 -9.86
N VAL C 398 41.38 20.24 -8.83
CA VAL C 398 39.97 20.36 -8.42
C VAL C 398 39.87 20.22 -6.91
N GLN C 399 39.34 21.24 -6.25
CA GLN C 399 39.19 21.24 -4.80
C GLN C 399 37.73 20.96 -4.46
N LEU C 400 37.41 19.74 -4.10
CA LEU C 400 36.05 19.41 -3.69
C LEU C 400 35.90 19.61 -2.19
N VAL C 401 34.80 20.23 -1.79
CA VAL C 401 34.50 20.44 -0.38
C VAL C 401 33.12 19.90 -0.18
N ILE C 402 33.04 18.84 0.63
CA ILE C 402 31.87 17.99 0.58
C ILE C 402 31.35 17.75 2.01
N PRO C 403 30.08 18.03 2.23
CA PRO C 403 29.46 17.75 3.52
C PRO C 403 29.18 16.26 3.61
N VAL C 404 29.45 15.71 4.78
CA VAL C 404 29.23 14.31 5.04
C VAL C 404 28.70 14.19 6.48
N SER C 405 27.59 13.47 6.61
CA SER C 405 26.92 13.29 7.91
C SER C 405 27.51 12.07 8.65
N GLU C 406 28.85 11.95 8.65
CA GLU C 406 29.50 10.66 8.89
C GLU C 406 30.71 10.70 9.83
N SER C 407 31.70 11.55 9.57
CA SER C 407 32.86 11.73 10.48
C SER C 407 34.07 10.79 10.20
N ALA C 408 33.80 9.56 9.78
CA ALA C 408 34.84 8.65 9.29
C ALA C 408 34.39 8.17 7.93
N VAL C 409 35.29 8.26 6.97
CA VAL C 409 34.94 8.22 5.57
C VAL C 409 35.93 7.32 4.83
N PHE C 410 35.39 6.47 3.96
CA PHE C 410 36.19 5.66 3.08
C PHE C 410 36.04 6.20 1.68
N ILE C 411 37.16 6.54 1.04
CA ILE C 411 37.14 7.09 -0.28
C ILE C 411 37.71 6.08 -1.23
N LYS C 412 36.96 5.80 -2.30
CA LYS C 412 37.45 4.97 -3.39
C LYS C 412 37.46 5.82 -4.66
N ARG C 413 38.66 6.00 -5.18
CA ARG C 413 38.84 6.66 -6.44
C ARG C 413 39.22 5.66 -7.49
N GLN C 414 38.59 5.77 -8.65
CA GLN C 414 38.93 4.97 -9.78
C GLN C 414 39.24 5.85 -10.93
N ILE C 415 40.34 5.55 -11.59
CA ILE C 415 40.75 6.43 -12.65
C ILE C 415 41.04 5.62 -13.89
N VAL C 416 40.63 6.19 -15.01
CA VAL C 416 41.10 5.78 -16.31
C VAL C 416 41.49 7.05 -16.98
N ASN C 417 42.61 6.98 -17.66
CA ASN C 417 43.22 8.13 -18.30
C ASN C 417 44.20 7.64 -19.35
N GLU C 418 45.27 8.39 -19.61
CA GLU C 418 46.19 8.03 -20.69
C GLU C 418 47.13 6.92 -20.30
N GLN C 419 47.24 6.70 -18.99
CA GLN C 419 48.08 5.64 -18.44
C GLN C 419 47.31 4.39 -18.02
N TYR C 420 46.36 4.57 -17.11
CA TYR C 420 45.58 3.48 -16.53
C TYR C 420 44.22 3.33 -17.20
N GLY C 421 43.65 2.15 -17.04
CA GLY C 421 42.41 1.79 -17.70
C GLY C 421 42.52 1.94 -19.19
N ASN C 422 43.71 1.78 -19.75
CA ASN C 422 43.95 2.13 -21.13
C ASN C 422 44.73 1.08 -21.86
N ALA C 423 44.01 0.11 -22.40
CA ALA C 423 44.67 -0.99 -23.08
C ALA C 423 45.23 -0.56 -24.43
N TRP C 424 44.76 0.54 -24.99
CA TRP C 424 45.26 1.05 -26.26
C TRP C 424 46.74 1.48 -26.19
N ARG C 425 47.07 2.32 -25.21
CA ARG C 425 48.47 2.70 -24.99
C ARG C 425 49.30 1.43 -24.90
N VAL C 426 48.82 0.40 -24.18
CA VAL C 426 49.65 -0.78 -23.90
C VAL C 426 49.76 -1.70 -25.12
N TRP C 427 48.69 -1.76 -25.88
CA TRP C 427 48.65 -2.42 -27.16
C TRP C 427 49.72 -1.85 -28.11
N LYS C 428 49.96 -0.55 -28.01
CA LYS C 428 50.96 0.10 -28.83
C LYS C 428 52.34 -0.34 -28.41
N GLN C 429 52.54 -0.45 -27.11
CA GLN C 429 53.83 -0.92 -26.59
C GLN C 429 54.09 -2.37 -26.97
N MET C 430 53.02 -3.15 -27.16
CA MET C 430 53.19 -4.54 -27.52
C MET C 430 53.59 -4.69 -28.97
N GLY C 431 53.66 -3.56 -29.70
CA GLY C 431 53.93 -3.56 -31.13
C GLY C 431 52.67 -3.46 -32.00
N ARG C 432 51.57 -2.99 -31.41
CA ARG C 432 50.32 -2.92 -32.12
C ARG C 432 50.02 -4.23 -32.81
N PRO C 433 50.01 -5.33 -32.07
CA PRO C 433 49.70 -6.60 -32.72
C PRO C 433 48.23 -6.51 -33.21
N ARG C 434 48.04 -6.80 -34.48
CA ARG C 434 46.69 -6.86 -35.01
C ARG C 434 45.92 -7.98 -34.34
N PHE C 435 46.57 -9.11 -34.22
CA PHE C 435 45.91 -10.35 -33.86
C PHE C 435 46.64 -10.92 -32.65
N PRO C 436 46.46 -10.27 -31.50
CA PRO C 436 47.29 -10.57 -30.34
C PRO C 436 47.00 -11.98 -29.83
N SER C 437 48.00 -12.55 -29.20
CA SER C 437 47.90 -13.84 -28.58
C SER C 437 47.03 -13.74 -27.31
N ARG C 438 46.67 -14.89 -26.76
CA ARG C 438 45.79 -14.94 -25.59
C ARG C 438 46.48 -14.24 -24.45
N GLN C 439 47.79 -14.35 -24.42
CA GLN C 439 48.62 -13.84 -23.33
C GLN C 439 48.62 -12.33 -23.36
N ALA C 440 48.88 -11.78 -24.53
CA ALA C 440 48.80 -10.36 -24.78
C ALA C 440 47.42 -9.80 -24.48
N VAL C 441 46.40 -10.55 -24.82
CA VAL C 441 45.04 -10.13 -24.57
C VAL C 441 44.77 -10.09 -23.08
N GLU C 442 45.24 -11.10 -22.34
CA GLU C 442 45.03 -11.05 -20.89
C GLU C 442 45.78 -9.87 -20.30
N THR C 443 46.95 -9.57 -20.84
CA THR C 443 47.65 -8.42 -20.34
C THR C 443 46.85 -7.14 -20.64
N LEU C 444 46.32 -7.05 -21.86
CA LEU C 444 45.54 -5.90 -22.21
C LEU C 444 44.33 -5.78 -21.31
N ARG C 445 43.74 -6.90 -20.93
CA ARG C 445 42.55 -6.86 -20.07
C ARG C 445 42.87 -6.41 -18.67
N GLN C 446 43.88 -7.00 -18.04
CA GLN C 446 44.41 -6.51 -16.78
C GLN C 446 44.62 -4.98 -16.74
N VAL C 447 45.20 -4.50 -17.83
CA VAL C 447 45.70 -3.13 -17.93
C VAL C 447 44.54 -2.19 -18.29
N ALA C 448 43.49 -2.76 -18.88
CA ALA C 448 42.27 -2.04 -19.18
C ALA C 448 41.47 -1.69 -17.93
N GLN C 449 41.74 -2.38 -16.81
CA GLN C 449 41.04 -2.09 -15.56
C GLN C 449 41.40 -0.68 -15.11
N PRO C 450 40.47 0.04 -14.47
CA PRO C 450 40.79 1.35 -13.88
C PRO C 450 41.70 1.23 -12.67
N HIS C 451 42.56 2.23 -12.50
CA HIS C 451 43.42 2.32 -11.33
C HIS C 451 42.62 2.69 -10.08
N VAL C 452 42.79 1.93 -9.00
CA VAL C 452 42.06 2.22 -7.77
C VAL C 452 43.01 2.77 -6.72
N MET C 453 42.56 3.83 -6.07
CA MET C 453 43.23 4.40 -4.93
C MET C 453 42.18 4.48 -3.86
N THR C 454 42.46 3.96 -2.66
CA THR C 454 41.49 4.06 -1.57
C THR C 454 42.10 4.87 -0.46
N GLU C 455 41.27 5.28 0.50
CA GLU C 455 41.81 5.93 1.67
C GLU C 455 40.75 6.12 2.73
N GLN C 456 41.16 6.04 3.99
CA GLN C 456 40.28 6.39 5.05
C GLN C 456 40.64 7.81 5.41
N ARG C 457 39.62 8.67 5.46
CA ARG C 457 39.76 10.01 5.97
C ARG C 457 38.75 10.30 7.08
N ARG C 458 39.21 10.99 8.12
CA ARG C 458 38.28 11.59 9.09
C ARG C 458 37.84 12.94 8.53
N ALA C 459 36.54 13.22 8.56
CA ALA C 459 36.04 14.57 8.34
C ALA C 459 36.49 15.52 9.45
N THR C 460 36.63 16.80 9.12
CA THR C 460 36.85 17.84 10.12
C THR C 460 35.71 18.83 9.96
N ASP C 461 35.00 19.08 11.05
CA ASP C 461 33.82 19.94 11.00
C ASP C 461 32.73 19.43 10.04
N GLY C 462 32.63 18.12 9.87
CA GLY C 462 31.60 17.52 9.02
C GLY C 462 31.80 17.72 7.52
N VAL C 463 33.05 17.93 7.11
CA VAL C 463 33.39 18.17 5.71
C VAL C 463 34.65 17.38 5.27
N ILE C 464 34.61 16.88 4.03
CA ILE C 464 35.78 16.26 3.43
C ILE C 464 36.27 17.13 2.29
N HIS C 465 37.55 17.48 2.38
CA HIS C 465 38.15 18.38 1.42
C HIS C 465 39.04 17.55 0.56
N LEU C 466 38.60 17.27 -0.65
CA LEU C 466 39.33 16.43 -1.58
C LEU C 466 40.10 17.24 -2.57
N SER C 467 41.41 17.10 -2.51
CA SER C 467 42.32 17.67 -3.50
C SER C 467 42.52 16.58 -4.56
N ILE C 468 41.93 16.79 -5.73
CA ILE C 468 41.92 15.80 -6.81
C ILE C 468 42.71 16.34 -8.01
N VAL C 469 43.67 15.56 -8.50
CA VAL C 469 44.42 15.91 -9.72
C VAL C 469 44.06 14.95 -10.85
N LEU C 470 43.60 15.52 -11.96
CA LEU C 470 43.17 14.78 -13.11
C LEU C 470 44.21 14.94 -14.18
N SER C 471 44.75 13.83 -14.67
CA SER C 471 45.66 13.92 -15.80
C SER C 471 44.86 14.11 -17.10
N LYS C 472 45.58 14.20 -18.21
CA LYS C 472 45.01 14.59 -19.50
C LYS C 472 44.00 13.53 -19.90
N ASN C 473 42.77 13.94 -20.13
CA ASN C 473 41.67 13.05 -20.47
C ASN C 473 41.43 11.99 -19.42
N GLU C 474 41.56 12.38 -18.17
CA GLU C 474 41.19 11.49 -17.07
C GLU C 474 39.69 11.54 -16.86
N VAL C 475 39.07 10.39 -16.67
CA VAL C 475 37.73 10.34 -16.13
C VAL C 475 37.91 9.62 -14.83
N THR C 476 37.43 10.18 -13.72
CA THR C 476 37.64 9.55 -12.45
C THR C 476 36.39 9.53 -11.63
N LEU C 477 36.18 8.41 -10.95
CA LEU C 477 35.07 8.19 -10.09
C LEU C 477 35.54 8.30 -8.64
N ILE C 478 34.83 9.08 -7.84
CA ILE C 478 35.11 9.18 -6.43
C ILE C 478 33.87 8.86 -5.67
N GLU C 479 33.98 7.92 -4.76
CA GLU C 479 32.92 7.56 -3.85
C GLU C 479 33.40 7.78 -2.45
N ILE C 480 32.61 8.49 -1.67
CA ILE C 480 32.93 8.72 -0.29
C ILE C 480 31.84 8.05 0.47
N GLU C 481 32.19 6.97 1.14
CA GLU C 481 31.20 6.22 1.90
C GLU C 481 31.49 6.35 3.38
N GLN C 482 30.44 6.25 4.19
CA GLN C 482 30.54 6.17 5.64
C GLN C 482 31.37 4.96 6.12
N VAL C 483 32.33 5.20 7.01
CA VAL C 483 32.98 4.12 7.74
C VAL C 483 32.28 3.90 9.09
N ARG C 484 31.68 2.72 9.28
CA ARG C 484 31.25 2.28 10.60
C ARG C 484 32.42 1.42 11.14
N ASP C 485 33.40 2.09 11.73
CA ASP C 485 34.60 1.44 12.26
C ASP C 485 34.29 0.35 13.27
N GLU C 486 34.81 -0.85 12.98
CA GLU C 486 34.62 -2.01 13.82
C GLU C 486 35.87 -2.36 14.56
N THR C 487 36.87 -1.49 14.50
CA THR C 487 38.18 -1.76 15.05
C THR C 487 38.16 -1.87 16.56
N SER C 488 37.32 -1.08 17.22
CA SER C 488 37.20 -1.19 18.68
C SER C 488 36.81 -2.59 19.11
N THR C 489 36.02 -3.32 18.30
CA THR C 489 35.66 -4.70 18.64
C THR C 489 36.86 -5.66 18.59
N TYR C 490 37.88 -5.35 17.80
CA TYR C 490 39.10 -6.14 17.78
C TYR C 490 39.95 -5.77 18.96
N VAL C 491 39.50 -6.15 20.15
CA VAL C 491 40.15 -5.75 21.37
C VAL C 491 41.50 -6.40 21.38
N GLY C 492 42.53 -5.59 21.58
CA GLY C 492 43.91 -6.04 21.62
C GLY C 492 44.61 -5.97 20.28
N LEU C 493 43.85 -5.71 19.22
CA LEU C 493 44.43 -5.57 17.89
C LEU C 493 45.51 -4.53 17.92
N ASP C 494 46.66 -4.92 17.40
CA ASP C 494 47.77 -4.01 17.23
C ASP C 494 48.62 -4.58 16.09
N ASP C 495 48.56 -3.95 14.92
CA ASP C 495 49.34 -4.39 13.75
C ASP C 495 50.85 -4.31 14.05
N GLY C 496 51.22 -3.44 14.99
CA GLY C 496 52.57 -3.37 15.53
C GLY C 496 53.15 -4.64 16.15
N GLU C 497 52.34 -5.67 16.32
CA GLU C 497 52.83 -6.94 16.82
C GLU C 497 53.05 -7.95 15.67
N ILE C 498 52.91 -7.46 14.45
CA ILE C 498 53.20 -8.21 13.24
C ILE C 498 54.54 -7.70 12.71
N THR C 499 55.42 -8.65 12.39
CA THR C 499 56.68 -8.42 11.70
C THR C 499 56.55 -7.26 10.73
N SER C 500 57.31 -6.19 10.98
CA SER C 500 57.41 -5.04 10.07
C SER C 500 56.30 -3.97 10.15
N TYR C 501 55.14 -4.33 10.68
CA TYR C 501 53.98 -3.42 10.69
C TYR C 501 53.99 -2.52 11.92
N SER C 502 53.21 -1.45 11.94
CA SER C 502 53.36 -0.50 13.03
C SER C 502 52.04 -0.05 13.61
N GLY D 2 -12.63 -43.36 -12.53
CA GLY D 2 -14.01 -42.82 -12.74
C GLY D 2 -13.95 -41.71 -13.75
N VAL D 3 -15.11 -41.22 -14.20
CA VAL D 3 -15.15 -40.16 -15.24
C VAL D 3 -15.20 -38.77 -14.60
N VAL D 4 -14.24 -37.93 -14.97
CA VAL D 4 -14.17 -36.57 -14.43
C VAL D 4 -14.54 -35.61 -15.53
N ASN D 5 -15.60 -34.86 -15.29
CA ASN D 5 -15.99 -33.79 -16.18
C ASN D 5 -15.45 -32.47 -15.68
N VAL D 6 -14.29 -32.12 -16.20
CA VAL D 6 -13.60 -30.87 -15.88
C VAL D 6 -14.42 -29.68 -16.41
N PRO D 7 -14.91 -28.83 -15.51
CA PRO D 7 -15.64 -27.63 -15.93
C PRO D 7 -14.77 -26.76 -16.81
N SER D 8 -15.39 -26.04 -17.73
CA SER D 8 -14.67 -25.09 -18.58
C SER D 8 -14.12 -23.97 -17.72
N ASN D 9 -14.86 -23.65 -16.66
CA ASN D 9 -14.57 -22.53 -15.80
C ASN D 9 -14.40 -22.93 -14.33
N GLY D 10 -13.76 -22.06 -13.55
CA GLY D 10 -13.48 -22.31 -12.15
C GLY D 10 -13.54 -21.03 -11.34
N ARG D 11 -14.34 -21.05 -10.27
CA ARG D 11 -14.40 -19.97 -9.32
C ARG D 11 -13.10 -19.95 -8.47
N GLU D 12 -12.66 -21.14 -8.06
CA GLU D 12 -11.59 -21.23 -7.09
C GLU D 12 -10.22 -21.11 -7.75
N LYS D 13 -9.28 -20.53 -7.00
CA LYS D 13 -7.91 -20.41 -7.47
C LYS D 13 -6.99 -21.30 -6.62
N PHE D 14 -6.31 -22.24 -7.28
CA PHE D 14 -5.19 -22.97 -6.68
C PHE D 14 -4.01 -22.05 -6.36
N LYS D 15 -3.77 -21.83 -5.07
CA LYS D 15 -2.75 -20.90 -4.60
C LYS D 15 -1.38 -21.59 -4.50
N LYS D 16 -0.37 -20.78 -4.26
CA LYS D 16 1.00 -21.23 -4.30
C LYS D 16 1.52 -21.52 -2.90
N ASN D 17 0.61 -21.80 -1.98
CA ASN D 17 0.97 -22.12 -0.61
C ASN D 17 1.98 -23.27 -0.61
N TRP D 18 1.69 -24.28 -1.44
CA TRP D 18 2.47 -25.51 -1.52
C TRP D 18 3.95 -25.32 -1.76
N LYS D 19 4.35 -24.19 -2.31
CA LYS D 19 5.78 -23.94 -2.58
C LYS D 19 6.22 -22.58 -2.06
N PHE D 20 5.49 -22.07 -1.09
CA PHE D 20 5.92 -20.94 -0.30
C PHE D 20 7.28 -21.23 0.32
N CYS D 21 7.43 -22.41 0.91
CA CYS D 21 8.59 -22.70 1.72
C CYS D 21 8.99 -24.17 1.58
N VAL D 22 10.29 -24.44 1.81
CA VAL D 22 10.82 -25.77 1.75
C VAL D 22 11.81 -26.04 2.87
N GLY D 23 11.92 -27.28 3.26
CA GLY D 23 12.82 -27.67 4.33
C GLY D 23 14.27 -27.76 3.93
N THR D 24 15.15 -27.65 4.91
CA THR D 24 16.57 -27.83 4.69
C THR D 24 17.25 -28.45 5.90
N GLY D 25 18.27 -29.26 5.61
CA GLY D 25 19.27 -29.64 6.58
C GLY D 25 19.84 -28.38 7.18
N ARG D 26 20.67 -28.52 8.19
CA ARG D 26 20.95 -27.40 9.06
C ARG D 26 21.63 -26.33 8.23
N LEU D 27 21.42 -25.07 8.58
CA LEU D 27 21.96 -23.98 7.77
C LEU D 27 23.45 -24.12 7.56
N GLY D 28 24.16 -24.66 8.54
CA GLY D 28 25.60 -24.85 8.40
C GLY D 28 25.94 -25.64 7.14
N LEU D 29 25.12 -26.62 6.82
CA LEU D 29 25.30 -27.42 5.63
C LEU D 29 25.05 -26.69 4.31
N ALA D 30 24.40 -25.55 4.37
CA ALA D 30 24.25 -24.66 3.22
C ALA D 30 25.61 -24.15 2.71
N LEU D 31 26.62 -24.24 3.55
CA LEU D 31 27.96 -23.98 3.09
C LEU D 31 28.44 -25.04 2.10
N GLN D 32 27.83 -26.20 2.07
CA GLN D 32 28.32 -27.26 1.23
C GLN D 32 28.00 -26.96 -0.21
N LYS D 33 28.98 -27.05 -1.07
CA LYS D 33 28.76 -26.94 -2.49
C LYS D 33 27.68 -27.87 -3.01
N GLU D 34 27.61 -29.06 -2.44
CA GLU D 34 26.58 -30.00 -2.85
C GLU D 34 25.22 -29.41 -2.53
N TYR D 35 25.15 -28.69 -1.41
CA TYR D 35 23.90 -28.12 -0.94
C TYR D 35 23.37 -27.08 -1.90
N LEU D 36 24.25 -26.18 -2.29
CA LEU D 36 23.89 -25.10 -3.23
C LEU D 36 23.56 -25.65 -4.62
N ASP D 37 24.28 -26.68 -5.04
CA ASP D 37 23.97 -27.31 -6.32
C ASP D 37 22.50 -27.74 -6.30
N HIS D 38 22.14 -28.42 -5.21
CA HIS D 38 20.83 -28.89 -4.89
C HIS D 38 19.79 -27.76 -4.80
N LEU D 39 20.11 -26.65 -4.12
CA LEU D 39 19.14 -25.59 -3.97
C LEU D 39 18.92 -25.00 -5.34
N LYS D 40 20.00 -24.92 -6.11
CA LYS D 40 19.92 -24.27 -7.41
C LYS D 40 19.01 -25.04 -8.35
N LEU D 41 19.12 -26.36 -8.33
CA LEU D 41 18.25 -27.18 -9.14
C LEU D 41 16.82 -26.96 -8.71
N VAL D 42 16.61 -27.03 -7.39
CA VAL D 42 15.32 -26.93 -6.79
C VAL D 42 14.70 -25.58 -7.06
N GLN D 43 15.50 -24.52 -7.04
CA GLN D 43 15.01 -23.17 -7.34
C GLN D 43 14.77 -22.94 -8.82
N GLU D 44 15.44 -23.68 -9.70
CA GLU D 44 15.23 -23.57 -11.14
C GLU D 44 13.95 -24.29 -11.60
N LYS D 45 13.66 -25.44 -10.98
CA LYS D 45 12.54 -26.31 -11.38
C LYS D 45 11.33 -26.20 -10.45
N ILE D 46 11.54 -25.74 -9.24
CA ILE D 46 10.46 -25.41 -8.29
C ILE D 46 10.92 -24.12 -7.72
N GLY D 47 10.17 -23.05 -7.76
CA GLY D 47 10.75 -21.83 -7.21
C GLY D 47 10.10 -21.66 -5.88
N PHE D 48 10.74 -22.20 -4.85
CA PHE D 48 10.33 -21.96 -3.48
C PHE D 48 10.69 -20.56 -3.06
N ARG D 49 9.87 -19.98 -2.18
CA ARG D 49 10.09 -18.62 -1.70
C ARG D 49 10.87 -18.57 -0.41
N TYR D 50 10.68 -19.56 0.45
CA TYR D 50 11.34 -19.63 1.74
C TYR D 50 12.03 -20.96 1.91
N ILE D 51 13.06 -20.95 2.74
CA ILE D 51 13.72 -22.18 3.11
C ILE D 51 13.83 -22.15 4.62
N ARG D 52 13.48 -23.27 5.24
CA ARG D 52 13.39 -23.39 6.69
C ARG D 52 14.27 -24.57 7.13
N GLY D 53 15.24 -24.30 8.02
CA GLY D 53 16.10 -25.33 8.58
C GLY D 53 16.51 -25.00 10.00
N HIS D 54 17.11 -25.98 10.69
CA HIS D 54 17.58 -25.81 12.07
C HIS D 54 18.97 -25.25 12.02
N GLY D 55 19.58 -25.08 13.17
CA GLY D 55 21.00 -24.87 13.23
C GLY D 55 21.46 -23.46 12.99
N LEU D 56 20.53 -22.50 12.96
CA LEU D 56 20.94 -21.13 12.69
C LEU D 56 21.91 -20.61 13.76
N LEU D 57 21.59 -20.90 15.02
CA LEU D 57 22.37 -20.46 16.17
C LEU D 57 23.20 -21.60 16.75
N SER D 58 23.20 -22.77 16.13
CA SER D 58 24.06 -23.82 16.59
C SER D 58 25.45 -23.49 16.11
N ASP D 59 26.42 -24.23 16.61
CA ASP D 59 27.80 -23.76 16.62
C ASP D 59 28.62 -24.06 15.40
N ASP D 60 28.16 -24.98 14.57
CA ASP D 60 28.81 -25.14 13.29
C ASP D 60 28.67 -23.83 12.49
N VAL D 61 27.50 -23.20 12.49
CA VAL D 61 27.34 -21.88 11.82
C VAL D 61 28.12 -20.80 12.59
N GLY D 62 28.21 -20.99 13.89
CA GLY D 62 29.20 -20.30 14.70
C GLY D 62 28.85 -18.88 15.07
N ILE D 63 27.58 -18.50 14.95
CA ILE D 63 27.22 -17.16 15.31
C ILE D 63 27.60 -16.85 16.74
N TYR D 64 27.10 -17.60 17.71
CA TYR D 64 27.30 -17.25 19.13
C TYR D 64 28.55 -17.81 19.79
N ARG D 65 29.40 -16.91 20.32
CA ARG D 65 30.59 -17.29 21.08
C ARG D 65 30.90 -16.41 22.30
N GLU D 66 31.77 -16.92 23.16
CA GLU D 66 32.51 -16.12 24.12
C GLU D 66 33.88 -16.78 24.18
N VAL D 67 35.05 -16.18 23.97
CA VAL D 67 35.44 -14.78 23.84
C VAL D 67 35.72 -14.04 25.16
N GLU D 68 36.94 -14.27 25.66
CA GLU D 68 37.46 -13.53 26.78
C GLU D 68 38.09 -12.25 26.22
N ILE D 69 37.35 -11.16 26.30
CA ILE D 69 37.82 -9.85 25.90
C ILE D 69 38.06 -9.03 27.16
N ASP D 70 39.19 -8.30 27.16
CA ASP D 70 39.95 -7.91 28.37
C ASP D 70 39.91 -9.00 29.47
N GLY D 71 39.07 -8.85 30.50
CA GLY D 71 38.95 -9.87 31.54
C GLY D 71 37.53 -10.38 31.73
N GLU D 72 36.84 -10.57 30.61
CA GLU D 72 35.41 -10.77 30.60
C GLU D 72 35.01 -11.77 29.51
N MET D 73 34.23 -12.78 29.85
CA MET D 73 33.57 -13.58 28.84
C MET D 73 32.43 -12.76 28.28
N LYS D 74 32.60 -12.28 27.06
CA LYS D 74 31.63 -11.45 26.37
C LYS D 74 31.17 -12.16 25.11
N PRO D 75 29.93 -11.93 24.72
CA PRO D 75 29.36 -12.61 23.57
C PRO D 75 30.02 -12.09 22.31
N PHE D 76 30.21 -12.95 21.32
CA PHE D 76 30.76 -12.56 20.05
C PHE D 76 29.91 -13.14 18.97
N TYR D 77 29.44 -12.28 18.08
CA TYR D 77 28.57 -12.71 17.04
C TYR D 77 29.39 -12.83 15.78
N ASN D 78 29.67 -14.05 15.38
CA ASN D 78 30.37 -14.29 14.15
C ASN D 78 29.32 -14.47 13.06
N PHE D 79 29.24 -13.54 12.12
CA PHE D 79 28.29 -13.75 11.01
C PHE D 79 28.90 -14.22 9.70
N THR D 80 30.14 -14.67 9.74
CA THR D 80 30.86 -15.09 8.54
C THR D 80 30.10 -16.17 7.76
N TYR D 81 29.64 -17.18 8.48
CA TYR D 81 28.93 -18.25 7.83
C TYR D 81 27.51 -17.84 7.46
N ILE D 82 26.72 -17.16 8.33
CA ILE D 82 25.36 -16.89 7.83
C ILE D 82 25.36 -15.87 6.73
N ASP D 83 26.25 -14.89 6.76
CA ASP D 83 26.33 -13.95 5.65
C ASP D 83 26.43 -14.67 4.34
N ARG D 84 27.20 -15.75 4.33
CA ARG D 84 27.48 -16.50 3.13
C ARG D 84 26.32 -17.40 2.80
N ILE D 85 25.74 -18.03 3.80
CA ILE D 85 24.55 -18.84 3.65
C ILE D 85 23.36 -18.02 3.12
N VAL D 86 23.03 -16.94 3.82
CA VAL D 86 21.85 -16.14 3.49
C VAL D 86 22.05 -15.50 2.11
N ASP D 87 23.21 -14.87 1.90
CA ASP D 87 23.63 -14.40 0.57
C ASP D 87 23.37 -15.45 -0.49
N SER D 88 23.75 -16.69 -0.19
CA SER D 88 23.59 -17.76 -1.17
C SER D 88 22.10 -18.04 -1.37
N TYR D 89 21.31 -17.93 -0.31
CA TYR D 89 19.84 -18.04 -0.40
C TYR D 89 19.25 -16.96 -1.30
N LEU D 90 19.57 -15.70 -1.04
CA LEU D 90 19.01 -14.59 -1.79
C LEU D 90 19.45 -14.62 -3.27
N ALA D 91 20.68 -15.07 -3.51
CA ALA D 91 21.19 -15.28 -4.89
C ALA D 91 20.39 -16.33 -5.64
N LEU D 92 19.79 -17.25 -4.91
CA LEU D 92 18.89 -18.24 -5.51
C LEU D 92 17.42 -17.89 -5.29
N ASN D 93 17.14 -16.65 -4.93
CA ASN D 93 15.77 -16.18 -4.79
C ASN D 93 14.96 -16.99 -3.80
N ILE D 94 15.57 -17.34 -2.68
CA ILE D 94 14.89 -17.98 -1.58
C ILE D 94 15.25 -17.18 -0.34
N ARG D 95 14.27 -16.89 0.52
CA ARG D 95 14.54 -16.17 1.76
C ARG D 95 14.43 -17.12 2.93
N PRO D 96 15.06 -16.77 4.02
CA PRO D 96 15.00 -17.63 5.18
C PRO D 96 13.64 -17.54 5.90
N PHE D 97 13.03 -18.69 6.11
CA PHE D 97 12.06 -18.90 7.17
C PHE D 97 12.92 -19.27 8.35
N ILE D 98 13.42 -18.23 9.00
CA ILE D 98 14.36 -18.38 10.07
C ILE D 98 13.74 -19.10 11.22
N GLU D 99 14.54 -20.01 11.76
CA GLU D 99 14.18 -20.74 12.95
C GLU D 99 15.29 -20.52 13.94
N PHE D 100 14.93 -19.88 15.05
CA PHE D 100 15.90 -19.56 16.08
C PHE D 100 16.16 -20.78 16.92
N GLY D 101 17.23 -21.49 16.57
CA GLY D 101 17.75 -22.62 17.30
C GLY D 101 19.04 -23.15 16.67
N PHE D 102 19.72 -24.04 17.36
CA PHE D 102 19.35 -24.49 18.68
C PHE D 102 20.14 -23.62 19.68
N MET D 103 20.57 -24.20 20.79
CA MET D 103 21.22 -23.42 21.79
C MET D 103 22.65 -23.44 21.44
N PRO D 104 23.27 -22.27 21.25
CA PRO D 104 24.73 -22.23 21.20
C PRO D 104 25.23 -22.96 22.43
N LYS D 105 26.28 -23.79 22.24
CA LYS D 105 26.95 -24.49 23.35
C LYS D 105 27.26 -23.56 24.51
N ALA D 106 27.77 -22.38 24.18
CA ALA D 106 28.31 -21.47 25.19
C ALA D 106 27.22 -20.67 25.84
N LEU D 107 26.01 -20.78 25.30
CA LEU D 107 24.79 -20.24 25.92
C LEU D 107 23.91 -21.33 26.59
N ALA D 108 24.26 -22.60 26.43
CA ALA D 108 23.52 -23.70 26.97
C ALA D 108 23.52 -23.74 28.50
N SER D 109 22.39 -24.17 29.07
CA SER D 109 22.28 -24.35 30.54
C SER D 109 22.57 -25.78 30.97
N GLY D 110 22.47 -26.71 30.03
CA GLY D 110 22.90 -28.08 30.21
C GLY D 110 23.51 -28.62 28.93
N ASP D 111 23.72 -29.92 28.91
CA ASP D 111 24.51 -30.60 27.88
C ASP D 111 23.69 -31.53 26.99
N GLN D 112 22.38 -31.60 27.22
CA GLN D 112 21.54 -32.34 26.33
C GLN D 112 21.69 -31.77 24.92
N THR D 113 22.09 -32.64 23.99
CA THR D 113 22.13 -32.29 22.58
C THR D 113 21.20 -33.21 21.85
N VAL D 114 20.97 -32.87 20.60
CA VAL D 114 20.18 -33.70 19.71
C VAL D 114 21.00 -33.86 18.43
N PHE D 115 20.88 -35.04 17.81
CA PHE D 115 21.49 -35.32 16.52
C PHE D 115 22.95 -35.61 16.64
N TYR D 116 23.47 -36.14 15.55
CA TYR D 116 24.89 -36.33 15.31
C TYR D 116 25.70 -35.05 15.47
N TRP D 117 25.19 -33.95 14.92
CA TRP D 117 25.85 -32.64 15.02
C TRP D 117 25.64 -31.90 16.33
N LYS D 118 24.91 -32.52 17.25
CA LYS D 118 24.90 -32.14 18.65
C LYS D 118 24.41 -30.72 18.87
N GLY D 119 23.23 -30.42 18.33
CA GLY D 119 22.58 -29.16 18.60
C GLY D 119 22.14 -29.18 20.06
N ASN D 120 22.50 -28.18 20.83
CA ASN D 120 22.10 -28.18 22.23
C ASN D 120 20.62 -27.79 22.43
N VAL D 121 19.94 -28.47 23.34
CA VAL D 121 18.50 -28.32 23.37
C VAL D 121 18.04 -27.85 24.71
N THR D 122 18.95 -27.25 25.45
CA THR D 122 18.63 -26.77 26.79
C THR D 122 18.29 -25.30 26.72
N PRO D 123 17.51 -24.84 27.67
CA PRO D 123 17.20 -23.40 27.72
C PRO D 123 18.49 -22.62 27.80
N PRO D 124 18.49 -21.35 27.44
CA PRO D 124 19.68 -20.50 27.66
C PRO D 124 20.01 -20.41 29.16
N LYS D 125 21.29 -20.31 29.49
CA LYS D 125 21.73 -20.18 30.89
C LYS D 125 21.30 -18.81 31.36
N ASP D 126 21.03 -17.95 30.39
CA ASP D 126 20.67 -16.60 30.66
C ASP D 126 19.77 -16.14 29.50
N TYR D 127 18.55 -15.72 29.82
CA TYR D 127 17.64 -15.26 28.77
C TYR D 127 17.98 -13.87 28.30
N ASN D 128 18.68 -13.09 29.11
CA ASN D 128 19.08 -11.76 28.66
C ASN D 128 20.13 -11.88 27.55
N LYS D 129 21.01 -12.86 27.68
CA LYS D 129 22.00 -13.16 26.63
C LYS D 129 21.34 -13.72 25.37
N TRP D 130 20.30 -14.55 25.56
CA TRP D 130 19.57 -15.11 24.43
C TRP D 130 18.88 -13.97 23.69
N ARG D 131 18.12 -13.17 24.43
CA ARG D 131 17.48 -12.00 23.87
C ARG D 131 18.47 -11.24 23.01
N ASP D 132 19.65 -10.94 23.56
CA ASP D 132 20.65 -10.13 22.85
C ASP D 132 21.16 -10.80 21.59
N LEU D 133 21.37 -12.11 21.67
CA LEU D 133 21.63 -12.97 20.49
C LEU D 133 20.64 -12.69 19.40
N ILE D 134 19.35 -12.70 19.77
CA ILE D 134 18.25 -12.53 18.81
C ILE D 134 18.25 -11.13 18.27
N VAL D 135 18.18 -10.12 19.13
CA VAL D 135 18.38 -8.76 18.67
C VAL D 135 19.64 -8.66 17.78
N ALA D 136 20.74 -9.32 18.12
CA ALA D 136 22.00 -9.12 17.38
C ALA D 136 21.89 -9.68 15.97
N VAL D 137 21.30 -10.87 15.89
CA VAL D 137 21.11 -11.60 14.65
C VAL D 137 20.13 -10.89 13.72
N VAL D 138 18.98 -10.50 14.30
CA VAL D 138 17.92 -9.85 13.54
C VAL D 138 18.47 -8.52 13.06
N SER D 139 19.18 -7.82 13.93
CA SER D 139 19.70 -6.51 13.61
C SER D 139 20.68 -6.64 12.46
N HIS D 140 21.58 -7.62 12.59
CA HIS D 140 22.63 -7.86 11.61
C HIS D 140 22.03 -8.14 10.27
N PHE D 141 20.99 -8.96 10.24
CA PHE D 141 20.30 -9.25 9.00
C PHE D 141 19.78 -8.00 8.32
N ILE D 142 19.05 -7.18 9.06
CA ILE D 142 18.56 -5.91 8.56
C ILE D 142 19.70 -5.06 8.04
N GLU D 143 20.84 -5.06 8.73
CA GLU D 143 21.97 -4.22 8.30
C GLU D 143 22.55 -4.71 6.98
N ARG D 144 22.57 -6.03 6.80
CA ARG D 144 23.15 -6.63 5.62
C ARG D 144 22.19 -6.59 4.44
N TYR D 145 20.92 -6.90 4.67
CA TYR D 145 19.99 -7.09 3.58
C TYR D 145 18.99 -5.96 3.46
N GLY D 146 18.86 -5.13 4.49
CA GLY D 146 17.92 -4.04 4.51
C GLY D 146 16.61 -4.41 5.19
N ILE D 147 15.96 -3.41 5.82
CA ILE D 147 14.69 -3.59 6.52
C ILE D 147 13.58 -4.07 5.61
N GLU D 148 13.56 -3.59 4.37
CA GLU D 148 12.50 -3.97 3.42
C GLU D 148 12.51 -5.46 3.19
N GLU D 149 13.72 -6.03 3.13
CA GLU D 149 13.90 -7.43 2.76
C GLU D 149 13.66 -8.36 3.97
N VAL D 150 14.09 -7.94 5.15
CA VAL D 150 13.99 -8.81 6.32
C VAL D 150 12.52 -8.89 6.77
N ARG D 151 11.77 -7.83 6.54
CA ARG D 151 10.35 -7.84 6.80
C ARG D 151 9.62 -8.89 6.00
N THR D 152 10.17 -9.31 4.87
CA THR D 152 9.53 -10.35 4.09
C THR D 152 9.83 -11.73 4.66
N TRP D 153 10.71 -11.79 5.66
CA TRP D 153 11.16 -13.07 6.18
C TRP D 153 10.25 -13.43 7.30
N LEU D 154 10.31 -14.69 7.71
CA LEU D 154 9.54 -15.10 8.85
C LEU D 154 10.47 -15.67 9.85
N PHE D 155 10.03 -15.70 11.11
CA PHE D 155 10.89 -16.01 12.23
C PHE D 155 10.16 -16.91 13.19
N GLU D 156 10.49 -18.19 13.15
CA GLU D 156 9.96 -19.19 14.03
C GLU D 156 10.87 -19.34 15.22
N VAL D 157 10.34 -19.73 16.36
CA VAL D 157 11.13 -19.73 17.56
C VAL D 157 11.32 -21.14 18.08
N TRP D 158 12.54 -21.62 17.93
CA TRP D 158 12.91 -22.97 18.33
C TRP D 158 12.23 -24.00 17.42
N ASN D 159 12.49 -25.26 17.74
CA ASN D 159 11.94 -26.36 17.01
C ASN D 159 11.46 -27.42 17.97
N ALA D 160 10.25 -27.90 17.73
CA ALA D 160 9.65 -29.03 18.42
C ALA D 160 9.83 -29.01 19.95
N PRO D 161 9.41 -27.93 20.59
CA PRO D 161 9.67 -27.80 22.03
C PRO D 161 8.88 -28.78 22.87
N ASN D 162 7.82 -29.35 22.29
CA ASN D 162 7.02 -30.39 22.92
C ASN D 162 7.65 -31.76 22.95
N LEU D 163 8.70 -31.95 22.17
CA LEU D 163 9.52 -33.16 22.17
C LEU D 163 10.74 -33.03 23.06
N VAL D 164 10.90 -33.98 23.95
CA VAL D 164 12.01 -34.05 24.90
C VAL D 164 13.37 -34.01 24.17
N ASN D 165 13.42 -34.57 22.97
CA ASN D 165 14.65 -34.60 22.18
C ASN D 165 15.12 -33.22 21.77
N PHE D 166 14.17 -32.32 21.53
CA PHE D 166 14.48 -31.00 21.01
C PHE D 166 14.51 -29.91 22.05
N TRP D 167 14.04 -30.22 23.24
CA TRP D 167 13.83 -29.21 24.27
C TRP D 167 13.79 -29.88 25.62
N LYS D 168 14.67 -29.44 26.51
CA LYS D 168 14.83 -30.09 27.81
C LYS D 168 13.48 -30.23 28.47
N ASP D 169 13.19 -31.46 28.89
CA ASP D 169 11.95 -31.88 29.55
C ASP D 169 10.65 -31.58 28.81
N ALA D 170 10.73 -31.36 27.50
CA ALA D 170 9.64 -30.81 26.70
C ALA D 170 8.82 -29.82 27.53
N ASN D 171 9.53 -28.82 28.10
CA ASN D 171 8.96 -27.92 29.08
C ASN D 171 8.11 -26.88 28.40
N LYS D 172 6.80 -27.00 28.54
CA LYS D 172 5.84 -26.10 27.87
C LYS D 172 5.99 -24.72 28.40
N GLN D 173 6.11 -24.62 29.72
CA GLN D 173 6.16 -23.32 30.36
C GLN D 173 7.44 -22.59 29.99
N GLU D 174 8.55 -23.33 29.96
CA GLU D 174 9.86 -22.73 29.66
C GLU D 174 9.96 -22.35 28.19
N TYR D 175 9.30 -23.11 27.32
CA TYR D 175 9.33 -22.82 25.89
C TYR D 175 8.50 -21.57 25.61
N PHE D 176 7.52 -21.31 26.47
CA PHE D 176 6.73 -20.08 26.38
C PHE D 176 7.55 -18.92 26.86
N LYS D 177 8.38 -19.13 27.87
CA LYS D 177 9.30 -18.09 28.29
C LYS D 177 10.22 -17.79 27.10
N LEU D 178 10.78 -18.84 26.48
CA LEU D 178 11.66 -18.68 25.34
C LEU D 178 10.97 -17.84 24.26
N TYR D 179 9.76 -18.25 23.91
CA TYR D 179 9.05 -17.66 22.82
C TYR D 179 8.82 -16.18 23.09
N GLU D 180 8.49 -15.84 24.32
CA GLU D 180 8.19 -14.48 24.70
C GLU D 180 9.40 -13.62 24.59
N VAL D 181 10.51 -14.11 25.12
CA VAL D 181 11.75 -13.37 25.06
C VAL D 181 12.12 -13.17 23.60
N THR D 182 11.90 -14.18 22.78
CA THR D 182 12.34 -14.15 21.39
C THR D 182 11.43 -13.23 20.57
N ALA D 183 10.14 -13.35 20.79
CA ALA D 183 9.15 -12.62 20.03
C ALA D 183 9.30 -11.15 20.32
N ARG D 184 9.33 -10.80 21.59
CA ARG D 184 9.66 -9.42 21.98
C ARG D 184 11.01 -8.94 21.48
N ALA D 185 12.03 -9.81 21.49
CA ALA D 185 13.37 -9.43 21.01
C ALA D 185 13.25 -9.02 19.55
N VAL D 186 12.65 -9.90 18.77
CA VAL D 186 12.44 -9.68 17.36
C VAL D 186 11.73 -8.34 17.17
N LYS D 187 10.58 -8.15 17.82
CA LYS D 187 9.73 -6.96 17.62
C LYS D 187 10.38 -5.66 18.07
N SER D 188 11.21 -5.75 19.10
CA SER D 188 11.90 -4.60 19.62
C SER D 188 12.84 -4.04 18.55
N VAL D 189 13.23 -4.90 17.61
CA VAL D 189 14.10 -4.55 16.49
C VAL D 189 13.32 -3.89 15.40
N ASP D 190 12.14 -4.44 15.13
CA ASP D 190 11.22 -3.86 14.19
C ASP D 190 9.89 -4.55 14.40
N PRO D 191 8.81 -3.78 14.60
CA PRO D 191 7.50 -4.38 14.91
C PRO D 191 6.86 -5.18 13.79
N HIS D 192 7.33 -5.03 12.55
CA HIS D 192 6.73 -5.70 11.40
C HIS D 192 7.35 -7.06 11.09
N LEU D 193 8.33 -7.46 11.89
CA LEU D 193 8.94 -8.77 11.73
C LEU D 193 7.99 -9.80 12.31
N GLN D 194 7.74 -10.81 11.48
CA GLN D 194 6.70 -11.76 11.70
C GLN D 194 7.31 -12.88 12.48
N VAL D 195 7.00 -12.91 13.76
CA VAL D 195 7.52 -13.94 14.64
C VAL D 195 6.38 -14.84 15.01
N GLY D 196 6.72 -16.09 15.30
CA GLY D 196 5.76 -17.16 15.45
C GLY D 196 6.37 -18.40 16.06
N GLY D 197 5.48 -19.33 16.37
CA GLY D 197 5.80 -20.57 17.06
C GLY D 197 4.51 -21.39 17.00
N PRO D 198 4.33 -22.45 17.78
CA PRO D 198 5.36 -23.00 18.68
C PRO D 198 6.21 -24.10 18.00
N ALA D 199 6.15 -24.17 16.68
CA ALA D 199 6.98 -25.11 15.89
C ALA D 199 6.90 -26.54 16.44
N ILE D 200 5.79 -26.93 17.03
CA ILE D 200 5.72 -28.20 17.72
C ILE D 200 5.61 -29.33 16.72
N CYS D 201 6.02 -30.53 17.10
CA CYS D 201 5.65 -31.70 16.33
C CYS D 201 4.22 -32.09 16.69
N GLY D 202 3.69 -33.07 15.97
CA GLY D 202 2.32 -33.52 16.19
C GLY D 202 2.19 -34.26 17.51
N GLY D 203 0.97 -34.66 17.83
CA GLY D 203 0.71 -35.43 19.03
C GLY D 203 0.37 -34.61 20.25
N SER D 204 0.65 -33.32 20.26
CA SER D 204 0.40 -32.49 21.44
C SER D 204 -0.11 -31.09 21.08
N ASP D 205 -1.16 -31.07 20.26
CA ASP D 205 -1.68 -29.82 19.70
C ASP D 205 -2.38 -28.88 20.69
N GLU D 206 -2.67 -29.38 21.90
CA GLU D 206 -3.08 -28.48 22.97
C GLU D 206 -1.98 -27.44 23.21
N TRP D 207 -0.76 -27.71 22.74
CA TRP D 207 0.30 -26.70 22.77
C TRP D 207 -0.07 -25.46 21.94
N ILE D 208 -0.73 -25.66 20.80
CA ILE D 208 -1.20 -24.51 20.01
C ILE D 208 -2.14 -23.72 20.87
N THR D 209 -3.21 -24.38 21.33
CA THR D 209 -4.18 -23.72 22.23
C THR D 209 -3.50 -22.95 23.37
N ASP D 210 -2.56 -23.58 24.07
CA ASP D 210 -2.00 -23.04 25.32
C ASP D 210 -0.98 -21.97 25.03
N PHE D 211 -0.34 -22.08 23.88
CA PHE D 211 0.66 -21.15 23.40
C PHE D 211 -0.04 -19.86 23.07
N LEU D 212 -1.13 -19.95 22.32
CA LEU D 212 -1.87 -18.76 21.91
C LEU D 212 -2.67 -18.14 23.06
N HIS D 213 -2.93 -18.89 24.13
CA HIS D 213 -3.49 -18.28 25.33
C HIS D 213 -2.39 -17.69 26.18
N PHE D 214 -1.21 -18.30 26.16
CA PHE D 214 -0.08 -17.69 26.83
C PHE D 214 0.18 -16.34 26.18
N CYS D 215 0.11 -16.32 24.85
CA CYS D 215 0.31 -15.12 24.07
C CYS D 215 -0.80 -14.07 24.28
N ALA D 216 -2.04 -14.50 24.48
CA ALA D 216 -3.15 -13.57 24.72
C ALA D 216 -3.07 -12.99 26.12
N GLU D 217 -2.91 -13.87 27.12
CA GLU D 217 -2.83 -13.45 28.50
C GLU D 217 -1.72 -12.42 28.67
N ARG D 218 -0.54 -12.76 28.18
CA ARG D 218 0.67 -11.97 28.40
C ARG D 218 0.93 -10.98 27.27
N ARG D 219 0.11 -11.04 26.23
CA ARG D 219 0.16 -10.09 25.11
C ARG D 219 1.52 -10.03 24.44
N VAL D 220 1.97 -11.24 24.13
CA VAL D 220 3.23 -11.56 23.45
C VAL D 220 2.95 -11.54 21.97
N PRO D 221 3.72 -10.81 21.20
CA PRO D 221 3.47 -10.75 19.77
C PRO D 221 3.52 -12.16 19.18
N VAL D 222 2.46 -12.56 18.48
CA VAL D 222 2.51 -13.72 17.58
C VAL D 222 1.98 -13.25 16.26
N ASP D 223 2.62 -13.71 15.20
CA ASP D 223 2.19 -13.33 13.87
C ASP D 223 1.87 -14.53 13.01
N PHE D 224 2.31 -15.70 13.45
CA PHE D 224 1.80 -16.94 12.91
C PHE D 224 1.98 -18.10 13.90
N VAL D 225 1.29 -19.16 13.56
CA VAL D 225 1.46 -20.42 14.21
C VAL D 225 2.23 -21.34 13.31
N SER D 226 3.17 -22.06 13.89
CA SER D 226 3.91 -23.07 13.16
C SER D 226 3.76 -24.41 13.81
N ARG D 227 3.87 -25.45 12.99
CA ARG D 227 3.70 -26.80 13.47
C ARG D 227 4.28 -27.77 12.46
N HIS D 228 4.86 -28.86 12.94
CA HIS D 228 5.34 -29.90 12.05
C HIS D 228 4.18 -30.82 11.74
N ALA D 229 4.38 -31.72 10.81
CA ALA D 229 3.31 -32.60 10.44
C ALA D 229 3.88 -33.78 9.70
N TYR D 230 3.73 -34.93 10.31
CA TYR D 230 4.20 -36.16 9.72
C TYR D 230 3.10 -37.17 9.89
N THR D 231 3.27 -38.29 9.23
CA THR D 231 2.28 -39.32 9.27
C THR D 231 2.86 -40.65 9.66
N SER D 232 4.14 -40.67 10.04
CA SER D 232 4.84 -41.90 10.35
C SER D 232 4.75 -42.18 11.84
N LYS D 233 4.42 -43.42 12.16
CA LYS D 233 4.59 -43.92 13.52
C LYS D 233 6.08 -43.94 13.81
N ALA D 234 6.43 -44.24 15.04
CA ALA D 234 7.82 -44.32 15.39
C ALA D 234 8.35 -45.61 14.77
N PRO D 235 9.66 -45.63 14.49
CA PRO D 235 10.31 -46.84 13.95
C PRO D 235 9.96 -48.11 14.69
N HIS D 236 9.73 -49.15 13.90
CA HIS D 236 9.38 -50.50 14.37
C HIS D 236 10.46 -51.51 13.94
N LYS D 237 11.29 -51.13 12.97
CA LYS D 237 12.60 -51.73 12.75
C LYS D 237 13.74 -50.70 12.58
N LYS D 238 14.91 -51.05 13.06
CA LYS D 238 16.12 -50.34 12.72
C LYS D 238 17.13 -51.29 12.11
N THR D 239 17.98 -50.74 11.26
CA THR D 239 19.30 -51.30 11.04
C THR D 239 20.27 -50.26 11.56
N PHE D 240 21.57 -50.45 11.30
CA PHE D 240 22.61 -49.56 11.78
C PHE D 240 22.59 -48.24 11.02
N GLU D 241 21.62 -48.21 10.13
CA GLU D 241 21.64 -47.40 8.95
C GLU D 241 20.28 -46.76 8.70
N TYR D 242 19.20 -47.45 9.06
CA TYR D 242 17.84 -47.06 8.69
C TYR D 242 16.90 -46.95 9.91
N TYR D 243 15.82 -46.21 9.72
CA TYR D 243 14.60 -46.43 10.49
C TYR D 243 13.53 -46.75 9.50
N TYR D 244 12.74 -47.74 9.83
CA TYR D 244 11.60 -48.08 9.00
C TYR D 244 10.37 -47.75 9.79
N GLN D 245 9.46 -47.00 9.19
CA GLN D 245 8.24 -46.59 9.85
C GLN D 245 7.05 -46.91 9.00
N GLU D 246 5.92 -47.11 9.68
CA GLU D 246 4.65 -47.25 8.99
C GLU D 246 4.12 -45.85 8.87
N LEU D 247 3.32 -45.60 7.85
CA LEU D 247 2.74 -44.28 7.62
C LEU D 247 1.24 -44.38 7.73
N GLU D 248 0.68 -43.40 8.42
CA GLU D 248 -0.72 -43.05 8.27
C GLU D 248 -0.91 -42.51 6.84
N PRO D 249 -2.08 -42.67 6.25
CA PRO D 249 -2.37 -42.08 4.95
C PRO D 249 -2.35 -40.53 4.96
N PRO D 250 -2.39 -39.89 3.80
CA PRO D 250 -2.24 -38.43 3.75
C PRO D 250 -3.44 -37.69 4.31
N GLU D 251 -4.63 -38.27 4.26
CA GLU D 251 -5.76 -37.65 4.95
C GLU D 251 -5.41 -37.30 6.41
N ASP D 252 -4.55 -38.10 7.06
CA ASP D 252 -4.14 -37.87 8.44
C ASP D 252 -3.35 -36.58 8.57
N MET D 253 -2.47 -36.31 7.62
CA MET D 253 -1.80 -35.00 7.60
C MET D 253 -2.75 -33.82 7.34
N LEU D 254 -3.70 -33.99 6.41
CA LEU D 254 -4.64 -32.93 6.07
C LEU D 254 -5.60 -32.65 7.20
N GLU D 255 -5.94 -33.70 7.95
CA GLU D 255 -6.78 -33.55 9.14
C GLU D 255 -6.01 -32.90 10.26
N GLN D 256 -4.70 -33.09 10.22
CA GLN D 256 -3.77 -32.43 11.13
C GLN D 256 -3.81 -30.93 10.83
N PHE D 257 -3.67 -30.58 9.56
CA PHE D 257 -3.72 -29.19 9.11
C PHE D 257 -5.01 -28.49 9.49
N LYS D 258 -6.11 -29.20 9.28
CA LYS D 258 -7.46 -28.67 9.43
C LYS D 258 -7.76 -28.45 10.91
N THR D 259 -7.40 -29.46 11.71
CA THR D 259 -7.65 -29.43 13.15
C THR D 259 -6.84 -28.30 13.81
N VAL D 260 -5.63 -28.04 13.31
CA VAL D 260 -4.79 -26.97 13.87
C VAL D 260 -5.34 -25.63 13.45
N ARG D 261 -5.80 -25.55 12.20
CA ARG D 261 -6.45 -24.35 11.70
C ARG D 261 -7.64 -23.99 12.60
N ALA D 262 -8.46 -24.98 12.90
CA ALA D 262 -9.63 -24.80 13.76
C ALA D 262 -9.21 -24.35 15.15
N LEU D 263 -8.14 -24.94 15.69
CA LEU D 263 -7.62 -24.61 17.01
C LEU D 263 -7.19 -23.17 17.09
N ILE D 264 -6.76 -22.65 15.96
CA ILE D 264 -6.35 -21.26 15.86
C ILE D 264 -7.58 -20.38 15.74
N ARG D 265 -8.63 -20.86 15.10
CA ARG D 265 -9.83 -20.05 14.89
C ARG D 265 -10.62 -19.89 16.18
N GLN D 266 -10.44 -20.85 17.08
CA GLN D 266 -11.10 -20.88 18.40
C GLN D 266 -10.23 -20.18 19.45
N SER D 267 -9.15 -19.54 19.00
CA SER D 267 -8.18 -18.91 19.89
C SER D 267 -8.44 -17.41 19.97
N PRO D 268 -7.73 -16.73 20.86
CA PRO D 268 -7.76 -15.26 20.95
C PRO D 268 -7.21 -14.56 19.72
N PHE D 269 -6.44 -15.31 18.93
CA PHE D 269 -5.88 -14.82 17.68
C PHE D 269 -6.46 -15.67 16.55
N PRO D 270 -7.75 -15.48 16.25
CA PRO D 270 -8.47 -16.35 15.33
C PRO D 270 -7.92 -16.34 13.91
N HIS D 271 -7.28 -15.26 13.50
CA HIS D 271 -6.92 -15.05 12.11
C HIS D 271 -5.45 -15.31 11.76
N LEU D 272 -4.67 -15.90 12.66
CA LEU D 272 -3.23 -16.02 12.44
C LEU D 272 -2.95 -16.99 11.32
N PRO D 273 -1.96 -16.69 10.50
CA PRO D 273 -1.45 -17.70 9.57
C PRO D 273 -0.89 -18.98 10.24
N LEU D 274 -1.01 -20.11 9.56
CA LEU D 274 -0.47 -21.37 10.02
C LEU D 274 0.59 -21.80 8.98
N HIS D 275 1.86 -21.87 9.40
CA HIS D 275 2.91 -22.42 8.57
C HIS D 275 3.32 -23.74 9.17
N ILE D 276 3.02 -24.81 8.47
CA ILE D 276 3.55 -26.13 8.77
C ILE D 276 4.99 -26.11 8.32
N THR D 277 5.90 -26.05 9.27
CA THR D 277 7.30 -25.76 8.93
C THR D 277 8.14 -26.97 8.66
N GLU D 278 7.62 -28.17 8.95
CA GLU D 278 8.27 -29.42 8.50
C GLU D 278 7.15 -30.35 8.11
N TYR D 279 7.27 -30.93 6.93
CA TYR D 279 6.41 -32.04 6.63
C TYR D 279 7.11 -33.00 5.71
N ASN D 280 6.91 -34.26 6.03
CA ASN D 280 7.14 -35.31 5.10
C ASN D 280 6.19 -36.45 5.50
N THR D 281 6.35 -37.61 4.87
CA THR D 281 5.76 -38.81 5.42
C THR D 281 6.48 -39.07 6.72
N SER D 282 7.66 -39.66 6.65
CA SER D 282 8.35 -40.04 7.85
C SER D 282 9.19 -38.88 8.33
N TYR D 283 9.50 -38.87 9.62
CA TYR D 283 10.32 -37.83 10.23
C TYR D 283 11.75 -38.32 10.51
N SER D 284 12.13 -39.42 9.89
CA SER D 284 13.48 -39.90 10.02
C SER D 284 14.19 -39.68 8.73
N PRO D 285 15.39 -39.08 8.79
CA PRO D 285 16.24 -38.92 7.62
C PRO D 285 16.95 -40.20 7.18
N ILE D 286 16.58 -41.35 7.72
CA ILE D 286 17.16 -42.61 7.26
C ILE D 286 16.10 -43.64 6.99
N ASN D 287 14.94 -43.15 6.59
CA ASN D 287 13.81 -43.97 6.19
C ASN D 287 13.81 -43.97 4.68
N PRO D 288 14.26 -45.07 4.09
CA PRO D 288 14.21 -45.23 2.64
C PRO D 288 12.89 -44.82 1.96
N VAL D 289 11.74 -44.87 2.64
CA VAL D 289 10.49 -44.35 2.05
C VAL D 289 10.66 -43.05 1.29
N HIS D 290 11.48 -42.15 1.82
CA HIS D 290 11.73 -40.86 1.23
C HIS D 290 12.30 -40.87 -0.21
N ASP D 291 12.95 -41.99 -0.59
CA ASP D 291 13.58 -42.13 -1.91
C ASP D 291 12.69 -42.81 -2.92
N THR D 292 11.47 -43.10 -2.53
CA THR D 292 10.58 -43.88 -3.38
C THR D 292 9.56 -43.02 -4.13
N ALA D 293 8.89 -43.70 -5.05
CA ALA D 293 7.77 -43.15 -5.78
C ALA D 293 6.61 -42.97 -4.82
N LEU D 294 6.44 -43.92 -3.90
CA LEU D 294 5.36 -43.81 -2.92
C LEU D 294 5.43 -42.44 -2.31
N ASN D 295 6.63 -41.96 -2.03
CA ASN D 295 6.75 -40.71 -1.34
C ASN D 295 6.19 -39.57 -2.12
N ALA D 296 6.50 -39.55 -3.43
CA ALA D 296 5.95 -38.58 -4.35
C ALA D 296 4.43 -38.65 -4.48
N ALA D 297 3.88 -39.86 -4.67
CA ALA D 297 2.43 -40.01 -4.81
C ALA D 297 1.74 -39.52 -3.56
N TYR D 298 2.38 -39.82 -2.41
CA TYR D 298 1.83 -39.49 -1.10
C TYR D 298 1.76 -38.00 -0.86
N ILE D 299 2.85 -37.33 -1.20
CA ILE D 299 2.99 -35.91 -0.93
C ILE D 299 2.19 -35.13 -1.92
N ALA D 300 1.93 -35.69 -3.08
CA ALA D 300 1.16 -34.98 -4.10
C ALA D 300 -0.24 -34.55 -3.58
N ARG D 301 -0.91 -35.45 -2.86
CA ARG D 301 -2.18 -35.06 -2.26
C ARG D 301 -1.98 -33.90 -1.28
N ILE D 302 -0.82 -33.82 -0.67
CA ILE D 302 -0.59 -32.76 0.31
C ILE D 302 -0.45 -31.44 -0.39
N LEU D 303 0.28 -31.46 -1.49
CA LEU D 303 0.47 -30.29 -2.32
C LEU D 303 -0.91 -29.79 -2.81
N SER D 304 -1.77 -30.72 -3.24
CA SER D 304 -3.10 -30.40 -3.69
C SER D 304 -4.00 -29.69 -2.68
N GLU D 305 -4.07 -30.19 -1.45
CA GLU D 305 -5.06 -29.67 -0.50
C GLU D 305 -4.47 -28.79 0.59
N GLY D 306 -3.22 -29.05 0.94
CA GLY D 306 -2.52 -28.35 1.99
C GLY D 306 -2.91 -26.91 2.11
N GLY D 307 -2.91 -26.20 0.99
CA GLY D 307 -3.22 -24.77 0.94
C GLY D 307 -4.61 -24.35 1.37
N ASP D 308 -5.60 -25.24 1.26
CA ASP D 308 -6.91 -25.09 1.91
C ASP D 308 -6.84 -24.68 3.38
N TYR D 309 -6.06 -25.41 4.17
CA TYR D 309 -6.06 -25.27 5.62
C TYR D 309 -4.89 -24.44 6.18
N VAL D 310 -3.75 -24.47 5.49
CA VAL D 310 -2.51 -23.88 5.98
C VAL D 310 -1.93 -22.93 4.96
N ASP D 311 -1.46 -21.77 5.39
CA ASP D 311 -0.84 -20.78 4.47
C ASP D 311 0.44 -21.25 3.85
N SER D 312 1.19 -22.07 4.57
CA SER D 312 2.32 -22.73 3.96
C SER D 312 2.57 -24.08 4.57
N PHE D 313 3.35 -24.86 3.83
CA PHE D 313 3.80 -26.15 4.29
C PHE D 313 5.08 -26.52 3.60
N SER D 314 6.09 -26.76 4.43
CA SER D 314 7.45 -26.71 3.96
C SER D 314 7.94 -28.12 3.98
N TYR D 315 8.24 -28.64 2.79
CA TYR D 315 8.68 -30.02 2.67
C TYR D 315 10.09 -30.20 3.22
N TRP D 316 10.15 -30.95 4.30
CA TRP D 316 11.36 -31.42 4.90
C TRP D 316 11.90 -32.63 4.11
N THR D 317 12.88 -32.49 3.21
CA THR D 317 13.65 -31.27 2.96
C THR D 317 13.81 -31.15 1.47
N PHE D 318 14.51 -30.13 1.02
CA PHE D 318 14.80 -30.01 -0.42
C PHE D 318 15.91 -30.92 -0.86
N SER D 319 16.73 -31.40 0.08
CA SER D 319 18.00 -32.07 -0.21
C SER D 319 18.42 -33.11 0.83
N ASP D 320 19.14 -34.13 0.36
CA ASP D 320 19.72 -35.17 1.18
C ASP D 320 21.00 -34.69 1.81
N VAL D 321 21.46 -33.51 1.43
CA VAL D 321 22.50 -32.84 2.21
C VAL D 321 21.94 -32.57 3.60
N PHE D 322 22.36 -33.44 4.51
CA PHE D 322 21.74 -33.61 5.81
C PHE D 322 22.65 -34.47 6.68
N GLU D 323 22.61 -34.27 7.99
CA GLU D 323 23.50 -34.98 8.91
C GLU D 323 22.88 -35.39 10.26
N GLU D 324 21.63 -35.05 10.50
CA GLU D 324 21.02 -35.39 11.79
C GLU D 324 21.39 -36.79 12.22
N MET D 325 21.33 -37.71 11.27
CA MET D 325 21.67 -39.10 11.56
C MET D 325 22.95 -39.51 10.85
N ASP D 326 23.98 -38.66 10.96
CA ASP D 326 25.29 -38.89 10.40
C ASP D 326 25.31 -38.71 8.89
N VAL D 327 26.51 -38.75 8.33
CA VAL D 327 26.71 -38.68 6.89
C VAL D 327 26.04 -39.87 6.18
N PRO D 328 25.24 -39.58 5.15
CA PRO D 328 24.63 -40.61 4.33
C PRO D 328 25.56 -41.75 4.05
N LYS D 329 25.12 -42.94 4.45
CA LYS D 329 25.97 -44.13 4.34
C LYS D 329 25.87 -44.78 2.96
N ALA D 330 25.02 -44.23 2.10
CA ALA D 330 24.80 -44.77 0.76
C ALA D 330 23.99 -43.77 -0.01
N LEU D 331 24.08 -43.80 -1.34
CA LEU D 331 23.46 -42.77 -2.17
C LEU D 331 22.00 -42.55 -1.78
N PHE D 332 21.20 -43.59 -1.90
CA PHE D 332 19.84 -43.54 -1.38
C PHE D 332 19.84 -44.24 -0.02
N HIS D 333 19.54 -43.46 1.00
CA HIS D 333 19.71 -43.87 2.40
C HIS D 333 18.56 -43.34 3.26
N GLY D 334 17.48 -42.88 2.64
CA GLY D 334 16.29 -42.54 3.38
C GLY D 334 16.20 -41.11 3.79
N GLY D 335 16.99 -40.26 3.16
CA GLY D 335 17.12 -38.87 3.54
C GLY D 335 15.85 -38.16 3.10
N PHE D 336 15.59 -37.03 3.72
CA PHE D 336 14.39 -36.26 3.47
C PHE D 336 14.32 -35.62 2.11
N GLY D 337 15.48 -35.49 1.46
CA GLY D 337 15.61 -34.67 0.28
C GLY D 337 14.72 -34.96 -0.91
N LEU D 338 14.11 -33.89 -1.41
CA LEU D 338 13.67 -33.87 -2.78
C LEU D 338 14.81 -34.30 -3.69
N VAL D 339 16.01 -33.77 -3.46
CA VAL D 339 17.16 -34.10 -4.29
C VAL D 339 18.17 -34.94 -3.54
N ALA D 340 18.64 -36.00 -4.18
CA ALA D 340 19.70 -36.85 -3.59
C ALA D 340 21.06 -36.29 -3.89
N LEU D 341 22.05 -36.76 -3.18
CA LEU D 341 23.41 -36.43 -3.52
C LEU D 341 23.68 -36.72 -5.00
N HIS D 342 24.57 -35.88 -5.55
CA HIS D 342 24.88 -35.79 -6.97
C HIS D 342 23.78 -35.12 -7.78
N SER D 343 22.84 -34.50 -7.08
CA SER D 343 21.75 -33.75 -7.69
C SER D 343 20.80 -34.65 -8.51
N ILE D 344 20.57 -35.84 -7.95
CA ILE D 344 19.67 -36.81 -8.54
C ILE D 344 18.29 -36.56 -8.02
N PRO D 345 17.41 -36.00 -8.82
CA PRO D 345 16.06 -35.76 -8.32
C PRO D 345 15.50 -37.05 -7.90
N LYS D 346 14.76 -37.03 -6.81
CA LYS D 346 14.04 -38.20 -6.35
C LYS D 346 12.66 -37.99 -6.84
N PRO D 347 11.83 -39.03 -6.81
CA PRO D 347 10.46 -38.89 -7.28
C PRO D 347 9.71 -37.71 -6.63
N THR D 348 9.81 -37.48 -5.33
CA THR D 348 9.05 -36.38 -4.78
C THR D 348 9.43 -35.03 -5.46
N PHE D 349 10.70 -34.86 -5.81
CA PHE D 349 11.15 -33.71 -6.57
C PHE D 349 10.23 -33.51 -7.75
N HIS D 350 10.07 -34.56 -8.55
CA HIS D 350 9.20 -34.51 -9.71
C HIS D 350 7.76 -34.16 -9.36
N ALA D 351 7.26 -34.58 -8.22
CA ALA D 351 5.92 -34.15 -7.80
C ALA D 351 5.81 -32.62 -7.73
N PHE D 352 6.77 -31.98 -7.06
CA PHE D 352 6.73 -30.54 -6.87
C PHE D 352 6.77 -29.83 -8.19
N THR D 353 7.70 -30.31 -9.01
CA THR D 353 7.94 -29.84 -10.35
C THR D 353 6.65 -29.89 -11.15
N PHE D 354 5.92 -30.99 -11.02
CA PHE D 354 4.66 -31.15 -11.72
C PHE D 354 3.64 -30.12 -11.17
N PHE D 355 3.54 -29.96 -9.85
CA PHE D 355 2.69 -28.91 -9.30
C PHE D 355 3.10 -27.53 -9.77
N ASN D 356 4.38 -27.38 -10.07
CA ASN D 356 4.88 -26.11 -10.55
C ASN D 356 4.34 -25.70 -11.91
N ALA D 357 3.89 -26.69 -12.67
CA ALA D 357 3.34 -26.47 -13.98
C ALA D 357 1.81 -26.16 -13.97
N LEU D 358 1.16 -26.30 -12.83
CA LEU D 358 -0.28 -25.99 -12.71
C LEU D 358 -0.58 -24.50 -12.79
N GLY D 359 -1.79 -24.18 -13.25
CA GLY D 359 -2.27 -22.81 -13.33
C GLY D 359 -2.94 -22.30 -12.07
N ASP D 360 -3.29 -21.02 -12.08
CA ASP D 360 -4.01 -20.34 -11.02
C ASP D 360 -5.45 -20.89 -10.96
N GLU D 361 -6.09 -21.04 -12.12
CA GLU D 361 -7.52 -21.42 -12.18
C GLU D 361 -7.76 -22.89 -11.82
N LEU D 362 -8.37 -23.12 -10.67
CA LEU D 362 -8.69 -24.47 -10.25
C LEU D 362 -9.97 -24.89 -10.92
N LEU D 363 -9.86 -25.77 -11.90
CA LEU D 363 -11.01 -26.27 -12.65
C LEU D 363 -11.67 -27.45 -11.96
N TYR D 364 -10.87 -28.39 -11.47
CA TYR D 364 -11.40 -29.53 -10.74
C TYR D 364 -10.37 -30.16 -9.82
N ARG D 365 -10.80 -30.61 -8.66
CA ARG D 365 -9.92 -31.30 -7.74
C ARG D 365 -10.66 -32.34 -6.91
N ASP D 366 -10.20 -33.57 -6.95
CA ASP D 366 -10.56 -34.57 -5.96
C ASP D 366 -9.29 -35.03 -5.29
N GLY D 367 -9.31 -36.17 -4.58
CA GLY D 367 -8.17 -36.62 -3.82
C GLY D 367 -7.07 -37.35 -4.58
N GLU D 368 -7.16 -37.37 -5.91
CA GLU D 368 -6.15 -38.04 -6.73
C GLU D 368 -5.73 -37.21 -7.92
N MET D 369 -6.21 -35.97 -8.00
CA MET D 369 -5.86 -35.09 -9.10
C MET D 369 -6.26 -33.65 -8.87
N ILE D 370 -5.56 -32.79 -9.56
CA ILE D 370 -5.82 -31.37 -9.58
C ILE D 370 -5.73 -30.96 -11.04
N VAL D 371 -6.69 -30.16 -11.48
CA VAL D 371 -6.78 -29.76 -12.86
C VAL D 371 -6.92 -28.29 -12.84
N THR D 372 -6.19 -27.65 -13.72
CA THR D 372 -6.13 -26.22 -13.68
C THR D 372 -6.08 -25.66 -15.11
N ARG D 373 -6.53 -24.42 -15.23
CA ARG D 373 -6.37 -23.65 -16.47
C ARG D 373 -5.21 -22.67 -16.23
N ARG D 374 -4.34 -22.54 -17.23
CA ARG D 374 -3.27 -21.55 -17.23
C ARG D 374 -3.88 -20.30 -17.79
N LYS D 375 -3.17 -19.18 -17.71
CA LYS D 375 -3.69 -17.90 -18.17
C LYS D 375 -3.65 -17.77 -19.71
N ASP D 376 -2.81 -18.57 -20.38
CA ASP D 376 -2.87 -18.74 -21.85
C ASP D 376 -3.96 -19.76 -22.29
N GLY D 377 -4.61 -20.40 -21.32
CA GLY D 377 -5.75 -21.25 -21.63
C GLY D 377 -5.44 -22.73 -21.75
N SER D 378 -4.17 -23.09 -21.58
CA SER D 378 -3.80 -24.49 -21.55
C SER D 378 -4.24 -25.10 -20.22
N ILE D 379 -4.42 -26.41 -20.20
CA ILE D 379 -4.73 -27.12 -18.99
C ILE D 379 -3.42 -27.67 -18.44
N ALA D 380 -3.33 -27.75 -17.12
CA ALA D 380 -2.26 -28.46 -16.46
C ALA D 380 -2.89 -29.27 -15.36
N ALA D 381 -2.61 -30.56 -15.37
CA ALA D 381 -3.22 -31.46 -14.42
C ALA D 381 -2.16 -32.42 -13.86
N VAL D 382 -2.10 -32.50 -12.54
CA VAL D 382 -1.27 -33.49 -11.85
C VAL D 382 -2.17 -34.60 -11.28
N LEU D 383 -1.80 -35.84 -11.54
CA LEU D 383 -2.56 -37.00 -11.10
C LEU D 383 -1.59 -37.91 -10.35
N TRP D 384 -2.05 -38.51 -9.27
CA TRP D 384 -1.21 -39.43 -8.54
C TRP D 384 -2.03 -40.63 -8.13
N ASN D 385 -1.31 -41.71 -7.87
CA ASN D 385 -1.90 -43.00 -7.60
C ASN D 385 -1.17 -43.58 -6.44
N LEU D 386 -1.49 -43.06 -5.27
CA LEU D 386 -0.85 -43.48 -4.05
C LEU D 386 -1.42 -44.82 -3.68
N VAL D 387 -0.53 -45.74 -3.36
CA VAL D 387 -0.90 -47.09 -3.04
C VAL D 387 0.05 -47.50 -1.94
N MET D 388 -0.43 -47.49 -0.71
CA MET D 388 0.39 -47.79 0.44
C MET D 388 0.46 -49.29 0.72
N GLU D 389 -0.46 -50.06 0.17
CA GLU D 389 -0.49 -51.49 0.44
C GLU D 389 0.58 -52.17 -0.41
N LYS D 390 1.32 -53.08 0.21
CA LYS D 390 2.26 -53.95 -0.49
C LYS D 390 1.59 -54.62 -1.69
N GLY D 391 2.36 -54.93 -2.72
CA GLY D 391 1.86 -55.67 -3.87
C GLY D 391 2.10 -54.97 -5.19
N GLU D 392 2.06 -55.74 -6.26
CA GLU D 392 2.31 -55.23 -7.62
C GLU D 392 1.00 -54.97 -8.36
N GLY D 393 1.14 -54.40 -9.57
CA GLY D 393 0.00 -53.86 -10.28
C GLY D 393 -0.57 -52.75 -9.43
N LEU D 394 -1.89 -52.75 -9.24
CA LEU D 394 -2.63 -51.68 -8.54
C LEU D 394 -2.70 -50.38 -9.38
N THR D 395 -3.07 -50.57 -10.66
CA THR D 395 -3.23 -49.46 -11.62
C THR D 395 -4.63 -48.83 -11.56
N LYS D 396 -4.64 -47.51 -11.60
CA LYS D 396 -5.86 -46.72 -11.66
C LYS D 396 -6.06 -46.21 -13.07
N GLU D 397 -7.23 -46.48 -13.65
CA GLU D 397 -7.62 -45.86 -14.91
C GLU D 397 -8.42 -44.59 -14.55
N VAL D 398 -7.97 -43.43 -15.05
CA VAL D 398 -8.67 -42.16 -14.86
C VAL D 398 -9.14 -41.63 -16.20
N GLN D 399 -10.35 -41.09 -16.24
CA GLN D 399 -10.91 -40.60 -17.48
C GLN D 399 -11.18 -39.12 -17.33
N LEU D 400 -10.46 -38.29 -18.09
CA LEU D 400 -10.50 -36.86 -17.91
C LEU D 400 -11.10 -36.24 -19.15
N VAL D 401 -12.20 -35.54 -18.96
CA VAL D 401 -12.92 -34.91 -20.06
C VAL D 401 -12.71 -33.41 -19.91
N ILE D 402 -11.88 -32.85 -20.78
CA ILE D 402 -11.46 -31.47 -20.69
C ILE D 402 -12.03 -30.69 -21.86
N PRO D 403 -12.58 -29.51 -21.58
CA PRO D 403 -13.05 -28.61 -22.64
C PRO D 403 -11.98 -27.63 -23.16
N VAL D 404 -12.16 -27.16 -24.39
CA VAL D 404 -11.26 -26.23 -25.09
C VAL D 404 -11.73 -26.05 -26.55
N SER D 405 -12.15 -24.84 -26.90
CA SER D 405 -12.61 -24.55 -28.28
C SER D 405 -11.45 -24.43 -29.29
N GLU D 406 -10.22 -24.48 -28.77
CA GLU D 406 -9.02 -24.74 -29.58
C GLU D 406 -9.23 -26.10 -30.26
N SER D 407 -9.08 -26.18 -31.59
CA SER D 407 -9.29 -27.43 -32.34
C SER D 407 -8.22 -28.50 -32.03
N ALA D 408 -6.97 -28.19 -32.32
CA ALA D 408 -5.90 -29.16 -32.18
C ALA D 408 -5.11 -28.88 -30.89
N VAL D 409 -4.65 -29.95 -30.27
CA VAL D 409 -4.14 -29.89 -28.91
C VAL D 409 -2.85 -30.72 -28.81
N PHE D 410 -1.85 -30.12 -28.15
CA PHE D 410 -0.61 -30.81 -27.83
C PHE D 410 -0.59 -31.26 -26.37
N ILE D 411 -0.61 -32.58 -26.16
CA ILE D 411 -0.57 -33.13 -24.80
C ILE D 411 0.84 -33.59 -24.47
N LYS D 412 1.42 -32.99 -23.43
CA LYS D 412 2.67 -33.46 -22.85
C LYS D 412 2.41 -34.08 -21.47
N ARG D 413 2.82 -35.32 -21.33
CA ARG D 413 2.60 -36.06 -20.12
C ARG D 413 3.93 -36.50 -19.61
N GLN D 414 4.17 -36.30 -18.32
CA GLN D 414 5.41 -36.78 -17.74
C GLN D 414 5.08 -37.68 -16.58
N ILE D 415 5.72 -38.81 -16.53
CA ILE D 415 5.37 -39.74 -15.49
C ILE D 415 6.61 -40.03 -14.68
N VAL D 416 6.39 -40.20 -13.39
CA VAL D 416 7.39 -40.76 -12.54
C VAL D 416 6.66 -41.70 -11.62
N ASN D 417 7.19 -42.91 -11.54
CA ASN D 417 6.57 -43.99 -10.81
C ASN D 417 7.62 -45.02 -10.33
N GLU D 418 7.23 -46.28 -10.21
CA GLU D 418 8.14 -47.31 -9.72
C GLU D 418 9.20 -47.73 -10.76
N GLN D 419 9.02 -47.28 -12.01
CA GLN D 419 9.99 -47.58 -13.06
C GLN D 419 10.70 -46.34 -13.57
N TYR D 420 9.92 -45.31 -13.87
CA TYR D 420 10.37 -44.09 -14.46
C TYR D 420 10.60 -43.02 -13.42
N GLY D 421 11.54 -42.14 -13.72
CA GLY D 421 12.00 -41.09 -12.84
C GLY D 421 12.39 -41.60 -11.48
N ASN D 422 12.87 -42.84 -11.40
CA ASN D 422 13.19 -43.45 -10.12
C ASN D 422 14.60 -44.02 -10.12
N ALA D 423 15.55 -43.21 -9.66
CA ALA D 423 16.94 -43.65 -9.61
C ALA D 423 17.19 -44.67 -8.49
N TRP D 424 16.36 -44.64 -7.44
CA TRP D 424 16.37 -45.67 -6.40
C TRP D 424 16.19 -47.09 -6.94
N ARG D 425 15.17 -47.36 -7.76
CA ARG D 425 14.98 -48.73 -8.28
C ARG D 425 16.20 -49.19 -9.10
N VAL D 426 16.84 -48.26 -9.80
CA VAL D 426 18.01 -48.54 -10.67
C VAL D 426 19.34 -48.61 -9.90
N TRP D 427 19.37 -47.92 -8.77
CA TRP D 427 20.47 -47.96 -7.82
C TRP D 427 20.58 -49.35 -7.23
N LYS D 428 19.40 -49.92 -6.96
CA LYS D 428 19.30 -51.26 -6.43
C LYS D 428 19.79 -52.26 -7.46
N GLN D 429 19.43 -52.04 -8.72
CA GLN D 429 19.87 -52.91 -9.83
C GLN D 429 21.39 -52.87 -10.05
N MET D 430 21.98 -51.78 -9.61
CA MET D 430 23.41 -51.58 -9.69
C MET D 430 24.14 -52.30 -8.55
N GLY D 431 23.38 -52.82 -7.58
CA GLY D 431 23.93 -53.52 -6.44
C GLY D 431 24.11 -52.58 -5.26
N ARG D 432 23.11 -51.71 -5.06
CA ARG D 432 23.16 -50.64 -4.06
C ARG D 432 24.55 -50.08 -3.78
N PRO D 433 25.22 -49.58 -4.79
CA PRO D 433 26.53 -48.98 -4.58
C PRO D 433 26.36 -47.85 -3.56
N ARG D 434 27.00 -48.00 -2.42
CA ARG D 434 26.98 -46.93 -1.42
C ARG D 434 27.57 -45.64 -1.98
N PHE D 435 28.67 -45.79 -2.67
CA PHE D 435 29.54 -44.68 -3.08
C PHE D 435 29.78 -44.83 -4.57
N PRO D 436 28.75 -44.52 -5.35
CA PRO D 436 28.77 -44.85 -6.78
C PRO D 436 29.89 -44.13 -7.52
N SER D 437 30.40 -44.79 -8.54
CA SER D 437 31.23 -44.14 -9.54
C SER D 437 30.46 -43.04 -10.24
N ARG D 438 31.20 -42.07 -10.76
CA ARG D 438 30.63 -40.99 -11.53
C ARG D 438 29.73 -41.49 -12.68
N GLN D 439 30.13 -42.57 -13.29
CA GLN D 439 29.37 -43.19 -14.37
C GLN D 439 28.02 -43.72 -13.90
N ALA D 440 28.01 -44.31 -12.70
CA ALA D 440 26.80 -44.86 -12.12
C ALA D 440 25.87 -43.71 -11.77
N VAL D 441 26.41 -42.74 -11.06
CA VAL D 441 25.70 -41.48 -10.77
C VAL D 441 25.02 -40.89 -12.03
N GLU D 442 25.74 -40.84 -13.15
CA GLU D 442 25.21 -40.19 -14.35
C GLU D 442 24.10 -41.01 -14.95
N THR D 443 24.23 -42.33 -14.87
CA THR D 443 23.15 -43.21 -15.23
C THR D 443 21.97 -42.92 -14.34
N LEU D 444 22.24 -42.76 -13.06
CA LEU D 444 21.19 -42.56 -12.10
C LEU D 444 20.45 -41.29 -12.43
N ARG D 445 21.19 -40.28 -12.84
CA ARG D 445 20.60 -38.99 -13.17
C ARG D 445 19.73 -39.10 -14.39
N GLN D 446 20.21 -39.80 -15.42
CA GLN D 446 19.48 -40.08 -16.65
C GLN D 446 18.11 -40.70 -16.36
N VAL D 447 18.14 -41.66 -15.47
CA VAL D 447 17.00 -42.47 -15.09
C VAL D 447 16.07 -41.70 -14.15
N ALA D 448 16.60 -40.71 -13.45
CA ALA D 448 15.79 -39.92 -12.50
C ALA D 448 14.89 -38.93 -13.21
N GLN D 449 14.99 -38.86 -14.53
CA GLN D 449 14.21 -37.90 -15.29
C GLN D 449 12.81 -38.46 -15.48
N PRO D 450 11.79 -37.62 -15.42
CA PRO D 450 10.45 -38.06 -15.71
C PRO D 450 10.40 -38.66 -17.09
N HIS D 451 9.62 -39.73 -17.26
CA HIS D 451 9.35 -40.28 -18.57
C HIS D 451 8.38 -39.37 -19.33
N VAL D 452 8.74 -38.92 -20.52
CA VAL D 452 7.86 -37.98 -21.23
C VAL D 452 7.14 -38.69 -22.35
N MET D 453 5.89 -38.30 -22.54
CA MET D 453 5.04 -38.82 -23.60
C MET D 453 4.30 -37.66 -24.22
N THR D 454 4.38 -37.55 -25.53
CA THR D 454 3.68 -36.46 -26.20
C THR D 454 2.68 -37.04 -27.19
N GLU D 455 1.65 -36.26 -27.51
CA GLU D 455 0.81 -36.54 -28.64
C GLU D 455 0.05 -35.29 -29.08
N GLN D 456 -0.30 -35.28 -30.36
CA GLN D 456 -1.23 -34.31 -30.87
C GLN D 456 -2.54 -35.03 -31.01
N ARG D 457 -3.59 -34.37 -30.54
CA ARG D 457 -4.94 -34.86 -30.63
C ARG D 457 -5.84 -33.77 -31.19
N ARG D 458 -6.79 -34.18 -32.02
CA ARG D 458 -7.87 -33.28 -32.44
C ARG D 458 -8.83 -33.15 -31.25
N ALA D 459 -9.54 -32.04 -31.16
CA ALA D 459 -10.69 -31.92 -30.24
C ALA D 459 -11.94 -32.28 -31.03
N THR D 460 -12.83 -33.05 -30.42
CA THR D 460 -14.15 -33.29 -31.00
C THR D 460 -15.16 -32.72 -30.02
N ASP D 461 -15.97 -31.76 -30.49
CA ASP D 461 -17.00 -31.08 -29.70
C ASP D 461 -16.39 -30.12 -28.68
N GLY D 462 -15.24 -29.55 -29.02
CA GLY D 462 -14.49 -28.72 -28.10
C GLY D 462 -14.03 -29.48 -26.86
N VAL D 463 -13.88 -30.79 -27.01
CA VAL D 463 -13.56 -31.67 -25.88
C VAL D 463 -12.39 -32.59 -26.22
N ILE D 464 -11.52 -32.76 -25.24
CA ILE D 464 -10.50 -33.78 -25.26
C ILE D 464 -10.88 -34.83 -24.23
N HIS D 465 -10.77 -36.10 -24.61
CA HIS D 465 -11.06 -37.18 -23.69
C HIS D 465 -9.80 -37.99 -23.42
N LEU D 466 -9.19 -37.76 -22.24
CA LEU D 466 -7.95 -38.44 -21.90
C LEU D 466 -8.20 -39.70 -21.09
N SER D 467 -7.85 -40.84 -21.66
CA SER D 467 -7.81 -42.08 -20.91
C SER D 467 -6.39 -42.21 -20.43
N ILE D 468 -6.24 -42.09 -19.11
CA ILE D 468 -4.94 -41.93 -18.43
C ILE D 468 -4.76 -43.10 -17.49
N VAL D 469 -3.68 -43.84 -17.65
CA VAL D 469 -3.46 -45.02 -16.81
C VAL D 469 -2.25 -44.76 -15.94
N LEU D 470 -2.49 -44.76 -14.64
CA LEU D 470 -1.46 -44.52 -13.65
C LEU D 470 -0.99 -45.85 -13.12
N SER D 471 0.32 -46.09 -13.11
CA SER D 471 0.83 -47.25 -12.38
C SER D 471 0.97 -46.89 -10.89
N LYS D 472 1.44 -47.87 -10.12
CA LYS D 472 1.49 -47.78 -8.69
C LYS D 472 2.38 -46.65 -8.27
N ASN D 473 1.86 -45.79 -7.40
CA ASN D 473 2.62 -44.63 -6.89
C ASN D 473 3.17 -43.77 -8.02
N GLU D 474 2.41 -43.69 -9.10
CA GLU D 474 2.72 -42.77 -10.17
C GLU D 474 2.25 -41.41 -9.73
N VAL D 475 3.09 -40.40 -9.94
CA VAL D 475 2.63 -39.06 -10.09
C VAL D 475 2.86 -38.71 -11.53
N THR D 476 1.88 -38.06 -12.14
CA THR D 476 2.02 -37.66 -13.53
C THR D 476 1.47 -36.26 -13.77
N LEU D 477 2.21 -35.47 -14.55
CA LEU D 477 1.77 -34.15 -15.00
C LEU D 477 1.19 -34.37 -16.37
N ILE D 478 0.08 -33.73 -16.68
CA ILE D 478 -0.40 -33.68 -18.05
C ILE D 478 -0.69 -32.25 -18.39
N GLU D 479 -0.18 -31.83 -19.54
CA GLU D 479 -0.40 -30.49 -20.05
C GLU D 479 -1.10 -30.58 -21.38
N ILE D 480 -2.10 -29.75 -21.59
CA ILE D 480 -2.79 -29.67 -22.88
C ILE D 480 -2.69 -28.28 -23.39
N GLU D 481 -1.87 -28.10 -24.40
CA GLU D 481 -1.58 -26.79 -24.92
C GLU D 481 -2.31 -26.67 -26.24
N GLN D 482 -2.76 -25.47 -26.56
CA GLN D 482 -3.20 -25.16 -27.91
C GLN D 482 -2.05 -25.35 -28.88
N VAL D 483 -2.28 -26.19 -29.89
CA VAL D 483 -1.50 -26.20 -31.12
C VAL D 483 -2.01 -25.08 -32.05
N ARG D 484 -1.18 -24.07 -32.27
CA ARG D 484 -1.39 -23.17 -33.39
C ARG D 484 -0.54 -23.76 -34.53
N ASP D 485 -1.15 -24.61 -35.32
CA ASP D 485 -0.44 -25.45 -36.29
C ASP D 485 0.06 -24.66 -37.47
N GLU D 486 1.36 -24.83 -37.75
CA GLU D 486 2.02 -24.10 -38.82
C GLU D 486 2.29 -24.95 -40.05
N THR D 487 1.97 -26.22 -40.00
CA THR D 487 2.22 -27.12 -41.13
C THR D 487 1.77 -26.59 -42.51
N SER D 488 0.71 -25.79 -42.55
CA SER D 488 0.17 -25.28 -43.81
C SER D 488 1.11 -24.30 -44.48
N THR D 489 1.96 -23.65 -43.68
CA THR D 489 2.99 -22.74 -44.20
C THR D 489 4.11 -23.52 -44.92
N TYR D 490 4.24 -24.82 -44.60
CA TYR D 490 5.20 -25.71 -45.29
C TYR D 490 4.58 -26.29 -46.53
N VAL D 491 4.41 -25.44 -47.52
CA VAL D 491 3.77 -25.82 -48.77
C VAL D 491 4.70 -26.80 -49.48
N GLY D 492 4.11 -27.92 -49.89
CA GLY D 492 4.83 -29.04 -50.44
C GLY D 492 5.31 -30.00 -49.35
N LEU D 493 5.20 -29.64 -48.07
CA LEU D 493 5.74 -30.51 -47.06
C LEU D 493 5.11 -31.89 -47.23
N ASP D 494 5.96 -32.90 -47.18
CA ASP D 494 5.56 -34.28 -47.39
C ASP D 494 6.61 -35.22 -46.81
N ASP D 495 6.33 -35.75 -45.62
CA ASP D 495 7.23 -36.69 -44.96
C ASP D 495 7.33 -37.99 -45.78
N GLY D 496 6.31 -38.25 -46.59
CA GLY D 496 6.32 -39.34 -47.56
C GLY D 496 7.45 -39.37 -48.59
N GLU D 497 8.16 -38.27 -48.73
CA GLU D 497 9.29 -38.15 -49.64
C GLU D 497 10.63 -38.31 -48.92
N ILE D 498 10.58 -38.68 -47.65
CA ILE D 498 11.79 -38.98 -46.92
C ILE D 498 11.88 -40.49 -46.91
N THR D 499 13.09 -41.00 -47.00
CA THR D 499 13.31 -42.44 -46.89
C THR D 499 12.62 -43.08 -45.67
N SER D 500 11.78 -44.08 -45.91
CA SER D 500 11.07 -44.82 -44.85
C SER D 500 9.80 -44.17 -44.28
N TYR D 501 9.62 -42.86 -44.44
CA TYR D 501 8.55 -42.11 -43.75
C TYR D 501 7.28 -41.97 -44.62
N SER D 502 6.13 -41.72 -44.01
CA SER D 502 4.87 -41.75 -44.78
C SER D 502 3.91 -40.62 -44.46
N GLY E 2 -35.20 -23.41 -0.76
CA GLY E 2 -33.91 -24.14 -0.86
C GLY E 2 -33.13 -23.99 0.45
N VAL E 3 -32.51 -25.09 0.92
CA VAL E 3 -31.75 -25.10 2.18
C VAL E 3 -30.28 -24.74 1.96
N VAL E 4 -29.80 -23.79 2.74
CA VAL E 4 -28.49 -23.19 2.55
C VAL E 4 -27.69 -23.39 3.81
N ASN E 5 -26.54 -24.05 3.67
CA ASN E 5 -25.65 -24.25 4.77
C ASN E 5 -24.50 -23.28 4.63
N VAL E 6 -24.56 -22.26 5.46
CA VAL E 6 -23.61 -21.17 5.45
C VAL E 6 -22.34 -21.72 6.09
N PRO E 7 -21.22 -21.65 5.39
CA PRO E 7 -19.94 -22.04 5.98
C PRO E 7 -19.64 -21.21 7.20
N SER E 8 -18.93 -21.78 8.17
CA SER E 8 -18.47 -21.00 9.32
C SER E 8 -17.44 -19.95 8.92
N ASN E 9 -16.67 -20.24 7.88
CA ASN E 9 -15.60 -19.35 7.41
C ASN E 9 -15.71 -19.01 5.92
N GLY E 10 -15.42 -17.77 5.60
CA GLY E 10 -15.42 -17.32 4.23
C GLY E 10 -13.99 -17.25 3.74
N ARG E 11 -13.80 -17.44 2.44
CA ARG E 11 -12.53 -17.20 1.80
C ARG E 11 -12.49 -15.84 1.11
N GLU E 12 -13.62 -15.35 0.60
CA GLU E 12 -13.67 -14.04 -0.05
C GLU E 12 -14.08 -12.99 0.98
N LYS E 13 -13.69 -11.75 0.73
CA LYS E 13 -14.21 -10.61 1.48
C LYS E 13 -15.28 -9.97 0.61
N PHE E 14 -16.35 -9.48 1.22
CA PHE E 14 -17.37 -8.75 0.49
C PHE E 14 -16.86 -7.33 0.38
N LYS E 15 -16.64 -6.88 -0.85
CA LYS E 15 -16.09 -5.56 -1.09
C LYS E 15 -17.15 -4.50 -0.87
N LYS E 16 -16.68 -3.27 -0.63
CA LYS E 16 -17.51 -2.10 -0.40
C LYS E 16 -17.75 -1.33 -1.70
N ASN E 17 -17.43 -1.94 -2.83
CA ASN E 17 -17.63 -1.33 -4.14
C ASN E 17 -19.05 -0.73 -4.28
N TRP E 18 -20.04 -1.43 -3.73
CA TRP E 18 -21.46 -1.11 -3.86
C TRP E 18 -21.85 0.26 -3.34
N LYS E 19 -21.08 0.74 -2.37
CA LYS E 19 -21.32 2.03 -1.74
C LYS E 19 -20.17 2.97 -1.93
N PHE E 20 -19.30 2.68 -2.90
CA PHE E 20 -18.21 3.55 -3.24
C PHE E 20 -18.75 4.93 -3.62
N CYS E 21 -19.75 4.98 -4.48
CA CYS E 21 -20.24 6.22 -5.08
C CYS E 21 -21.76 6.11 -5.24
N VAL E 22 -22.41 7.27 -5.21
CA VAL E 22 -23.82 7.36 -5.50
C VAL E 22 -24.08 8.53 -6.50
N GLY E 23 -25.23 8.48 -7.15
CA GLY E 23 -25.59 9.52 -8.07
C GLY E 23 -26.29 10.66 -7.42
N THR E 24 -26.41 11.73 -8.19
CA THR E 24 -27.16 12.90 -7.79
C THR E 24 -27.68 13.64 -8.98
N GLY E 25 -28.77 14.37 -8.78
CA GLY E 25 -29.18 15.40 -9.71
C GLY E 25 -28.08 16.45 -9.78
N ARG E 26 -28.29 17.47 -10.59
CA ARG E 26 -27.22 18.34 -11.06
C ARG E 26 -26.65 19.07 -9.87
N LEU E 27 -25.38 19.41 -9.97
CA LEU E 27 -24.68 19.93 -8.80
C LEU E 27 -25.37 21.20 -8.26
N GLY E 28 -26.02 21.98 -9.13
CA GLY E 28 -26.72 23.20 -8.68
C GLY E 28 -27.84 22.97 -7.67
N LEU E 29 -28.48 21.81 -7.75
CA LEU E 29 -29.46 21.38 -6.79
C LEU E 29 -28.91 21.06 -5.43
N ALA E 30 -27.59 20.87 -5.35
CA ALA E 30 -26.94 20.64 -4.10
C ALA E 30 -27.02 21.89 -3.23
N LEU E 31 -27.40 23.00 -3.85
CA LEU E 31 -27.62 24.23 -3.11
C LEU E 31 -28.87 24.18 -2.25
N GLN E 32 -29.75 23.22 -2.54
CA GLN E 32 -31.08 23.19 -1.95
C GLN E 32 -31.05 22.52 -0.61
N LYS E 33 -31.70 23.13 0.38
CA LYS E 33 -31.82 22.52 1.70
C LYS E 33 -32.32 21.09 1.56
N GLU E 34 -33.30 20.86 0.72
CA GLU E 34 -33.88 19.53 0.55
C GLU E 34 -32.79 18.55 0.18
N TYR E 35 -32.00 18.91 -0.82
CA TYR E 35 -30.94 18.04 -1.26
C TYR E 35 -30.04 17.62 -0.11
N LEU E 36 -29.64 18.56 0.73
CA LEU E 36 -28.75 18.31 1.84
C LEU E 36 -29.38 17.53 2.97
N ASP E 37 -30.65 17.77 3.26
CA ASP E 37 -31.35 16.86 4.17
C ASP E 37 -31.23 15.42 3.69
N HIS E 38 -31.42 15.23 2.39
CA HIS E 38 -31.39 13.89 1.78
C HIS E 38 -30.00 13.31 1.82
N LEU E 39 -28.99 14.16 1.65
CA LEU E 39 -27.62 13.66 1.63
C LEU E 39 -27.27 13.22 3.02
N LYS E 40 -27.59 14.04 4.01
CA LYS E 40 -27.23 13.79 5.39
C LYS E 40 -27.84 12.49 5.81
N LEU E 41 -29.13 12.34 5.48
CA LEU E 41 -29.78 11.07 5.69
C LEU E 41 -29.00 9.92 5.06
N VAL E 42 -28.67 10.07 3.81
CA VAL E 42 -28.03 9.04 3.06
C VAL E 42 -26.66 8.69 3.67
N GLN E 43 -25.86 9.70 3.97
CA GLN E 43 -24.60 9.52 4.59
C GLN E 43 -24.64 8.95 6.04
N GLU E 44 -25.74 9.11 6.74
CA GLU E 44 -25.81 8.62 8.11
C GLU E 44 -26.17 7.14 8.15
N LYS E 45 -26.98 6.72 7.18
CA LYS E 45 -27.50 5.36 7.11
C LYS E 45 -26.76 4.50 6.08
N ILE E 46 -26.33 5.12 5.00
CA ILE E 46 -25.51 4.48 3.95
C ILE E 46 -24.30 5.36 3.76
N GLY E 47 -23.11 4.87 3.93
CA GLY E 47 -22.00 5.82 3.87
C GLY E 47 -21.32 5.84 2.52
N PHE E 48 -21.86 6.53 1.54
CA PHE E 48 -21.14 6.64 0.27
C PHE E 48 -19.89 7.52 0.36
N ARG E 49 -18.90 7.14 -0.45
CA ARG E 49 -17.64 7.86 -0.51
C ARG E 49 -17.65 8.93 -1.59
N TYR E 50 -18.40 8.70 -2.64
CA TYR E 50 -18.39 9.61 -3.79
C TYR E 50 -19.82 9.91 -4.26
N ILE E 51 -19.96 11.10 -4.82
CA ILE E 51 -21.22 11.58 -5.36
C ILE E 51 -20.92 12.10 -6.76
N ARG E 52 -21.73 11.67 -7.70
CA ARG E 52 -21.45 11.88 -9.10
C ARG E 52 -22.71 12.46 -9.73
N GLY E 53 -22.60 13.68 -10.23
CA GLY E 53 -23.70 14.31 -10.92
C GLY E 53 -23.31 15.12 -12.14
N HIS E 54 -24.32 15.77 -12.71
CA HIS E 54 -24.17 16.57 -13.92
C HIS E 54 -24.09 18.02 -13.53
N GLY E 55 -23.61 18.83 -14.45
CA GLY E 55 -23.86 20.26 -14.39
C GLY E 55 -22.80 21.07 -13.67
N LEU E 56 -21.68 20.48 -13.29
CA LEU E 56 -20.68 21.25 -12.57
C LEU E 56 -20.34 22.53 -13.31
N LEU E 57 -20.33 22.41 -14.63
CA LEU E 57 -20.00 23.46 -15.56
C LEU E 57 -21.21 24.08 -16.25
N SER E 58 -22.40 23.59 -15.93
CA SER E 58 -23.60 24.21 -16.39
C SER E 58 -23.84 25.49 -15.60
N ASP E 59 -24.69 26.36 -16.12
CA ASP E 59 -24.67 27.79 -15.78
C ASP E 59 -25.43 28.16 -14.51
N ASP E 60 -26.25 27.26 -14.01
CA ASP E 60 -26.89 27.51 -12.71
C ASP E 60 -25.82 27.50 -11.62
N VAL E 61 -24.86 26.61 -11.73
CA VAL E 61 -23.75 26.56 -10.79
C VAL E 61 -22.80 27.71 -11.09
N GLY E 62 -22.78 28.13 -12.34
CA GLY E 62 -22.38 29.46 -12.69
C GLY E 62 -20.91 29.68 -12.76
N ILE E 63 -20.13 28.60 -12.92
CA ILE E 63 -18.68 28.73 -13.02
C ILE E 63 -18.27 29.54 -14.22
N TYR E 64 -18.72 29.18 -15.42
CA TYR E 64 -18.14 29.83 -16.58
C TYR E 64 -18.97 30.96 -17.13
N ARG E 65 -18.34 32.12 -17.20
CA ARG E 65 -18.92 33.29 -17.82
C ARG E 65 -17.92 33.98 -18.73
N GLU E 66 -18.43 34.80 -19.66
CA GLU E 66 -17.74 35.96 -20.28
C GLU E 66 -18.79 37.03 -20.24
N VAL E 67 -18.73 38.28 -19.76
CA VAL E 67 -17.76 39.14 -19.06
C VAL E 67 -17.03 40.14 -20.01
N GLU E 68 -17.66 41.30 -20.17
CA GLU E 68 -17.17 42.35 -21.05
C GLU E 68 -16.25 43.30 -20.28
N ILE E 69 -15.01 43.37 -20.74
CA ILE E 69 -13.98 44.18 -20.10
C ILE E 69 -13.30 44.93 -21.21
N ASP E 70 -13.46 46.26 -21.17
CA ASP E 70 -13.24 47.10 -22.34
C ASP E 70 -14.20 46.63 -23.45
N GLY E 71 -13.72 46.20 -24.60
CA GLY E 71 -14.63 45.71 -25.63
C GLY E 71 -14.23 44.31 -25.96
N GLU E 72 -13.96 43.53 -24.92
CA GLU E 72 -13.36 42.23 -25.07
C GLU E 72 -14.05 41.30 -24.10
N MET E 73 -14.58 40.22 -24.63
CA MET E 73 -15.17 39.18 -23.81
C MET E 73 -14.04 38.32 -23.26
N LYS E 74 -13.98 38.22 -21.95
CA LYS E 74 -12.96 37.45 -21.27
C LYS E 74 -13.63 36.46 -20.33
N PRO E 75 -12.96 35.34 -20.13
CA PRO E 75 -13.46 34.32 -19.23
C PRO E 75 -13.46 34.79 -17.78
N PHE E 76 -14.53 34.45 -17.07
CA PHE E 76 -14.63 34.67 -15.64
C PHE E 76 -15.10 33.38 -15.02
N TYR E 77 -14.37 32.91 -14.02
CA TYR E 77 -14.73 31.71 -13.30
C TYR E 77 -15.36 32.07 -11.97
N ASN E 78 -16.64 31.72 -11.81
CA ASN E 78 -17.35 31.99 -10.59
C ASN E 78 -17.48 30.72 -9.82
N PHE E 79 -16.83 30.67 -8.65
CA PHE E 79 -16.83 29.47 -7.82
C PHE E 79 -17.75 29.55 -6.62
N THR E 80 -18.59 30.59 -6.57
CA THR E 80 -19.44 30.83 -5.40
C THR E 80 -20.26 29.61 -5.08
N TYR E 81 -20.78 28.96 -6.09
CA TYR E 81 -21.71 27.90 -5.85
C TYR E 81 -21.05 26.58 -5.65
N ILE E 82 -20.04 26.17 -6.44
CA ILE E 82 -19.44 24.83 -6.16
C ILE E 82 -18.60 24.79 -4.94
N ASP E 83 -18.19 25.95 -4.45
CA ASP E 83 -17.46 26.02 -3.21
C ASP E 83 -18.44 25.61 -2.18
N ARG E 84 -19.60 26.26 -2.19
CA ARG E 84 -20.66 25.94 -1.25
C ARG E 84 -21.15 24.50 -1.41
N ILE E 85 -21.20 24.02 -2.64
CA ILE E 85 -21.57 22.64 -2.89
C ILE E 85 -20.51 21.62 -2.39
N VAL E 86 -19.26 21.81 -2.72
CA VAL E 86 -18.25 20.79 -2.40
C VAL E 86 -17.94 20.81 -0.91
N ASP E 87 -17.98 22.00 -0.29
CA ASP E 87 -17.96 22.08 1.17
C ASP E 87 -19.05 21.20 1.78
N SER E 88 -20.29 21.37 1.31
CA SER E 88 -21.40 20.65 1.92
C SER E 88 -21.20 19.16 1.70
N TYR E 89 -20.67 18.77 0.56
CA TYR E 89 -20.29 17.37 0.31
C TYR E 89 -19.25 16.83 1.30
N LEU E 90 -18.11 17.50 1.48
CA LEU E 90 -17.08 17.09 2.43
C LEU E 90 -17.54 17.15 3.86
N ALA E 91 -18.50 18.02 4.14
CA ALA E 91 -19.06 18.14 5.49
C ALA E 91 -19.98 16.96 5.78
N LEU E 92 -20.39 16.27 4.72
CA LEU E 92 -21.14 15.03 4.84
C LEU E 92 -20.30 13.82 4.42
N ASN E 93 -18.99 13.97 4.48
CA ASN E 93 -18.03 12.92 4.15
C ASN E 93 -18.32 12.20 2.84
N ILE E 94 -18.77 12.96 1.86
CA ILE E 94 -18.88 12.45 0.51
C ILE E 94 -17.99 13.29 -0.39
N ARG E 95 -17.45 12.65 -1.41
CA ARG E 95 -16.52 13.30 -2.32
C ARG E 95 -17.08 13.40 -3.72
N PRO E 96 -16.68 14.43 -4.45
CA PRO E 96 -17.09 14.50 -5.84
C PRO E 96 -16.34 13.47 -6.66
N PHE E 97 -17.13 12.72 -7.40
CA PHE E 97 -16.69 11.97 -8.54
C PHE E 97 -17.09 12.96 -9.60
N ILE E 98 -16.19 13.88 -9.87
CA ILE E 98 -16.52 15.03 -10.67
C ILE E 98 -16.79 14.62 -12.09
N GLU E 99 -17.71 15.35 -12.71
CA GLU E 99 -18.10 15.13 -14.07
C GLU E 99 -18.09 16.47 -14.80
N PHE E 100 -17.09 16.64 -15.64
CA PHE E 100 -16.97 17.85 -16.40
C PHE E 100 -18.03 17.91 -17.52
N GLY E 101 -19.14 18.53 -17.18
CA GLY E 101 -20.18 18.84 -18.13
C GLY E 101 -21.15 19.78 -17.42
N PHE E 102 -22.09 20.37 -18.16
CA PHE E 102 -22.10 20.35 -19.61
C PHE E 102 -21.35 21.57 -20.13
N MET E 103 -21.64 21.96 -21.36
CA MET E 103 -21.06 23.11 -21.94
C MET E 103 -21.70 24.35 -21.35
N PRO E 104 -20.89 25.23 -20.77
CA PRO E 104 -21.38 26.57 -20.43
C PRO E 104 -21.95 27.33 -21.65
N LYS E 105 -23.13 27.94 -21.53
CA LYS E 105 -23.73 28.66 -22.67
C LYS E 105 -22.73 29.62 -23.34
N ALA E 106 -21.98 30.36 -22.56
CA ALA E 106 -21.03 31.34 -23.11
C ALA E 106 -19.86 30.67 -23.84
N LEU E 107 -19.46 29.48 -23.38
CA LEU E 107 -18.45 28.67 -24.05
C LEU E 107 -18.98 27.78 -25.18
N ALA E 108 -20.30 27.71 -25.35
CA ALA E 108 -20.92 26.70 -26.20
C ALA E 108 -20.80 27.05 -27.67
N SER E 109 -20.57 26.04 -28.51
CA SER E 109 -20.47 26.25 -29.97
C SER E 109 -21.85 26.35 -30.65
N GLY E 110 -22.86 25.75 -30.05
CA GLY E 110 -24.19 25.69 -30.65
C GLY E 110 -25.32 25.72 -29.62
N ASP E 111 -26.52 25.56 -30.14
CA ASP E 111 -27.75 25.77 -29.35
C ASP E 111 -28.25 24.60 -28.54
N GLN E 112 -27.85 23.39 -28.93
CA GLN E 112 -28.47 22.17 -28.42
C GLN E 112 -28.32 22.07 -26.90
N THR E 113 -29.47 21.97 -26.23
CA THR E 113 -29.53 21.68 -24.84
C THR E 113 -30.21 20.34 -24.57
N VAL E 114 -30.25 19.98 -23.30
CA VAL E 114 -30.72 18.70 -22.82
C VAL E 114 -31.28 18.98 -21.45
N PHE E 115 -32.40 18.34 -21.15
CA PHE E 115 -33.12 18.55 -19.92
C PHE E 115 -33.94 19.83 -19.86
N TYR E 116 -34.78 19.87 -18.84
CA TYR E 116 -35.60 21.00 -18.52
C TYR E 116 -34.72 22.19 -18.17
N TRP E 117 -33.55 21.90 -17.59
CA TRP E 117 -32.63 22.97 -17.16
C TRP E 117 -31.59 23.34 -18.21
N LYS E 118 -31.77 22.82 -19.43
CA LYS E 118 -31.04 23.28 -20.63
C LYS E 118 -29.50 23.25 -20.51
N GLY E 119 -28.99 22.10 -20.09
CA GLY E 119 -27.59 21.76 -20.23
C GLY E 119 -27.24 21.84 -21.71
N ASN E 120 -26.30 22.69 -22.04
CA ASN E 120 -25.83 22.75 -23.41
C ASN E 120 -24.87 21.56 -23.69
N VAL E 121 -25.15 20.86 -24.76
CA VAL E 121 -24.45 19.64 -25.07
C VAL E 121 -23.63 19.77 -26.34
N THR E 122 -23.25 20.97 -26.72
CA THR E 122 -22.40 21.15 -27.90
C THR E 122 -20.92 21.30 -27.46
N PRO E 123 -19.99 21.05 -28.39
CA PRO E 123 -18.57 21.16 -28.10
C PRO E 123 -18.21 22.60 -27.81
N PRO E 124 -17.11 22.81 -27.14
CA PRO E 124 -16.72 24.20 -26.88
C PRO E 124 -16.48 24.88 -28.21
N LYS E 125 -16.82 26.16 -28.28
CA LYS E 125 -16.55 27.01 -29.43
C LYS E 125 -15.04 27.22 -29.57
N ASP E 126 -14.31 26.92 -28.49
CA ASP E 126 -12.87 27.10 -28.47
C ASP E 126 -12.33 26.12 -27.48
N TYR E 127 -11.58 25.12 -27.97
CA TYR E 127 -11.02 24.11 -27.09
C TYR E 127 -9.94 24.62 -26.15
N ASN E 128 -9.32 25.74 -26.48
CA ASN E 128 -8.41 26.41 -25.53
C ASN E 128 -9.11 26.99 -24.30
N LYS E 129 -10.27 27.60 -24.47
CA LYS E 129 -11.05 28.15 -23.35
C LYS E 129 -11.59 27.03 -22.43
N TRP E 130 -11.97 25.90 -23.03
CA TRP E 130 -12.38 24.71 -22.29
C TRP E 130 -11.19 24.13 -21.53
N ARG E 131 -10.07 23.98 -22.20
CA ARG E 131 -8.85 23.64 -21.49
C ARG E 131 -8.70 24.55 -20.27
N ASP E 132 -8.73 25.86 -20.48
CA ASP E 132 -8.55 26.81 -19.35
C ASP E 132 -9.63 26.69 -18.28
N LEU E 133 -10.86 26.35 -18.68
CA LEU E 133 -11.96 26.14 -17.76
C LEU E 133 -11.55 25.05 -16.83
N ILE E 134 -11.11 23.93 -17.43
CA ILE E 134 -10.84 22.73 -16.68
C ILE E 134 -9.66 22.96 -15.78
N VAL E 135 -8.64 23.59 -16.33
CA VAL E 135 -7.51 23.98 -15.50
C VAL E 135 -8.06 24.80 -14.35
N ALA E 136 -8.78 25.87 -14.68
CA ALA E 136 -9.21 26.81 -13.66
C ALA E 136 -9.92 26.10 -12.52
N VAL E 137 -10.77 25.12 -12.89
CA VAL E 137 -11.71 24.48 -11.98
C VAL E 137 -10.96 23.52 -11.06
N VAL E 138 -10.13 22.71 -11.69
CA VAL E 138 -9.36 21.70 -11.01
C VAL E 138 -8.38 22.41 -10.13
N SER E 139 -7.74 23.46 -10.67
CA SER E 139 -6.80 24.27 -9.89
C SER E 139 -7.55 24.80 -8.70
N HIS E 140 -8.78 25.26 -8.90
CA HIS E 140 -9.52 25.89 -7.81
C HIS E 140 -9.71 24.90 -6.67
N PHE E 141 -10.01 23.66 -7.00
CA PHE E 141 -10.38 22.67 -6.03
C PHE E 141 -9.15 22.37 -5.20
N ILE E 142 -8.04 22.15 -5.90
CA ILE E 142 -6.73 22.03 -5.27
C ILE E 142 -6.43 23.18 -4.30
N GLU E 143 -6.66 24.40 -4.76
CA GLU E 143 -6.56 25.57 -3.89
C GLU E 143 -7.52 25.57 -2.70
N ARG E 144 -8.75 25.10 -2.82
CA ARG E 144 -9.68 25.21 -1.71
C ARG E 144 -9.54 24.06 -0.72
N TYR E 145 -9.22 22.88 -1.23
CA TYR E 145 -9.29 21.63 -0.50
C TYR E 145 -7.92 21.01 -0.31
N GLY E 146 -6.99 21.34 -1.21
CA GLY E 146 -5.64 20.83 -1.13
C GLY E 146 -5.47 19.62 -2.01
N ILE E 147 -4.22 19.39 -2.40
CA ILE E 147 -3.93 18.39 -3.41
C ILE E 147 -4.23 16.99 -2.93
N GLU E 148 -4.02 16.72 -1.64
CA GLU E 148 -4.26 15.38 -1.07
C GLU E 148 -5.70 15.00 -1.20
N GLU E 149 -6.56 15.97 -0.93
CA GLU E 149 -7.99 15.73 -0.94
C GLU E 149 -8.40 15.49 -2.40
N VAL E 150 -7.98 16.36 -3.28
CA VAL E 150 -8.41 16.32 -4.68
C VAL E 150 -7.84 15.10 -5.40
N ARG E 151 -6.67 14.63 -5.00
CA ARG E 151 -6.12 13.42 -5.58
C ARG E 151 -6.96 12.19 -5.34
N THR E 152 -7.79 12.22 -4.28
CA THR E 152 -8.72 11.14 -3.98
C THR E 152 -9.94 11.24 -4.83
N TRP E 153 -10.12 12.37 -5.48
CA TRP E 153 -11.29 12.60 -6.31
C TRP E 153 -11.15 11.93 -7.63
N LEU E 154 -12.27 11.78 -8.30
CA LEU E 154 -12.27 11.16 -9.59
C LEU E 154 -12.85 12.15 -10.59
N PHE E 155 -12.36 12.12 -11.82
CA PHE E 155 -12.78 13.11 -12.79
C PHE E 155 -13.14 12.42 -14.04
N GLU E 156 -14.42 12.53 -14.40
CA GLU E 156 -14.98 11.91 -15.58
C GLU E 156 -15.30 13.02 -16.58
N VAL E 157 -15.05 12.75 -17.85
CA VAL E 157 -15.20 13.75 -18.90
C VAL E 157 -16.54 13.51 -19.55
N TRP E 158 -17.41 14.48 -19.30
CA TRP E 158 -18.69 14.57 -19.94
C TRP E 158 -19.62 13.44 -19.49
N ASN E 159 -20.79 13.39 -20.07
CA ASN E 159 -21.73 12.34 -19.81
C ASN E 159 -22.32 11.86 -21.09
N ALA E 160 -22.49 10.56 -21.20
CA ALA E 160 -23.10 9.89 -22.39
C ALA E 160 -22.81 10.54 -23.76
N PRO E 161 -21.54 10.65 -24.15
CA PRO E 161 -21.19 11.22 -25.47
C PRO E 161 -21.63 10.40 -26.66
N ASN E 162 -22.08 9.19 -26.39
CA ASN E 162 -22.60 8.31 -27.42
C ASN E 162 -24.08 8.54 -27.70
N LEU E 163 -24.72 9.33 -26.85
CA LEU E 163 -26.12 9.72 -27.05
C LEU E 163 -26.20 11.08 -27.66
N VAL E 164 -26.99 11.19 -28.72
CA VAL E 164 -27.20 12.44 -29.44
C VAL E 164 -27.81 13.53 -28.53
N ASN E 165 -28.49 13.11 -27.49
CA ASN E 165 -29.10 14.01 -26.51
C ASN E 165 -28.08 14.71 -25.62
N PHE E 166 -26.95 14.05 -25.39
CA PHE E 166 -25.94 14.51 -24.43
C PHE E 166 -24.71 15.17 -25.02
N TRP E 167 -24.57 15.04 -26.33
CA TRP E 167 -23.38 15.48 -27.03
C TRP E 167 -23.77 15.63 -28.49
N LYS E 168 -23.46 16.77 -29.07
CA LYS E 168 -23.87 17.05 -30.44
C LYS E 168 -23.45 15.91 -31.40
N ASP E 169 -24.46 15.34 -32.09
CA ASP E 169 -24.30 14.28 -33.09
C ASP E 169 -23.65 12.99 -32.59
N ALA E 170 -23.60 12.78 -31.28
CA ALA E 170 -22.90 11.64 -30.71
C ALA E 170 -21.55 11.46 -31.43
N ASN E 171 -20.84 12.58 -31.53
CA ASN E 171 -19.65 12.67 -32.35
C ASN E 171 -18.46 12.02 -31.65
N LYS E 172 -18.22 10.74 -31.93
CA LYS E 172 -17.10 10.00 -31.36
C LYS E 172 -15.81 10.80 -31.31
N GLN E 173 -15.36 11.28 -32.46
CA GLN E 173 -14.03 11.88 -32.60
C GLN E 173 -13.97 13.19 -31.83
N GLU E 174 -15.07 13.92 -31.85
CA GLU E 174 -15.16 15.15 -31.07
C GLU E 174 -15.16 14.81 -29.56
N TYR E 175 -15.85 13.78 -29.11
CA TYR E 175 -15.76 13.41 -27.69
C TYR E 175 -14.31 13.10 -27.35
N PHE E 176 -13.60 12.40 -28.24
CA PHE E 176 -12.23 12.01 -28.02
C PHE E 176 -11.33 13.20 -27.97
N LYS E 177 -11.61 14.20 -28.79
CA LYS E 177 -10.90 15.46 -28.72
C LYS E 177 -11.18 16.14 -27.38
N LEU E 178 -12.43 16.14 -26.91
CA LEU E 178 -12.79 16.86 -25.69
C LEU E 178 -12.22 16.11 -24.53
N TYR E 179 -12.19 14.79 -24.67
CA TYR E 179 -11.65 13.94 -23.65
C TYR E 179 -10.18 14.22 -23.49
N GLU E 180 -9.46 14.31 -24.61
CA GLU E 180 -8.04 14.43 -24.59
C GLU E 180 -7.68 15.78 -24.07
N VAL E 181 -8.36 16.81 -24.57
CA VAL E 181 -8.10 18.17 -24.09
C VAL E 181 -8.28 18.22 -22.58
N THR E 182 -9.33 17.54 -22.09
CA THR E 182 -9.70 17.57 -20.67
C THR E 182 -8.72 16.77 -19.83
N ALA E 183 -8.38 15.60 -20.32
CA ALA E 183 -7.62 14.64 -19.56
C ALA E 183 -6.29 15.24 -19.30
N ARG E 184 -5.78 15.89 -20.35
CA ARG E 184 -4.48 16.51 -20.30
C ARG E 184 -4.52 17.72 -19.42
N ALA E 185 -5.68 18.37 -19.38
CA ALA E 185 -5.90 19.49 -18.50
C ALA E 185 -5.77 19.00 -17.06
N VAL E 186 -6.50 17.95 -16.75
CA VAL E 186 -6.49 17.44 -15.41
C VAL E 186 -5.05 17.14 -15.03
N LYS E 187 -4.39 16.30 -15.82
CA LYS E 187 -3.01 15.90 -15.60
C LYS E 187 -2.03 17.07 -15.52
N SER E 188 -2.24 18.09 -16.32
CA SER E 188 -1.38 19.28 -16.34
C SER E 188 -1.40 20.01 -15.02
N VAL E 189 -2.51 19.93 -14.33
CA VAL E 189 -2.62 20.55 -13.02
C VAL E 189 -2.01 19.64 -11.98
N ASP E 190 -2.22 18.34 -12.14
CA ASP E 190 -1.50 17.34 -11.34
C ASP E 190 -1.64 15.96 -11.99
N PRO E 191 -0.51 15.29 -12.23
CA PRO E 191 -0.50 13.99 -12.91
C PRO E 191 -1.16 12.85 -12.14
N HIS E 192 -1.39 13.00 -10.84
CA HIS E 192 -2.01 11.93 -10.05
C HIS E 192 -3.52 12.05 -9.97
N LEU E 193 -4.09 13.10 -10.55
CA LEU E 193 -5.53 13.24 -10.60
C LEU E 193 -6.05 12.24 -11.60
N GLN E 194 -6.95 11.40 -11.14
CA GLN E 194 -7.49 10.26 -11.87
C GLN E 194 -8.59 10.73 -12.80
N VAL E 195 -8.29 10.86 -14.08
CA VAL E 195 -9.27 11.26 -15.10
C VAL E 195 -9.75 10.02 -15.83
N GLY E 196 -10.98 10.07 -16.32
CA GLY E 196 -11.53 8.91 -16.99
C GLY E 196 -12.68 9.21 -17.91
N GLY E 197 -13.14 8.17 -18.58
CA GLY E 197 -14.25 8.27 -19.50
C GLY E 197 -14.56 6.87 -19.97
N PRO E 198 -15.32 6.69 -21.03
CA PRO E 198 -15.96 7.78 -21.80
C PRO E 198 -17.37 8.17 -21.32
N ALA E 199 -17.74 7.66 -20.16
CA ALA E 199 -19.02 7.99 -19.51
C ALA E 199 -20.23 7.69 -20.39
N ILE E 200 -20.09 6.71 -21.28
CA ILE E 200 -21.14 6.39 -22.21
C ILE E 200 -22.32 5.69 -21.56
N CYS E 201 -23.48 5.80 -22.21
CA CYS E 201 -24.59 4.92 -21.86
C CYS E 201 -24.31 3.58 -22.48
N GLY E 202 -25.08 2.56 -22.09
CA GLY E 202 -24.93 1.22 -22.63
C GLY E 202 -25.28 1.11 -24.10
N GLY E 203 -24.99 -0.07 -24.66
CA GLY E 203 -25.31 -0.41 -26.05
C GLY E 203 -24.48 0.32 -27.10
N SER E 204 -23.26 0.65 -26.74
CA SER E 204 -22.38 1.37 -27.64
C SER E 204 -20.95 1.07 -27.20
N ASP E 205 -20.69 -0.18 -26.84
CA ASP E 205 -19.46 -0.48 -26.12
C ASP E 205 -18.20 -0.51 -26.98
N GLU E 206 -18.35 -0.47 -28.30
CA GLU E 206 -17.19 -0.21 -29.17
C GLU E 206 -16.54 1.15 -28.85
N TRP E 207 -17.32 2.08 -28.25
CA TRP E 207 -16.80 3.37 -27.76
C TRP E 207 -15.72 3.20 -26.73
N ILE E 208 -15.91 2.23 -25.83
CA ILE E 208 -14.91 1.94 -24.81
C ILE E 208 -13.62 1.43 -25.47
N THR E 209 -13.75 0.45 -26.33
CA THR E 209 -12.65 -0.06 -27.15
C THR E 209 -11.95 1.02 -27.98
N ASP E 210 -12.74 1.89 -28.63
CA ASP E 210 -12.16 2.96 -29.44
C ASP E 210 -11.62 4.09 -28.62
N PHE E 211 -12.18 4.25 -27.42
CA PHE E 211 -11.78 5.32 -26.51
C PHE E 211 -10.39 4.99 -25.98
N LEU E 212 -10.19 3.72 -25.65
CA LEU E 212 -8.94 3.22 -25.13
C LEU E 212 -7.88 3.01 -26.25
N HIS E 213 -8.33 2.74 -27.48
CA HIS E 213 -7.45 2.75 -28.64
C HIS E 213 -6.92 4.15 -28.82
N PHE E 214 -7.81 5.10 -28.69
CA PHE E 214 -7.48 6.49 -28.92
C PHE E 214 -6.52 6.94 -27.85
N CYS E 215 -6.77 6.56 -26.60
CA CYS E 215 -5.89 6.96 -25.52
C CYS E 215 -4.51 6.30 -25.68
N ALA E 216 -4.45 5.00 -25.93
CA ALA E 216 -3.17 4.34 -26.17
C ALA E 216 -2.41 4.98 -27.30
N GLU E 217 -3.02 5.03 -28.50
CA GLU E 217 -2.42 5.59 -29.72
C GLU E 217 -1.93 7.01 -29.59
N ARG E 218 -2.56 7.79 -28.73
CA ARG E 218 -2.15 9.20 -28.60
C ARG E 218 -1.60 9.54 -27.23
N ARG E 219 -1.15 8.53 -26.50
CA ARG E 219 -0.64 8.67 -25.16
C ARG E 219 -1.51 9.63 -24.32
N VAL E 220 -2.82 9.40 -24.35
CA VAL E 220 -3.80 10.23 -23.66
C VAL E 220 -4.16 9.60 -22.30
N PRO E 221 -4.03 10.38 -21.24
CA PRO E 221 -4.31 9.86 -19.90
C PRO E 221 -5.71 9.29 -19.76
N VAL E 222 -5.77 8.00 -19.41
CA VAL E 222 -6.96 7.38 -18.85
C VAL E 222 -6.52 6.64 -17.62
N ASP E 223 -7.21 6.91 -16.53
CA ASP E 223 -6.99 6.19 -15.29
C ASP E 223 -8.16 5.27 -14.91
N PHE E 224 -9.29 5.41 -15.62
CA PHE E 224 -10.43 4.54 -15.42
C PHE E 224 -11.40 4.59 -16.59
N VAL E 225 -12.25 3.58 -16.68
CA VAL E 225 -13.28 3.55 -17.71
C VAL E 225 -14.55 3.82 -16.94
N SER E 226 -15.41 4.68 -17.49
CA SER E 226 -16.73 4.95 -16.92
C SER E 226 -17.83 4.62 -17.91
N ARG E 227 -18.94 4.17 -17.37
CA ARG E 227 -20.06 3.69 -18.15
C ARG E 227 -21.32 3.71 -17.32
N HIS E 228 -22.45 3.88 -17.98
CA HIS E 228 -23.74 3.82 -17.34
C HIS E 228 -24.28 2.46 -17.60
N ALA E 229 -25.27 2.08 -16.81
CA ALA E 229 -25.92 0.81 -17.02
C ALA E 229 -27.32 0.95 -16.54
N TYR E 230 -28.24 0.71 -17.43
CA TYR E 230 -29.62 0.60 -17.06
C TYR E 230 -30.08 -0.68 -17.69
N THR E 231 -31.28 -1.11 -17.29
CA THR E 231 -31.92 -2.27 -17.85
C THR E 231 -33.30 -1.95 -18.34
N SER E 232 -33.72 -0.69 -18.28
CA SER E 232 -35.05 -0.34 -18.77
C SER E 232 -35.05 -0.23 -20.26
N LYS E 233 -36.08 -0.82 -20.87
CA LYS E 233 -36.36 -0.65 -22.28
C LYS E 233 -36.94 0.74 -22.48
N ALA E 234 -37.02 1.15 -23.74
CA ALA E 234 -37.70 2.38 -24.15
C ALA E 234 -39.14 2.36 -23.65
N PRO E 235 -39.67 3.53 -23.26
CA PRO E 235 -41.01 3.59 -22.66
C PRO E 235 -42.03 3.00 -23.60
N HIS E 236 -42.94 2.24 -23.04
CA HIS E 236 -44.11 1.69 -23.72
C HIS E 236 -45.40 2.46 -23.39
N LYS E 237 -45.35 3.32 -22.38
CA LYS E 237 -46.41 4.27 -22.13
C LYS E 237 -45.86 5.55 -21.55
N LYS E 238 -46.33 6.67 -22.09
CA LYS E 238 -46.07 7.98 -21.54
C LYS E 238 -47.37 8.61 -21.04
N THR E 239 -47.30 9.24 -19.87
CA THR E 239 -48.27 10.27 -19.49
C THR E 239 -47.48 11.56 -19.37
N PHE E 240 -48.15 12.66 -19.04
CA PHE E 240 -47.49 13.95 -19.00
C PHE E 240 -46.47 14.07 -17.88
N GLU E 241 -46.52 13.14 -16.94
CA GLU E 241 -45.61 13.09 -15.82
C GLU E 241 -44.87 11.73 -15.64
N TYR E 242 -45.19 10.71 -16.44
CA TYR E 242 -44.54 9.40 -16.31
C TYR E 242 -43.96 8.82 -17.62
N TYR E 243 -42.83 8.14 -17.50
CA TYR E 243 -42.40 7.14 -18.46
C TYR E 243 -42.59 5.79 -17.79
N TYR E 244 -43.13 4.85 -18.54
CA TYR E 244 -43.35 3.50 -18.03
C TYR E 244 -42.50 2.58 -18.89
N GLN E 245 -41.64 1.78 -18.28
CA GLN E 245 -40.67 0.97 -19.03
C GLN E 245 -40.53 -0.40 -18.45
N GLU E 246 -40.40 -1.42 -19.29
CA GLU E 246 -40.14 -2.74 -18.74
C GLU E 246 -38.63 -2.86 -18.48
N LEU E 247 -38.27 -3.82 -17.65
CA LEU E 247 -36.89 -3.99 -17.25
C LEU E 247 -36.35 -5.36 -17.70
N GLU E 248 -35.11 -5.39 -18.15
CA GLU E 248 -34.39 -6.63 -18.23
C GLU E 248 -34.09 -6.98 -16.78
N PRO E 249 -33.90 -8.26 -16.47
CA PRO E 249 -33.68 -8.67 -15.08
C PRO E 249 -32.31 -8.18 -14.60
N PRO E 250 -32.03 -8.23 -13.30
CA PRO E 250 -30.73 -7.77 -12.81
C PRO E 250 -29.53 -8.46 -13.48
N GLU E 251 -29.68 -9.72 -13.90
CA GLU E 251 -28.57 -10.44 -14.57
C GLU E 251 -28.09 -9.66 -15.78
N ASP E 252 -29.01 -9.02 -16.50
CA ASP E 252 -28.68 -8.18 -17.65
C ASP E 252 -27.61 -7.17 -17.28
N MET E 253 -27.87 -6.43 -16.19
CA MET E 253 -26.94 -5.42 -15.72
C MET E 253 -25.60 -5.98 -15.28
N LEU E 254 -25.60 -7.13 -14.63
CA LEU E 254 -24.36 -7.74 -14.16
C LEU E 254 -23.51 -8.19 -15.33
N GLU E 255 -24.18 -8.55 -16.42
CA GLU E 255 -23.52 -8.91 -17.66
C GLU E 255 -22.97 -7.70 -18.40
N GLN E 256 -23.60 -6.55 -18.23
CA GLN E 256 -23.09 -5.29 -18.74
C GLN E 256 -21.79 -4.98 -18.01
N PHE E 257 -21.77 -5.29 -16.72
CA PHE E 257 -20.61 -5.04 -15.89
C PHE E 257 -19.48 -6.02 -16.25
N LYS E 258 -19.86 -7.27 -16.51
CA LYS E 258 -18.90 -8.34 -16.79
C LYS E 258 -18.33 -8.13 -18.20
N THR E 259 -19.21 -7.89 -19.17
CA THR E 259 -18.79 -7.64 -20.56
C THR E 259 -17.87 -6.45 -20.67
N VAL E 260 -18.24 -5.36 -20.01
CA VAL E 260 -17.39 -4.17 -20.03
C VAL E 260 -16.03 -4.44 -19.33
N ARG E 261 -16.05 -5.21 -18.25
CA ARG E 261 -14.80 -5.62 -17.62
C ARG E 261 -13.94 -6.40 -18.59
N ALA E 262 -14.55 -7.32 -19.33
CA ALA E 262 -13.81 -8.14 -20.28
C ALA E 262 -13.25 -7.25 -21.39
N LEU E 263 -14.04 -6.31 -21.91
CA LEU E 263 -13.57 -5.38 -22.96
C LEU E 263 -12.38 -4.56 -22.49
N ILE E 264 -12.40 -4.14 -21.25
CA ILE E 264 -11.27 -3.42 -20.72
C ILE E 264 -10.03 -4.33 -20.65
N ARG E 265 -10.24 -5.58 -20.25
CA ARG E 265 -9.13 -6.50 -20.01
C ARG E 265 -8.45 -6.94 -21.32
N GLN E 266 -9.19 -6.94 -22.42
CA GLN E 266 -8.66 -7.24 -23.74
C GLN E 266 -8.11 -6.00 -24.45
N SER E 267 -8.24 -4.83 -23.83
CA SER E 267 -7.92 -3.56 -24.48
C SER E 267 -6.49 -3.11 -24.17
N PRO E 268 -6.02 -2.06 -24.83
CA PRO E 268 -4.73 -1.43 -24.52
C PRO E 268 -4.42 -1.10 -23.03
N PHE E 269 -5.43 -1.11 -22.18
CA PHE E 269 -5.31 -0.76 -20.77
C PHE E 269 -6.03 -1.85 -19.96
N PRO E 270 -5.48 -3.06 -19.93
CA PRO E 270 -6.20 -4.20 -19.32
C PRO E 270 -6.45 -4.06 -17.81
N HIS E 271 -5.73 -3.18 -17.14
CA HIS E 271 -5.85 -3.06 -15.68
C HIS E 271 -6.61 -1.84 -15.17
N LEU E 272 -7.29 -1.11 -16.06
CA LEU E 272 -8.04 0.05 -15.60
C LEU E 272 -9.21 -0.38 -14.72
N PRO E 273 -9.46 0.41 -13.67
CA PRO E 273 -10.72 0.34 -12.95
C PRO E 273 -11.92 0.72 -13.81
N LEU E 274 -13.05 0.11 -13.50
CA LEU E 274 -14.29 0.38 -14.19
C LEU E 274 -15.27 1.00 -13.20
N HIS E 275 -15.73 2.22 -13.48
CA HIS E 275 -16.72 2.86 -12.63
C HIS E 275 -18.04 2.97 -13.37
N ILE E 276 -19.07 2.38 -12.81
CA ILE E 276 -20.38 2.45 -13.45
C ILE E 276 -20.98 3.66 -12.82
N THR E 277 -20.77 4.79 -13.48
CA THR E 277 -21.09 6.07 -12.85
C THR E 277 -22.60 6.39 -12.85
N GLU E 278 -23.43 5.47 -13.36
CA GLU E 278 -24.85 5.69 -13.38
C GLU E 278 -25.47 4.34 -13.56
N TYR E 279 -26.18 3.90 -12.51
CA TYR E 279 -27.09 2.81 -12.72
C TYR E 279 -28.40 2.93 -11.97
N ASN E 280 -29.44 2.43 -12.62
CA ASN E 280 -30.70 2.16 -11.97
C ASN E 280 -31.41 1.22 -12.88
N THR E 281 -32.59 0.81 -12.45
CA THR E 281 -33.44 -0.02 -13.26
C THR E 281 -33.74 0.71 -14.50
N SER E 282 -34.31 1.90 -14.34
CA SER E 282 -34.72 2.73 -15.46
C SER E 282 -34.00 4.07 -15.45
N TYR E 283 -33.78 4.61 -16.64
CA TYR E 283 -33.05 5.87 -16.86
C TYR E 283 -33.96 7.09 -16.91
N SER E 284 -35.23 6.92 -16.55
CA SER E 284 -36.17 8.02 -16.51
C SER E 284 -36.38 8.45 -15.08
N PRO E 285 -36.31 9.77 -14.86
CA PRO E 285 -36.55 10.36 -13.54
C PRO E 285 -38.04 10.61 -13.29
N ILE E 286 -38.88 9.93 -14.05
CA ILE E 286 -40.34 10.00 -13.88
C ILE E 286 -40.94 8.65 -14.21
N ASN E 287 -40.18 7.61 -13.87
CA ASN E 287 -40.66 6.26 -13.90
C ASN E 287 -40.98 5.80 -12.48
N PRO E 288 -42.26 5.66 -12.16
CA PRO E 288 -42.70 5.17 -10.83
C PRO E 288 -41.98 3.95 -10.29
N VAL E 289 -41.41 3.08 -11.10
CA VAL E 289 -40.73 1.92 -10.53
C VAL E 289 -39.67 2.30 -9.49
N HIS E 290 -38.98 3.40 -9.73
CA HIS E 290 -38.00 3.88 -8.78
C HIS E 290 -38.50 3.99 -7.35
N ASP E 291 -39.76 4.37 -7.19
CA ASP E 291 -40.45 4.46 -5.90
C ASP E 291 -40.87 3.16 -5.25
N THR E 292 -40.71 2.06 -5.95
CA THR E 292 -41.32 0.83 -5.52
C THR E 292 -40.34 -0.10 -4.84
N ALA E 293 -40.92 -1.15 -4.28
CA ALA E 293 -40.18 -2.17 -3.58
C ALA E 293 -39.44 -3.04 -4.57
N LEU E 294 -39.99 -3.12 -5.77
CA LEU E 294 -39.31 -3.83 -6.86
C LEU E 294 -37.93 -3.28 -7.03
N ASN E 295 -37.85 -1.97 -7.06
CA ASN E 295 -36.58 -1.31 -7.31
C ASN E 295 -35.60 -1.76 -6.26
N ALA E 296 -36.07 -1.79 -5.02
CA ALA E 296 -35.21 -2.18 -3.91
C ALA E 296 -34.73 -3.62 -4.05
N ALA E 297 -35.63 -4.55 -4.36
CA ALA E 297 -35.25 -5.93 -4.55
C ALA E 297 -34.27 -6.05 -5.71
N TYR E 298 -34.58 -5.38 -6.80
CA TYR E 298 -33.75 -5.44 -8.00
C TYR E 298 -32.32 -5.02 -7.71
N ILE E 299 -32.21 -3.85 -7.13
CA ILE E 299 -30.93 -3.22 -6.93
C ILE E 299 -30.10 -4.02 -5.93
N ALA E 300 -30.76 -4.72 -5.00
CA ALA E 300 -30.08 -5.55 -4.00
C ALA E 300 -29.20 -6.61 -4.63
N ARG E 301 -29.70 -7.24 -5.68
CA ARG E 301 -28.88 -8.15 -6.47
C ARG E 301 -27.65 -7.45 -7.02
N ILE E 302 -27.82 -6.28 -7.59
CA ILE E 302 -26.69 -5.51 -8.08
C ILE E 302 -25.72 -5.17 -6.97
N LEU E 303 -26.22 -4.86 -5.79
CA LEU E 303 -25.34 -4.52 -4.67
C LEU E 303 -24.51 -5.75 -4.25
N SER E 304 -25.18 -6.89 -4.29
CA SER E 304 -24.58 -8.16 -3.94
C SER E 304 -23.42 -8.59 -4.85
N GLU E 305 -23.52 -8.27 -6.14
CA GLU E 305 -22.65 -8.87 -7.13
C GLU E 305 -21.82 -7.92 -7.98
N GLY E 306 -22.33 -6.71 -8.18
CA GLY E 306 -21.69 -5.70 -9.01
C GLY E 306 -20.18 -5.56 -8.78
N GLY E 307 -19.76 -5.68 -7.53
CA GLY E 307 -18.37 -5.51 -7.17
C GLY E 307 -17.46 -6.61 -7.68
N ASP E 308 -18.05 -7.70 -8.16
CA ASP E 308 -17.27 -8.77 -8.78
C ASP E 308 -16.59 -8.28 -10.01
N TYR E 309 -17.25 -7.36 -10.70
CA TYR E 309 -16.85 -6.94 -12.04
C TYR E 309 -16.36 -5.53 -12.13
N VAL E 310 -16.89 -4.68 -11.28
CA VAL E 310 -16.60 -3.26 -11.38
C VAL E 310 -16.08 -2.76 -10.05
N ASP E 311 -15.33 -1.69 -10.13
CA ASP E 311 -14.75 -1.06 -8.98
C ASP E 311 -15.77 -0.21 -8.29
N SER E 312 -16.64 0.43 -9.05
CA SER E 312 -17.74 1.10 -8.39
C SER E 312 -18.96 1.04 -9.23
N PHE E 313 -20.08 1.21 -8.57
CA PHE E 313 -21.32 1.39 -9.28
C PHE E 313 -22.25 2.29 -8.50
N SER E 314 -22.60 3.37 -9.16
CA SER E 314 -23.14 4.54 -8.57
C SER E 314 -24.59 4.60 -8.92
N TYR E 315 -25.43 4.38 -7.91
CA TYR E 315 -26.88 4.44 -8.09
C TYR E 315 -27.37 5.86 -8.36
N TRP E 316 -27.88 6.04 -9.55
CA TRP E 316 -28.55 7.24 -9.97
C TRP E 316 -30.02 7.13 -9.45
N THR E 317 -30.43 7.76 -8.35
CA THR E 317 -29.65 8.75 -7.57
C THR E 317 -29.86 8.57 -6.09
N PHE E 318 -29.07 9.29 -5.29
CA PHE E 318 -29.24 9.29 -3.85
C PHE E 318 -30.55 9.96 -3.50
N SER E 319 -31.06 10.80 -4.39
CA SER E 319 -32.23 11.60 -4.02
C SER E 319 -33.08 12.02 -5.17
N ASP E 320 -34.34 12.32 -4.82
CA ASP E 320 -35.37 12.83 -5.73
C ASP E 320 -35.27 14.30 -6.02
N VAL E 321 -34.39 15.02 -5.31
CA VAL E 321 -34.10 16.39 -5.67
C VAL E 321 -33.41 16.35 -7.04
N PHE E 322 -34.19 16.72 -8.04
CA PHE E 322 -33.89 16.46 -9.41
C PHE E 322 -34.81 17.30 -10.22
N GLU E 323 -34.44 17.63 -11.45
CA GLU E 323 -35.22 18.52 -12.26
C GLU E 323 -35.00 18.31 -13.75
N GLU E 324 -34.36 17.21 -14.17
CA GLU E 324 -34.18 16.90 -15.60
C GLU E 324 -35.52 16.92 -16.38
N MET E 325 -36.57 16.45 -15.74
CA MET E 325 -37.92 16.47 -16.34
C MET E 325 -38.84 17.35 -15.53
N ASP E 326 -38.32 18.51 -15.12
CA ASP E 326 -39.03 19.52 -14.35
C ASP E 326 -39.11 19.18 -12.86
N VAL E 327 -39.67 20.09 -12.12
CA VAL E 327 -39.89 19.90 -10.72
C VAL E 327 -40.91 18.79 -10.56
N PRO E 328 -40.57 17.81 -9.72
CA PRO E 328 -41.50 16.74 -9.37
C PRO E 328 -42.92 17.22 -9.27
N LYS E 329 -43.80 16.52 -9.98
CA LYS E 329 -45.21 16.91 -10.03
C LYS E 329 -45.98 16.28 -8.90
N ALA E 330 -45.34 15.39 -8.15
CA ALA E 330 -46.02 14.76 -7.02
C ALA E 330 -44.98 14.18 -6.12
N LEU E 331 -45.33 13.91 -4.87
CA LEU E 331 -44.37 13.38 -3.89
C LEU E 331 -43.63 12.17 -4.41
N PHE E 332 -44.39 11.20 -4.90
CA PHE E 332 -43.80 10.05 -5.58
C PHE E 332 -44.13 10.17 -7.07
N HIS E 333 -43.11 10.54 -7.83
CA HIS E 333 -43.25 11.01 -9.19
C HIS E 333 -42.32 10.20 -10.13
N GLY E 334 -41.71 9.15 -9.58
CA GLY E 334 -40.89 8.24 -10.35
C GLY E 334 -39.45 8.60 -10.36
N GLY E 335 -39.05 9.47 -9.44
CA GLY E 335 -37.67 9.92 -9.41
C GLY E 335 -36.69 8.83 -9.05
N PHE E 336 -35.51 8.99 -9.60
CA PHE E 336 -34.39 8.13 -9.34
C PHE E 336 -34.01 7.96 -7.87
N GLY E 337 -34.38 8.92 -7.04
CA GLY E 337 -33.82 9.05 -5.72
C GLY E 337 -34.00 7.87 -4.78
N LEU E 338 -32.99 7.62 -3.95
CA LEU E 338 -33.14 6.68 -2.86
C LEU E 338 -34.11 7.27 -1.85
N VAL E 339 -34.02 8.60 -1.68
CA VAL E 339 -34.81 9.39 -0.74
C VAL E 339 -35.83 10.27 -1.49
N ALA E 340 -37.07 10.26 -1.02
CA ALA E 340 -38.13 11.04 -1.61
C ALA E 340 -38.14 12.39 -0.90
N LEU E 341 -38.69 13.40 -1.55
CA LEU E 341 -38.82 14.71 -0.93
C LEU E 341 -39.35 14.53 0.45
N HIS E 342 -38.98 15.48 1.30
CA HIS E 342 -39.26 15.49 2.73
C HIS E 342 -38.47 14.43 3.48
N SER E 343 -37.40 13.95 2.88
CA SER E 343 -36.54 12.92 3.47
C SER E 343 -37.21 11.58 3.72
N ILE E 344 -38.15 11.19 2.88
CA ILE E 344 -38.81 9.91 3.04
C ILE E 344 -37.97 8.89 2.30
N PRO E 345 -37.40 7.91 3.00
CA PRO E 345 -36.64 6.86 2.33
C PRO E 345 -37.57 5.98 1.52
N LYS E 346 -37.19 5.75 0.27
CA LYS E 346 -37.83 4.76 -0.56
C LYS E 346 -37.30 3.36 -0.22
N PRO E 347 -38.01 2.32 -0.62
CA PRO E 347 -37.58 0.96 -0.36
C PRO E 347 -36.15 0.74 -0.76
N THR E 348 -35.73 1.31 -1.87
CA THR E 348 -34.40 1.07 -2.38
C THR E 348 -33.38 1.62 -1.43
N PHE E 349 -33.74 2.72 -0.76
CA PHE E 349 -32.92 3.32 0.29
C PHE E 349 -32.53 2.28 1.29
N HIS E 350 -33.51 1.51 1.72
CA HIS E 350 -33.28 0.62 2.80
C HIS E 350 -32.46 -0.57 2.39
N ALA E 351 -32.58 -0.99 1.13
CA ALA E 351 -31.66 -1.99 0.58
C ALA E 351 -30.22 -1.59 0.90
N PHE E 352 -29.84 -0.39 0.51
CA PHE E 352 -28.49 0.14 0.75
C PHE E 352 -28.20 0.15 2.21
N THR E 353 -29.17 0.60 2.98
CA THR E 353 -29.07 0.55 4.44
C THR E 353 -28.75 -0.85 4.93
N PHE E 354 -29.42 -1.85 4.39
CA PHE E 354 -29.25 -3.21 4.84
C PHE E 354 -27.89 -3.77 4.46
N PHE E 355 -27.47 -3.51 3.21
CA PHE E 355 -26.16 -3.91 2.72
C PHE E 355 -25.10 -3.23 3.55
N ASN E 356 -25.44 -2.07 4.10
CA ASN E 356 -24.54 -1.38 5.00
C ASN E 356 -24.32 -2.04 6.38
N ALA E 357 -25.20 -2.96 6.77
CA ALA E 357 -24.96 -3.74 7.98
C ALA E 357 -24.09 -5.00 7.71
N LEU E 358 -23.97 -5.41 6.46
CA LEU E 358 -23.22 -6.62 6.13
C LEU E 358 -21.76 -6.55 6.60
N GLY E 359 -21.16 -7.71 6.84
CA GLY E 359 -19.77 -7.85 7.25
C GLY E 359 -18.85 -8.06 6.07
N ASP E 360 -17.54 -8.08 6.33
CA ASP E 360 -16.53 -8.18 5.28
C ASP E 360 -16.44 -9.63 4.85
N GLU E 361 -16.53 -10.53 5.82
CA GLU E 361 -16.35 -11.93 5.53
C GLU E 361 -17.57 -12.48 4.83
N LEU E 362 -17.38 -12.89 3.60
CA LEU E 362 -18.43 -13.43 2.81
C LEU E 362 -18.50 -14.91 3.14
N LEU E 363 -19.57 -15.31 3.82
CA LEU E 363 -19.75 -16.71 4.17
C LEU E 363 -20.43 -17.38 3.01
N TYR E 364 -21.58 -16.83 2.63
CA TYR E 364 -22.33 -17.34 1.52
C TYR E 364 -22.85 -16.20 0.65
N ARG E 365 -22.91 -16.44 -0.64
CA ARG E 365 -23.64 -15.57 -1.55
C ARG E 365 -24.25 -16.38 -2.68
N ASP E 366 -25.54 -16.21 -2.95
CA ASP E 366 -26.13 -16.65 -4.21
C ASP E 366 -26.98 -15.51 -4.79
N GLY E 367 -27.78 -15.80 -5.80
CA GLY E 367 -28.57 -14.77 -6.45
C GLY E 367 -29.60 -14.07 -5.59
N GLU E 368 -29.97 -14.65 -4.45
CA GLU E 368 -31.07 -14.10 -3.67
C GLU E 368 -30.71 -13.76 -2.24
N MET E 369 -29.43 -13.93 -1.89
CA MET E 369 -28.95 -13.59 -0.57
C MET E 369 -27.43 -13.46 -0.51
N ILE E 370 -27.00 -12.62 0.41
CA ILE E 370 -25.62 -12.53 0.80
C ILE E 370 -25.58 -12.73 2.33
N VAL E 371 -24.58 -13.44 2.81
CA VAL E 371 -24.43 -13.75 4.23
C VAL E 371 -22.99 -13.49 4.63
N THR E 372 -22.82 -12.70 5.66
CA THR E 372 -21.51 -12.23 6.05
C THR E 372 -21.30 -12.45 7.53
N ARG E 373 -20.05 -12.35 7.94
CA ARG E 373 -19.70 -12.31 9.35
C ARG E 373 -19.06 -10.98 9.67
N ARG E 374 -19.54 -10.37 10.73
CA ARG E 374 -18.91 -9.20 11.33
C ARG E 374 -17.71 -9.66 12.15
N LYS E 375 -16.91 -8.68 12.56
CA LYS E 375 -15.69 -8.95 13.29
C LYS E 375 -16.05 -9.37 14.70
N ASP E 376 -17.22 -8.98 15.19
CA ASP E 376 -17.64 -9.37 16.53
C ASP E 376 -18.23 -10.78 16.53
N GLY E 377 -18.14 -11.46 15.38
CA GLY E 377 -18.68 -12.80 15.26
C GLY E 377 -20.14 -12.85 14.86
N SER E 378 -20.82 -11.69 14.93
CA SER E 378 -22.23 -11.61 14.51
C SER E 378 -22.35 -11.84 13.02
N ILE E 379 -23.55 -12.21 12.60
CA ILE E 379 -23.84 -12.58 11.24
C ILE E 379 -24.83 -11.56 10.75
N ALA E 380 -24.67 -11.18 9.48
CA ALA E 380 -25.57 -10.23 8.82
C ALA E 380 -25.82 -10.77 7.45
N ALA E 381 -27.09 -10.98 7.15
CA ALA E 381 -27.50 -11.48 5.84
C ALA E 381 -28.50 -10.52 5.26
N VAL E 382 -28.31 -10.15 4.02
CA VAL E 382 -29.37 -9.49 3.33
C VAL E 382 -29.90 -10.54 2.34
N LEU E 383 -31.20 -10.71 2.35
CA LEU E 383 -31.92 -11.54 1.43
C LEU E 383 -32.84 -10.63 0.64
N TRP E 384 -33.05 -10.95 -0.64
CA TRP E 384 -34.04 -10.25 -1.43
C TRP E 384 -34.89 -11.17 -2.26
N ASN E 385 -36.12 -10.78 -2.48
CA ASN E 385 -37.00 -11.56 -3.31
C ASN E 385 -37.46 -10.73 -4.47
N LEU E 386 -36.65 -10.68 -5.51
CA LEU E 386 -37.01 -9.93 -6.71
C LEU E 386 -38.09 -10.69 -7.50
N VAL E 387 -39.14 -9.97 -7.84
CA VAL E 387 -40.25 -10.53 -8.54
C VAL E 387 -40.70 -9.50 -9.55
N MET E 388 -40.33 -9.72 -10.80
CA MET E 388 -40.63 -8.75 -11.84
C MET E 388 -41.97 -8.99 -12.49
N GLU E 389 -42.57 -10.13 -12.22
CA GLU E 389 -43.88 -10.42 -12.80
C GLU E 389 -45.04 -9.99 -11.91
N LYS E 390 -46.15 -9.70 -12.57
CA LYS E 390 -47.35 -9.30 -11.90
C LYS E 390 -47.99 -10.48 -11.19
N GLY E 391 -48.89 -10.16 -10.27
CA GLY E 391 -49.52 -11.15 -9.42
C GLY E 391 -48.98 -11.01 -8.03
N GLU E 392 -49.78 -11.46 -7.07
CA GLU E 392 -49.40 -11.47 -5.66
C GLU E 392 -49.20 -12.94 -5.28
N GLY E 393 -48.82 -13.19 -4.03
CA GLY E 393 -48.15 -14.44 -3.72
C GLY E 393 -46.72 -14.24 -4.18
N LEU E 394 -46.16 -15.20 -4.93
CA LEU E 394 -44.80 -15.03 -5.44
C LEU E 394 -43.81 -14.70 -4.30
N THR E 395 -44.01 -15.34 -3.16
CA THR E 395 -43.12 -15.21 -2.01
C THR E 395 -41.99 -16.20 -2.18
N LYS E 396 -41.14 -16.36 -1.18
CA LYS E 396 -39.94 -17.17 -1.33
C LYS E 396 -39.52 -17.66 0.02
N GLU E 397 -39.68 -18.95 0.28
CA GLU E 397 -39.18 -19.55 1.51
C GLU E 397 -37.67 -19.75 1.35
N VAL E 398 -36.92 -19.49 2.40
CA VAL E 398 -35.47 -19.64 2.41
C VAL E 398 -35.09 -20.28 3.72
N GLN E 399 -34.40 -21.41 3.67
CA GLN E 399 -33.97 -22.08 4.88
C GLN E 399 -32.47 -21.84 5.04
N LEU E 400 -32.11 -21.00 6.00
CA LEU E 400 -30.76 -20.54 6.18
C LEU E 400 -30.21 -21.19 7.42
N VAL E 401 -29.16 -22.00 7.28
CA VAL E 401 -28.59 -22.71 8.41
C VAL E 401 -27.26 -22.07 8.77
N ILE E 402 -27.30 -21.18 9.72
CA ILE E 402 -26.14 -20.38 10.07
C ILE E 402 -25.38 -21.01 11.24
N PRO E 403 -24.10 -21.33 11.02
CA PRO E 403 -23.26 -21.78 12.13
C PRO E 403 -22.98 -20.57 12.96
N VAL E 404 -23.16 -20.73 14.24
CA VAL E 404 -23.17 -19.61 15.13
C VAL E 404 -22.15 -19.94 16.21
N SER E 405 -21.45 -18.90 16.62
CA SER E 405 -20.30 -19.05 17.49
C SER E 405 -20.69 -19.07 18.99
N GLU E 406 -21.97 -19.19 19.31
CA GLU E 406 -22.48 -18.48 20.49
C GLU E 406 -23.32 -19.20 21.56
N SER E 407 -24.38 -19.94 21.21
CA SER E 407 -25.24 -20.57 22.23
C SER E 407 -26.59 -19.86 22.42
N ALA E 408 -26.54 -18.55 22.65
CA ALA E 408 -27.76 -17.73 22.74
C ALA E 408 -27.67 -16.56 21.74
N VAL E 409 -28.77 -16.25 21.09
CA VAL E 409 -28.70 -15.40 19.92
C VAL E 409 -29.87 -14.42 19.84
N PHE E 410 -29.55 -13.14 19.68
CA PHE E 410 -30.57 -12.12 19.41
C PHE E 410 -30.63 -11.97 17.89
N ILE E 411 -31.82 -12.21 17.33
CA ILE E 411 -32.06 -12.04 15.92
C ILE E 411 -32.86 -10.77 15.66
N LYS E 412 -32.25 -9.84 14.95
CA LYS E 412 -32.94 -8.67 14.48
C LYS E 412 -33.13 -8.82 13.00
N ARG E 413 -34.33 -8.58 12.54
CA ARG E 413 -34.67 -8.65 11.14
C ARG E 413 -35.42 -7.39 10.77
N GLN E 414 -35.16 -6.88 9.58
CA GLN E 414 -35.78 -5.67 9.12
C GLN E 414 -36.29 -5.92 7.73
N ILE E 415 -37.60 -5.82 7.57
CA ILE E 415 -38.19 -6.13 6.30
C ILE E 415 -38.68 -4.85 5.63
N VAL E 416 -38.32 -4.65 4.37
CA VAL E 416 -39.02 -3.68 3.55
C VAL E 416 -39.51 -4.39 2.31
N ASN E 417 -40.81 -4.36 2.14
CA ASN E 417 -41.46 -5.00 1.02
C ASN E 417 -42.63 -4.12 0.53
N GLU E 418 -43.66 -4.73 -0.01
CA GLU E 418 -44.81 -4.02 -0.58
C GLU E 418 -45.71 -3.43 0.48
N GLN E 419 -45.71 -4.05 1.65
CA GLN E 419 -46.50 -3.55 2.76
C GLN E 419 -45.66 -2.69 3.71
N TYR E 420 -44.48 -3.16 4.07
CA TYR E 420 -43.65 -2.50 5.07
C TYR E 420 -42.57 -1.66 4.44
N GLY E 421 -42.23 -0.54 5.07
CA GLY E 421 -41.19 0.36 4.56
C GLY E 421 -41.56 1.00 3.24
N ASN E 422 -42.85 0.97 2.93
CA ASN E 422 -43.32 1.36 1.64
C ASN E 422 -44.25 2.55 1.78
N ALA E 423 -43.67 3.74 1.65
CA ALA E 423 -44.46 4.95 1.74
C ALA E 423 -45.28 5.12 0.45
N TRP E 424 -44.74 4.62 -0.67
CA TRP E 424 -45.44 4.68 -1.93
C TRP E 424 -46.83 4.05 -1.84
N ARG E 425 -46.89 2.84 -1.28
CA ARG E 425 -48.16 2.16 -1.04
C ARG E 425 -49.08 3.06 -0.19
N VAL E 426 -48.55 3.71 0.84
CA VAL E 426 -49.42 4.49 1.73
C VAL E 426 -49.88 5.81 1.12
N TRP E 427 -49.03 6.39 0.28
CA TRP E 427 -49.29 7.59 -0.46
C TRP E 427 -50.44 7.40 -1.39
N LYS E 428 -50.58 6.18 -1.87
CA LYS E 428 -51.68 5.78 -2.74
C LYS E 428 -52.94 5.73 -1.94
N GLN E 429 -52.83 5.23 -0.73
CA GLN E 429 -53.98 5.21 0.19
C GLN E 429 -54.53 6.59 0.53
N MET E 430 -53.69 7.60 0.48
CA MET E 430 -54.10 8.92 0.92
C MET E 430 -54.74 9.75 -0.19
N GLY E 431 -54.83 9.17 -1.38
CA GLY E 431 -55.37 9.82 -2.53
C GLY E 431 -54.27 10.33 -3.39
N ARG E 432 -53.10 9.72 -3.30
CA ARG E 432 -51.92 10.21 -4.02
C ARG E 432 -51.79 11.74 -3.93
N PRO E 433 -51.73 12.27 -2.71
CA PRO E 433 -51.63 13.71 -2.56
C PRO E 433 -50.36 14.09 -3.29
N ARG E 434 -50.47 14.87 -4.34
CA ARG E 434 -49.29 15.35 -5.03
C ARG E 434 -48.37 16.14 -4.11
N PHE E 435 -49.00 17.01 -3.32
CA PHE E 435 -48.33 18.00 -2.51
C PHE E 435 -48.90 17.87 -1.12
N PRO E 436 -48.48 16.82 -0.42
CA PRO E 436 -49.09 16.44 0.85
C PRO E 436 -48.82 17.38 1.97
N SER E 437 -49.76 17.44 2.88
CA SER E 437 -49.61 18.22 4.10
C SER E 437 -48.44 17.66 4.91
N ARG E 438 -48.08 18.35 5.97
CA ARG E 438 -46.97 17.92 6.82
C ARG E 438 -47.34 16.67 7.59
N GLN E 439 -48.60 16.60 8.04
CA GLN E 439 -49.11 15.47 8.78
C GLN E 439 -49.02 14.22 7.93
N ALA E 440 -49.45 14.35 6.67
CA ALA E 440 -49.41 13.24 5.71
C ALA E 440 -47.97 12.78 5.39
N VAL E 441 -47.03 13.72 5.31
CA VAL E 441 -45.63 13.40 5.09
C VAL E 441 -45.15 12.64 6.31
N GLU E 442 -45.51 13.08 7.52
CA GLU E 442 -45.03 12.43 8.73
C GLU E 442 -45.51 11.02 8.83
N THR E 443 -46.78 10.79 8.49
CA THR E 443 -47.30 9.46 8.43
C THR E 443 -46.53 8.62 7.42
N LEU E 444 -46.27 9.20 6.25
CA LEU E 444 -45.51 8.53 5.22
C LEU E 444 -44.12 8.14 5.67
N ARG E 445 -43.46 9.01 6.44
CA ARG E 445 -42.14 8.75 6.99
C ARG E 445 -42.13 7.56 7.95
N GLN E 446 -43.18 7.51 8.76
CA GLN E 446 -43.37 6.51 9.79
C GLN E 446 -43.49 5.12 9.14
N VAL E 447 -44.31 5.13 8.11
CA VAL E 447 -44.61 3.97 7.32
C VAL E 447 -43.38 3.62 6.43
N ALA E 448 -42.60 4.62 6.05
CA ALA E 448 -41.41 4.34 5.23
C ALA E 448 -40.37 3.51 5.97
N GLN E 449 -40.50 3.39 7.29
CA GLN E 449 -39.51 2.70 8.13
C GLN E 449 -39.60 1.17 7.97
N PRO E 450 -38.46 0.50 8.01
CA PRO E 450 -38.48 -0.95 7.90
C PRO E 450 -39.26 -1.58 9.03
N HIS E 451 -39.96 -2.66 8.73
CA HIS E 451 -40.58 -3.45 9.78
C HIS E 451 -39.53 -4.20 10.57
N VAL E 452 -39.65 -4.25 11.90
CA VAL E 452 -38.64 -4.91 12.70
C VAL E 452 -39.18 -6.04 13.51
N MET E 453 -38.54 -7.19 13.40
CA MET E 453 -38.90 -8.34 14.21
C MET E 453 -37.66 -8.76 14.95
N THR E 454 -37.84 -9.09 16.21
CA THR E 454 -36.74 -9.56 17.00
C THR E 454 -37.10 -10.86 17.66
N GLU E 455 -36.10 -11.63 18.01
CA GLU E 455 -36.28 -12.78 18.86
C GLU E 455 -34.97 -13.19 19.46
N GLN E 456 -35.09 -13.91 20.57
CA GLN E 456 -33.99 -14.62 21.15
C GLN E 456 -34.18 -16.09 20.80
N ARG E 457 -33.07 -16.76 20.55
CA ARG E 457 -33.12 -18.12 20.08
C ARG E 457 -31.90 -18.79 20.65
N ARG E 458 -32.05 -20.02 21.14
CA ARG E 458 -30.88 -20.78 21.55
C ARG E 458 -30.35 -21.56 20.34
N ALA E 459 -29.06 -21.41 20.10
CA ALA E 459 -28.33 -22.21 19.12
C ALA E 459 -28.44 -23.70 19.44
N THR E 460 -28.92 -24.48 18.48
CA THR E 460 -28.84 -25.94 18.57
C THR E 460 -27.41 -26.45 18.18
N ASP E 461 -26.41 -26.09 18.99
CA ASP E 461 -25.02 -26.58 18.87
C ASP E 461 -24.23 -25.88 17.78
N GLY E 462 -23.89 -24.64 18.08
CA GLY E 462 -23.29 -23.75 17.11
C GLY E 462 -23.97 -23.73 15.75
N VAL E 463 -25.30 -23.87 15.70
CA VAL E 463 -26.08 -23.63 14.48
C VAL E 463 -27.44 -22.99 14.79
N ILE E 464 -27.99 -22.26 13.82
CA ILE E 464 -29.31 -21.68 13.94
C ILE E 464 -30.05 -21.91 12.62
N HIS E 465 -31.23 -22.52 12.68
CA HIS E 465 -32.02 -22.81 11.48
C HIS E 465 -33.12 -21.75 11.30
N LEU E 466 -32.81 -20.73 10.53
CA LEU E 466 -33.78 -19.68 10.22
C LEU E 466 -34.67 -20.09 9.08
N SER E 467 -35.96 -20.16 9.34
CA SER E 467 -36.91 -20.26 8.26
C SER E 467 -37.35 -18.84 7.92
N ILE E 468 -37.10 -18.42 6.68
CA ILE E 468 -37.28 -17.04 6.26
C ILE E 468 -38.28 -16.94 5.08
N VAL E 469 -39.40 -16.26 5.31
CA VAL E 469 -40.36 -16.03 4.25
C VAL E 469 -40.13 -14.64 3.75
N LEU E 470 -39.81 -14.53 2.48
CA LEU E 470 -39.67 -13.25 1.85
C LEU E 470 -40.93 -13.04 1.10
N SER E 471 -41.59 -11.93 1.35
CA SER E 471 -42.81 -11.64 0.60
C SER E 471 -42.40 -10.92 -0.70
N LYS E 472 -43.39 -10.55 -1.52
CA LYS E 472 -43.11 -10.02 -2.87
C LYS E 472 -42.21 -8.81 -2.77
N ASN E 473 -41.12 -8.83 -3.54
CA ASN E 473 -40.22 -7.70 -3.65
C ASN E 473 -39.70 -7.21 -2.31
N GLU E 474 -39.28 -8.14 -1.50
CA GLU E 474 -38.86 -7.84 -0.15
C GLU E 474 -37.38 -7.90 -0.10
N VAL E 475 -36.78 -6.88 0.48
CA VAL E 475 -35.42 -6.98 0.94
C VAL E 475 -35.52 -6.98 2.45
N THR E 476 -34.71 -7.83 3.05
CA THR E 476 -34.65 -7.95 4.47
C THR E 476 -33.25 -8.15 4.87
N LEU E 477 -32.90 -7.50 5.97
CA LEU E 477 -31.62 -7.63 6.63
C LEU E 477 -31.95 -8.57 7.76
N ILE E 478 -31.02 -9.47 8.06
CA ILE E 478 -31.12 -10.28 9.25
C ILE E 478 -29.78 -10.30 9.92
N GLU E 479 -29.75 -9.80 11.15
CA GLU E 479 -28.56 -9.85 11.96
C GLU E 479 -28.75 -10.85 13.10
N ILE E 480 -27.72 -11.63 13.34
CA ILE E 480 -27.68 -12.63 14.39
C ILE E 480 -26.53 -12.26 15.28
N GLU E 481 -26.88 -11.86 16.49
CA GLU E 481 -26.00 -11.26 17.44
C GLU E 481 -25.89 -12.18 18.62
N GLN E 482 -24.70 -12.23 19.21
CA GLN E 482 -24.49 -12.96 20.46
C GLN E 482 -25.38 -12.39 21.55
N VAL E 483 -26.04 -13.25 22.33
CA VAL E 483 -26.60 -12.82 23.62
C VAL E 483 -25.71 -13.28 24.78
N ARG E 484 -25.10 -12.31 25.47
CA ARG E 484 -24.45 -12.51 26.75
C ARG E 484 -25.53 -12.22 27.81
N ASP E 485 -26.29 -13.24 28.14
CA ASP E 485 -27.42 -13.06 29.05
C ASP E 485 -27.03 -12.52 30.43
N GLU E 486 -27.69 -11.45 30.83
CA GLU E 486 -27.50 -10.81 32.11
C GLU E 486 -28.59 -11.17 33.09
N THR E 487 -29.55 -12.02 32.70
CA THR E 487 -30.76 -12.23 33.49
C THR E 487 -30.43 -12.81 34.85
N SER E 488 -29.34 -13.55 34.92
CA SER E 488 -28.99 -14.21 36.16
C SER E 488 -28.43 -13.19 37.17
N THR E 489 -27.96 -12.03 36.72
CA THR E 489 -27.48 -11.00 37.66
C THR E 489 -28.62 -10.28 38.32
N TYR E 490 -29.85 -10.51 37.82
CA TYR E 490 -31.07 -9.97 38.42
C TYR E 490 -31.66 -11.03 39.36
N VAL E 491 -30.99 -11.25 40.48
CA VAL E 491 -31.46 -12.25 41.41
C VAL E 491 -32.88 -11.92 41.86
N GLY E 492 -33.75 -12.93 41.79
CA GLY E 492 -35.12 -12.80 42.28
C GLY E 492 -36.08 -12.19 41.28
N LEU E 493 -35.55 -11.72 40.16
CA LEU E 493 -36.35 -11.22 39.08
C LEU E 493 -37.38 -12.25 38.71
N ASP E 494 -38.59 -11.78 38.42
CA ASP E 494 -39.69 -12.65 38.13
C ASP E 494 -40.77 -11.76 37.59
N ASP E 495 -40.98 -11.87 36.29
CA ASP E 495 -41.96 -11.05 35.60
C ASP E 495 -43.36 -11.45 36.06
N GLY E 496 -43.48 -12.68 36.57
CA GLY E 496 -44.73 -13.20 37.10
C GLY E 496 -45.27 -12.44 38.29
N GLU E 497 -44.39 -11.66 38.93
CA GLU E 497 -44.78 -10.76 40.02
C GLU E 497 -45.21 -9.37 39.53
N ILE E 498 -45.28 -9.18 38.21
CA ILE E 498 -45.81 -7.96 37.60
C ILE E 498 -47.22 -8.25 37.19
N THR E 499 -48.16 -7.38 37.55
CA THR E 499 -49.55 -7.54 37.11
C THR E 499 -49.64 -8.01 35.66
N SER E 500 -50.28 -9.15 35.43
CA SER E 500 -50.55 -9.69 34.08
C SER E 500 -49.43 -10.48 33.37
N TYR E 501 -48.18 -10.34 33.79
CA TYR E 501 -47.06 -11.02 33.10
C TYR E 501 -46.72 -12.33 33.80
N SER E 502 -46.02 -13.23 33.09
CA SER E 502 -45.65 -14.54 33.64
C SER E 502 -44.29 -15.07 33.22
N GLY F 2 10.60 45.36 23.18
CA GLY F 2 11.76 44.42 23.02
C GLY F 2 11.73 43.80 21.65
N VAL F 3 12.85 43.91 20.90
CA VAL F 3 12.93 43.44 19.50
C VAL F 3 13.17 41.95 19.41
N VAL F 4 12.55 41.34 18.40
CA VAL F 4 12.55 39.89 18.22
C VAL F 4 12.55 39.59 16.74
N ASN F 5 13.72 39.22 16.23
CA ASN F 5 13.86 38.82 14.85
C ASN F 5 13.54 37.35 14.72
N VAL F 6 12.41 37.08 14.09
CA VAL F 6 11.89 35.73 13.94
C VAL F 6 12.67 35.02 12.83
N PRO F 7 13.21 33.84 13.12
CA PRO F 7 13.78 32.96 12.08
C PRO F 7 12.72 32.41 11.14
N SER F 8 13.04 32.29 9.86
CA SER F 8 12.08 31.74 8.89
C SER F 8 11.89 30.23 9.09
N ASN F 9 12.91 29.57 9.64
CA ASN F 9 12.85 28.15 9.98
C ASN F 9 13.10 27.92 11.46
N GLY F 10 12.55 26.82 11.96
CA GLY F 10 12.72 26.42 13.34
C GLY F 10 13.19 24.99 13.44
N ARG F 11 14.19 24.77 14.29
CA ARG F 11 14.76 23.44 14.47
C ARG F 11 13.74 22.52 15.14
N GLU F 12 13.16 22.96 16.26
CA GLU F 12 12.27 22.09 17.06
C GLU F 12 10.80 22.31 16.66
N LYS F 13 9.95 21.39 17.11
CA LYS F 13 8.50 21.56 17.01
C LYS F 13 7.94 22.05 18.35
N PHE F 14 6.86 22.82 18.27
CA PHE F 14 5.98 23.03 19.43
C PHE F 14 5.07 21.82 19.56
N LYS F 15 5.12 21.17 20.70
CA LYS F 15 4.34 19.95 20.90
C LYS F 15 2.91 20.32 21.27
N LYS F 16 2.01 19.37 21.08
CA LYS F 16 0.61 19.56 21.40
C LYS F 16 0.27 19.06 22.84
N ASN F 17 1.32 18.91 23.66
CA ASN F 17 1.20 18.49 25.04
C ASN F 17 0.29 19.41 25.88
N TRP F 18 0.22 20.67 25.53
CA TRP F 18 -0.61 21.67 26.24
C TRP F 18 -2.10 21.39 26.20
N LYS F 19 -2.50 20.58 25.23
CA LYS F 19 -3.90 20.27 24.98
C LYS F 19 -4.16 18.75 24.92
N PHE F 20 -3.21 17.96 25.38
CA PHE F 20 -3.42 16.53 25.50
C PHE F 20 -4.61 16.23 26.41
N CYS F 21 -4.70 16.94 27.52
CA CYS F 21 -5.67 16.63 28.57
C CYS F 21 -6.19 17.88 29.25
N VAL F 22 -7.44 17.83 29.74
CA VAL F 22 -8.04 18.96 30.45
C VAL F 22 -8.78 18.47 31.69
N GLY F 23 -8.81 19.29 32.73
CA GLY F 23 -9.51 18.98 33.96
C GLY F 23 -11.00 19.19 33.90
N THR F 24 -11.71 18.49 34.76
CA THR F 24 -13.16 18.59 34.88
C THR F 24 -13.68 18.45 36.29
N GLY F 25 -14.80 19.10 36.57
CA GLY F 25 -15.59 18.73 37.73
C GLY F 25 -15.88 17.23 37.76
N ARG F 26 -16.27 16.69 38.92
CA ARG F 26 -16.50 15.26 39.04
C ARG F 26 -17.33 14.71 37.90
N LEU F 27 -17.16 13.44 37.63
CA LEU F 27 -17.67 12.87 36.39
C LEU F 27 -19.19 12.90 36.43
N GLY F 28 -19.76 12.68 37.59
CA GLY F 28 -21.20 12.75 37.73
C GLY F 28 -21.77 14.01 37.13
N LEU F 29 -21.05 15.11 37.31
CA LEU F 29 -21.43 16.40 36.75
C LEU F 29 -21.39 16.41 35.23
N ALA F 30 -20.69 15.46 34.63
CA ALA F 30 -20.76 15.27 33.17
C ALA F 30 -22.17 14.87 32.68
N LEU F 31 -23.07 14.60 33.60
CA LEU F 31 -24.44 14.31 33.19
C LEU F 31 -25.20 15.58 32.89
N GLN F 32 -24.65 16.75 33.27
CA GLN F 32 -25.34 18.02 33.14
C GLN F 32 -25.27 18.57 31.73
N LYS F 33 -26.43 18.88 31.18
CA LYS F 33 -26.50 19.66 29.93
C LYS F 33 -25.49 20.81 29.93
N GLU F 34 -25.43 21.55 31.03
CA GLU F 34 -24.55 22.68 31.05
C GLU F 34 -23.15 22.21 30.81
N TYR F 35 -22.75 21.16 31.52
CA TYR F 35 -21.44 20.61 31.35
C TYR F 35 -21.13 20.28 29.89
N LEU F 36 -22.05 19.59 29.21
CA LEU F 36 -21.78 19.15 27.86
C LEU F 36 -21.77 20.33 26.86
N ASP F 37 -22.54 21.39 27.11
CA ASP F 37 -22.49 22.63 26.30
C ASP F 37 -21.07 23.14 26.30
N HIS F 38 -20.49 23.11 27.48
CA HIS F 38 -19.16 23.62 27.75
C HIS F 38 -18.10 22.78 27.07
N LEU F 39 -18.30 21.49 27.08
CA LEU F 39 -17.30 20.58 26.57
C LEU F 39 -17.30 20.76 25.06
N LYS F 40 -18.51 20.82 24.51
CA LYS F 40 -18.70 21.09 23.10
C LYS F 40 -17.93 22.35 22.68
N LEU F 41 -18.18 23.44 23.38
CA LEU F 41 -17.51 24.68 23.10
C LEU F 41 -16.01 24.41 23.17
N VAL F 42 -15.58 23.86 24.30
CA VAL F 42 -14.17 23.60 24.54
C VAL F 42 -13.56 22.74 23.43
N GLN F 43 -14.28 21.73 22.94
CA GLN F 43 -13.74 20.84 21.94
C GLN F 43 -13.81 21.41 20.51
N GLU F 44 -14.68 22.38 20.27
CA GLU F 44 -14.76 23.01 18.96
C GLU F 44 -13.66 24.06 18.82
N LYS F 45 -13.36 24.76 19.91
CA LYS F 45 -12.41 25.87 19.90
C LYS F 45 -10.99 25.47 20.32
N ILE F 46 -10.90 24.45 21.16
CA ILE F 46 -9.62 23.87 21.63
C ILE F 46 -9.66 22.38 21.43
N GLY F 47 -8.70 21.76 20.85
CA GLY F 47 -8.95 20.32 20.70
C GLY F 47 -8.35 19.38 21.75
N PHE F 48 -8.94 19.29 22.94
CA PHE F 48 -8.37 18.36 23.95
C PHE F 48 -8.59 16.91 23.58
N ARG F 49 -7.59 16.09 23.85
CA ARG F 49 -7.68 14.67 23.58
C ARG F 49 -8.20 13.90 24.79
N TYR F 50 -7.97 14.43 25.98
CA TYR F 50 -8.34 13.75 27.22
C TYR F 50 -8.96 14.66 28.26
N ILE F 51 -9.69 14.06 29.17
CA ILE F 51 -10.38 14.76 30.23
C ILE F 51 -10.19 14.00 31.51
N ARG F 52 -9.77 14.70 32.53
CA ARG F 52 -9.34 14.06 33.74
C ARG F 52 -10.19 14.62 34.88
N GLY F 53 -10.76 13.73 35.67
CA GLY F 53 -11.68 14.14 36.70
C GLY F 53 -11.82 13.22 37.88
N HIS F 54 -12.44 13.77 38.91
CA HIS F 54 -12.73 13.10 40.15
C HIS F 54 -14.00 12.25 40.08
N GLY F 55 -14.11 11.33 41.03
CA GLY F 55 -15.39 10.75 41.39
C GLY F 55 -15.93 9.81 40.34
N LEU F 56 -15.06 9.13 39.62
CA LEU F 56 -15.50 8.04 38.75
C LEU F 56 -16.22 7.01 39.62
N LEU F 57 -15.61 6.65 40.74
CA LEU F 57 -16.12 5.60 41.64
C LEU F 57 -16.94 6.12 42.81
N SER F 58 -17.30 7.41 42.79
CA SER F 58 -18.04 8.04 43.87
C SER F 58 -19.52 7.87 43.64
N ASP F 59 -20.34 8.06 44.65
CA ASP F 59 -21.66 7.45 44.60
C ASP F 59 -22.71 8.15 43.74
N ASP F 60 -22.47 9.38 43.32
CA ASP F 60 -23.41 9.98 42.38
C ASP F 60 -23.25 9.31 41.04
N VAL F 61 -22.02 8.98 40.65
CA VAL F 61 -21.86 8.17 39.45
C VAL F 61 -22.51 6.80 39.63
N GLY F 62 -22.43 6.24 40.83
CA GLY F 62 -23.26 5.10 41.19
C GLY F 62 -22.74 3.74 40.77
N ILE F 63 -21.47 3.68 40.38
CA ILE F 63 -20.90 2.39 40.04
C ILE F 63 -20.96 1.36 41.21
N TYR F 64 -20.35 1.66 42.35
CA TYR F 64 -20.27 0.64 43.38
C TYR F 64 -21.43 0.64 44.34
N ARG F 65 -22.20 -0.42 44.25
CA ARG F 65 -23.23 -0.71 45.23
C ARG F 65 -23.08 -2.09 45.84
N GLU F 66 -23.81 -2.25 46.92
CA GLU F 66 -24.00 -3.49 47.66
C GLU F 66 -25.36 -3.28 48.33
N VAL F 67 -26.27 -4.23 48.52
CA VAL F 67 -26.91 -5.20 47.62
C VAL F 67 -27.11 -6.53 48.37
N GLU F 68 -28.14 -6.54 49.21
CA GLU F 68 -28.56 -7.72 49.96
C GLU F 68 -29.15 -8.76 49.02
N ILE F 69 -28.52 -9.94 49.02
CA ILE F 69 -28.91 -11.07 48.18
C ILE F 69 -28.63 -12.35 48.95
N ASP F 70 -29.68 -13.18 49.08
CA ASP F 70 -29.69 -14.37 49.95
C ASP F 70 -29.53 -13.85 51.39
N GLY F 71 -28.32 -13.93 51.94
CA GLY F 71 -28.02 -13.43 53.27
C GLY F 71 -26.91 -12.40 53.31
N GLU F 72 -26.29 -12.14 52.17
CA GLU F 72 -24.99 -11.49 52.09
C GLU F 72 -25.03 -10.15 51.35
N MET F 73 -24.12 -9.26 51.74
CA MET F 73 -23.79 -8.08 50.96
C MET F 73 -22.89 -8.50 49.80
N LYS F 74 -23.51 -8.62 48.62
CA LYS F 74 -22.78 -8.86 47.38
C LYS F 74 -22.57 -7.53 46.61
N PRO F 75 -21.44 -7.37 45.94
CA PRO F 75 -21.23 -6.19 45.09
C PRO F 75 -22.13 -6.14 43.85
N PHE F 76 -22.48 -4.93 43.45
CA PHE F 76 -23.19 -4.65 42.20
C PHE F 76 -22.56 -3.42 41.58
N TYR F 77 -22.30 -3.50 40.28
CA TYR F 77 -21.64 -2.45 39.54
C TYR F 77 -22.68 -1.81 38.61
N ASN F 78 -22.91 -0.52 38.78
CA ASN F 78 -23.91 0.18 38.00
C ASN F 78 -23.26 1.10 36.98
N PHE F 79 -23.30 0.69 35.72
CA PHE F 79 -22.64 1.44 34.70
C PHE F 79 -23.53 2.45 34.01
N THR F 80 -24.79 2.58 34.45
CA THR F 80 -25.74 3.50 33.83
C THR F 80 -25.16 4.87 33.58
N TYR F 81 -24.49 5.44 34.55
CA TYR F 81 -24.01 6.83 34.41
C TYR F 81 -22.66 7.01 33.68
N ILE F 82 -21.62 6.20 33.96
CA ILE F 82 -20.37 6.34 33.17
C ILE F 82 -20.54 5.88 31.77
N ASP F 83 -21.52 5.03 31.47
CA ASP F 83 -21.79 4.70 30.08
C ASP F 83 -22.25 5.96 29.39
N ARG F 84 -23.18 6.69 30.01
CA ARG F 84 -23.60 7.95 29.43
C ARG F 84 -22.46 8.99 29.45
N ILE F 85 -21.68 9.03 30.52
CA ILE F 85 -20.61 10.02 30.62
C ILE F 85 -19.52 9.76 29.60
N VAL F 86 -19.05 8.53 29.52
CA VAL F 86 -17.97 8.20 28.61
C VAL F 86 -18.46 8.28 27.17
N ASP F 87 -19.73 7.92 26.93
CA ASP F 87 -20.28 8.10 25.61
C ASP F 87 -20.23 9.53 25.22
N SER F 88 -20.62 10.40 26.15
CA SER F 88 -20.70 11.81 25.86
C SER F 88 -19.29 12.39 25.69
N TYR F 89 -18.29 11.81 26.33
CA TYR F 89 -16.90 12.22 26.11
C TYR F 89 -16.44 11.90 24.67
N LEU F 90 -16.58 10.64 24.29
CA LEU F 90 -16.16 10.17 22.98
C LEU F 90 -16.92 10.83 21.81
N ALA F 91 -18.13 11.30 22.05
CA ALA F 91 -18.88 12.03 21.02
C ALA F 91 -18.27 13.40 20.76
N LEU F 92 -17.75 13.99 21.83
CA LEU F 92 -16.97 15.23 21.77
C LEU F 92 -15.45 15.00 21.54
N ASN F 93 -15.09 13.81 21.07
CA ASN F 93 -13.71 13.43 20.72
C ASN F 93 -12.74 13.69 21.85
N ILE F 94 -13.16 13.39 23.06
CA ILE F 94 -12.31 13.48 24.22
C ILE F 94 -12.39 12.15 24.97
N ARG F 95 -11.24 11.72 25.46
CA ARG F 95 -11.12 10.43 26.12
C ARG F 95 -10.92 10.65 27.61
N PRO F 96 -11.34 9.68 28.42
CA PRO F 96 -11.10 9.77 29.86
C PRO F 96 -9.65 9.48 30.24
N PHE F 97 -8.97 10.48 30.82
CA PHE F 97 -7.81 10.26 31.66
C PHE F 97 -8.42 9.84 32.97
N ILE F 98 -8.85 8.58 33.03
CA ILE F 98 -9.52 8.04 34.19
C ILE F 98 -8.68 8.19 35.44
N GLU F 99 -9.40 8.49 36.52
CA GLU F 99 -8.85 8.60 37.85
C GLU F 99 -9.73 7.74 38.72
N PHE F 100 -9.21 6.60 39.15
CA PHE F 100 -9.87 5.70 40.12
C PHE F 100 -10.00 6.31 41.51
N GLY F 101 -11.20 6.79 41.81
CA GLY F 101 -11.51 7.35 43.13
C GLY F 101 -12.84 8.08 43.07
N PHE F 102 -13.37 8.51 44.21
CA PHE F 102 -12.84 8.16 45.51
C PHE F 102 -13.50 6.85 45.91
N MET F 103 -13.61 6.63 47.21
CA MET F 103 -14.07 5.35 47.68
C MET F 103 -15.57 5.43 47.61
N PRO F 104 -16.18 4.41 47.02
CA PRO F 104 -17.61 4.24 47.18
C PRO F 104 -17.92 4.03 48.67
N LYS F 105 -19.02 4.60 49.14
CA LYS F 105 -19.40 4.63 50.55
C LYS F 105 -19.57 3.22 51.10
N ALA F 106 -20.16 2.32 50.31
CA ALA F 106 -20.35 0.92 50.72
C ALA F 106 -19.05 0.10 50.71
N LEU F 107 -18.02 0.64 50.08
CA LEU F 107 -16.71 0.01 50.05
C LEU F 107 -15.77 0.67 51.04
N ALA F 108 -16.19 1.80 51.58
CA ALA F 108 -15.39 2.63 52.47
C ALA F 108 -15.08 1.93 53.79
N SER F 109 -13.84 2.07 54.26
CA SER F 109 -13.46 1.59 55.58
C SER F 109 -13.82 2.58 56.67
N GLY F 110 -14.22 3.80 56.29
CA GLY F 110 -14.46 4.86 57.24
C GLY F 110 -15.34 5.99 56.71
N ASP F 111 -15.49 7.01 57.54
CA ASP F 111 -16.44 8.10 57.33
C ASP F 111 -15.84 9.33 56.71
N GLN F 112 -14.53 9.36 56.47
CA GLN F 112 -13.94 10.63 56.07
C GLN F 112 -14.36 10.95 54.65
N THR F 113 -14.90 12.14 54.47
CA THR F 113 -15.22 12.62 53.18
C THR F 113 -14.49 13.92 52.85
N VAL F 114 -14.53 14.27 51.58
CA VAL F 114 -14.02 15.51 51.08
C VAL F 114 -15.09 16.12 50.21
N PHE F 115 -15.10 17.44 50.14
CA PHE F 115 -16.00 18.19 49.25
C PHE F 115 -17.46 18.30 49.71
N TYR F 116 -18.18 19.17 49.03
CA TYR F 116 -19.59 19.38 49.30
C TYR F 116 -20.33 18.10 48.88
N TRP F 117 -19.82 17.41 47.86
CA TRP F 117 -20.42 16.15 47.42
C TRP F 117 -19.87 14.89 48.13
N LYS F 118 -19.06 15.09 49.15
CA LYS F 118 -18.70 14.03 50.10
C LYS F 118 -18.20 12.73 49.43
N GLY F 119 -17.10 12.83 48.68
CA GLY F 119 -16.40 11.65 48.22
C GLY F 119 -15.66 11.06 49.42
N ASN F 120 -15.79 9.75 49.59
CA ASN F 120 -15.15 9.07 50.67
C ASN F 120 -13.68 8.81 50.36
N VAL F 121 -12.82 9.24 51.28
CA VAL F 121 -11.39 9.26 51.06
C VAL F 121 -10.66 8.24 51.95
N THR F 122 -11.34 7.14 52.31
CA THR F 122 -10.74 6.13 53.19
C THR F 122 -10.41 4.89 52.38
N PRO F 123 -9.38 4.14 52.77
CA PRO F 123 -9.06 2.89 52.06
C PRO F 123 -10.26 1.96 52.05
N PRO F 124 -10.33 1.06 51.07
CA PRO F 124 -11.44 0.12 51.02
C PRO F 124 -11.43 -0.74 52.31
N LYS F 125 -12.61 -1.10 52.81
CA LYS F 125 -12.72 -2.03 53.92
C LYS F 125 -12.16 -3.40 53.51
N ASP F 126 -12.07 -3.64 52.20
CA ASP F 126 -11.62 -4.91 51.65
C ASP F 126 -10.94 -4.68 50.27
N TYR F 127 -9.61 -4.81 50.22
CA TYR F 127 -8.85 -4.59 49.00
C TYR F 127 -9.19 -5.59 47.90
N ASN F 128 -9.64 -6.78 48.27
CA ASN F 128 -10.19 -7.72 47.29
C ASN F 128 -11.35 -7.08 46.57
N LYS F 129 -12.30 -6.56 47.32
CA LYS F 129 -13.50 -5.97 46.72
C LYS F 129 -13.11 -4.83 45.83
N TRP F 130 -12.17 -4.02 46.30
CA TRP F 130 -11.65 -2.88 45.54
C TRP F 130 -10.96 -3.29 44.26
N ARG F 131 -10.20 -4.37 44.31
CA ARG F 131 -9.61 -4.96 43.13
C ARG F 131 -10.70 -5.39 42.17
N ASP F 132 -11.69 -6.13 42.65
CA ASP F 132 -12.72 -6.61 41.72
C ASP F 132 -13.51 -5.43 41.09
N LEU F 133 -13.54 -4.29 41.79
CA LEU F 133 -14.23 -3.11 41.34
C LEU F 133 -13.46 -2.58 40.16
N ILE F 134 -12.16 -2.44 40.38
CA ILE F 134 -11.27 -1.92 39.36
C ILE F 134 -11.30 -2.80 38.14
N VAL F 135 -11.21 -4.12 38.33
CA VAL F 135 -11.36 -5.05 37.22
C VAL F 135 -12.70 -4.91 36.52
N ALA F 136 -13.75 -4.69 37.29
CA ALA F 136 -15.11 -4.66 36.74
C ALA F 136 -15.29 -3.44 35.87
N VAL F 137 -14.90 -2.29 36.41
CA VAL F 137 -14.96 -1.02 35.70
C VAL F 137 -14.16 -1.09 34.42
N VAL F 138 -12.87 -1.38 34.58
CA VAL F 138 -11.96 -1.46 33.45
C VAL F 138 -12.43 -2.51 32.43
N SER F 139 -12.93 -3.65 32.91
CA SER F 139 -13.46 -4.66 32.01
C SER F 139 -14.64 -4.11 31.27
N HIS F 140 -15.49 -3.37 31.99
CA HIS F 140 -16.66 -2.77 31.39
C HIS F 140 -16.26 -1.83 30.29
N PHE F 141 -15.25 -1.02 30.51
CA PHE F 141 -14.82 -0.09 29.51
C PHE F 141 -14.42 -0.83 28.26
N ILE F 142 -13.71 -1.94 28.40
CA ILE F 142 -13.30 -2.69 27.24
C ILE F 142 -14.50 -3.30 26.53
N GLU F 143 -15.43 -3.88 27.29
CA GLU F 143 -16.61 -4.48 26.65
C GLU F 143 -17.41 -3.44 25.87
N ARG F 144 -17.43 -2.21 26.34
CA ARG F 144 -18.27 -1.20 25.73
C ARG F 144 -17.59 -0.52 24.54
N TYR F 145 -16.32 -0.13 24.72
CA TYR F 145 -15.57 0.67 23.75
C TYR F 145 -14.48 -0.10 22.98
N GLY F 146 -14.21 -1.33 23.41
CA GLY F 146 -13.19 -2.15 22.76
C GLY F 146 -11.80 -1.90 23.30
N ILE F 147 -10.94 -2.90 23.17
CA ILE F 147 -9.61 -2.80 23.74
C ILE F 147 -8.75 -1.76 23.01
N GLU F 148 -9.01 -1.53 21.72
CA GLU F 148 -8.24 -0.52 20.97
C GLU F 148 -8.46 0.82 21.59
N GLU F 149 -9.72 1.13 21.85
CA GLU F 149 -10.11 2.45 22.30
C GLU F 149 -9.60 2.64 23.73
N VAL F 150 -9.87 1.67 24.58
CA VAL F 150 -9.46 1.77 25.98
C VAL F 150 -7.94 1.71 26.17
N ARG F 151 -7.21 1.09 25.25
CA ARG F 151 -5.73 1.10 25.33
C ARG F 151 -5.14 2.51 25.23
N THR F 152 -5.88 3.40 24.60
CA THR F 152 -5.47 4.80 24.50
C THR F 152 -5.75 5.59 25.76
N TRP F 153 -6.48 5.04 26.72
CA TRP F 153 -6.85 5.80 27.91
C TRP F 153 -5.76 5.73 28.92
N LEU F 154 -5.84 6.59 29.93
CA LEU F 154 -4.88 6.62 30.98
C LEU F 154 -5.59 6.41 32.27
N PHE F 155 -4.92 5.77 33.23
CA PHE F 155 -5.58 5.32 34.43
C PHE F 155 -4.78 5.77 35.62
N GLU F 156 -5.26 6.79 36.32
CA GLU F 156 -4.55 7.33 37.46
C GLU F 156 -5.15 6.69 38.71
N VAL F 157 -4.33 6.42 39.70
CA VAL F 157 -4.84 5.84 40.93
C VAL F 157 -5.00 6.94 41.96
N TRP F 158 -6.25 7.25 42.24
CA TRP F 158 -6.62 8.13 43.31
C TRP F 158 -6.21 9.56 43.01
N ASN F 159 -6.23 10.41 44.02
CA ASN F 159 -5.98 11.80 43.81
C ASN F 159 -5.43 12.39 45.07
N ALA F 160 -4.24 12.95 44.95
CA ALA F 160 -3.60 13.63 46.06
C ALA F 160 -3.65 12.81 47.36
N PRO F 161 -3.18 11.55 47.34
CA PRO F 161 -3.06 10.75 48.56
C PRO F 161 -2.06 11.32 49.55
N ASN F 162 -1.25 12.27 49.11
CA ASN F 162 -0.36 13.01 50.02
C ASN F 162 -1.10 14.08 50.82
N LEU F 163 -2.34 14.35 50.49
CA LEU F 163 -3.14 15.31 51.27
C LEU F 163 -4.12 14.51 52.08
N VAL F 164 -4.32 14.97 53.30
CA VAL F 164 -5.12 14.28 54.30
C VAL F 164 -6.61 14.41 53.98
N ASN F 165 -6.95 15.48 53.26
CA ASN F 165 -8.32 15.74 52.83
C ASN F 165 -8.81 14.68 51.84
N PHE F 166 -7.88 14.09 51.10
CA PHE F 166 -8.20 13.21 49.99
C PHE F 166 -7.90 11.73 50.27
N TRP F 167 -7.16 11.45 51.32
CA TRP F 167 -6.80 10.07 51.64
C TRP F 167 -6.53 10.00 53.13
N LYS F 168 -7.06 8.99 53.81
CA LYS F 168 -7.02 8.96 55.27
C LYS F 168 -5.57 9.01 55.76
N ASP F 169 -5.28 9.98 56.62
CA ASP F 169 -3.94 10.17 57.19
C ASP F 169 -2.82 10.31 56.17
N ALA F 170 -3.16 10.79 54.98
CA ALA F 170 -2.21 10.87 53.85
C ALA F 170 -1.19 9.75 54.01
N ASN F 171 -1.72 8.53 54.12
CA ASN F 171 -0.98 7.35 54.49
C ASN F 171 -0.25 6.78 53.28
N LYS F 172 1.00 7.24 53.11
CA LYS F 172 1.88 6.84 52.02
C LYS F 172 1.85 5.35 51.78
N GLN F 173 2.06 4.57 52.83
CA GLN F 173 2.13 3.13 52.66
C GLN F 173 0.80 2.53 52.24
N GLU F 174 -0.30 2.99 52.82
CA GLU F 174 -1.61 2.47 52.45
C GLU F 174 -1.97 2.85 51.00
N TYR F 175 -1.53 4.00 50.52
CA TYR F 175 -1.81 4.38 49.14
C TYR F 175 -1.11 3.45 48.17
N PHE F 176 0.17 3.19 48.43
CA PHE F 176 0.94 2.30 47.58
C PHE F 176 0.34 0.92 47.57
N LYS F 177 -0.32 0.52 48.65
CA LYS F 177 -1.05 -0.75 48.65
C LYS F 177 -2.17 -0.65 47.64
N LEU F 178 -2.91 0.45 47.73
CA LEU F 178 -3.99 0.73 46.82
C LEU F 178 -3.47 0.83 45.37
N TYR F 179 -2.29 1.39 45.19
CA TYR F 179 -1.74 1.59 43.86
C TYR F 179 -1.37 0.27 43.23
N GLU F 180 -0.72 -0.57 44.01
CA GLU F 180 -0.32 -1.88 43.58
C GLU F 180 -1.53 -2.70 43.25
N VAL F 181 -2.48 -2.75 44.17
CA VAL F 181 -3.69 -3.55 43.95
C VAL F 181 -4.40 -3.07 42.69
N THR F 182 -4.50 -1.76 42.56
CA THR F 182 -5.17 -1.13 41.44
C THR F 182 -4.42 -1.40 40.15
N ALA F 183 -3.11 -1.18 40.18
CA ALA F 183 -2.29 -1.33 38.98
C ALA F 183 -2.31 -2.77 38.48
N ARG F 184 -2.18 -3.73 39.38
CA ARG F 184 -2.22 -5.13 38.99
C ARG F 184 -3.60 -5.48 38.47
N ALA F 185 -4.60 -4.85 39.08
CA ALA F 185 -5.98 -5.02 38.66
C ALA F 185 -6.13 -4.58 37.22
N VAL F 186 -5.55 -3.42 36.91
CA VAL F 186 -5.61 -2.87 35.58
C VAL F 186 -4.84 -3.75 34.61
N LYS F 187 -3.61 -4.12 34.97
CA LYS F 187 -2.74 -4.89 34.07
C LYS F 187 -3.23 -6.29 33.91
N SER F 188 -4.06 -6.75 34.84
CA SER F 188 -4.60 -8.11 34.82
C SER F 188 -5.70 -8.16 33.78
N VAL F 189 -6.38 -7.04 33.59
CA VAL F 189 -7.43 -6.93 32.58
C VAL F 189 -6.80 -6.89 31.20
N ASP F 190 -5.69 -6.17 31.11
CA ASP F 190 -4.91 -6.07 29.89
C ASP F 190 -3.58 -5.31 30.19
N PRO F 191 -2.45 -5.90 29.82
CA PRO F 191 -1.14 -5.37 30.21
C PRO F 191 -0.70 -4.07 29.56
N HIS F 192 -1.38 -3.65 28.51
CA HIS F 192 -1.04 -2.42 27.81
C HIS F 192 -1.72 -1.18 28.36
N LEU F 193 -2.77 -1.36 29.19
CA LEU F 193 -3.45 -0.23 29.80
C LEU F 193 -2.45 0.49 30.67
N GLN F 194 -2.35 1.80 30.51
CA GLN F 194 -1.31 2.59 31.18
C GLN F 194 -1.87 2.99 32.50
N VAL F 195 -1.31 2.44 33.56
CA VAL F 195 -1.74 2.80 34.89
C VAL F 195 -0.62 3.64 35.48
N GLY F 196 -0.97 4.53 36.39
CA GLY F 196 0.02 5.42 36.96
C GLY F 196 -0.44 6.20 38.15
N GLY F 197 0.50 6.90 38.76
CA GLY F 197 0.32 7.54 40.04
C GLY F 197 1.54 8.39 40.33
N PRO F 198 1.71 8.90 41.54
CA PRO F 198 0.79 8.68 42.66
C PRO F 198 -0.33 9.72 42.74
N ALA F 199 -0.55 10.49 41.66
CA ALA F 199 -1.59 11.54 41.63
C ALA F 199 -1.43 12.61 42.71
N ILE F 200 -0.25 12.74 43.28
CA ILE F 200 -0.06 13.65 44.42
C ILE F 200 -0.30 15.11 44.07
N CYS F 201 -0.60 15.91 45.09
CA CYS F 201 -0.49 17.35 44.97
C CYS F 201 0.96 17.71 45.28
N GLY F 202 1.29 19.01 45.26
CA GLY F 202 2.66 19.45 45.53
C GLY F 202 2.93 19.56 47.02
N GLY F 203 4.19 19.82 47.38
CA GLY F 203 4.61 19.96 48.77
C GLY F 203 5.23 18.68 49.33
N SER F 204 5.30 17.66 48.49
CA SER F 204 5.43 16.30 48.97
C SER F 204 6.01 15.40 47.86
N ASP F 205 7.03 15.90 47.19
CA ASP F 205 7.53 15.27 45.96
C ASP F 205 8.34 14.01 46.22
N GLU F 206 8.77 13.81 47.46
CA GLU F 206 9.45 12.56 47.82
C GLU F 206 8.51 11.37 47.57
N TRP F 207 7.21 11.63 47.62
CA TRP F 207 6.20 10.65 47.27
C TRP F 207 6.40 10.08 45.87
N ILE F 208 6.85 10.90 44.92
CA ILE F 208 7.15 10.39 43.59
C ILE F 208 8.34 9.44 43.63
N THR F 209 9.41 9.84 44.29
CA THR F 209 10.59 8.99 44.40
C THR F 209 10.29 7.71 45.14
N ASP F 210 9.63 7.83 46.30
CA ASP F 210 9.18 6.69 47.09
C ASP F 210 8.24 5.82 46.30
N PHE F 211 7.34 6.45 45.56
CA PHE F 211 6.29 5.72 44.85
C PHE F 211 6.95 4.85 43.80
N LEU F 212 7.96 5.39 43.13
CA LEU F 212 8.67 4.64 42.09
C LEU F 212 9.63 3.64 42.70
N HIS F 213 10.15 3.90 43.90
CA HIS F 213 10.98 2.88 44.55
C HIS F 213 10.06 1.70 44.90
N PHE F 214 8.93 1.99 45.54
CA PHE F 214 7.92 0.98 45.80
C PHE F 214 7.64 0.06 44.58
N CYS F 215 7.44 0.66 43.41
CA CYS F 215 7.09 -0.09 42.22
C CYS F 215 8.28 -0.91 41.65
N ALA F 216 9.50 -0.38 41.72
CA ALA F 216 10.69 -1.16 41.33
C ALA F 216 10.84 -2.34 42.29
N GLU F 217 10.87 -2.02 43.57
CA GLU F 217 11.03 -2.99 44.65
C GLU F 217 9.99 -4.11 44.65
N ARG F 218 8.72 -3.77 44.45
CA ARG F 218 7.67 -4.79 44.48
C ARG F 218 7.18 -5.11 43.07
N ARG F 219 7.99 -4.71 42.08
CA ARG F 219 7.76 -4.99 40.66
C ARG F 219 6.33 -4.65 40.18
N VAL F 220 5.81 -3.52 40.67
CA VAL F 220 4.48 -3.02 40.42
C VAL F 220 4.45 -2.24 39.11
N PRO F 221 3.48 -2.49 38.23
CA PRO F 221 3.31 -1.72 37.00
C PRO F 221 3.18 -0.21 37.23
N VAL F 222 4.03 0.56 36.58
CA VAL F 222 3.92 2.02 36.52
C VAL F 222 4.19 2.37 35.09
N ASP F 223 3.30 3.13 34.48
CA ASP F 223 3.43 3.52 33.08
C ASP F 223 3.52 5.04 32.92
N PHE F 224 3.17 5.75 33.98
CA PHE F 224 3.35 7.17 34.04
C PHE F 224 3.32 7.62 35.49
N VAL F 225 3.91 8.77 35.76
CA VAL F 225 3.76 9.41 37.04
C VAL F 225 2.74 10.52 36.85
N SER F 226 1.99 10.82 37.89
CA SER F 226 1.09 11.94 37.83
C SER F 226 1.30 12.82 39.02
N ARG F 227 1.05 14.09 38.81
CA ARG F 227 1.29 15.08 39.82
C ARG F 227 0.41 16.29 39.54
N HIS F 228 0.13 17.06 40.58
CA HIS F 228 -0.66 18.27 40.44
C HIS F 228 0.29 19.41 40.52
N ALA F 229 -0.15 20.56 40.08
CA ALA F 229 0.70 21.71 40.10
C ALA F 229 -0.17 22.92 40.17
N TYR F 230 -0.15 23.60 41.33
CA TYR F 230 -0.73 24.93 41.45
C TYR F 230 0.35 25.86 41.92
N THR F 231 0.03 27.15 41.96
CA THR F 231 0.97 28.14 42.45
C THR F 231 0.38 29.02 43.54
N SER F 232 -0.86 28.74 43.94
CA SER F 232 -1.48 29.55 44.99
C SER F 232 -1.04 29.10 46.35
N LYS F 233 -0.68 30.11 47.13
CA LYS F 233 -0.45 29.99 48.55
C LYS F 233 -1.76 29.74 49.28
N ALA F 234 -1.72 29.61 50.60
CA ALA F 234 -2.95 29.40 51.35
C ALA F 234 -3.74 30.71 51.32
N PRO F 235 -5.07 30.61 51.43
CA PRO F 235 -5.93 31.78 51.48
C PRO F 235 -5.50 32.79 52.54
N HIS F 236 -5.37 34.05 52.13
CA HIS F 236 -5.13 35.14 53.07
C HIS F 236 -6.46 35.84 53.35
N LYS F 237 -7.48 35.52 52.58
CA LYS F 237 -8.83 35.97 52.88
C LYS F 237 -9.90 34.97 52.47
N LYS F 238 -10.93 34.88 53.30
CA LYS F 238 -12.13 34.12 53.01
C LYS F 238 -13.32 35.05 53.15
N THR F 239 -14.31 34.85 52.30
CA THR F 239 -15.65 35.31 52.56
C THR F 239 -16.46 34.00 52.64
N PHE F 240 -17.78 34.10 52.65
CA PHE F 240 -18.61 32.89 52.65
C PHE F 240 -18.59 32.16 51.34
N GLU F 241 -18.07 32.83 50.32
CA GLU F 241 -18.01 32.35 48.98
C GLU F 241 -16.64 32.45 48.30
N TYR F 242 -15.72 33.26 48.81
CA TYR F 242 -14.41 33.42 48.15
C TYR F 242 -13.20 32.95 48.96
N TYR F 243 -12.22 32.41 48.25
CA TYR F 243 -10.89 32.14 48.77
C TYR F 243 -10.05 33.05 47.94
N TYR F 244 -9.37 33.96 48.62
CA TYR F 244 -8.49 34.87 47.97
C TYR F 244 -7.11 34.30 48.27
N GLN F 245 -6.27 34.15 47.24
CA GLN F 245 -4.90 33.65 47.43
C GLN F 245 -3.89 34.45 46.67
N GLU F 246 -2.70 34.56 47.26
CA GLU F 246 -1.56 35.14 46.57
C GLU F 246 -1.14 34.06 45.62
N LEU F 247 -0.52 34.44 44.52
CA LEU F 247 -0.01 33.45 43.58
C LEU F 247 1.51 33.54 43.50
N GLU F 248 2.16 32.38 43.37
CA GLU F 248 3.55 32.32 42.94
C GLU F 248 3.55 32.55 41.43
N PRO F 249 4.61 33.14 40.89
CA PRO F 249 4.65 33.41 39.44
C PRO F 249 4.80 32.11 38.66
N PRO F 250 4.49 32.15 37.37
CA PRO F 250 4.46 30.94 36.52
C PRO F 250 5.74 30.13 36.48
N GLU F 251 6.89 30.78 36.65
CA GLU F 251 8.18 30.08 36.72
C GLU F 251 8.04 28.90 37.70
N ASP F 252 7.41 29.16 38.86
CA ASP F 252 7.33 28.19 39.94
C ASP F 252 6.64 26.89 39.52
N MET F 253 5.57 27.03 38.75
CA MET F 253 4.87 25.90 38.17
C MET F 253 5.75 25.12 37.23
N LEU F 254 6.57 25.84 36.47
CA LEU F 254 7.42 25.20 35.50
C LEU F 254 8.60 24.52 36.16
N GLU F 255 9.18 25.18 37.18
CA GLU F 255 10.18 24.58 38.04
C GLU F 255 9.58 23.31 38.69
N GLN F 256 8.28 23.34 38.95
CA GLN F 256 7.60 22.15 39.46
C GLN F 256 7.66 21.04 38.43
N PHE F 257 7.42 21.37 37.17
CA PHE F 257 7.45 20.37 36.10
C PHE F 257 8.86 19.81 35.84
N LYS F 258 9.88 20.65 35.87
CA LYS F 258 11.27 20.22 35.68
C LYS F 258 11.76 19.41 36.90
N THR F 259 11.45 19.87 38.11
CA THR F 259 11.85 19.10 39.31
C THR F 259 11.32 17.68 39.21
N VAL F 260 10.03 17.55 38.92
CA VAL F 260 9.36 16.25 38.87
C VAL F 260 9.86 15.39 37.68
N ARG F 261 10.24 16.03 36.57
CA ARG F 261 10.81 15.29 35.47
C ARG F 261 12.10 14.59 35.89
N ALA F 262 12.88 15.28 36.73
CA ALA F 262 14.16 14.81 37.20
C ALA F 262 14.03 13.76 38.28
N LEU F 263 12.98 13.80 39.10
CA LEU F 263 12.73 12.71 40.07
C LEU F 263 12.50 11.44 39.29
N ILE F 264 11.86 11.57 38.13
CA ILE F 264 11.60 10.45 37.24
C ILE F 264 12.88 9.97 36.54
N ARG F 265 13.79 10.89 36.21
CA ARG F 265 15.01 10.54 35.49
C ARG F 265 16.03 9.86 36.41
N GLN F 266 15.95 10.16 37.70
CA GLN F 266 16.83 9.62 38.73
C GLN F 266 16.30 8.30 39.31
N SER F 267 15.07 7.98 38.95
CA SER F 267 14.33 6.86 39.52
C SER F 267 14.68 5.57 38.81
N PRO F 268 14.19 4.44 39.32
CA PRO F 268 14.31 3.15 38.63
C PRO F 268 13.63 3.11 37.27
N PHE F 269 12.60 3.91 37.06
CA PHE F 269 11.90 3.99 35.78
C PHE F 269 12.19 5.37 35.22
N PRO F 270 13.34 5.49 34.55
CA PRO F 270 13.84 6.81 34.14
C PRO F 270 13.09 7.44 32.97
N HIS F 271 12.34 6.66 32.19
CA HIS F 271 11.73 7.12 30.93
C HIS F 271 10.21 7.20 30.98
N LEU F 272 9.65 7.17 32.20
CA LEU F 272 8.21 7.25 32.35
C LEU F 272 7.71 8.59 31.88
N PRO F 273 6.59 8.63 31.18
CA PRO F 273 5.88 9.89 31.01
C PRO F 273 5.35 10.48 32.33
N LEU F 274 5.40 11.80 32.41
CA LEU F 274 4.90 12.56 33.54
C LEU F 274 3.67 13.34 33.08
N HIS F 275 2.51 13.03 33.65
CA HIS F 275 1.29 13.76 33.37
C HIS F 275 1.00 14.66 34.55
N ILE F 276 0.81 15.94 34.26
CA ILE F 276 0.38 16.86 35.29
C ILE F 276 -1.10 16.92 35.20
N THR F 277 -1.78 16.28 36.15
CA THR F 277 -3.19 16.01 35.99
C THR F 277 -4.11 17.09 36.57
N GLU F 278 -3.56 18.04 37.33
CA GLU F 278 -4.26 19.25 37.76
C GLU F 278 -3.26 20.35 37.69
N TYR F 279 -3.66 21.43 37.04
CA TYR F 279 -2.89 22.64 37.11
C TYR F 279 -3.81 23.86 36.92
N ASN F 280 -3.55 24.84 37.76
CA ASN F 280 -4.15 26.15 37.64
C ASN F 280 -3.37 27.01 38.59
N THR F 281 -3.69 28.30 38.57
CA THR F 281 -3.12 29.22 39.51
C THR F 281 -3.56 28.79 40.89
N SER F 282 -4.78 29.10 41.28
CA SER F 282 -5.28 28.70 42.60
C SER F 282 -5.94 27.34 42.54
N TYR F 283 -5.83 26.58 43.64
CA TYR F 283 -6.44 25.25 43.76
C TYR F 283 -7.86 25.31 44.38
N SER F 284 -8.36 26.52 44.59
CA SER F 284 -9.69 26.69 45.14
C SER F 284 -10.67 27.01 44.02
N PRO F 285 -11.81 26.32 44.00
CA PRO F 285 -12.84 26.57 42.99
C PRO F 285 -13.73 27.78 43.30
N ILE F 286 -13.26 28.67 44.16
CA ILE F 286 -13.99 29.87 44.54
C ILE F 286 -13.04 31.04 44.75
N ASN F 287 -11.93 30.98 44.00
CA ASN F 287 -10.99 32.07 43.94
C ASN F 287 -11.27 32.84 42.66
N PRO F 288 -11.80 34.06 42.75
CA PRO F 288 -12.16 34.85 41.57
C PRO F 288 -11.06 34.93 40.53
N VAL F 289 -9.82 34.68 40.92
CA VAL F 289 -8.69 34.81 40.02
C VAL F 289 -8.95 34.05 38.73
N HIS F 290 -9.49 32.84 38.79
CA HIS F 290 -9.64 32.03 37.58
C HIS F 290 -10.45 32.77 36.55
N ASP F 291 -11.30 33.69 36.99
CA ASP F 291 -12.20 34.45 36.11
C ASP F 291 -11.58 35.63 35.41
N THR F 292 -10.33 35.93 35.73
CA THR F 292 -9.74 37.17 35.28
C THR F 292 -8.89 37.00 34.05
N ALA F 293 -8.50 38.14 33.50
CA ALA F 293 -7.54 38.20 32.42
C ALA F 293 -6.16 37.70 32.91
N LEU F 294 -5.89 37.93 34.19
CA LEU F 294 -4.61 37.54 34.75
C LEU F 294 -4.42 36.07 34.55
N ASN F 295 -5.48 35.30 34.82
CA ASN F 295 -5.36 33.85 34.84
C ASN F 295 -4.83 33.45 33.49
N ALA F 296 -5.37 34.12 32.48
CA ALA F 296 -5.08 33.79 31.10
C ALA F 296 -3.63 34.09 30.79
N ALA F 297 -3.20 35.30 31.09
CA ALA F 297 -1.81 35.70 30.99
C ALA F 297 -0.88 34.75 31.75
N TYR F 298 -1.24 34.44 32.98
CA TYR F 298 -0.49 33.51 33.80
C TYR F 298 -0.32 32.15 33.07
N ILE F 299 -1.40 31.62 32.48
CA ILE F 299 -1.42 30.22 32.02
C ILE F 299 -0.90 30.10 30.61
N ALA F 300 -0.92 31.20 29.85
CA ALA F 300 -0.35 31.23 28.51
C ALA F 300 1.09 30.73 28.56
N ARG F 301 1.86 31.26 29.49
CA ARG F 301 3.24 30.88 29.66
C ARG F 301 3.40 29.39 29.82
N ILE F 302 2.50 28.81 30.59
CA ILE F 302 2.56 27.38 30.91
C ILE F 302 2.29 26.52 29.68
N LEU F 303 1.40 27.01 28.82
CA LEU F 303 1.08 26.36 27.56
C LEU F 303 2.29 26.41 26.60
N SER F 304 3.00 27.53 26.60
CA SER F 304 4.28 27.69 25.92
C SER F 304 5.31 26.64 26.31
N GLU F 305 5.59 26.51 27.59
CA GLU F 305 6.78 25.79 28.07
C GLU F 305 6.49 24.48 28.76
N GLY F 306 5.36 24.42 29.43
CA GLY F 306 4.98 23.22 30.14
C GLY F 306 5.38 21.94 29.44
N GLY F 307 5.16 21.89 28.12
CA GLY F 307 5.39 20.70 27.34
C GLY F 307 6.84 20.30 27.13
N ASP F 308 7.76 21.17 27.51
CA ASP F 308 9.18 20.85 27.52
C ASP F 308 9.53 19.87 28.63
N TYR F 309 8.68 19.78 29.64
CA TYR F 309 9.00 19.04 30.87
C TYR F 309 8.14 17.81 31.09
N VAL F 310 6.86 17.95 30.78
CA VAL F 310 5.87 16.92 30.99
C VAL F 310 5.25 16.59 29.65
N ASP F 311 4.71 15.39 29.56
CA ASP F 311 4.05 14.88 28.37
C ASP F 311 2.61 15.38 28.22
N SER F 312 2.01 15.82 29.33
CA SER F 312 0.71 16.51 29.32
C SER F 312 0.54 17.27 30.60
N PHE F 313 -0.21 18.36 30.54
CA PHE F 313 -0.58 19.11 31.74
C PHE F 313 -2.00 19.63 31.60
N SER F 314 -2.78 19.39 32.64
CA SER F 314 -4.22 19.34 32.53
C SER F 314 -4.87 20.46 33.29
N TYR F 315 -5.33 21.47 32.55
CA TYR F 315 -5.90 22.65 33.17
C TYR F 315 -7.16 22.32 34.00
N TRP F 316 -7.05 22.47 35.29
CA TRP F 316 -8.15 22.24 36.18
C TRP F 316 -8.89 23.58 36.21
N THR F 317 -10.04 23.70 35.53
CA THR F 317 -10.76 22.68 34.78
C THR F 317 -11.24 23.31 33.50
N PHE F 318 -11.95 22.55 32.67
CA PHE F 318 -12.47 23.15 31.42
C PHE F 318 -13.70 24.01 31.65
N SER F 319 -14.29 23.92 32.83
CA SER F 319 -15.61 24.50 33.06
C SER F 319 -15.94 24.69 34.53
N ASP F 320 -16.85 25.65 34.77
CA ASP F 320 -17.28 26.02 36.12
C ASP F 320 -18.39 25.09 36.59
N VAL F 321 -18.81 24.19 35.69
CA VAL F 321 -19.69 23.13 36.13
C VAL F 321 -18.90 22.27 37.13
N PHE F 322 -19.15 22.55 38.41
CA PHE F 322 -18.30 22.17 39.51
C PHE F 322 -19.10 22.31 40.80
N GLU F 323 -18.82 21.45 41.78
CA GLU F 323 -19.57 21.48 43.04
C GLU F 323 -18.75 21.21 44.28
N GLU F 324 -17.43 21.14 44.18
CA GLU F 324 -16.61 20.83 45.34
C GLU F 324 -16.83 21.79 46.50
N MET F 325 -17.22 23.02 46.20
CA MET F 325 -17.46 24.00 47.22
C MET F 325 -18.87 24.57 47.03
N ASP F 326 -19.78 23.64 46.75
CA ASP F 326 -21.18 23.90 46.55
C ASP F 326 -21.45 24.47 45.17
N VAL F 327 -22.74 24.61 44.89
CA VAL F 327 -23.19 25.14 43.65
C VAL F 327 -22.70 26.56 43.64
N PRO F 328 -22.19 27.03 42.52
CA PRO F 328 -21.73 28.42 42.42
C PRO F 328 -22.78 29.43 42.86
N LYS F 329 -22.31 30.42 43.62
CA LYS F 329 -23.17 31.36 44.28
C LYS F 329 -23.38 32.60 43.44
N ALA F 330 -22.73 32.63 42.28
CA ALA F 330 -22.80 33.76 41.36
C ALA F 330 -22.17 33.34 40.05
N LEU F 331 -22.48 34.08 38.98
CA LEU F 331 -21.99 33.74 37.66
C LEU F 331 -20.51 33.59 37.67
N PHE F 332 -19.83 34.63 38.15
CA PHE F 332 -18.39 34.60 38.29
C PHE F 332 -18.07 34.49 39.77
N HIS F 333 -17.52 33.35 40.13
CA HIS F 333 -17.54 32.91 41.53
C HIS F 333 -16.21 32.24 41.85
N GLY F 334 -15.19 32.57 41.04
CA GLY F 334 -13.86 32.02 41.16
C GLY F 334 -13.65 30.57 40.80
N GLY F 335 -14.51 29.99 39.95
CA GLY F 335 -14.41 28.59 39.56
C GLY F 335 -13.27 28.34 38.59
N PHE F 336 -12.67 27.16 38.66
CA PHE F 336 -11.56 26.80 37.80
C PHE F 336 -11.87 26.88 36.31
N GLY F 337 -13.15 26.94 35.97
CA GLY F 337 -13.59 26.83 34.59
C GLY F 337 -12.86 27.77 33.64
N LEU F 338 -12.52 27.23 32.47
CA LEU F 338 -12.20 28.04 31.30
C LEU F 338 -13.50 28.67 30.81
N VAL F 339 -14.58 27.86 30.80
CA VAL F 339 -15.93 28.30 30.46
C VAL F 339 -16.75 28.59 31.74
N ALA F 340 -17.34 29.77 31.80
CA ALA F 340 -18.27 30.10 32.86
C ALA F 340 -19.60 29.52 32.48
N LEU F 341 -20.49 29.38 33.45
CA LEU F 341 -21.86 28.99 33.23
C LEU F 341 -22.40 29.85 32.11
N HIS F 342 -23.37 29.31 31.38
CA HIS F 342 -23.95 29.92 30.19
C HIS F 342 -22.99 29.90 29.00
N SER F 343 -21.98 29.04 29.05
CA SER F 343 -20.98 28.94 28.00
C SER F 343 -20.29 30.28 27.71
N ILE F 344 -20.18 31.13 28.72
CA ILE F 344 -19.45 32.37 28.57
C ILE F 344 -18.00 32.02 28.80
N PRO F 345 -17.19 32.20 27.76
CA PRO F 345 -15.76 31.89 27.87
C PRO F 345 -15.11 32.94 28.70
N LYS F 346 -14.23 32.53 29.60
CA LYS F 346 -13.43 33.47 30.39
C LYS F 346 -12.12 33.70 29.67
N PRO F 347 -11.37 34.73 30.07
CA PRO F 347 -10.13 35.04 29.39
C PRO F 347 -9.18 33.87 29.15
N THR F 348 -9.06 32.98 30.14
CA THR F 348 -8.16 31.83 30.06
C THR F 348 -8.55 30.90 28.95
N PHE F 349 -9.85 30.71 28.74
CA PHE F 349 -10.35 29.93 27.62
C PHE F 349 -9.76 30.41 26.30
N HIS F 350 -9.76 31.72 26.12
CA HIS F 350 -9.26 32.23 24.88
C HIS F 350 -7.78 31.92 24.73
N ALA F 351 -7.02 32.02 25.80
CA ALA F 351 -5.60 31.71 25.73
C ALA F 351 -5.40 30.36 25.04
N PHE F 352 -6.17 29.34 25.44
CA PHE F 352 -6.10 27.99 24.86
C PHE F 352 -6.49 27.99 23.39
N THR F 353 -7.53 28.74 23.12
CA THR F 353 -8.01 29.00 21.79
C THR F 353 -6.91 29.61 20.93
N PHE F 354 -6.12 30.48 21.55
CA PHE F 354 -5.05 31.18 20.84
C PHE F 354 -3.90 30.21 20.62
N PHE F 355 -3.65 29.39 21.64
CA PHE F 355 -2.60 28.39 21.54
C PHE F 355 -2.92 27.34 20.48
N ASN F 356 -4.21 27.08 20.27
CA ASN F 356 -4.68 26.15 19.25
C ASN F 356 -4.43 26.62 17.81
N ALA F 357 -4.28 27.93 17.61
CA ALA F 357 -3.98 28.45 16.30
C ALA F 357 -2.47 28.37 15.92
N LEU F 358 -1.60 27.92 16.85
CA LEU F 358 -0.18 27.88 16.57
C LEU F 358 0.12 26.75 15.60
N GLY F 359 1.26 26.87 14.93
CA GLY F 359 1.79 25.83 14.07
C GLY F 359 2.69 24.93 14.87
N ASP F 360 3.20 23.93 14.14
CA ASP F 360 4.02 22.87 14.68
C ASP F 360 5.45 23.35 14.71
N GLU F 361 5.80 24.21 13.78
CA GLU F 361 7.19 24.60 13.60
C GLU F 361 7.51 25.79 14.49
N LEU F 362 8.38 25.58 15.47
CA LEU F 362 8.69 26.60 16.44
C LEU F 362 9.78 27.49 15.93
N LEU F 363 9.41 28.72 15.60
CA LEU F 363 10.33 29.70 15.08
C LEU F 363 11.04 30.43 16.21
N TYR F 364 10.28 30.84 17.21
CA TYR F 364 10.85 31.56 18.32
C TYR F 364 10.01 31.42 19.55
N ARG F 365 10.63 31.19 20.70
CA ARG F 365 9.91 31.29 21.95
C ARG F 365 10.75 31.98 23.03
N ASP F 366 10.15 32.95 23.74
CA ASP F 366 10.60 33.37 25.06
C ASP F 366 9.45 33.35 26.05
N GLY F 367 9.70 33.76 27.29
CA GLY F 367 8.70 33.68 28.35
C GLY F 367 7.51 34.62 28.24
N GLU F 368 7.40 35.36 27.13
CA GLU F 368 6.28 36.25 26.89
C GLU F 368 5.61 36.07 25.52
N MET F 369 6.07 35.11 24.73
CA MET F 369 5.50 34.85 23.41
C MET F 369 6.04 33.58 22.76
N ILE F 370 5.35 33.13 21.75
CA ILE F 370 5.72 31.93 21.04
C ILE F 370 5.25 32.19 19.64
N VAL F 371 6.12 31.90 18.70
CA VAL F 371 5.92 32.25 17.31
C VAL F 371 6.14 30.96 16.57
N THR F 372 5.16 30.59 15.76
CA THR F 372 5.22 29.34 15.02
C THR F 372 4.94 29.60 13.54
N ARG F 373 5.19 28.57 12.73
CA ARG F 373 4.88 28.57 11.32
C ARG F 373 3.99 27.38 11.07
N ARG F 374 2.97 27.61 10.28
CA ARG F 374 2.05 26.59 9.88
C ARG F 374 2.53 25.98 8.57
N LYS F 375 1.91 24.88 8.16
CA LYS F 375 2.33 24.15 6.96
C LYS F 375 2.05 24.98 5.72
N ASP F 376 0.94 25.77 5.75
CA ASP F 376 0.65 26.71 4.66
C ASP F 376 1.60 27.92 4.60
N GLY F 377 2.49 28.02 5.59
CA GLY F 377 3.51 29.05 5.61
C GLY F 377 3.14 30.33 6.35
N SER F 378 1.96 30.36 6.94
CA SER F 378 1.54 31.49 7.74
C SER F 378 2.23 31.39 9.08
N ILE F 379 2.31 32.51 9.75
CA ILE F 379 2.87 32.58 11.09
C ILE F 379 1.71 32.72 12.04
N ALA F 380 1.91 32.17 13.23
CA ALA F 380 0.98 32.33 14.31
C ALA F 380 1.79 32.54 15.57
N ALA F 381 1.52 33.63 16.27
CA ALA F 381 2.16 33.95 17.54
C ALA F 381 1.13 34.26 18.60
N VAL F 382 1.29 33.70 19.79
CA VAL F 382 0.59 34.21 20.95
C VAL F 382 1.65 35.01 21.72
N LEU F 383 1.24 36.14 22.24
CA LEU F 383 2.04 36.89 23.16
C LEU F 383 1.14 37.08 24.37
N TRP F 384 1.77 37.20 25.53
CA TRP F 384 1.09 37.52 26.76
C TRP F 384 1.89 38.46 27.58
N ASN F 385 1.17 39.24 28.35
CA ASN F 385 1.74 40.24 29.17
C ASN F 385 1.21 40.03 30.56
N LEU F 386 1.79 39.04 31.24
CA LEU F 386 1.45 38.73 32.61
C LEU F 386 1.94 39.82 33.49
N VAL F 387 1.03 40.45 34.22
CA VAL F 387 1.41 41.50 35.16
C VAL F 387 0.70 41.22 36.46
N MET F 388 1.44 40.62 37.39
CA MET F 388 0.93 40.21 38.69
C MET F 388 0.82 41.37 39.69
N GLU F 389 1.35 42.54 39.33
CA GLU F 389 1.33 43.67 40.25
C GLU F 389 0.09 44.55 40.05
N LYS F 390 -0.49 44.99 41.15
CA LYS F 390 -1.62 45.91 41.11
C LYS F 390 -1.25 47.18 40.38
N GLY F 391 -2.24 47.89 39.87
CA GLY F 391 -2.01 49.16 39.21
C GLY F 391 -2.26 49.12 37.73
N GLU F 392 -2.31 50.30 37.11
CA GLU F 392 -2.79 50.43 35.74
C GLU F 392 -1.73 50.92 34.74
N GLY F 393 -2.11 50.96 33.45
CA GLY F 393 -1.15 51.12 32.37
C GLY F 393 -0.34 49.83 32.30
N LEU F 394 0.97 49.92 32.51
CA LEU F 394 1.83 48.73 32.62
C LEU F 394 1.78 47.85 31.35
N THR F 395 2.00 48.51 30.22
CA THR F 395 2.00 47.86 28.91
C THR F 395 3.32 47.18 28.68
N LYS F 396 3.29 46.09 27.93
CA LYS F 396 4.47 45.53 27.34
C LYS F 396 4.37 45.79 25.84
N GLU F 397 5.36 46.46 25.29
CA GLU F 397 5.41 46.73 23.87
C GLU F 397 6.43 45.76 23.27
N VAL F 398 6.06 45.11 22.17
CA VAL F 398 6.92 44.12 21.51
C VAL F 398 6.95 44.42 20.04
N GLN F 399 8.12 44.23 19.43
CA GLN F 399 8.31 44.45 18.01
C GLN F 399 8.79 43.17 17.37
N LEU F 400 7.88 42.47 16.71
CA LEU F 400 8.18 41.25 15.97
C LEU F 400 8.72 41.61 14.60
N VAL F 401 9.67 40.83 14.12
CA VAL F 401 10.23 41.00 12.78
C VAL F 401 10.15 39.67 12.10
N ILE F 402 9.30 39.56 11.07
CA ILE F 402 9.00 38.28 10.44
C ILE F 402 9.38 38.28 8.95
N PRO F 403 9.97 37.17 8.49
CA PRO F 403 10.37 37.01 7.09
C PRO F 403 9.17 36.81 6.15
N VAL F 404 9.15 37.58 5.06
CA VAL F 404 8.05 37.57 4.08
C VAL F 404 8.51 37.92 2.64
N SER F 405 8.74 36.88 1.83
CA SER F 405 8.84 37.04 0.37
C SER F 405 7.49 37.49 -0.18
N GLU F 406 6.40 36.92 0.36
CA GLU F 406 5.01 37.01 -0.14
C GLU F 406 4.55 38.37 -0.70
N SER F 407 5.05 39.48 -0.16
CA SER F 407 4.72 40.83 -0.65
C SER F 407 3.49 41.45 0.03
N ALA F 408 2.42 40.66 0.18
CA ALA F 408 1.21 41.15 0.82
C ALA F 408 0.78 40.16 1.88
N VAL F 409 0.39 40.70 3.03
CA VAL F 409 0.10 39.94 4.22
C VAL F 409 -1.18 40.48 4.89
N PHE F 410 -2.07 39.56 5.26
CA PHE F 410 -3.21 39.87 6.11
C PHE F 410 -2.83 39.49 7.51
N ILE F 411 -3.00 40.42 8.42
CA ILE F 411 -2.76 40.16 9.83
C ILE F 411 -4.09 40.17 10.56
N LYS F 412 -4.34 39.13 11.32
CA LYS F 412 -5.48 39.08 12.21
C LYS F 412 -4.95 38.95 13.63
N ARG F 413 -5.40 39.86 14.49
CA ARG F 413 -5.01 39.86 15.88
C ARG F 413 -6.21 39.78 16.77
N GLN F 414 -6.10 38.98 17.83
CA GLN F 414 -7.19 38.76 18.77
C GLN F 414 -6.69 39.06 20.16
N ILE F 415 -7.48 39.80 20.91
CA ILE F 415 -7.05 40.40 22.16
C ILE F 415 -8.01 40.07 23.25
N VAL F 416 -7.54 39.35 24.25
CA VAL F 416 -8.20 39.31 25.53
C VAL F 416 -7.35 40.00 26.58
N ASN F 417 -7.95 40.95 27.27
CA ASN F 417 -7.27 41.62 28.34
C ASN F 417 -8.28 42.10 29.40
N GLU F 418 -7.95 43.17 30.13
CA GLU F 418 -8.85 43.71 31.13
C GLU F 418 -10.06 44.36 30.50
N GLN F 419 -9.91 44.84 29.26
CA GLN F 419 -11.01 45.52 28.58
C GLN F 419 -11.83 44.55 27.75
N TYR F 420 -11.15 43.68 27.02
CA TYR F 420 -11.75 42.91 25.98
C TYR F 420 -11.62 41.43 26.24
N GLY F 421 -12.64 40.65 25.86
CA GLY F 421 -12.63 39.21 26.06
C GLY F 421 -12.89 38.87 27.51
N ASN F 422 -13.41 39.87 28.21
CA ASN F 422 -13.52 39.83 29.63
C ASN F 422 -14.95 40.14 30.06
N ALA F 423 -15.73 39.06 30.21
CA ALA F 423 -17.10 39.16 30.67
C ALA F 423 -17.08 39.62 32.11
N TRP F 424 -16.08 39.16 32.84
CA TRP F 424 -15.94 39.40 34.27
C TRP F 424 -15.99 40.87 34.60
N ARG F 425 -15.23 41.69 33.88
CA ARG F 425 -15.26 43.15 34.07
C ARG F 425 -16.70 43.65 33.79
N VAL F 426 -17.31 43.18 32.73
CA VAL F 426 -18.68 43.63 32.42
C VAL F 426 -19.71 43.21 33.45
N TRP F 427 -19.57 42.00 33.94
CA TRP F 427 -20.41 41.46 34.99
C TRP F 427 -20.50 42.43 36.17
N LYS F 428 -19.33 42.86 36.63
CA LYS F 428 -19.17 43.88 37.66
C LYS F 428 -19.97 45.13 37.39
N GLN F 429 -19.88 45.62 36.17
CA GLN F 429 -20.62 46.81 35.77
C GLN F 429 -22.13 46.65 35.87
N MET F 430 -22.62 45.46 35.48
CA MET F 430 -24.05 45.13 35.61
C MET F 430 -24.49 45.12 37.05
N GLY F 431 -23.52 45.20 37.97
CA GLY F 431 -23.79 45.15 39.38
C GLY F 431 -23.61 43.77 39.94
N ARG F 432 -22.61 43.06 39.44
CA ARG F 432 -22.37 41.67 39.85
C ARG F 432 -23.63 40.79 40.00
N PRO F 433 -24.50 40.75 38.98
CA PRO F 433 -25.71 39.93 39.09
C PRO F 433 -25.30 38.50 39.35
N ARG F 434 -25.67 37.98 40.51
CA ARG F 434 -25.44 36.57 40.87
C ARG F 434 -26.07 35.62 39.90
N PHE F 435 -27.30 35.94 39.52
CA PHE F 435 -28.11 35.06 38.69
C PHE F 435 -28.68 35.92 37.57
N PRO F 436 -27.81 36.35 36.67
CA PRO F 436 -28.17 37.33 35.65
C PRO F 436 -29.31 36.87 34.80
N SER F 437 -29.99 37.83 34.19
CA SER F 437 -30.99 37.53 33.20
C SER F 437 -30.35 36.90 31.96
N ARG F 438 -31.18 36.47 31.01
CA ARG F 438 -30.71 35.91 29.75
C ARG F 438 -30.13 37.04 28.92
N GLN F 439 -30.73 38.23 29.00
CA GLN F 439 -30.26 39.37 28.24
C GLN F 439 -28.90 39.79 28.75
N ALA F 440 -28.69 39.63 30.05
CA ALA F 440 -27.44 40.05 30.67
C ALA F 440 -26.33 39.07 30.28
N VAL F 441 -26.67 37.79 30.26
CA VAL F 441 -25.76 36.73 29.84
C VAL F 441 -25.32 37.01 28.39
N GLU F 442 -26.31 37.28 27.53
CA GLU F 442 -25.99 37.55 26.13
C GLU F 442 -25.01 38.72 25.96
N THR F 443 -25.17 39.76 26.77
CA THR F 443 -24.21 40.85 26.75
C THR F 443 -22.84 40.34 27.25
N LEU F 444 -22.83 39.53 28.30
CA LEU F 444 -21.61 38.95 28.82
C LEU F 444 -20.84 38.11 27.79
N ARG F 445 -21.56 37.39 26.95
CA ARG F 445 -20.98 36.49 25.94
C ARG F 445 -20.45 37.25 24.75
N GLN F 446 -21.08 38.36 24.38
CA GLN F 446 -20.65 39.19 23.26
C GLN F 446 -19.32 39.81 23.63
N VAL F 447 -19.30 40.26 24.88
CA VAL F 447 -18.20 40.99 25.47
C VAL F 447 -17.06 40.02 25.85
N ALA F 448 -17.40 38.74 25.96
CA ALA F 448 -16.44 37.72 26.28
C ALA F 448 -15.64 37.45 25.04
N GLN F 449 -16.12 37.88 23.89
CA GLN F 449 -15.40 37.58 22.64
C GLN F 449 -14.08 38.35 22.60
N PRO F 450 -13.01 37.75 22.06
CA PRO F 450 -11.77 38.49 21.86
C PRO F 450 -12.02 39.67 20.96
N HIS F 451 -11.27 40.76 21.13
CA HIS F 451 -11.41 41.88 20.27
C HIS F 451 -10.55 41.54 19.09
N VAL F 452 -11.11 41.69 17.88
CA VAL F 452 -10.32 41.40 16.70
C VAL F 452 -9.94 42.69 16.01
N MET F 453 -8.69 42.75 15.60
CA MET F 453 -8.19 43.77 14.73
C MET F 453 -7.54 43.08 13.57
N THR F 454 -7.59 43.72 12.42
CA THR F 454 -7.04 43.17 11.20
C THR F 454 -6.33 44.27 10.44
N GLU F 455 -5.53 43.87 9.47
CA GLU F 455 -4.91 44.83 8.55
C GLU F 455 -4.26 44.12 7.40
N GLN F 456 -4.15 44.84 6.29
CA GLN F 456 -3.31 44.39 5.21
C GLN F 456 -2.03 45.17 5.35
N ARG F 457 -0.91 44.47 5.25
CA ARG F 457 0.40 45.07 5.39
C ARG F 457 1.25 44.56 4.23
N ARG F 458 1.89 45.49 3.53
CA ARG F 458 2.80 45.09 2.48
C ARG F 458 4.16 44.80 3.13
N ALA F 459 4.78 43.68 2.72
CA ALA F 459 6.16 43.37 3.02
C ALA F 459 7.10 44.47 2.51
N THR F 460 7.99 44.94 3.40
CA THR F 460 9.08 45.83 3.02
C THR F 460 10.37 45.01 2.94
N ASP F 461 10.83 44.76 1.72
CA ASP F 461 12.14 44.15 1.45
C ASP F 461 12.29 42.75 2.03
N GLY F 462 11.22 41.98 1.98
CA GLY F 462 11.24 40.59 2.39
C GLY F 462 10.78 40.36 3.81
N VAL F 463 10.30 41.41 4.48
CA VAL F 463 10.08 41.36 5.94
C VAL F 463 8.94 42.27 6.41
N ILE F 464 8.26 41.84 7.48
CA ILE F 464 7.17 42.58 8.12
C ILE F 464 7.54 42.98 9.57
N HIS F 465 7.30 44.25 9.94
CA HIS F 465 7.65 44.76 11.29
C HIS F 465 6.39 45.07 12.09
N LEU F 466 6.12 44.25 13.08
CA LEU F 466 4.92 44.36 13.85
C LEU F 466 5.18 45.05 15.16
N SER F 467 4.60 46.25 15.31
CA SER F 467 4.58 46.97 16.57
C SER F 467 3.40 46.47 17.40
N ILE F 468 3.65 45.67 18.44
CA ILE F 468 2.56 45.09 19.22
C ILE F 468 2.54 45.63 20.64
N VAL F 469 1.53 46.43 20.96
CA VAL F 469 1.32 46.94 22.30
C VAL F 469 0.32 46.03 22.98
N LEU F 470 0.76 45.38 24.06
CA LEU F 470 -0.06 44.52 24.88
C LEU F 470 -0.38 45.25 26.20
N SER F 471 -1.64 45.27 26.59
CA SER F 471 -2.05 45.91 27.84
C SER F 471 -1.89 44.96 28.99
N LYS F 472 -2.27 45.41 30.20
CA LYS F 472 -2.18 44.58 31.40
C LYS F 472 -2.90 43.23 31.26
N ASN F 473 -2.16 42.15 31.48
CA ASN F 473 -2.66 40.78 31.42
C ASN F 473 -3.35 40.46 30.11
N GLU F 474 -2.78 40.99 29.05
CA GLU F 474 -3.31 40.73 27.74
C GLU F 474 -2.71 39.45 27.24
N VAL F 475 -3.55 38.59 26.68
CA VAL F 475 -3.08 37.54 25.79
C VAL F 475 -3.60 37.87 24.39
N THR F 476 -2.77 37.67 23.37
CA THR F 476 -3.15 38.00 22.03
C THR F 476 -2.64 37.02 21.00
N LEU F 477 -3.53 36.59 20.11
CA LEU F 477 -3.14 35.79 18.99
C LEU F 477 -2.82 36.75 17.86
N ILE F 478 -1.80 36.40 17.07
CA ILE F 478 -1.52 37.10 15.84
C ILE F 478 -1.26 36.08 14.76
N GLU F 479 -1.98 36.20 13.66
CA GLU F 479 -1.78 35.34 12.52
C GLU F 479 -1.46 36.24 11.36
N ILE F 480 -0.34 35.97 10.71
CA ILE F 480 0.03 36.65 9.49
C ILE F 480 -0.13 35.64 8.39
N GLU F 481 -0.91 36.00 7.39
CA GLU F 481 -1.12 35.14 6.25
C GLU F 481 -0.75 35.81 4.97
N GLN F 482 -0.70 34.99 3.93
CA GLN F 482 -0.39 35.44 2.58
C GLN F 482 -1.66 36.05 2.01
N VAL F 483 -1.56 37.28 1.54
CA VAL F 483 -2.61 37.86 0.75
C VAL F 483 -2.31 37.55 -0.72
N ARG F 484 -3.13 36.72 -1.32
CA ARG F 484 -3.12 36.49 -2.75
C ARG F 484 -4.14 37.50 -3.25
N ASP F 485 -3.71 38.70 -3.60
CA ASP F 485 -4.65 39.80 -3.90
C ASP F 485 -5.41 39.48 -5.18
N GLU F 486 -6.73 39.50 -5.08
CA GLU F 486 -7.61 39.21 -6.21
C GLU F 486 -8.17 40.49 -6.82
N THR F 487 -7.79 41.63 -6.28
CA THR F 487 -8.37 42.93 -6.65
C THR F 487 -8.24 43.25 -8.11
N SER F 488 -7.15 42.81 -8.74
CA SER F 488 -6.90 43.10 -10.14
C SER F 488 -7.87 42.36 -11.04
N THR F 489 -8.46 41.27 -10.56
CA THR F 489 -9.51 40.58 -11.32
C THR F 489 -10.77 41.41 -11.32
N TYR F 490 -10.93 42.28 -10.33
CA TYR F 490 -12.07 43.17 -10.25
C TYR F 490 -11.78 44.38 -11.13
N VAL F 491 -11.73 44.16 -12.44
CA VAL F 491 -11.33 45.19 -13.38
C VAL F 491 -12.34 46.33 -13.34
N GLY F 492 -11.84 47.54 -13.08
CA GLY F 492 -12.67 48.73 -12.98
C GLY F 492 -13.21 48.98 -11.59
N LEU F 493 -12.95 48.08 -10.67
CA LEU F 493 -13.47 48.23 -9.33
C LEU F 493 -12.93 49.52 -8.76
N ASP F 494 -13.82 50.37 -8.33
CA ASP F 494 -13.43 51.60 -7.71
C ASP F 494 -14.40 51.95 -6.62
N ASP F 495 -13.95 51.81 -5.38
CA ASP F 495 -14.73 52.16 -4.21
C ASP F 495 -14.98 53.65 -4.12
N GLY F 496 -14.13 54.41 -4.79
CA GLY F 496 -14.36 55.83 -4.95
C GLY F 496 -15.60 56.16 -5.75
N GLU F 497 -16.22 55.16 -6.33
CA GLU F 497 -17.49 55.31 -7.04
C GLU F 497 -18.72 55.14 -6.16
N ILE F 498 -18.50 54.74 -4.91
CA ILE F 498 -19.58 54.54 -3.96
C ILE F 498 -19.71 55.78 -3.10
N THR F 499 -20.95 56.19 -2.83
CA THR F 499 -21.24 57.30 -1.95
C THR F 499 -20.34 57.32 -0.71
N SER F 500 -19.53 58.37 -0.57
CA SER F 500 -18.68 58.54 0.62
C SER F 500 -17.33 57.81 0.65
N TYR F 501 -17.09 56.86 -0.24
CA TYR F 501 -15.84 56.04 -0.18
C TYR F 501 -14.73 56.45 -1.15
N SER F 502 -13.50 56.01 -0.89
CA SER F 502 -12.39 56.23 -1.82
C SER F 502 -11.57 54.98 -2.20
N GLY G 2 -68.38 -5.86 21.80
CA GLY G 2 -69.72 -5.21 21.56
C GLY G 2 -69.63 -4.16 20.45
N VAL G 3 -70.78 -3.84 19.84
CA VAL G 3 -70.82 -2.89 18.71
C VAL G 3 -71.16 -1.50 19.18
N VAL G 4 -70.37 -0.53 18.74
CA VAL G 4 -70.49 0.83 19.18
C VAL G 4 -70.81 1.68 17.99
N ASN G 5 -71.99 2.29 18.02
CA ASN G 5 -72.34 3.32 17.06
C ASN G 5 -71.94 4.67 17.62
N VAL G 6 -70.91 5.25 17.01
CA VAL G 6 -70.41 6.56 17.38
C VAL G 6 -71.42 7.58 16.86
N PRO G 7 -72.01 8.38 17.76
CA PRO G 7 -72.82 9.53 17.33
C PRO G 7 -72.02 10.45 16.43
N SER G 8 -72.70 11.10 15.51
CA SER G 8 -72.09 12.01 14.57
C SER G 8 -71.73 13.37 15.22
N ASN G 9 -72.41 13.70 16.33
CA ASN G 9 -72.10 14.87 17.17
C ASN G 9 -72.13 14.54 18.66
N GLY G 10 -71.39 15.30 19.45
CA GLY G 10 -71.46 15.17 20.90
C GLY G 10 -71.61 16.51 21.57
N ARG G 11 -72.43 16.57 22.63
CA ARG G 11 -72.59 17.82 23.39
C ARG G 11 -71.29 18.23 24.12
N GLU G 12 -70.54 17.27 24.62
CA GLU G 12 -69.40 17.57 25.49
C GLU G 12 -68.06 17.70 24.76
N LYS G 13 -67.15 18.37 25.45
CA LYS G 13 -65.77 18.49 25.03
C LYS G 13 -64.96 17.53 25.88
N PHE G 14 -64.07 16.77 25.24
CA PHE G 14 -62.99 16.11 25.94
C PHE G 14 -62.00 17.19 26.27
N LYS G 15 -61.74 17.39 27.54
CA LYS G 15 -60.87 18.48 27.95
C LYS G 15 -59.42 18.02 27.94
N LYS G 16 -58.52 18.99 27.94
CA LYS G 16 -57.10 18.73 27.95
C LYS G 16 -56.55 18.55 29.36
N ASN G 17 -57.43 18.35 30.35
CA ASN G 17 -57.02 18.11 31.73
C ASN G 17 -55.91 17.06 31.81
N TRP G 18 -56.12 15.94 31.11
CA TRP G 18 -55.19 14.80 31.07
C TRP G 18 -53.76 15.13 30.69
N LYS G 19 -53.54 16.20 29.96
CA LYS G 19 -52.17 16.60 29.63
C LYS G 19 -51.80 17.97 30.16
N PHE G 20 -52.54 18.43 31.16
CA PHE G 20 -52.26 19.70 31.80
C PHE G 20 -50.88 19.65 32.48
N CYS G 21 -50.60 18.57 33.19
CA CYS G 21 -49.39 18.51 33.98
C CYS G 21 -48.80 17.11 33.98
N VAL G 22 -47.49 17.01 34.13
CA VAL G 22 -46.81 15.73 34.18
C VAL G 22 -45.72 15.75 35.28
N GLY G 23 -45.43 14.58 35.81
CA GLY G 23 -44.53 14.43 36.92
C GLY G 23 -43.12 14.32 36.46
N THR G 24 -42.19 14.66 37.35
CA THR G 24 -40.76 14.49 37.10
C THR G 24 -40.07 14.05 38.37
N GLY G 25 -38.97 13.34 38.18
CA GLY G 25 -37.93 13.21 39.17
C GLY G 25 -37.54 14.58 39.65
N ARG G 26 -36.71 14.65 40.68
CA ARG G 26 -36.48 15.92 41.35
C ARG G 26 -35.92 16.98 40.44
N LEU G 27 -36.29 18.23 40.71
CA LEU G 27 -35.86 19.34 39.83
C LEU G 27 -34.36 19.32 39.65
N GLY G 28 -33.62 18.82 40.64
CA GLY G 28 -32.18 18.66 40.51
C GLY G 28 -31.76 17.90 39.27
N LEU G 29 -32.53 16.90 38.89
CA LEU G 29 -32.20 16.10 37.73
C LEU G 29 -32.55 16.75 36.42
N ALA G 30 -33.29 17.84 36.44
CA ALA G 30 -33.59 18.57 35.23
C ALA G 30 -32.32 19.14 34.63
N LEU G 31 -31.26 19.19 35.45
CA LEU G 31 -29.95 19.63 35.01
C LEU G 31 -29.29 18.62 34.05
N GLN G 32 -29.80 17.39 34.05
CA GLN G 32 -29.21 16.37 33.20
C GLN G 32 -29.67 16.57 31.77
N LYS G 33 -28.72 16.33 30.86
CA LYS G 33 -29.00 16.40 29.44
C LYS G 33 -30.02 15.31 29.12
N GLU G 34 -29.80 14.14 29.70
CA GLU G 34 -30.75 13.02 29.52
C GLU G 34 -32.12 13.52 29.84
N TYR G 35 -32.26 14.18 30.99
CA TYR G 35 -33.56 14.67 31.48
C TYR G 35 -34.24 15.52 30.44
N LEU G 36 -33.52 16.50 29.94
CA LEU G 36 -34.04 17.46 28.97
C LEU G 36 -34.32 16.86 27.61
N ASP G 37 -33.49 15.93 27.15
CA ASP G 37 -33.78 15.29 25.86
C ASP G 37 -35.13 14.61 25.96
N HIS G 38 -35.39 14.04 27.12
CA HIS G 38 -36.66 13.38 27.41
C HIS G 38 -37.81 14.35 27.49
N LEU G 39 -37.55 15.53 28.04
CA LEU G 39 -38.55 16.54 28.16
C LEU G 39 -38.86 17.10 26.76
N LYS G 40 -37.83 17.32 25.97
CA LYS G 40 -38.01 17.75 24.58
C LYS G 40 -38.86 16.72 23.84
N LEU G 41 -38.55 15.44 24.05
CA LEU G 41 -39.29 14.38 23.39
C LEU G 41 -40.76 14.40 23.85
N VAL G 42 -40.96 14.51 25.15
CA VAL G 42 -42.29 14.59 25.70
C VAL G 42 -43.08 15.79 25.23
N GLN G 43 -42.42 16.94 25.13
CA GLN G 43 -43.08 18.18 24.80
C GLN G 43 -43.42 18.30 23.33
N GLU G 44 -42.71 17.56 22.49
CA GLU G 44 -42.99 17.54 21.06
C GLU G 44 -44.07 16.56 20.70
N LYS G 45 -44.23 15.52 21.52
CA LYS G 45 -45.16 14.42 21.22
C LYS G 45 -46.44 14.52 22.05
N ILE G 46 -46.31 15.02 23.27
CA ILE G 46 -47.41 15.31 24.20
C ILE G 46 -47.16 16.73 24.62
N GLY G 47 -48.08 17.64 24.47
CA GLY G 47 -47.66 18.98 24.93
C GLY G 47 -48.14 19.22 26.33
N PHE G 48 -47.35 18.87 27.36
CA PHE G 48 -47.79 19.14 28.74
C PHE G 48 -47.68 20.61 29.00
N ARG G 49 -48.59 21.13 29.78
CA ARG G 49 -48.50 22.52 30.14
C ARG G 49 -47.67 22.75 31.38
N TYR G 50 -47.68 21.81 32.33
CA TYR G 50 -47.00 21.96 33.60
C TYR G 50 -46.13 20.74 33.90
N ILE G 51 -45.08 20.97 34.68
CA ILE G 51 -44.27 19.89 35.20
C ILE G 51 -44.17 19.98 36.74
N ARG G 52 -44.49 18.90 37.42
CA ARG G 52 -44.50 18.88 38.88
C ARG G 52 -43.55 17.83 39.38
N GLY G 53 -42.69 18.22 40.29
CA GLY G 53 -41.88 17.29 41.02
C GLY G 53 -41.33 17.87 42.29
N HIS G 54 -40.62 17.01 42.98
CA HIS G 54 -40.02 17.32 44.24
C HIS G 54 -38.73 18.03 44.09
N GLY G 55 -38.28 18.57 45.19
CA GLY G 55 -36.88 18.78 45.39
C GLY G 55 -36.41 20.14 45.02
N LEU G 56 -37.35 21.08 44.90
CA LEU G 56 -37.06 22.43 44.51
C LEU G 56 -36.26 23.08 45.59
N LEU G 57 -36.63 22.78 46.83
CA LEU G 57 -36.01 23.41 47.97
C LEU G 57 -34.95 22.49 48.56
N SER G 58 -34.82 21.29 48.06
CA SER G 58 -33.77 20.39 48.52
C SER G 58 -32.40 20.83 48.00
N ASP G 59 -31.34 20.22 48.48
CA ASP G 59 -30.04 20.91 48.47
C ASP G 59 -29.19 20.68 47.24
N ASP G 60 -29.55 19.71 46.42
CA ASP G 60 -28.85 19.62 45.16
C ASP G 60 -29.23 20.78 44.21
N VAL G 61 -30.49 21.22 44.22
CA VAL G 61 -30.85 22.47 43.50
C VAL G 61 -30.14 23.59 44.22
N GLY G 62 -29.99 23.43 45.53
CA GLY G 62 -29.12 24.26 46.35
C GLY G 62 -29.61 25.67 46.59
N ILE G 63 -30.93 25.87 46.74
CA ILE G 63 -31.48 27.20 46.86
C ILE G 63 -31.19 27.79 48.19
N TYR G 64 -31.34 26.99 49.25
CA TYR G 64 -31.17 27.48 50.63
C TYR G 64 -29.86 27.08 51.29
N ARG G 65 -29.11 28.10 51.65
CA ARG G 65 -27.88 27.93 52.39
C ARG G 65 -27.86 28.90 53.55
N GLU G 66 -27.17 28.52 54.61
CA GLU G 66 -26.55 29.48 55.54
C GLU G 66 -25.13 28.95 55.69
N VAL G 67 -24.06 29.68 55.91
CA VAL G 67 -23.55 30.92 55.30
C VAL G 67 -23.14 31.90 56.39
N GLU G 68 -21.86 31.74 56.76
CA GLU G 68 -21.20 32.54 57.80
C GLU G 68 -20.69 33.84 57.21
N ILE G 69 -21.40 34.89 57.57
CA ILE G 69 -21.17 36.22 57.08
C ILE G 69 -21.07 37.07 58.34
N ASP G 70 -19.95 37.78 58.46
CA ASP G 70 -19.46 38.36 59.73
C ASP G 70 -19.17 37.15 60.63
N GLY G 71 -19.83 37.05 61.78
CA GLY G 71 -19.65 35.91 62.66
C GLY G 71 -21.02 35.42 63.06
N GLU G 72 -21.72 34.90 62.07
CA GLU G 72 -23.17 34.95 62.08
C GLU G 72 -23.75 34.16 60.90
N MET G 73 -24.56 33.15 61.19
CA MET G 73 -25.23 32.37 60.16
C MET G 73 -26.39 33.16 59.61
N LYS G 74 -26.48 33.19 58.29
CA LYS G 74 -27.49 33.97 57.57
C LYS G 74 -27.99 33.19 56.36
N PRO G 75 -29.27 33.29 56.03
CA PRO G 75 -29.80 32.64 54.82
C PRO G 75 -29.19 33.23 53.53
N PHE G 76 -28.77 32.33 52.65
CA PHE G 76 -28.31 32.68 51.33
C PHE G 76 -29.16 31.95 50.34
N TYR G 77 -29.64 32.65 49.31
CA TYR G 77 -30.54 32.06 48.35
C TYR G 77 -29.77 31.94 47.05
N ASN G 78 -29.56 30.73 46.58
CA ASN G 78 -28.75 30.48 45.41
C ASN G 78 -29.68 29.97 44.38
N PHE G 79 -29.97 30.77 43.35
CA PHE G 79 -30.88 30.34 42.30
C PHE G 79 -30.15 29.88 41.04
N THR G 80 -28.84 29.74 41.09
CA THR G 80 -28.08 29.36 39.89
C THR G 80 -28.72 28.18 39.17
N TYR G 81 -29.01 27.13 39.91
CA TYR G 81 -29.61 25.95 39.32
C TYR G 81 -31.13 26.04 38.98
N ILE G 82 -32.01 26.66 39.76
CA ILE G 82 -33.43 26.67 39.28
C ILE G 82 -33.63 27.60 38.16
N ASP G 83 -32.78 28.62 38.06
CA ASP G 83 -32.84 29.56 36.96
C ASP G 83 -32.59 28.77 35.69
N ARG G 84 -31.62 27.86 35.73
CA ARG G 84 -31.30 27.05 34.58
C ARG G 84 -32.44 26.10 34.32
N ILE G 85 -33.00 25.56 35.40
CA ILE G 85 -33.95 24.48 35.32
C ILE G 85 -35.25 25.04 34.79
N VAL G 86 -35.68 26.15 35.38
CA VAL G 86 -36.96 26.73 35.02
C VAL G 86 -36.84 27.35 33.63
N ASP G 87 -35.69 27.96 33.34
CA ASP G 87 -35.42 28.40 31.98
C ASP G 87 -35.64 27.27 31.01
N SER G 88 -35.07 26.11 31.33
CA SER G 88 -35.08 24.97 30.41
C SER G 88 -36.49 24.44 30.24
N TYR G 89 -37.24 24.42 31.34
CA TYR G 89 -38.69 24.23 31.34
C TYR G 89 -39.42 25.16 30.36
N LEU G 90 -39.15 26.46 30.41
CA LEU G 90 -39.91 27.39 29.62
C LEU G 90 -39.48 27.34 28.18
N ALA G 91 -38.25 26.94 27.96
CA ALA G 91 -37.74 26.77 26.62
C ALA G 91 -38.48 25.62 25.96
N LEU G 92 -38.96 24.69 26.78
CA LEU G 92 -39.70 23.53 26.27
C LEU G 92 -41.18 23.73 26.46
N ASN G 93 -41.58 24.96 26.81
CA ASN G 93 -43.00 25.36 26.87
C ASN G 93 -43.79 24.51 27.86
N ILE G 94 -43.12 24.24 28.98
CA ILE G 94 -43.69 23.63 30.17
C ILE G 94 -43.40 24.56 31.37
N ARG G 95 -44.42 24.83 32.19
CA ARG G 95 -44.30 25.69 33.37
C ARG G 95 -44.31 24.85 34.63
N PRO G 96 -43.62 25.30 35.67
CA PRO G 96 -43.53 24.52 36.91
C PRO G 96 -44.85 24.55 37.70
N PHE G 97 -45.36 23.37 38.02
CA PHE G 97 -46.32 23.20 39.09
C PHE G 97 -45.37 23.07 40.23
N ILE G 98 -44.99 24.21 40.80
CA ILE G 98 -44.09 24.25 41.91
C ILE G 98 -44.64 23.49 43.08
N GLU G 99 -43.73 22.83 43.76
CA GLU G 99 -44.01 22.04 44.91
C GLU G 99 -42.91 22.43 45.85
N PHE G 100 -43.30 23.18 46.90
CA PHE G 100 -42.38 23.66 47.88
C PHE G 100 -41.96 22.53 48.79
N GLY G 101 -40.72 22.08 48.63
CA GLY G 101 -40.15 20.99 49.41
C GLY G 101 -38.85 20.47 48.80
N PHE G 102 -38.08 19.68 49.52
CA PHE G 102 -38.32 19.27 50.87
C PHE G 102 -37.61 20.33 51.77
N MET G 103 -37.03 19.96 52.91
CA MET G 103 -36.44 20.97 53.75
C MET G 103 -35.00 21.10 53.39
N PRO G 104 -34.56 22.29 53.01
CA PRO G 104 -33.11 22.51 53.00
C PRO G 104 -32.48 21.94 54.30
N LYS G 105 -31.38 21.19 54.18
CA LYS G 105 -30.57 20.71 55.32
C LYS G 105 -30.41 21.78 56.38
N ALA G 106 -30.02 22.97 55.94
CA ALA G 106 -29.66 24.06 56.80
C ALA G 106 -30.88 24.72 57.46
N LEU G 107 -32.08 24.41 56.96
CA LEU G 107 -33.33 24.89 57.56
C LEU G 107 -34.02 23.82 58.37
N ALA G 108 -33.57 22.58 58.24
CA ALA G 108 -34.20 21.44 58.86
C ALA G 108 -34.12 21.48 60.38
N SER G 109 -35.18 21.00 61.04
CA SER G 109 -35.24 20.87 62.50
C SER G 109 -34.79 19.49 62.98
N GLY G 110 -34.80 18.50 62.07
CA GLY G 110 -34.32 17.17 62.36
C GLY G 110 -33.54 16.59 61.19
N ASP G 111 -33.12 15.34 61.38
CA ASP G 111 -32.23 14.69 60.45
C ASP G 111 -32.95 13.68 59.57
N GLN G 112 -34.25 13.44 59.77
CA GLN G 112 -34.95 12.44 58.98
C GLN G 112 -34.93 12.82 57.50
N THR G 113 -34.51 11.87 56.67
CA THR G 113 -34.56 12.06 55.23
C THR G 113 -35.35 10.97 54.54
N VAL G 114 -35.62 11.26 53.28
CA VAL G 114 -36.43 10.40 52.45
C VAL G 114 -35.70 10.24 51.15
N PHE G 115 -35.75 9.02 50.63
CA PHE G 115 -35.10 8.71 49.37
C PHE G 115 -33.60 8.51 49.46
N TYR G 116 -33.09 7.99 48.35
CA TYR G 116 -31.67 7.83 48.12
C TYR G 116 -30.91 9.15 48.18
N TRP G 117 -31.56 10.21 47.68
CA TRP G 117 -30.97 11.55 47.63
C TRP G 117 -31.26 12.37 48.88
N LYS G 118 -31.96 11.76 49.83
CA LYS G 118 -32.02 12.25 51.20
C LYS G 118 -32.63 13.65 51.32
N GLY G 119 -33.81 13.83 50.74
CA GLY G 119 -34.60 15.02 50.97
C GLY G 119 -34.95 15.06 52.44
N ASN G 120 -34.73 16.18 53.12
CA ASN G 120 -35.06 16.30 54.56
C ASN G 120 -36.54 16.56 54.76
N VAL G 121 -37.14 15.92 55.73
CA VAL G 121 -38.59 15.91 55.77
C VAL G 121 -39.14 16.35 57.08
N THR G 122 -38.34 17.14 57.79
CA THR G 122 -38.70 17.65 59.09
C THR G 122 -39.21 19.07 58.92
N PRO G 123 -39.99 19.58 59.88
CA PRO G 123 -40.38 20.99 59.78
C PRO G 123 -39.15 21.89 59.86
N PRO G 124 -39.29 23.12 59.40
CA PRO G 124 -38.21 24.10 59.53
C PRO G 124 -37.92 24.38 60.99
N LYS G 125 -36.69 24.69 61.30
CA LYS G 125 -36.31 25.06 62.66
C LYS G 125 -36.94 26.43 63.01
N ASP G 126 -37.19 27.22 61.97
CA ASP G 126 -37.70 28.58 62.11
C ASP G 126 -38.67 28.78 60.96
N TYR G 127 -39.93 29.01 61.28
CA TYR G 127 -40.92 29.18 60.23
C TYR G 127 -40.78 30.50 59.52
N ASN G 128 -40.28 31.52 60.23
CA ASN G 128 -40.02 32.82 59.62
C ASN G 128 -39.04 32.69 58.46
N LYS G 129 -38.02 31.88 58.67
CA LYS G 129 -37.01 31.63 57.66
C LYS G 129 -37.61 30.86 56.48
N TRP G 130 -38.48 29.91 56.77
CA TRP G 130 -39.18 29.19 55.73
C TRP G 130 -40.01 30.17 54.91
N ARG G 131 -40.80 30.98 55.61
CA ARG G 131 -41.51 32.05 55.00
C ARG G 131 -40.61 32.87 54.09
N ASP G 132 -39.44 33.26 54.58
CA ASP G 132 -38.57 34.13 53.80
C ASP G 132 -38.04 33.40 52.57
N LEU G 133 -37.65 32.14 52.74
CA LEU G 133 -37.34 31.24 51.64
C LEU G 133 -38.44 31.36 50.61
N ILE G 134 -39.67 31.17 51.02
CA ILE G 134 -40.77 31.06 50.07
C ILE G 134 -40.94 32.41 49.40
N VAL G 135 -41.00 33.49 50.17
CA VAL G 135 -41.00 34.84 49.58
C VAL G 135 -39.84 35.07 48.65
N ALA G 136 -38.68 34.51 48.92
CA ALA G 136 -37.52 34.78 48.10
C ALA G 136 -37.63 33.98 46.82
N VAL G 137 -38.01 32.73 46.95
CA VAL G 137 -38.12 31.90 45.77
C VAL G 137 -39.14 32.54 44.83
N VAL G 138 -40.29 32.89 45.39
CA VAL G 138 -41.42 33.30 44.58
C VAL G 138 -41.15 34.66 44.02
N SER G 139 -40.56 35.54 44.82
CA SER G 139 -40.11 36.82 44.31
C SER G 139 -39.11 36.64 43.19
N HIS G 140 -38.14 35.75 43.38
CA HIS G 140 -37.13 35.53 42.40
C HIS G 140 -37.74 35.11 41.11
N PHE G 141 -38.70 34.21 41.17
CA PHE G 141 -39.35 33.75 39.96
C PHE G 141 -39.92 34.94 39.23
N ILE G 142 -40.67 35.76 39.96
CA ILE G 142 -41.26 36.96 39.38
C ILE G 142 -40.24 37.87 38.78
N GLU G 143 -39.13 38.07 39.46
CA GLU G 143 -38.11 38.97 38.91
C GLU G 143 -37.63 38.42 37.56
N ARG G 144 -37.46 37.12 37.49
CA ARG G 144 -36.81 36.52 36.34
C ARG G 144 -37.78 36.32 35.19
N TYR G 145 -39.01 35.97 35.51
CA TYR G 145 -39.99 35.60 34.50
C TYR G 145 -41.16 36.58 34.39
N GLY G 146 -41.27 37.53 35.31
CA GLY G 146 -42.33 38.53 35.27
C GLY G 146 -43.59 38.01 35.96
N ILE G 147 -44.41 38.94 36.43
CA ILE G 147 -45.57 38.61 37.26
C ILE G 147 -46.64 37.88 36.45
N GLU G 148 -46.75 38.16 35.16
CA GLU G 148 -47.76 37.52 34.32
C GLU G 148 -47.45 36.07 34.19
N GLU G 149 -46.22 35.76 33.77
CA GLU G 149 -45.76 34.38 33.63
C GLU G 149 -46.05 33.62 34.90
N VAL G 150 -45.51 34.12 36.02
CA VAL G 150 -45.49 33.39 37.29
C VAL G 150 -46.91 33.20 37.88
N ARG G 151 -47.83 34.11 37.54
CA ARG G 151 -49.22 34.00 37.95
C ARG G 151 -49.91 32.83 37.29
N THR G 152 -49.34 32.31 36.21
CA THR G 152 -49.89 31.15 35.51
C THR G 152 -49.42 29.86 36.14
N TRP G 153 -48.34 29.93 36.92
CA TRP G 153 -47.80 28.78 37.64
C TRP G 153 -48.69 28.39 38.80
N LEU G 154 -48.45 27.20 39.34
CA LEU G 154 -49.16 26.72 40.51
C LEU G 154 -48.16 26.33 41.58
N PHE G 155 -48.58 26.44 42.83
CA PHE G 155 -47.68 26.32 43.94
C PHE G 155 -48.31 25.39 44.96
N GLU G 156 -47.77 24.18 45.06
CA GLU G 156 -48.22 23.16 45.98
C GLU G 156 -47.30 23.21 47.17
N VAL G 157 -47.84 22.99 48.36
CA VAL G 157 -47.02 23.10 49.54
C VAL G 157 -46.69 21.72 50.02
N TRP G 158 -45.42 21.35 49.87
CA TRP G 158 -44.91 20.07 50.36
C TRP G 158 -45.48 18.89 49.56
N ASN G 159 -45.18 17.70 50.02
CA ASN G 159 -45.55 16.52 49.35
C ASN G 159 -45.83 15.47 50.37
N ALA G 160 -46.99 14.84 50.24
CA ALA G 160 -47.38 13.68 51.04
C ALA G 160 -47.17 13.84 52.56
N PRO G 161 -47.61 14.98 53.11
CA PRO G 161 -47.36 15.29 54.53
C PRO G 161 -48.13 14.35 55.48
N ASN G 162 -49.09 13.60 54.93
CA ASN G 162 -49.76 12.54 55.67
C ASN G 162 -49.00 11.20 55.74
N LEU G 163 -47.82 11.15 55.18
CA LEU G 163 -46.95 9.99 55.27
C LEU G 163 -45.78 10.36 56.13
N VAL G 164 -45.37 9.39 56.92
CA VAL G 164 -44.37 9.56 57.96
C VAL G 164 -42.98 9.69 57.28
N ASN G 165 -42.87 9.12 56.08
CA ASN G 165 -41.65 9.19 55.28
C ASN G 165 -41.35 10.56 54.67
N PHE G 166 -42.41 11.32 54.40
CA PHE G 166 -42.30 12.63 53.72
C PHE G 166 -42.44 13.83 54.64
N TRP G 167 -42.81 13.57 55.89
CA TRP G 167 -43.09 14.65 56.85
C TRP G 167 -42.97 14.05 58.23
N LYS G 168 -42.18 14.66 59.09
CA LYS G 168 -41.98 14.17 60.46
C LYS G 168 -43.30 13.86 61.13
N ASP G 169 -43.39 12.62 61.61
CA ASP G 169 -44.56 12.09 62.31
C ASP G 169 -45.87 12.18 61.58
N ALA G 170 -45.85 12.46 60.27
CA ALA G 170 -47.08 12.71 59.51
C ALA G 170 -47.96 13.73 60.29
N ASN G 171 -47.31 14.79 60.75
CA ASN G 171 -47.96 15.73 61.65
C ASN G 171 -48.92 16.62 60.90
N LYS G 172 -50.22 16.38 61.05
CA LYS G 172 -51.26 17.20 60.40
C LYS G 172 -51.23 18.70 60.81
N GLN G 173 -51.28 18.99 62.10
CA GLN G 173 -51.19 20.37 62.58
C GLN G 173 -49.89 21.09 62.14
N GLU G 174 -48.74 20.43 62.26
CA GLU G 174 -47.49 21.03 61.77
C GLU G 174 -47.61 21.30 60.26
N TYR G 175 -48.19 20.37 59.51
CA TYR G 175 -48.36 20.61 58.10
C TYR G 175 -49.27 21.81 57.83
N PHE G 176 -50.31 22.03 58.66
CA PHE G 176 -51.26 23.12 58.45
C PHE G 176 -50.58 24.43 58.77
N LYS G 177 -49.81 24.45 59.85
CA LYS G 177 -48.92 25.55 60.15
C LYS G 177 -48.06 25.82 58.95
N LEU G 178 -47.35 24.77 58.47
CA LEU G 178 -46.43 24.90 57.33
C LEU G 178 -47.14 25.50 56.14
N TYR G 179 -48.34 24.97 55.87
CA TYR G 179 -49.11 25.36 54.72
C TYR G 179 -49.59 26.79 54.83
N GLU G 180 -50.04 27.13 56.03
CA GLU G 180 -50.47 28.49 56.30
C GLU G 180 -49.35 29.46 56.13
N VAL G 181 -48.15 29.12 56.60
CA VAL G 181 -47.02 30.03 56.51
C VAL G 181 -46.67 30.18 55.02
N THR G 182 -46.71 29.08 54.28
CA THR G 182 -46.29 29.02 52.88
C THR G 182 -47.25 29.82 51.99
N ALA G 183 -48.55 29.62 52.22
CA ALA G 183 -49.64 30.20 51.44
C ALA G 183 -49.81 31.67 51.66
N ARG G 184 -49.81 32.09 52.91
CA ARG G 184 -49.78 33.52 53.22
C ARG G 184 -48.55 34.18 52.63
N ALA G 185 -47.46 33.43 52.53
CA ALA G 185 -46.18 33.96 52.04
C ALA G 185 -46.24 34.20 50.54
N VAL G 186 -46.73 33.20 49.83
CA VAL G 186 -46.90 33.27 48.40
C VAL G 186 -47.84 34.42 48.09
N LYS G 187 -48.92 34.53 48.87
CA LYS G 187 -49.94 35.52 48.60
C LYS G 187 -49.47 36.93 48.96
N SER G 188 -48.64 37.04 49.98
CA SER G 188 -48.00 38.31 50.30
C SER G 188 -47.20 38.84 49.09
N VAL G 189 -46.54 37.95 48.35
CA VAL G 189 -45.72 38.41 47.24
C VAL G 189 -46.62 38.93 46.14
N ASP G 190 -47.60 38.11 45.79
CA ASP G 190 -48.65 38.51 44.88
C ASP G 190 -49.97 37.75 45.13
N PRO G 191 -51.08 38.48 45.22
CA PRO G 191 -52.32 37.85 45.67
C PRO G 191 -52.95 36.85 44.69
N HIS G 192 -52.59 36.88 43.40
CA HIS G 192 -53.23 36.04 42.37
C HIS G 192 -52.43 34.76 42.12
N LEU G 193 -51.36 34.57 42.88
CA LEU G 193 -50.60 33.33 42.86
C LEU G 193 -51.43 32.24 43.48
N GLN G 194 -51.53 31.14 42.74
CA GLN G 194 -52.39 30.04 43.08
C GLN G 194 -51.57 29.06 43.88
N VAL G 195 -51.95 28.89 45.13
CA VAL G 195 -51.23 27.99 46.02
C VAL G 195 -52.23 27.03 46.62
N GLY G 196 -51.77 25.82 46.90
CA GLY G 196 -52.64 24.74 47.30
C GLY G 196 -51.91 23.62 47.98
N GLY G 197 -52.67 22.59 48.28
CA GLY G 197 -52.30 21.51 49.21
C GLY G 197 -53.50 20.60 49.40
N PRO G 198 -53.43 19.57 50.21
CA PRO G 198 -52.24 19.22 51.00
C PRO G 198 -51.31 18.22 50.32
N ALA G 199 -51.45 17.97 49.02
CA ALA G 199 -50.50 17.10 48.31
C ALA G 199 -50.32 15.77 49.02
N ILE G 200 -51.37 15.29 49.64
CA ILE G 200 -51.32 14.06 50.41
C ILE G 200 -51.38 12.88 49.48
N CYS G 201 -50.84 11.75 49.91
CA CYS G 201 -51.07 10.50 49.19
C CYS G 201 -52.45 10.05 49.61
N GLY G 202 -52.92 8.97 48.98
CA GLY G 202 -54.19 8.35 49.34
C GLY G 202 -54.19 7.69 50.72
N GLY G 203 -55.34 7.11 51.04
CA GLY G 203 -55.54 6.39 52.29
C GLY G 203 -55.73 7.25 53.52
N SER G 204 -56.12 8.51 53.35
CA SER G 204 -56.05 9.50 54.42
C SER G 204 -56.84 10.77 54.07
N ASP G 205 -58.01 10.62 53.50
CA ASP G 205 -58.62 11.74 52.81
C ASP G 205 -59.31 12.74 53.74
N GLU G 206 -59.42 12.38 55.02
CA GLU G 206 -60.03 13.28 55.99
C GLU G 206 -59.10 14.45 56.16
N TRP G 207 -57.83 14.25 55.78
CA TRP G 207 -56.86 15.33 55.69
C TRP G 207 -57.28 16.41 54.73
N ILE G 208 -58.03 16.07 53.69
CA ILE G 208 -58.49 17.13 52.80
C ILE G 208 -59.56 17.93 53.49
N THR G 209 -60.64 17.30 53.91
CA THR G 209 -61.59 17.95 54.82
C THR G 209 -60.87 18.83 55.85
N ASP G 210 -59.89 18.27 56.54
CA ASP G 210 -59.24 18.93 57.66
C ASP G 210 -58.47 20.18 57.25
N PHE G 211 -57.64 20.02 56.23
CA PHE G 211 -56.97 21.10 55.53
C PHE G 211 -57.91 22.21 55.09
N LEU G 212 -59.05 21.85 54.54
CA LEU G 212 -59.97 22.85 54.06
C LEU G 212 -60.75 23.54 55.20
N HIS G 213 -61.10 22.81 56.25
CA HIS G 213 -61.70 23.45 57.41
C HIS G 213 -60.69 24.39 58.08
N PHE G 214 -59.45 23.91 58.22
CA PHE G 214 -58.38 24.71 58.78
C PHE G 214 -58.26 25.99 57.99
N CYS G 215 -58.25 25.88 56.65
CA CYS G 215 -58.09 27.04 55.80
C CYS G 215 -59.27 27.99 55.87
N ALA G 216 -60.49 27.45 55.92
CA ALA G 216 -61.67 28.31 56.07
C ALA G 216 -61.63 29.10 57.37
N GLU G 217 -61.42 28.37 58.47
CA GLU G 217 -61.60 28.82 59.85
C GLU G 217 -60.54 29.78 60.23
N ARG G 218 -59.35 29.61 59.65
CA ARG G 218 -58.22 30.48 59.89
C ARG G 218 -57.95 31.41 58.72
N ARG G 219 -58.86 31.42 57.75
CA ARG G 219 -58.83 32.34 56.63
C ARG G 219 -57.50 32.27 55.88
N VAL G 220 -57.14 31.06 55.55
CA VAL G 220 -55.88 30.81 54.88
C VAL G 220 -56.17 30.63 53.43
N PRO G 221 -55.37 31.22 52.58
CA PRO G 221 -55.62 31.10 51.14
C PRO G 221 -55.41 29.65 50.72
N VAL G 222 -56.40 29.13 50.01
CA VAL G 222 -56.26 27.91 49.23
C VAL G 222 -56.91 28.19 47.89
N ASP G 223 -56.19 27.92 46.82
CA ASP G 223 -56.71 28.16 45.50
C ASP G 223 -56.93 26.87 44.76
N PHE G 224 -56.66 25.75 45.39
CA PHE G 224 -56.77 24.43 44.80
C PHE G 224 -56.33 23.41 45.81
N VAL G 225 -56.89 22.22 45.66
CA VAL G 225 -56.56 21.10 46.51
C VAL G 225 -55.65 20.21 45.68
N SER G 226 -54.75 19.48 46.35
CA SER G 226 -53.90 18.50 45.69
C SER G 226 -53.76 17.19 46.45
N ARG G 227 -53.46 16.17 45.67
CA ARG G 227 -53.51 14.85 46.18
C ARG G 227 -52.82 13.98 45.17
N HIS G 228 -52.22 12.91 45.66
CA HIS G 228 -51.69 11.86 44.82
C HIS G 228 -52.73 10.77 44.76
N ALA G 229 -52.66 10.02 43.69
CA ALA G 229 -53.54 8.90 43.47
C ALA G 229 -52.70 7.76 42.89
N TYR G 230 -52.53 6.69 43.64
CA TYR G 230 -51.94 5.46 43.13
C TYR G 230 -52.94 4.33 43.30
N THR G 231 -52.62 3.19 42.72
CA THR G 231 -53.45 1.98 42.87
C THR G 231 -52.65 0.74 43.23
N SER G 232 -51.35 0.89 43.44
CA SER G 232 -50.55 -0.23 43.87
C SER G 232 -50.65 -0.44 45.37
N LYS G 233 -50.97 -1.69 45.71
CA LYS G 233 -50.72 -2.21 47.03
C LYS G 233 -49.21 -2.14 47.33
N ALA G 234 -48.89 -2.46 48.58
CA ALA G 234 -47.54 -2.52 49.06
C ALA G 234 -46.77 -3.72 48.43
N PRO G 235 -45.46 -3.56 48.22
CA PRO G 235 -44.66 -4.63 47.64
C PRO G 235 -44.86 -5.96 48.37
N HIS G 236 -45.35 -6.92 47.61
CA HIS G 236 -45.49 -8.25 48.10
C HIS G 236 -44.19 -9.04 47.84
N LYS G 237 -43.36 -8.58 46.88
CA LYS G 237 -41.99 -9.10 46.69
C LYS G 237 -40.96 -8.01 46.46
N LYS G 238 -39.79 -8.18 47.06
CA LYS G 238 -38.68 -7.25 46.88
C LYS G 238 -37.45 -8.00 46.41
N THR G 239 -36.78 -7.50 45.39
CA THR G 239 -35.41 -7.93 45.12
C THR G 239 -34.50 -6.79 45.53
N PHE G 240 -33.20 -6.91 45.25
CA PHE G 240 -32.24 -5.85 45.57
C PHE G 240 -32.46 -4.63 44.70
N GLU G 241 -33.44 -4.78 43.82
CA GLU G 241 -33.53 -4.09 42.55
C GLU G 241 -34.96 -3.70 42.18
N TYR G 242 -35.92 -4.43 42.73
CA TYR G 242 -37.31 -4.36 42.33
C TYR G 242 -38.26 -4.38 43.52
N TYR G 243 -39.38 -3.67 43.35
CA TYR G 243 -40.56 -3.81 44.18
C TYR G 243 -41.63 -4.29 43.24
N TYR G 244 -42.28 -5.40 43.60
CA TYR G 244 -43.39 -5.96 42.86
C TYR G 244 -44.68 -5.74 43.65
N GLN G 245 -45.74 -5.31 42.99
CA GLN G 245 -46.93 -4.83 43.66
C GLN G 245 -48.16 -5.26 42.89
N GLU G 246 -49.19 -5.67 43.63
CA GLU G 246 -50.47 -5.93 43.01
C GLU G 246 -51.10 -4.57 42.74
N LEU G 247 -51.90 -4.47 41.69
CA LEU G 247 -52.56 -3.21 41.34
C LEU G 247 -54.07 -3.36 41.49
N GLU G 248 -54.69 -2.35 42.05
CA GLU G 248 -56.11 -2.18 41.95
C GLU G 248 -56.38 -1.80 40.49
N PRO G 249 -57.59 -2.05 40.03
CA PRO G 249 -57.97 -1.63 38.67
C PRO G 249 -58.09 -0.10 38.51
N PRO G 250 -58.15 0.36 37.28
CA PRO G 250 -58.22 1.81 37.04
C PRO G 250 -59.43 2.48 37.71
N GLU G 251 -60.55 1.78 37.80
CA GLU G 251 -61.73 2.29 38.50
C GLU G 251 -61.39 2.78 39.91
N ASP G 252 -60.47 2.12 40.59
CA ASP G 252 -60.10 2.52 41.94
C ASP G 252 -59.48 3.92 41.98
N MET G 253 -58.60 4.19 41.01
CA MET G 253 -58.03 5.52 40.86
C MET G 253 -59.08 6.59 40.53
N LEU G 254 -60.01 6.25 39.64
CA LEU G 254 -61.07 7.17 39.24
C LEU G 254 -62.04 7.41 40.38
N GLU G 255 -62.22 6.40 41.22
CA GLU G 255 -63.09 6.52 42.37
C GLU G 255 -62.40 7.45 43.34
N GLN G 256 -61.06 7.39 43.38
CA GLN G 256 -60.23 8.27 44.20
C GLN G 256 -60.45 9.72 43.77
N PHE G 257 -60.49 9.98 42.47
CA PHE G 257 -60.72 11.31 41.92
C PHE G 257 -62.14 11.76 42.23
N LYS G 258 -63.11 10.88 41.97
CA LYS G 258 -64.52 11.20 42.19
C LYS G 258 -64.75 11.53 43.66
N THR G 259 -64.38 10.60 44.54
CA THR G 259 -64.51 10.74 45.99
C THR G 259 -63.95 12.03 46.53
N VAL G 260 -62.73 12.34 46.10
CA VAL G 260 -61.97 13.47 46.63
C VAL G 260 -62.60 14.76 46.14
N ARG G 261 -62.99 14.78 44.88
CA ARG G 261 -63.73 15.90 44.34
C ARG G 261 -64.94 16.19 45.22
N ALA G 262 -65.66 15.13 45.61
CA ALA G 262 -66.88 15.23 46.42
C ALA G 262 -66.60 15.85 47.79
N LEU G 263 -65.48 15.49 48.41
CA LEU G 263 -65.08 16.06 49.70
C LEU G 263 -64.90 17.56 49.56
N ILE G 264 -64.20 17.94 48.50
CA ILE G 264 -64.06 19.35 48.19
C ILE G 264 -65.47 19.97 48.04
N ARG G 265 -66.36 19.32 47.31
CA ARG G 265 -67.71 19.88 47.12
C ARG G 265 -68.49 20.02 48.43
N GLN G 266 -68.20 19.17 49.42
CA GLN G 266 -68.84 19.24 50.74
C GLN G 266 -68.10 20.17 51.70
N SER G 267 -67.00 20.73 51.26
CA SER G 267 -66.12 21.49 52.12
C SER G 267 -66.51 22.98 52.14
N PRO G 268 -65.84 23.75 52.99
CA PRO G 268 -66.00 25.21 53.00
C PRO G 268 -65.52 25.95 51.75
N PHE G 269 -64.82 25.26 50.84
CA PHE G 269 -64.39 25.81 49.55
C PHE G 269 -64.83 24.80 48.54
N PRO G 270 -66.13 24.72 48.30
CA PRO G 270 -66.67 23.73 47.37
C PRO G 270 -66.23 23.88 45.91
N HIS G 271 -65.75 25.05 45.46
CA HIS G 271 -65.41 25.25 44.05
C HIS G 271 -63.92 25.12 43.69
N LEU G 272 -63.08 24.84 44.67
CA LEU G 272 -61.66 24.75 44.40
C LEU G 272 -61.34 23.71 43.32
N PRO G 273 -60.36 24.00 42.47
CA PRO G 273 -59.78 23.01 41.56
C PRO G 273 -59.14 21.87 42.33
N LEU G 274 -59.10 20.69 41.74
CA LEU G 274 -58.40 19.53 42.29
C LEU G 274 -57.29 19.11 41.33
N HIS G 275 -56.04 19.25 41.72
CA HIS G 275 -54.95 18.70 40.94
C HIS G 275 -54.41 17.44 41.59
N ILE G 276 -54.42 16.34 40.83
CA ILE G 276 -53.77 15.09 41.23
C ILE G 276 -52.34 15.20 40.78
N THR G 277 -51.46 15.52 41.71
CA THR G 277 -50.13 15.97 41.33
C THR G 277 -49.13 14.84 41.19
N GLU G 278 -49.60 13.63 41.47
CA GLU G 278 -48.82 12.42 41.26
C GLU G 278 -49.87 11.36 41.01
N TYR G 279 -49.75 10.65 39.91
CA TYR G 279 -50.43 9.37 39.83
C TYR G 279 -49.63 8.42 38.95
N ASN G 280 -50.00 7.15 39.05
CA ASN G 280 -49.44 6.04 38.29
C ASN G 280 -50.10 4.78 38.85
N THR G 281 -49.82 3.63 38.25
CA THR G 281 -50.21 2.39 38.83
C THR G 281 -49.46 2.26 40.12
N SER G 282 -48.18 2.01 40.00
CA SER G 282 -47.33 1.77 41.16
C SER G 282 -46.61 3.05 41.64
N TYR G 283 -46.46 3.19 42.95
CA TYR G 283 -45.76 4.34 43.54
C TYR G 283 -44.29 4.06 43.70
N SER G 284 -43.83 2.93 43.20
CA SER G 284 -42.43 2.62 43.32
C SER G 284 -41.71 2.85 42.00
N PRO G 285 -40.59 3.58 42.05
CA PRO G 285 -39.74 3.81 40.88
C PRO G 285 -38.92 2.59 40.44
N ILE G 286 -39.06 1.46 41.14
CA ILE G 286 -38.38 0.23 40.73
C ILE G 286 -39.31 -0.96 40.62
N ASN G 287 -40.54 -0.70 40.18
CA ASN G 287 -41.53 -1.72 39.82
C ASN G 287 -41.57 -1.82 38.31
N PRO G 288 -41.04 -2.90 37.76
CA PRO G 288 -41.13 -3.18 36.32
C PRO G 288 -42.50 -2.89 35.66
N VAL G 289 -43.59 -2.87 36.41
CA VAL G 289 -44.88 -2.67 35.80
C VAL G 289 -44.90 -1.42 34.96
N HIS G 290 -44.13 -0.42 35.41
CA HIS G 290 -44.08 0.88 34.77
C HIS G 290 -43.55 0.82 33.34
N ASP G 291 -42.76 -0.23 33.08
CA ASP G 291 -42.14 -0.44 31.77
C ASP G 291 -43.00 -1.10 30.75
N THR G 292 -44.12 -1.66 31.16
CA THR G 292 -44.84 -2.62 30.35
C THR G 292 -45.95 -2.00 29.50
N ALA G 293 -46.57 -2.84 28.69
CA ALA G 293 -47.73 -2.41 27.97
C ALA G 293 -48.90 -2.35 28.91
N LEU G 294 -48.88 -3.11 30.00
CA LEU G 294 -50.03 -3.09 30.92
C LEU G 294 -50.21 -1.69 31.45
N ASN G 295 -49.09 -1.07 31.81
CA ASN G 295 -49.17 0.29 32.31
C ASN G 295 -49.82 1.24 31.32
N ALA G 296 -49.48 1.09 30.05
CA ALA G 296 -50.07 1.91 29.00
C ALA G 296 -51.57 1.72 29.00
N ALA G 297 -52.02 0.47 28.94
CA ALA G 297 -53.43 0.20 28.77
C ALA G 297 -54.18 0.56 30.04
N TYR G 298 -53.51 0.44 31.17
CA TYR G 298 -54.07 0.86 32.43
C TYR G 298 -54.29 2.38 32.49
N ILE G 299 -53.28 3.14 32.05
CA ILE G 299 -53.31 4.60 32.19
C ILE G 299 -54.25 5.25 31.18
N ALA G 300 -54.48 4.57 30.06
CA ALA G 300 -55.41 5.02 29.04
C ALA G 300 -56.79 5.35 29.62
N ARG G 301 -57.33 4.44 30.40
CA ARG G 301 -58.60 4.75 31.05
C ARG G 301 -58.50 6.06 31.83
N ILE G 302 -57.38 6.31 32.49
CA ILE G 302 -57.30 7.46 33.39
C ILE G 302 -57.28 8.72 32.55
N LEU G 303 -56.48 8.69 31.47
CA LEU G 303 -56.45 9.80 30.55
C LEU G 303 -57.87 10.11 30.07
N SER G 304 -58.62 9.03 29.79
CA SER G 304 -59.99 9.11 29.29
C SER G 304 -60.97 9.83 30.19
N GLU G 305 -60.94 9.52 31.48
CA GLU G 305 -61.99 9.98 32.43
C GLU G 305 -61.52 10.81 33.64
N GLY G 306 -60.21 10.83 33.89
CA GLY G 306 -59.66 11.64 34.95
C GLY G 306 -60.26 13.02 35.01
N GLY G 307 -60.33 13.65 33.83
CA GLY G 307 -60.83 15.01 33.67
C GLY G 307 -62.27 15.28 34.04
N ASP G 308 -63.10 14.25 34.13
CA ASP G 308 -64.45 14.42 34.65
C ASP G 308 -64.46 14.83 36.13
N TYR G 309 -63.41 14.45 36.84
CA TYR G 309 -63.40 14.59 38.28
C TYR G 309 -62.43 15.67 38.75
N VAL G 310 -61.33 15.82 38.03
CA VAL G 310 -60.22 16.64 38.46
C VAL G 310 -59.77 17.58 37.34
N ASP G 311 -59.23 18.72 37.74
CA ASP G 311 -58.79 19.73 36.80
C ASP G 311 -57.56 19.34 36.11
N SER G 312 -56.74 18.58 36.82
CA SER G 312 -55.59 17.95 36.22
C SER G 312 -55.18 16.67 36.92
N PHE G 313 -54.35 15.89 36.23
CA PHE G 313 -53.73 14.71 36.83
C PHE G 313 -52.41 14.43 36.17
N SER G 314 -51.39 14.36 37.01
CA SER G 314 -50.04 14.52 36.55
C SER G 314 -49.40 13.19 36.68
N TYR G 315 -49.10 12.61 35.52
CA TYR G 315 -48.50 11.32 35.47
C TYR G 315 -47.06 11.39 36.00
N TRP G 316 -46.85 10.64 37.06
CA TRP G 316 -45.59 10.53 37.71
C TRP G 316 -44.84 9.32 37.13
N THR G 317 -43.88 9.49 36.20
CA THR G 317 -43.34 10.79 35.75
C THR G 317 -43.28 10.81 34.24
N PHE G 318 -42.71 11.85 33.66
CA PHE G 318 -42.41 11.84 32.22
C PHE G 318 -41.21 11.02 31.85
N SER G 319 -40.36 10.66 32.81
CA SER G 319 -39.03 10.16 32.49
C SER G 319 -38.42 9.28 33.61
N ASP G 320 -37.60 8.31 33.20
CA ASP G 320 -36.94 7.40 34.12
C ASP G 320 -35.73 8.11 34.69
N VAL G 321 -35.46 9.33 34.22
CA VAL G 321 -34.50 10.16 34.91
C VAL G 321 -35.05 10.43 36.31
N PHE G 322 -34.44 9.72 37.24
CA PHE G 322 -35.02 9.57 38.52
C PHE G 322 -34.05 8.82 39.39
N GLU G 323 -34.09 9.10 40.69
CA GLU G 323 -33.06 8.65 41.60
C GLU G 323 -33.58 8.40 42.99
N GLU G 324 -34.88 8.40 43.22
CA GLU G 324 -35.37 8.24 44.59
C GLU G 324 -34.90 6.92 45.14
N MET G 325 -34.94 5.87 44.31
CA MET G 325 -34.42 4.56 44.72
C MET G 325 -33.09 4.19 44.03
N ASP G 326 -32.24 5.22 43.90
CA ASP G 326 -30.87 5.12 43.46
C ASP G 326 -30.83 5.18 41.93
N VAL G 327 -29.64 5.25 41.39
CA VAL G 327 -29.46 5.30 39.96
C VAL G 327 -30.00 4.00 39.37
N PRO G 328 -30.76 4.09 38.28
CA PRO G 328 -31.37 2.91 37.63
C PRO G 328 -30.42 1.75 37.31
N LYS G 329 -30.69 0.57 37.86
CA LYS G 329 -29.73 -0.53 37.79
C LYS G 329 -29.81 -1.33 36.48
N ALA G 330 -30.63 -0.87 35.54
CA ALA G 330 -30.77 -1.52 34.23
C ALA G 330 -31.65 -0.68 33.36
N LEU G 331 -31.47 -0.79 32.04
CA LEU G 331 -32.21 0.07 31.12
C LEU G 331 -33.69 0.14 31.51
N PHE G 332 -34.31 -1.02 31.61
CA PHE G 332 -35.72 -1.10 31.97
C PHE G 332 -35.79 -1.66 33.38
N HIS G 333 -36.06 -0.75 34.30
CA HIS G 333 -35.80 -0.96 35.74
C HIS G 333 -37.04 -0.59 36.58
N GLY G 334 -38.15 -0.36 35.90
CA GLY G 334 -39.42 -0.16 36.56
C GLY G 334 -39.63 1.25 37.01
N GLY G 335 -38.97 2.20 36.34
CA GLY G 335 -39.04 3.59 36.72
C GLY G 335 -40.38 4.10 36.28
N PHE G 336 -40.80 5.22 36.87
CA PHE G 336 -42.10 5.78 36.60
C PHE G 336 -42.14 6.37 35.21
N GLY G 337 -40.97 6.61 34.63
CA GLY G 337 -40.87 7.30 33.37
C GLY G 337 -41.80 6.84 32.26
N LEU G 338 -42.49 7.79 31.66
CA LEU G 338 -43.00 7.63 30.31
C LEU G 338 -41.84 7.30 29.42
N VAL G 339 -40.76 8.04 29.58
CA VAL G 339 -39.58 7.86 28.75
C VAL G 339 -38.42 7.17 29.47
N ALA G 340 -37.97 6.03 28.93
CA ALA G 340 -36.83 5.32 29.51
C ALA G 340 -35.54 6.02 29.10
N LEU G 341 -34.46 5.69 29.78
CA LEU G 341 -33.13 6.17 29.43
C LEU G 341 -32.86 5.91 27.96
N HIS G 342 -31.98 6.75 27.42
CA HIS G 342 -31.71 6.84 25.97
C HIS G 342 -32.92 7.27 25.15
N SER G 343 -33.82 8.02 25.79
CA SER G 343 -35.01 8.56 25.12
C SER G 343 -35.82 7.48 24.41
N ILE G 344 -35.89 6.30 25.00
CA ILE G 344 -36.69 5.22 24.48
C ILE G 344 -38.08 5.35 25.06
N PRO G 345 -39.09 5.61 24.23
CA PRO G 345 -40.46 5.75 24.76
C PRO G 345 -40.96 4.43 25.23
N LYS G 346 -41.58 4.42 26.41
CA LYS G 346 -42.24 3.24 26.93
C LYS G 346 -43.65 3.22 26.40
N PRO G 347 -44.33 2.08 26.48
CA PRO G 347 -45.72 2.00 26.06
C PRO G 347 -46.57 3.13 26.65
N THR G 348 -46.36 3.47 27.91
CA THR G 348 -47.17 4.50 28.51
C THR G 348 -47.01 5.84 27.78
N PHE G 349 -45.81 6.09 27.28
CA PHE G 349 -45.56 7.25 26.42
C PHE G 349 -46.58 7.34 25.30
N HIS G 350 -46.72 6.24 24.60
CA HIS G 350 -47.53 6.21 23.40
C HIS G 350 -49.02 6.37 23.75
N ALA G 351 -49.41 5.99 24.94
CA ALA G 351 -50.75 6.27 25.46
C ALA G 351 -51.04 7.76 25.44
N PHE G 352 -50.12 8.57 25.98
CA PHE G 352 -50.31 10.02 26.01
C PHE G 352 -50.32 10.60 24.61
N THR G 353 -49.45 10.02 23.81
CA THR G 353 -49.23 10.44 22.44
C THR G 353 -50.49 10.23 21.63
N PHE G 354 -51.21 9.16 21.96
CA PHE G 354 -52.43 8.79 21.27
C PHE G 354 -53.58 9.68 21.78
N PHE G 355 -53.61 9.99 23.05
CA PHE G 355 -54.68 10.85 23.51
C PHE G 355 -54.46 12.23 22.95
N ASN G 356 -53.21 12.57 22.68
CA ASN G 356 -52.86 13.87 22.10
C ASN G 356 -53.32 14.07 20.68
N ALA G 357 -53.69 12.99 20.01
CA ALA G 357 -54.30 13.05 18.68
C ALA G 357 -55.80 13.26 18.75
N LEU G 358 -56.37 13.14 19.94
CA LEU G 358 -57.82 13.25 20.07
C LEU G 358 -58.26 14.65 19.81
N GLY G 359 -59.47 14.78 19.28
CA GLY G 359 -60.13 16.08 19.16
C GLY G 359 -60.86 16.58 20.40
N ASP G 360 -61.36 17.81 20.29
CA ASP G 360 -62.14 18.46 21.34
C ASP G 360 -63.49 17.79 21.45
N GLU G 361 -64.17 17.59 20.33
CA GLU G 361 -65.54 17.11 20.34
C GLU G 361 -65.59 15.66 20.73
N LEU G 362 -66.29 15.37 21.83
CA LEU G 362 -66.43 14.03 22.35
C LEU G 362 -67.66 13.34 21.79
N LEU G 363 -67.42 12.42 20.89
CA LEU G 363 -68.48 11.70 20.19
C LEU G 363 -68.99 10.52 20.98
N TYR G 364 -68.08 9.72 21.52
CA TYR G 364 -68.45 8.57 22.32
C TYR G 364 -67.37 8.17 23.30
N ARG G 365 -67.75 7.69 24.46
CA ARG G 365 -66.78 7.21 25.42
C ARG G 365 -67.32 6.12 26.34
N ASP G 366 -66.52 5.10 26.57
CA ASP G 366 -66.78 4.15 27.64
C ASP G 366 -65.48 3.78 28.30
N GLY G 367 -65.47 2.70 29.06
CA GLY G 367 -64.33 2.36 29.88
C GLY G 367 -63.19 1.77 29.10
N GLU G 368 -63.34 1.58 27.79
CA GLU G 368 -62.30 1.00 26.93
C GLU G 368 -62.01 1.77 25.67
N MET G 369 -62.69 2.89 25.45
CA MET G 369 -62.41 3.76 24.32
C MET G 369 -63.01 5.15 24.49
N ILE G 370 -62.42 6.07 23.76
CA ILE G 370 -62.90 7.42 23.65
C ILE G 370 -62.80 7.73 22.18
N VAL G 371 -63.82 8.38 21.64
CA VAL G 371 -63.87 8.71 20.24
C VAL G 371 -64.16 10.17 20.14
N THR G 372 -63.44 10.85 19.26
CA THR G 372 -63.54 12.30 19.16
C THR G 372 -63.62 12.76 17.72
N ARG G 373 -64.21 13.94 17.49
CA ARG G 373 -64.14 14.61 16.18
C ARG G 373 -63.17 15.76 16.29
N ARG G 374 -62.32 15.89 15.30
CA ARG G 374 -61.42 17.02 15.22
C ARG G 374 -62.11 18.11 14.46
N LYS G 375 -61.54 19.30 14.48
CA LYS G 375 -62.17 20.45 13.88
C LYS G 375 -62.25 20.27 12.37
N ASP G 376 -61.23 19.61 11.79
CA ASP G 376 -61.23 19.28 10.35
C ASP G 376 -62.23 18.21 9.93
N GLY G 377 -63.11 17.79 10.85
CA GLY G 377 -64.07 16.74 10.58
C GLY G 377 -63.52 15.33 10.68
N SER G 378 -62.24 15.20 10.99
CA SER G 378 -61.64 13.87 11.12
C SER G 378 -62.00 13.27 12.48
N ILE G 379 -61.88 11.95 12.60
CA ILE G 379 -62.15 11.24 13.83
C ILE G 379 -60.82 10.73 14.40
N ALA G 380 -60.76 10.58 15.71
CA ALA G 380 -59.59 10.06 16.38
C ALA G 380 -60.14 9.33 17.55
N ALA G 381 -59.88 8.04 17.56
CA ALA G 381 -60.32 7.21 18.62
C ALA G 381 -59.09 6.64 19.27
N VAL G 382 -59.09 6.50 20.58
CA VAL G 382 -58.09 5.69 21.24
C VAL G 382 -58.84 4.60 21.97
N LEU G 383 -58.34 3.39 21.85
CA LEU G 383 -58.95 2.23 22.45
C LEU G 383 -57.87 1.55 23.25
N TRP G 384 -58.27 0.96 24.37
CA TRP G 384 -57.36 0.17 25.19
C TRP G 384 -58.02 -1.14 25.63
N ASN G 385 -57.18 -2.16 25.75
CA ASN G 385 -57.60 -3.44 26.27
C ASN G 385 -56.72 -3.76 27.46
N LEU G 386 -57.12 -3.20 28.60
CA LEU G 386 -56.49 -3.52 29.86
C LEU G 386 -56.84 -4.92 30.20
N VAL G 387 -55.81 -5.70 30.51
CA VAL G 387 -55.94 -7.07 30.94
C VAL G 387 -54.97 -7.29 32.10
N MET G 388 -55.52 -7.33 33.29
CA MET G 388 -54.75 -7.41 34.51
C MET G 388 -54.47 -8.84 34.86
N GLU G 389 -55.19 -9.77 34.23
CA GLU G 389 -55.02 -11.19 34.52
C GLU G 389 -53.82 -11.73 33.74
N LYS G 390 -53.31 -12.88 34.17
CA LYS G 390 -52.17 -13.51 33.52
C LYS G 390 -52.67 -14.36 32.36
N GLY G 391 -51.73 -14.88 31.58
CA GLY G 391 -52.06 -15.74 30.47
C GLY G 391 -52.13 -14.99 29.16
N GLU G 392 -51.96 -15.71 28.06
CA GLU G 392 -51.81 -15.09 26.73
C GLU G 392 -53.13 -15.20 25.96
N GLY G 393 -53.15 -14.70 24.72
CA GLY G 393 -54.38 -14.52 23.96
C GLY G 393 -55.05 -13.27 24.49
N LEU G 394 -56.24 -13.41 25.08
CA LEU G 394 -56.92 -12.32 25.79
C LEU G 394 -57.07 -11.05 24.96
N THR G 395 -57.45 -11.24 23.69
CA THR G 395 -57.69 -10.16 22.74
C THR G 395 -59.19 -9.78 22.67
N LYS G 396 -59.45 -8.56 22.21
CA LYS G 396 -60.77 -7.94 22.29
C LYS G 396 -61.20 -7.43 20.93
N GLU G 397 -62.34 -7.92 20.44
CA GLU G 397 -62.97 -7.35 19.25
C GLU G 397 -63.79 -6.12 19.67
N VAL G 398 -63.58 -5.00 18.97
CA VAL G 398 -64.39 -3.81 19.08
C VAL G 398 -64.94 -3.50 17.70
N GLN G 399 -66.25 -3.60 17.55
CA GLN G 399 -66.92 -3.21 16.32
C GLN G 399 -67.31 -1.77 16.53
N LEU G 400 -66.94 -0.92 15.60
CA LEU G 400 -67.04 0.52 15.78
C LEU G 400 -67.63 1.10 14.50
N VAL G 401 -68.88 1.49 14.54
CA VAL G 401 -69.50 2.09 13.38
C VAL G 401 -69.44 3.59 13.54
N ILE G 402 -68.96 4.25 12.50
CA ILE G 402 -68.52 5.63 12.59
C ILE G 402 -69.06 6.36 11.38
N PRO G 403 -69.82 7.41 11.61
CA PRO G 403 -70.37 8.19 10.49
C PRO G 403 -69.30 9.15 10.02
N VAL G 404 -69.25 9.32 8.71
CA VAL G 404 -68.42 10.31 8.07
C VAL G 404 -69.14 10.78 6.82
N SER G 405 -69.25 12.10 6.70
CA SER G 405 -69.86 12.72 5.51
C SER G 405 -68.76 12.96 4.49
N GLU G 406 -68.26 11.88 3.90
CA GLU G 406 -67.03 11.86 3.09
C GLU G 406 -66.94 10.55 2.30
N SER G 407 -66.81 10.65 0.97
CA SER G 407 -66.72 9.50 0.07
C SER G 407 -65.69 8.43 0.45
N ALA G 408 -64.52 8.86 0.89
CA ALA G 408 -63.39 7.94 1.07
C ALA G 408 -62.51 8.45 2.16
N VAL G 409 -61.88 7.49 2.82
CA VAL G 409 -61.27 7.72 4.10
C VAL G 409 -59.90 7.04 4.15
N PHE G 410 -58.95 7.73 4.76
CA PHE G 410 -57.65 7.16 5.09
C PHE G 410 -57.68 6.86 6.57
N ILE G 411 -57.28 5.65 6.93
CA ILE G 411 -57.33 5.21 8.32
C ILE G 411 -55.91 4.93 8.70
N LYS G 412 -55.47 5.55 9.80
CA LYS G 412 -54.15 5.32 10.31
C LYS G 412 -54.33 4.80 11.70
N ARG G 413 -53.85 3.58 11.88
CA ARG G 413 -53.85 2.98 13.18
C ARG G 413 -52.44 2.92 13.74
N GLN G 414 -52.28 3.19 15.01
CA GLN G 414 -51.01 3.02 15.69
C GLN G 414 -51.21 2.08 16.82
N ILE G 415 -50.28 1.17 17.01
CA ILE G 415 -50.45 0.10 18.00
C ILE G 415 -49.25 0.01 18.92
N VAL G 416 -49.51 -0.09 20.20
CA VAL G 416 -48.49 -0.54 21.14
C VAL G 416 -49.18 -1.47 22.07
N ASN G 417 -48.58 -2.65 22.19
CA ASN G 417 -49.09 -3.78 22.95
C ASN G 417 -47.87 -4.63 23.39
N GLU G 418 -48.02 -5.93 23.56
CA GLU G 418 -46.94 -6.75 24.13
C GLU G 418 -45.81 -7.03 23.13
N GLN G 419 -46.10 -6.78 21.85
CA GLN G 419 -45.20 -7.02 20.71
C GLN G 419 -44.63 -5.69 20.18
N TYR G 420 -45.55 -4.80 19.81
CA TYR G 420 -45.24 -3.55 19.17
C TYR G 420 -45.08 -2.37 20.14
N GLY G 421 -44.15 -1.48 19.82
CA GLY G 421 -43.95 -0.27 20.59
C GLY G 421 -43.54 -0.61 22.00
N ASN G 422 -42.98 -1.79 22.16
CA ASN G 422 -42.63 -2.35 23.43
C ASN G 422 -41.13 -2.72 23.43
N ALA G 423 -40.29 -1.82 23.91
CA ALA G 423 -38.87 -2.12 23.97
C ALA G 423 -38.48 -3.02 25.19
N TRP G 424 -39.32 -3.05 26.22
CA TRP G 424 -39.14 -3.97 27.34
C TRP G 424 -39.06 -5.46 26.89
N ARG G 425 -40.06 -5.91 26.14
CA ARG G 425 -40.06 -7.26 25.56
C ARG G 425 -38.77 -7.50 24.76
N VAL G 426 -38.39 -6.57 23.89
CA VAL G 426 -37.19 -6.79 23.08
C VAL G 426 -35.91 -6.75 23.91
N TRP G 427 -35.90 -5.91 24.93
CA TRP G 427 -34.79 -5.83 25.88
C TRP G 427 -34.58 -7.20 26.54
N LYS G 428 -35.66 -7.90 26.80
CA LYS G 428 -35.62 -9.19 27.43
C LYS G 428 -34.99 -10.17 26.44
N GLN G 429 -35.39 -10.08 25.18
CA GLN G 429 -34.85 -10.90 24.10
C GLN G 429 -33.35 -10.73 23.95
N MET G 430 -32.89 -9.51 24.24
CA MET G 430 -31.47 -9.15 24.17
C MET G 430 -30.66 -9.69 25.34
N GLY G 431 -31.32 -10.21 26.35
CA GLY G 431 -30.65 -10.78 27.51
C GLY G 431 -30.68 -9.81 28.65
N ARG G 432 -31.62 -8.88 28.61
CA ARG G 432 -31.76 -7.88 29.66
C ARG G 432 -30.44 -7.18 29.94
N PRO G 433 -29.84 -6.61 28.90
CA PRO G 433 -28.58 -5.89 29.09
C PRO G 433 -28.85 -4.79 30.09
N ARG G 434 -28.18 -4.86 31.23
CA ARG G 434 -28.28 -3.78 32.18
C ARG G 434 -27.84 -2.48 31.55
N PHE G 435 -26.77 -2.55 30.75
CA PHE G 435 -26.11 -1.37 30.19
C PHE G 435 -25.84 -1.60 28.70
N PRO G 436 -26.90 -1.46 27.93
CA PRO G 436 -26.85 -1.84 26.51
C PRO G 436 -25.81 -0.98 25.79
N SER G 437 -25.31 -1.53 24.70
CA SER G 437 -24.49 -0.78 23.80
C SER G 437 -25.37 0.23 23.04
N ARG G 438 -24.75 1.25 22.46
CA ARG G 438 -25.47 2.21 21.59
C ARG G 438 -26.32 1.47 20.57
N GLN G 439 -25.80 0.37 20.07
CA GLN G 439 -26.41 -0.36 18.97
C GLN G 439 -27.69 -1.02 19.47
N ALA G 440 -27.64 -1.65 20.62
CA ALA G 440 -28.83 -2.25 21.22
C ALA G 440 -29.87 -1.20 21.56
N VAL G 441 -29.43 -0.04 21.99
CA VAL G 441 -30.32 1.08 22.28
C VAL G 441 -31.05 1.51 21.03
N GLU G 442 -30.35 1.56 19.91
CA GLU G 442 -31.00 2.00 18.69
C GLU G 442 -32.01 0.96 18.26
N THR G 443 -31.67 -0.32 18.40
CA THR G 443 -32.64 -1.37 18.11
C THR G 443 -33.88 -1.22 19.02
N LEU G 444 -33.66 -0.77 20.26
CA LEU G 444 -34.75 -0.63 21.20
C LEU G 444 -35.64 0.56 20.87
N ARG G 445 -35.02 1.64 20.41
CA ARG G 445 -35.77 2.81 19.98
C ARG G 445 -36.64 2.46 18.79
N GLN G 446 -36.07 1.62 17.91
CA GLN G 446 -36.74 1.19 16.67
C GLN G 446 -37.95 0.34 16.97
N VAL G 447 -37.81 -0.52 17.93
CA VAL G 447 -38.81 -1.49 18.35
C VAL G 447 -39.85 -0.82 19.25
N ALA G 448 -39.45 0.28 19.89
CA ALA G 448 -40.31 1.03 20.76
C ALA G 448 -41.32 1.86 19.96
N GLN G 449 -41.13 2.02 18.66
CA GLN G 449 -42.06 2.83 17.86
C GLN G 449 -43.40 2.12 17.68
N PRO G 450 -44.53 2.84 17.81
CA PRO G 450 -45.82 2.17 17.57
C PRO G 450 -45.86 1.52 16.20
N HIS G 451 -46.45 0.33 16.11
CA HIS G 451 -46.70 -0.27 14.82
C HIS G 451 -47.78 0.49 14.10
N VAL G 452 -47.52 0.86 12.85
CA VAL G 452 -48.47 1.67 12.12
C VAL G 452 -49.11 0.79 11.07
N MET G 453 -50.39 0.96 10.89
CA MET G 453 -51.13 0.24 9.87
C MET G 453 -51.96 1.29 9.21
N THR G 454 -52.06 1.24 7.90
CA THR G 454 -52.92 2.17 7.17
C THR G 454 -53.84 1.48 6.17
N GLU G 455 -54.92 2.18 5.82
CA GLU G 455 -55.76 1.74 4.72
C GLU G 455 -56.62 2.85 4.23
N GLN G 456 -56.96 2.78 2.95
CA GLN G 456 -58.01 3.62 2.42
C GLN G 456 -59.25 2.76 2.36
N ARG G 457 -60.39 3.35 2.65
CA ARG G 457 -61.61 2.69 2.25
C ARG G 457 -62.75 3.65 1.99
N ARG G 458 -63.68 3.20 1.15
CA ARG G 458 -64.90 3.94 0.87
C ARG G 458 -65.89 3.71 1.98
N ALA G 459 -66.67 4.74 2.27
CA ALA G 459 -67.83 4.64 3.15
C ALA G 459 -69.00 3.98 2.42
N THR G 460 -69.68 3.05 3.09
CA THR G 460 -70.98 2.53 2.64
C THR G 460 -72.08 3.30 3.38
N ASP G 461 -72.93 3.99 2.62
CA ASP G 461 -74.08 4.69 3.16
C ASP G 461 -73.74 5.70 4.28
N GLY G 462 -72.63 6.43 4.15
CA GLY G 462 -72.24 7.44 5.12
C GLY G 462 -71.58 6.93 6.42
N VAL G 463 -70.98 5.75 6.32
CA VAL G 463 -70.50 5.07 7.51
C VAL G 463 -69.33 4.13 7.19
N ILE G 464 -68.35 4.14 8.07
CA ILE G 464 -67.23 3.21 8.03
C ILE G 464 -67.41 2.23 9.19
N HIS G 465 -67.29 0.94 8.88
CA HIS G 465 -67.37 -0.09 9.91
C HIS G 465 -65.98 -0.64 10.20
N LEU G 466 -65.42 -0.16 11.32
CA LEU G 466 -64.11 -0.55 11.81
C LEU G 466 -64.20 -1.76 12.72
N SER G 467 -63.57 -2.84 12.31
CA SER G 467 -63.41 -4.03 13.11
C SER G 467 -61.95 -4.07 13.63
N ILE G 468 -61.85 -3.80 14.92
CA ILE G 468 -60.60 -3.55 15.59
C ILE G 468 -60.36 -4.67 16.61
N VAL G 469 -59.35 -5.48 16.34
CA VAL G 469 -58.87 -6.47 17.29
C VAL G 469 -57.78 -5.78 18.10
N LEU G 470 -57.87 -5.84 19.42
CA LEU G 470 -56.88 -5.30 20.30
C LEU G 470 -56.32 -6.45 21.05
N SER G 471 -55.02 -6.67 20.97
CA SER G 471 -54.46 -7.78 21.69
C SER G 471 -54.27 -7.36 23.16
N LYS G 472 -53.61 -8.18 23.96
CA LYS G 472 -53.52 -8.00 25.41
C LYS G 472 -52.77 -6.72 25.77
N ASN G 473 -53.39 -5.87 26.57
CA ASN G 473 -52.77 -4.61 26.97
C ASN G 473 -52.44 -3.72 25.78
N GLU G 474 -53.29 -3.71 24.77
CA GLU G 474 -53.06 -2.89 23.58
C GLU G 474 -53.70 -1.55 23.80
N VAL G 475 -52.91 -0.48 23.67
CA VAL G 475 -53.46 0.83 23.38
C VAL G 475 -53.20 1.09 21.91
N THR G 476 -54.20 1.65 21.26
CA THR G 476 -54.14 1.94 19.83
C THR G 476 -54.92 3.20 19.57
N LEU G 477 -54.47 3.95 18.58
CA LEU G 477 -55.08 5.19 18.18
C LEU G 477 -55.57 4.96 16.77
N ILE G 478 -56.78 5.40 16.46
CA ILE G 478 -57.25 5.30 15.09
C ILE G 478 -57.71 6.65 14.63
N GLU G 479 -57.20 7.06 13.48
CA GLU G 479 -57.51 8.33 12.91
C GLU G 479 -58.16 8.08 11.58
N ILE G 480 -59.24 8.80 11.33
CA ILE G 480 -60.04 8.64 10.15
C ILE G 480 -60.15 10.00 9.53
N GLU G 481 -59.48 10.12 8.41
CA GLU G 481 -59.29 11.34 7.71
C GLU G 481 -60.03 11.23 6.40
N GLN G 482 -60.75 12.27 6.01
CA GLN G 482 -61.13 12.42 4.61
C GLN G 482 -59.94 12.24 3.66
N VAL G 483 -60.15 11.43 2.63
CA VAL G 483 -59.29 11.40 1.45
C VAL G 483 -59.84 12.36 0.40
N ARG G 484 -59.06 13.35 -0.01
CA ARG G 484 -59.41 14.16 -1.17
C ARG G 484 -58.59 13.58 -2.31
N ASP G 485 -59.15 12.58 -2.99
CA ASP G 485 -58.40 11.75 -3.95
C ASP G 485 -57.92 12.63 -5.11
N GLU G 486 -56.62 12.63 -5.34
CA GLU G 486 -56.03 13.40 -6.42
C GLU G 486 -55.66 12.55 -7.60
N THR G 487 -55.91 11.24 -7.51
CA THR G 487 -55.64 10.29 -8.60
C THR G 487 -56.13 10.72 -9.98
N SER G 488 -57.31 11.29 -10.09
CA SER G 488 -57.79 11.75 -11.40
C SER G 488 -56.89 12.81 -12.08
N THR G 489 -56.24 13.69 -11.34
CA THR G 489 -55.27 14.60 -11.94
C THR G 489 -54.07 13.85 -12.64
N TYR G 490 -53.72 12.65 -12.17
CA TYR G 490 -52.67 11.84 -12.78
C TYR G 490 -53.27 11.14 -13.98
N VAL G 491 -53.56 11.90 -15.03
CA VAL G 491 -54.18 11.34 -16.22
C VAL G 491 -53.17 10.44 -16.85
N GLY G 492 -53.58 9.22 -17.16
CA GLY G 492 -52.68 8.21 -17.67
C GLY G 492 -52.08 7.33 -16.57
N LEU G 493 -52.21 7.71 -15.33
CA LEU G 493 -51.63 6.87 -14.31
C LEU G 493 -52.20 5.43 -14.37
N ASP G 494 -51.27 4.51 -14.33
CA ASP G 494 -51.59 3.12 -14.28
C ASP G 494 -50.40 2.36 -13.69
N ASP G 495 -50.51 1.98 -12.45
CA ASP G 495 -49.47 1.22 -11.80
C ASP G 495 -49.16 -0.10 -12.51
N GLY G 496 -50.10 -0.62 -13.30
CA GLY G 496 -49.91 -1.86 -14.05
C GLY G 496 -48.86 -1.79 -15.13
N GLU G 497 -48.43 -0.57 -15.47
CA GLU G 497 -47.37 -0.37 -16.45
C GLU G 497 -45.99 -0.41 -15.81
N ILE G 498 -45.97 -0.62 -14.49
CA ILE G 498 -44.73 -0.78 -13.73
C ILE G 498 -44.49 -2.27 -13.57
N THR G 499 -43.26 -2.70 -13.84
CA THR G 499 -42.81 -4.05 -13.62
C THR G 499 -43.45 -4.58 -12.35
N SER G 500 -44.14 -5.72 -12.49
CA SER G 500 -44.71 -6.46 -11.36
C SER G 500 -45.98 -5.88 -10.70
N TYR G 501 -46.41 -4.67 -11.04
CA TYR G 501 -47.44 -4.01 -10.26
C TYR G 501 -48.79 -4.10 -10.94
N SER G 502 -49.85 -3.72 -10.22
CA SER G 502 -51.18 -3.55 -10.86
C SER G 502 -52.02 -2.46 -10.18
N GLY H 2 -24.51 68.88 19.07
CA GLY H 2 -25.70 69.57 19.65
C GLY H 2 -26.32 68.76 20.78
N VAL H 3 -27.06 69.45 21.67
CA VAL H 3 -27.51 68.88 22.95
C VAL H 3 -28.98 68.49 22.91
N VAL H 4 -29.33 67.37 23.55
CA VAL H 4 -30.68 66.84 23.47
C VAL H 4 -31.16 66.46 24.87
N ASN H 5 -32.12 67.23 25.36
CA ASN H 5 -32.80 66.94 26.59
C ASN H 5 -33.97 66.02 26.24
N VAL H 6 -33.85 64.76 26.65
CA VAL H 6 -34.81 63.73 26.32
C VAL H 6 -35.92 63.82 27.34
N PRO H 7 -37.15 64.07 26.90
CA PRO H 7 -38.28 64.12 27.85
C PRO H 7 -38.43 62.81 28.62
N SER H 8 -38.98 62.86 29.82
CA SER H 8 -39.19 61.64 30.62
C SER H 8 -40.25 60.75 30.00
N ASN H 9 -41.25 61.37 29.38
CA ASN H 9 -42.38 60.67 28.78
C ASN H 9 -42.59 61.06 27.29
N GLY H 10 -43.33 60.21 26.58
CA GLY H 10 -43.62 60.43 25.18
C GLY H 10 -45.10 60.20 24.92
N ARG H 11 -45.73 61.15 24.25
CA ARG H 11 -47.10 60.99 23.81
C ARG H 11 -47.12 59.86 22.78
N GLU H 12 -46.29 60.02 21.74
CA GLU H 12 -46.34 59.16 20.57
C GLU H 12 -45.64 57.84 20.84
N LYS H 13 -46.11 56.78 20.18
CA LYS H 13 -45.41 55.49 20.15
C LYS H 13 -44.56 55.31 18.87
N PHE H 14 -43.32 54.83 19.02
CA PHE H 14 -42.58 54.30 17.88
C PHE H 14 -43.12 52.95 17.48
N LYS H 15 -43.77 52.88 16.34
CA LYS H 15 -44.42 51.63 15.97
C LYS H 15 -43.42 50.67 15.31
N LYS H 16 -43.89 49.45 15.09
CA LYS H 16 -43.04 48.39 14.56
C LYS H 16 -43.17 48.27 13.04
N ASN H 17 -43.58 49.36 12.37
CA ASN H 17 -43.78 49.36 10.94
C ASN H 17 -42.50 48.96 10.21
N TRP H 18 -41.38 49.42 10.74
CA TRP H 18 -40.07 49.26 10.13
C TRP H 18 -39.59 47.82 9.95
N LYS H 19 -40.15 46.90 10.74
CA LYS H 19 -39.80 45.50 10.60
C LYS H 19 -41.01 44.62 10.34
N PHE H 20 -42.08 45.22 9.83
CA PHE H 20 -43.28 44.48 9.39
C PHE H 20 -42.91 43.59 8.25
N CYS H 21 -42.06 44.10 7.37
CA CYS H 21 -41.72 43.36 6.17
C CYS H 21 -40.27 43.57 5.75
N VAL H 22 -39.73 42.57 5.08
CA VAL H 22 -38.42 42.64 4.45
C VAL H 22 -38.51 42.02 3.05
N GLY H 23 -37.57 42.39 2.20
CA GLY H 23 -37.47 41.89 0.85
C GLY H 23 -36.65 40.64 0.75
N THR H 24 -36.81 39.93 -0.37
CA THR H 24 -36.02 38.72 -0.63
C THR H 24 -35.73 38.59 -2.10
N GLY H 25 -34.66 37.90 -2.45
CA GLY H 25 -34.45 37.51 -3.82
C GLY H 25 -35.60 36.58 -4.16
N ARG H 26 -35.61 36.04 -5.36
CA ARG H 26 -36.81 35.36 -5.78
C ARG H 26 -37.11 34.18 -4.88
N LEU H 27 -38.38 33.92 -4.67
CA LEU H 27 -38.81 32.80 -3.88
C LEU H 27 -38.09 31.54 -4.27
N GLY H 28 -37.76 31.38 -5.55
CA GLY H 28 -37.06 30.17 -5.97
C GLY H 28 -35.82 29.90 -5.14
N LEU H 29 -35.14 30.98 -4.78
CA LEU H 29 -33.96 30.93 -3.96
C LEU H 29 -34.20 30.56 -2.51
N ALA H 30 -35.44 30.67 -2.03
CA ALA H 30 -35.78 30.21 -0.68
C ALA H 30 -35.48 28.70 -0.50
N LEU H 31 -35.42 28.00 -1.63
CA LEU H 31 -35.01 26.60 -1.62
C LEU H 31 -33.58 26.43 -1.18
N GLN H 32 -32.73 27.41 -1.44
CA GLN H 32 -31.33 27.29 -1.08
C GLN H 32 -31.19 27.18 0.42
N LYS H 33 -30.34 26.29 0.87
CA LYS H 33 -30.03 26.18 2.27
C LYS H 33 -29.38 27.46 2.77
N GLU H 34 -28.67 28.14 1.88
CA GLU H 34 -27.98 29.35 2.27
C GLU H 34 -29.01 30.36 2.61
N TYR H 35 -30.10 30.37 1.86
CA TYR H 35 -31.09 31.42 2.01
C TYR H 35 -31.78 31.26 3.35
N LEU H 36 -32.22 30.05 3.62
CA LEU H 36 -32.81 29.72 4.91
C LEU H 36 -31.89 30.01 6.09
N ASP H 37 -30.59 29.82 5.92
CA ASP H 37 -29.67 30.09 7.01
C ASP H 37 -29.73 31.57 7.36
N HIS H 38 -29.72 32.36 6.31
CA HIS H 38 -29.87 33.78 6.34
C HIS H 38 -31.17 34.22 6.99
N LEU H 39 -32.28 33.59 6.62
CA LEU H 39 -33.58 33.94 7.15
C LEU H 39 -33.62 33.64 8.64
N LYS H 40 -33.07 32.50 9.04
CA LYS H 40 -33.06 32.14 10.43
C LYS H 40 -32.35 33.23 11.23
N LEU H 41 -31.18 33.62 10.74
CA LEU H 41 -30.40 34.67 11.36
C LEU H 41 -31.23 35.97 11.48
N VAL H 42 -31.75 36.41 10.36
CA VAL H 42 -32.58 37.58 10.30
C VAL H 42 -33.77 37.51 11.27
N GLN H 43 -34.39 36.33 11.38
CA GLN H 43 -35.58 36.16 12.23
C GLN H 43 -35.28 35.99 13.73
N GLU H 44 -34.11 35.47 14.07
CA GLU H 44 -33.65 35.45 15.44
C GLU H 44 -33.23 36.83 15.87
N LYS H 45 -32.74 37.66 14.95
CA LYS H 45 -32.08 38.94 15.32
C LYS H 45 -32.95 40.19 15.10
N ILE H 46 -33.73 40.15 14.02
CA ILE H 46 -34.70 41.16 13.64
C ILE H 46 -35.93 40.35 13.43
N GLY H 47 -37.02 40.60 14.08
CA GLY H 47 -38.12 39.66 13.81
C GLY H 47 -39.07 40.24 12.79
N PHE H 48 -38.83 40.00 11.50
CA PHE H 48 -39.74 40.49 10.44
C PHE H 48 -40.99 39.66 10.42
N ARG H 49 -42.13 40.29 10.12
CA ARG H 49 -43.42 39.59 10.11
C ARG H 49 -43.78 39.07 8.74
N TYR H 50 -43.29 39.76 7.70
CA TYR H 50 -43.56 39.46 6.30
C TYR H 50 -42.29 39.46 5.49
N ILE H 51 -42.32 38.72 4.39
CA ILE H 51 -41.21 38.66 3.48
C ILE H 51 -41.74 38.72 2.05
N ARG H 52 -41.20 39.64 1.25
CA ARG H 52 -41.80 40.04 -0.01
C ARG H 52 -40.76 39.82 -1.06
N GLY H 53 -40.97 38.83 -1.93
CA GLY H 53 -40.10 38.63 -3.06
C GLY H 53 -40.81 38.46 -4.39
N HIS H 54 -40.00 38.32 -5.42
CA HIS H 54 -40.46 38.11 -6.76
C HIS H 54 -40.52 36.65 -7.11
N GLY H 55 -41.13 36.39 -8.25
CA GLY H 55 -40.95 35.13 -8.93
C GLY H 55 -41.69 34.01 -8.26
N LEU H 56 -42.79 34.36 -7.59
CA LEU H 56 -43.69 33.37 -7.07
C LEU H 56 -44.19 32.52 -8.23
N LEU H 57 -44.68 33.17 -9.28
CA LEU H 57 -45.26 32.52 -10.43
C LEU H 57 -44.24 32.26 -11.55
N SER H 58 -42.97 32.59 -11.34
CA SER H 58 -41.98 32.38 -12.36
C SER H 58 -41.56 30.91 -12.34
N ASP H 59 -40.83 30.47 -13.34
CA ASP H 59 -40.89 29.06 -13.66
C ASP H 59 -39.98 28.15 -12.90
N ASP H 60 -38.96 28.74 -12.27
CA ASP H 60 -38.06 27.98 -11.43
C ASP H 60 -38.76 27.50 -10.17
N VAL H 61 -39.67 28.30 -9.61
CA VAL H 61 -40.56 27.86 -8.51
C VAL H 61 -41.52 26.80 -9.07
N GLY H 62 -41.78 26.87 -10.38
CA GLY H 62 -42.43 25.77 -11.08
C GLY H 62 -43.93 25.64 -11.00
N ILE H 63 -44.63 26.60 -10.44
CA ILE H 63 -46.08 26.53 -10.26
C ILE H 63 -46.85 26.30 -11.56
N TYR H 64 -46.73 27.17 -12.55
CA TYR H 64 -47.59 27.03 -13.70
C TYR H 64 -46.94 26.26 -14.88
N ARG H 65 -47.72 25.31 -15.41
CA ARG H 65 -47.29 24.46 -16.50
C ARG H 65 -48.45 24.01 -17.38
N GLU H 66 -48.11 23.64 -18.61
CA GLU H 66 -48.99 22.93 -19.52
C GLU H 66 -47.97 22.06 -20.22
N VAL H 67 -47.97 20.73 -20.31
CA VAL H 67 -48.79 19.61 -19.80
C VAL H 67 -49.82 19.10 -20.80
N GLU H 68 -49.32 18.21 -21.65
CA GLU H 68 -50.10 17.62 -22.74
C GLU H 68 -50.85 16.44 -22.23
N ILE H 69 -52.15 16.59 -22.19
CA ILE H 69 -53.07 15.56 -21.72
C ILE H 69 -54.24 15.55 -22.70
N ASP H 70 -54.60 14.38 -23.21
CA ASP H 70 -55.77 14.19 -24.09
C ASP H 70 -55.29 14.47 -25.50
N GLY H 71 -55.17 15.74 -25.83
CA GLY H 71 -54.45 16.22 -27.01
C GLY H 71 -54.40 17.73 -26.91
N GLU H 72 -54.08 18.19 -25.70
CA GLU H 72 -54.37 19.53 -25.24
C GLU H 72 -53.29 19.95 -24.27
N MET H 73 -52.78 21.15 -24.37
CA MET H 73 -52.05 21.69 -23.22
C MET H 73 -53.06 22.13 -22.11
N LYS H 74 -52.95 21.47 -20.96
CA LYS H 74 -53.83 21.69 -19.83
C LYS H 74 -53.02 22.41 -18.73
N PRO H 75 -53.65 23.32 -17.98
CA PRO H 75 -53.04 23.87 -16.76
C PRO H 75 -52.57 22.81 -15.79
N PHE H 76 -51.36 22.98 -15.29
CA PHE H 76 -50.85 22.15 -14.23
C PHE H 76 -50.13 23.01 -13.25
N TYR H 77 -50.57 22.90 -12.01
CA TYR H 77 -50.09 23.74 -10.96
C TYR H 77 -49.23 22.88 -10.08
N ASN H 78 -47.93 23.20 -10.01
CA ASN H 78 -46.98 22.44 -9.23
C ASN H 78 -46.60 23.19 -8.00
N PHE H 79 -47.03 22.72 -6.84
CA PHE H 79 -46.77 23.43 -5.62
C PHE H 79 -45.64 22.78 -4.83
N THR H 80 -44.94 21.87 -5.45
CA THR H 80 -43.86 21.17 -4.77
C THR H 80 -42.92 22.15 -4.06
N TYR H 81 -42.54 23.19 -4.77
CA TYR H 81 -41.61 24.16 -4.24
C TYR H 81 -42.22 25.27 -3.36
N ILE H 82 -43.30 25.97 -3.73
CA ILE H 82 -43.79 27.04 -2.82
C ILE H 82 -44.21 26.44 -1.50
N ASP H 83 -44.76 25.24 -1.53
CA ASP H 83 -45.07 24.51 -0.31
C ASP H 83 -43.87 24.43 0.63
N ARG H 84 -42.76 23.95 0.08
CA ARG H 84 -41.53 23.83 0.80
C ARG H 84 -41.10 25.20 1.24
N ILE H 85 -41.25 26.16 0.33
CA ILE H 85 -40.79 27.53 0.54
C ILE H 85 -41.57 28.20 1.64
N VAL H 86 -42.91 28.20 1.54
CA VAL H 86 -43.77 28.96 2.46
C VAL H 86 -43.70 28.26 3.80
N ASP H 87 -43.65 26.94 3.78
CA ASP H 87 -43.51 26.14 4.99
C ASP H 87 -42.33 26.54 5.77
N SER H 88 -41.23 26.72 5.08
CA SER H 88 -39.98 27.10 5.70
C SER H 88 -40.04 28.54 6.16
N TYR H 89 -40.84 29.39 5.49
CA TYR H 89 -41.08 30.77 5.93
C TYR H 89 -41.81 30.76 7.26
N LEU H 90 -42.87 29.96 7.35
CA LEU H 90 -43.71 29.86 8.53
C LEU H 90 -42.97 29.19 9.68
N ALA H 91 -42.07 28.28 9.39
CA ALA H 91 -41.25 27.69 10.44
C ALA H 91 -40.25 28.72 10.98
N LEU H 92 -40.01 29.79 10.24
CA LEU H 92 -39.16 30.87 10.72
C LEU H 92 -40.02 32.07 11.12
N ASN H 93 -41.31 31.85 11.32
CA ASN H 93 -42.26 32.88 11.77
C ASN H 93 -42.37 34.12 10.89
N ILE H 94 -42.13 33.93 9.60
CA ILE H 94 -42.30 34.98 8.63
C ILE H 94 -43.43 34.57 7.67
N ARG H 95 -44.29 35.51 7.31
CA ARG H 95 -45.37 35.22 6.36
C ARG H 95 -45.03 35.83 5.04
N PRO H 96 -45.56 35.26 3.98
CA PRO H 96 -45.40 35.87 2.66
C PRO H 96 -46.17 37.19 2.48
N PHE H 97 -45.47 38.19 2.01
CA PHE H 97 -46.11 39.35 1.36
C PHE H 97 -46.02 38.95 -0.11
N ILE H 98 -47.03 38.21 -0.56
CA ILE H 98 -46.99 37.62 -1.88
C ILE H 98 -47.07 38.69 -2.94
N GLU H 99 -46.31 38.43 -3.98
CA GLU H 99 -46.24 39.30 -5.11
C GLU H 99 -46.47 38.39 -6.30
N PHE H 100 -47.52 38.69 -7.03
CA PHE H 100 -47.93 37.87 -8.11
C PHE H 100 -47.14 38.27 -9.34
N GLY H 101 -46.07 37.51 -9.57
CA GLY H 101 -45.24 37.64 -10.75
C GLY H 101 -44.12 36.64 -10.72
N PHE H 102 -43.35 36.55 -11.78
CA PHE H 102 -43.62 37.25 -13.00
C PHE H 102 -44.51 36.36 -13.88
N MET H 103 -44.38 36.43 -15.17
CA MET H 103 -45.23 35.67 -16.01
C MET H 103 -44.64 34.27 -16.16
N PRO H 104 -45.46 33.25 -15.88
CA PRO H 104 -45.10 31.89 -16.32
C PRO H 104 -44.81 31.92 -17.84
N LYS H 105 -43.74 31.28 -18.30
CA LYS H 105 -43.36 31.31 -19.73
C LYS H 105 -44.52 30.82 -20.63
N ALA H 106 -45.28 29.84 -20.14
CA ALA H 106 -46.44 29.33 -20.84
C ALA H 106 -47.61 30.34 -20.89
N LEU H 107 -47.67 31.30 -19.98
CA LEU H 107 -48.73 32.31 -20.09
C LEU H 107 -48.32 33.53 -20.89
N ALA H 108 -47.02 33.73 -21.05
CA ALA H 108 -46.49 34.95 -21.61
C ALA H 108 -46.98 35.22 -23.03
N SER H 109 -47.26 36.50 -23.32
CA SER H 109 -47.67 36.93 -24.64
C SER H 109 -46.50 37.37 -25.51
N GLY H 110 -45.34 37.47 -24.90
CA GLY H 110 -44.13 37.83 -25.57
C GLY H 110 -42.97 37.27 -24.80
N ASP H 111 -41.78 37.53 -25.29
CA ASP H 111 -40.56 36.91 -24.79
C ASP H 111 -39.71 37.86 -23.94
N GLN H 112 -40.22 39.07 -23.70
CA GLN H 112 -39.47 40.02 -22.91
C GLN H 112 -39.27 39.45 -21.54
N THR H 113 -38.02 39.39 -21.11
CA THR H 113 -37.75 38.97 -19.77
C THR H 113 -36.91 39.98 -19.09
N VAL H 114 -36.79 39.79 -17.79
CA VAL H 114 -36.00 40.66 -16.96
C VAL H 114 -35.11 39.77 -16.14
N PHE H 115 -33.94 40.28 -15.75
CA PHE H 115 -32.94 39.55 -14.95
C PHE H 115 -32.26 38.37 -15.67
N TYR H 116 -31.18 37.94 -15.05
CA TYR H 116 -30.42 36.77 -15.47
C TYR H 116 -31.28 35.53 -15.39
N TRP H 117 -32.18 35.49 -14.41
CA TRP H 117 -33.10 34.38 -14.32
C TRP H 117 -34.31 34.51 -15.25
N LYS H 118 -34.46 35.63 -15.95
CA LYS H 118 -35.38 35.75 -17.07
C LYS H 118 -36.83 35.56 -16.67
N GLY H 119 -37.27 36.36 -15.69
CA GLY H 119 -38.67 36.46 -15.40
C GLY H 119 -39.38 37.05 -16.62
N ASN H 120 -40.47 36.45 -17.04
CA ASN H 120 -41.20 37.04 -18.14
C ASN H 120 -42.06 38.23 -17.67
N VAL H 121 -42.11 39.31 -18.45
CA VAL H 121 -42.69 40.54 -18.00
C VAL H 121 -43.77 41.02 -18.96
N THR H 122 -44.36 40.07 -19.68
CA THR H 122 -45.37 40.38 -20.66
C THR H 122 -46.71 40.01 -20.04
N PRO H 123 -47.77 40.70 -20.46
CA PRO H 123 -49.10 40.40 -19.95
C PRO H 123 -49.44 38.95 -20.26
N PRO H 124 -50.35 38.32 -19.54
CA PRO H 124 -50.81 36.98 -19.95
C PRO H 124 -51.38 37.09 -21.35
N LYS H 125 -51.27 36.06 -22.15
CA LYS H 125 -51.98 36.06 -23.42
C LYS H 125 -53.46 36.07 -23.08
N ASP H 126 -53.79 35.25 -22.10
CA ASP H 126 -55.14 34.98 -21.69
C ASP H 126 -55.31 35.32 -20.19
N TYR H 127 -56.19 36.28 -19.89
CA TYR H 127 -56.38 36.78 -18.53
C TYR H 127 -57.23 35.85 -17.73
N ASN H 128 -58.05 35.04 -18.38
CA ASN H 128 -58.79 34.01 -17.69
C ASN H 128 -57.84 33.01 -17.09
N LYS H 129 -56.82 32.62 -17.84
CA LYS H 129 -55.79 31.71 -17.35
C LYS H 129 -55.01 32.30 -16.19
N TRP H 130 -54.78 33.61 -16.22
CA TRP H 130 -54.02 34.25 -15.16
C TRP H 130 -54.86 34.20 -13.88
N ARG H 131 -56.10 34.69 -13.96
CA ARG H 131 -57.15 34.46 -12.97
C ARG H 131 -57.18 33.08 -12.34
N ASP H 132 -57.10 32.05 -13.17
CA ASP H 132 -57.16 30.66 -12.70
C ASP H 132 -55.91 30.31 -11.95
N LEU H 133 -54.77 30.56 -12.55
CA LEU H 133 -53.49 30.57 -11.81
C LEU H 133 -53.61 31.16 -10.40
N ILE H 134 -54.24 32.32 -10.30
CA ILE H 134 -54.24 33.14 -9.07
C ILE H 134 -55.17 32.51 -8.07
N VAL H 135 -56.37 32.20 -8.53
CA VAL H 135 -57.33 31.44 -7.73
C VAL H 135 -56.73 30.15 -7.20
N ALA H 136 -56.03 29.45 -8.08
CA ALA H 136 -55.51 28.11 -7.81
C ALA H 136 -54.43 28.21 -6.76
N VAL H 137 -53.57 29.23 -6.88
CA VAL H 137 -52.47 29.45 -5.96
C VAL H 137 -52.98 29.92 -4.65
N VAL H 138 -53.88 30.89 -4.65
CA VAL H 138 -54.45 31.34 -3.40
C VAL H 138 -55.27 30.23 -2.75
N SER H 139 -56.06 29.53 -3.52
CA SER H 139 -56.80 28.39 -2.98
C SER H 139 -55.84 27.40 -2.37
N HIS H 140 -54.73 27.16 -3.06
CA HIS H 140 -53.79 26.17 -2.60
C HIS H 140 -53.23 26.63 -1.25
N PHE H 141 -53.00 27.91 -1.11
CA PHE H 141 -52.51 28.44 0.13
C PHE H 141 -53.52 28.18 1.26
N ILE H 142 -54.79 28.51 1.05
CA ILE H 142 -55.84 28.18 2.04
C ILE H 142 -55.93 26.71 2.34
N GLU H 143 -55.82 25.87 1.31
CA GLU H 143 -55.85 24.43 1.53
C GLU H 143 -54.75 23.97 2.48
N ARG H 144 -53.56 24.55 2.36
CA ARG H 144 -52.39 24.07 3.10
C ARG H 144 -52.24 24.70 4.49
N TYR H 145 -52.47 26.01 4.58
CA TYR H 145 -52.17 26.79 5.78
C TYR H 145 -53.39 27.23 6.49
N GLY H 146 -54.55 27.04 5.84
CA GLY H 146 -55.84 27.43 6.37
C GLY H 146 -56.14 28.90 6.18
N ILE H 147 -57.42 29.20 6.16
CA ILE H 147 -57.89 30.52 5.81
C ILE H 147 -57.45 31.59 6.81
N GLU H 148 -57.32 31.22 8.09
CA GLU H 148 -57.03 32.21 9.13
C GLU H 148 -55.64 32.75 8.92
N GLU H 149 -54.76 31.84 8.56
CA GLU H 149 -53.37 32.13 8.31
C GLU H 149 -53.30 33.00 7.06
N VAL H 150 -53.95 32.57 6.00
CA VAL H 150 -53.81 33.22 4.71
C VAL H 150 -54.38 34.64 4.74
N ARG H 151 -55.40 34.86 5.58
CA ARG H 151 -56.02 36.19 5.70
C ARG H 151 -55.09 37.23 6.31
N THR H 152 -54.02 36.78 6.95
CA THR H 152 -53.00 37.68 7.47
C THR H 152 -51.97 37.99 6.40
N TRP H 153 -52.00 37.28 5.28
CA TRP H 153 -51.07 37.55 4.21
C TRP H 153 -51.52 38.75 3.43
N LEU H 154 -50.58 39.30 2.66
CA LEU H 154 -50.88 40.37 1.74
C LEU H 154 -50.50 39.93 0.36
N PHE H 155 -51.21 40.46 -0.63
CA PHE H 155 -51.08 40.01 -2.00
C PHE H 155 -50.92 41.23 -2.88
N GLU H 156 -49.71 41.45 -3.36
CA GLU H 156 -49.39 42.49 -4.28
C GLU H 156 -49.47 41.93 -5.70
N VAL H 157 -49.87 42.76 -6.63
CA VAL H 157 -50.05 42.33 -7.99
C VAL H 157 -48.93 42.92 -8.79
N TRP H 158 -48.04 42.01 -9.21
CA TRP H 158 -46.95 42.32 -10.12
C TRP H 158 -45.94 43.19 -9.39
N ASN H 159 -45.12 43.88 -10.18
CA ASN H 159 -43.96 44.55 -9.67
C ASN H 159 -43.47 45.51 -10.70
N ALA H 160 -43.49 46.78 -10.34
CA ALA H 160 -42.95 47.85 -11.17
C ALA H 160 -43.57 47.95 -12.58
N PRO H 161 -44.89 47.90 -12.67
CA PRO H 161 -45.57 47.98 -13.97
C PRO H 161 -45.28 49.29 -14.68
N ASN H 162 -44.95 50.36 -13.92
CA ASN H 162 -44.56 51.63 -14.53
C ASN H 162 -43.18 51.68 -15.22
N LEU H 163 -42.43 50.58 -15.15
CA LEU H 163 -41.10 50.46 -15.74
C LEU H 163 -41.10 49.42 -16.84
N VAL H 164 -40.37 49.73 -17.92
CA VAL H 164 -40.43 48.94 -19.16
C VAL H 164 -39.80 47.58 -18.96
N ASN H 165 -38.89 47.48 -18.00
CA ASN H 165 -38.10 46.26 -17.78
C ASN H 165 -38.93 45.23 -17.05
N PHE H 166 -39.92 45.70 -16.30
CA PHE H 166 -40.77 44.82 -15.49
C PHE H 166 -42.14 44.57 -16.07
N TRP H 167 -42.47 45.25 -17.16
CA TRP H 167 -43.83 45.21 -17.70
C TRP H 167 -43.79 45.74 -19.12
N LYS H 168 -44.28 44.94 -20.07
CA LYS H 168 -44.20 45.27 -21.48
C LYS H 168 -44.68 46.70 -21.65
N ASP H 169 -43.85 47.57 -22.19
CA ASP H 169 -44.25 48.94 -22.54
C ASP H 169 -44.69 49.83 -21.36
N ALA H 170 -44.48 49.34 -20.13
CA ALA H 170 -44.88 50.06 -18.94
C ALA H 170 -46.32 50.47 -19.04
N ASN H 171 -47.10 49.58 -19.62
CA ASN H 171 -48.42 49.89 -20.07
C ASN H 171 -49.39 50.09 -18.89
N LYS H 172 -49.61 51.35 -18.46
CA LYS H 172 -50.59 51.66 -17.40
C LYS H 172 -51.90 50.88 -17.47
N GLN H 173 -52.63 51.00 -18.58
CA GLN H 173 -53.95 50.37 -18.69
C GLN H 173 -53.90 48.84 -18.62
N GLU H 174 -52.85 48.26 -19.17
CA GLU H 174 -52.64 46.82 -19.08
C GLU H 174 -52.48 46.36 -17.62
N TYR H 175 -51.77 47.14 -16.83
CA TYR H 175 -51.48 46.74 -15.46
C TYR H 175 -52.76 46.84 -14.67
N PHE H 176 -53.51 47.90 -14.88
CA PHE H 176 -54.82 48.00 -14.27
C PHE H 176 -55.64 46.78 -14.64
N LYS H 177 -55.66 46.40 -15.90
CA LYS H 177 -56.35 45.17 -16.30
C LYS H 177 -55.81 44.01 -15.48
N LEU H 178 -54.49 43.89 -15.39
CA LEU H 178 -53.86 42.83 -14.65
C LEU H 178 -54.25 42.96 -13.21
N TYR H 179 -54.34 44.19 -12.71
CA TYR H 179 -54.64 44.40 -11.30
C TYR H 179 -56.05 43.97 -11.01
N GLU H 180 -56.96 44.35 -11.89
CA GLU H 180 -58.36 44.02 -11.70
C GLU H 180 -58.58 42.53 -11.75
N VAL H 181 -58.00 41.85 -12.72
CA VAL H 181 -58.21 40.41 -12.84
C VAL H 181 -57.65 39.71 -11.60
N THR H 182 -56.51 40.16 -11.09
CA THR H 182 -55.81 39.46 -10.05
C THR H 182 -56.52 39.74 -8.71
N ALA H 183 -56.84 41.00 -8.48
CA ALA H 183 -57.57 41.47 -7.31
C ALA H 183 -58.93 40.81 -7.16
N ARG H 184 -59.70 40.83 -8.22
CA ARG H 184 -60.97 40.13 -8.21
C ARG H 184 -60.82 38.65 -8.04
N ALA H 185 -59.76 38.09 -8.60
CA ALA H 185 -59.52 36.67 -8.54
C ALA H 185 -59.28 36.24 -7.10
N VAL H 186 -58.46 37.03 -6.41
CA VAL H 186 -58.07 36.78 -5.03
C VAL H 186 -59.31 36.85 -4.15
N LYS H 187 -60.10 37.90 -4.33
CA LYS H 187 -61.28 38.16 -3.54
C LYS H 187 -62.35 37.12 -3.80
N SER H 188 -62.33 36.57 -5.01
CA SER H 188 -63.26 35.52 -5.38
C SER H 188 -62.97 34.30 -4.52
N VAL H 189 -61.72 34.13 -4.12
CA VAL H 189 -61.38 32.99 -3.27
C VAL H 189 -61.80 33.26 -1.85
N ASP H 190 -61.48 34.43 -1.34
CA ASP H 190 -61.98 34.86 -0.06
C ASP H 190 -61.91 36.39 0.02
N PRO H 191 -63.04 37.02 0.30
CA PRO H 191 -63.13 38.49 0.25
C PRO H 191 -62.28 39.19 1.26
N HIS H 192 -61.98 38.61 2.41
CA HIS H 192 -61.06 39.21 3.38
C HIS H 192 -59.60 39.29 2.91
N LEU H 193 -59.22 38.52 1.91
CA LEU H 193 -57.82 38.53 1.43
C LEU H 193 -57.45 39.89 0.91
N GLN H 194 -56.29 40.36 1.35
CA GLN H 194 -55.87 41.73 1.12
C GLN H 194 -55.02 41.86 -0.12
N VAL H 195 -55.47 42.63 -1.09
CA VAL H 195 -54.79 42.68 -2.37
C VAL H 195 -54.55 44.12 -2.76
N GLY H 196 -53.44 44.38 -3.40
CA GLY H 196 -52.98 45.75 -3.50
C GLY H 196 -52.01 45.93 -4.62
N GLY H 197 -51.76 47.19 -4.92
CA GLY H 197 -50.79 47.57 -5.93
C GLY H 197 -50.54 49.03 -5.77
N PRO H 198 -50.09 49.74 -6.80
CA PRO H 198 -49.71 49.15 -8.08
C PRO H 198 -48.24 48.66 -8.11
N ALA H 199 -47.57 48.58 -6.95
CA ALA H 199 -46.18 48.08 -6.86
C ALA H 199 -45.20 48.86 -7.74
N ILE H 200 -45.46 50.14 -7.97
CA ILE H 200 -44.64 50.89 -8.92
C ILE H 200 -43.33 51.24 -8.29
N CYS H 201 -42.33 51.53 -9.12
CA CYS H 201 -41.12 52.16 -8.63
C CYS H 201 -41.44 53.64 -8.56
N GLY H 202 -40.55 54.42 -7.93
CA GLY H 202 -40.71 55.85 -7.86
C GLY H 202 -40.58 56.45 -9.23
N GLY H 203 -40.95 57.74 -9.34
CA GLY H 203 -40.71 58.56 -10.52
C GLY H 203 -41.94 58.82 -11.36
N SER H 204 -43.10 58.46 -10.83
CA SER H 204 -44.26 58.18 -11.64
C SER H 204 -45.51 57.98 -10.76
N ASP H 205 -45.78 58.91 -9.84
CA ASP H 205 -46.81 58.68 -8.82
C ASP H 205 -48.22 59.01 -9.26
N GLU H 206 -48.38 59.66 -10.40
CA GLU H 206 -49.72 59.78 -10.95
C GLU H 206 -50.33 58.37 -11.06
N TRP H 207 -49.49 57.34 -11.30
CA TRP H 207 -49.93 55.93 -11.31
C TRP H 207 -50.72 55.52 -10.09
N ILE H 208 -50.38 56.10 -8.95
CA ILE H 208 -51.11 55.83 -7.73
C ILE H 208 -52.45 56.49 -7.80
N THR H 209 -52.50 57.77 -8.12
CA THR H 209 -53.78 58.44 -8.27
C THR H 209 -54.63 57.70 -9.30
N ASP H 210 -54.04 57.41 -10.44
CA ASP H 210 -54.73 56.77 -11.53
C ASP H 210 -55.14 55.39 -11.14
N PHE H 211 -54.31 54.71 -10.38
CA PHE H 211 -54.60 53.36 -9.92
C PHE H 211 -55.86 53.33 -9.06
N LEU H 212 -55.92 54.28 -8.13
CA LEU H 212 -57.07 54.44 -7.26
C LEU H 212 -58.29 55.08 -7.95
N HIS H 213 -58.09 55.91 -8.97
CA HIS H 213 -59.24 56.36 -9.73
C HIS H 213 -59.85 55.15 -10.43
N PHE H 214 -59.02 54.39 -11.13
CA PHE H 214 -59.47 53.19 -11.81
C PHE H 214 -60.19 52.24 -10.84
N CYS H 215 -59.65 52.01 -9.66
CA CYS H 215 -60.30 51.09 -8.72
C CYS H 215 -61.63 51.62 -8.18
N ALA H 216 -61.70 52.93 -7.93
CA ALA H 216 -62.95 53.55 -7.50
C ALA H 216 -63.96 53.43 -8.64
N GLU H 217 -63.56 53.95 -9.79
CA GLU H 217 -64.44 54.09 -10.95
C GLU H 217 -65.02 52.74 -11.35
N ARG H 218 -64.22 51.68 -11.22
CA ARG H 218 -64.59 50.36 -11.69
C ARG H 218 -64.90 49.42 -10.53
N ARG H 219 -64.84 49.96 -9.32
CA ARG H 219 -65.20 49.27 -8.09
C ARG H 219 -64.42 47.98 -8.02
N VAL H 220 -63.12 48.16 -8.18
CA VAL H 220 -62.10 47.12 -8.14
C VAL H 220 -61.54 47.12 -6.73
N PRO H 221 -61.53 45.97 -6.10
CA PRO H 221 -61.03 45.88 -4.72
C PRO H 221 -59.58 46.29 -4.59
N VAL H 222 -59.29 47.16 -3.62
CA VAL H 222 -57.93 47.50 -3.22
C VAL H 222 -57.89 47.60 -1.73
N ASP H 223 -56.97 46.89 -1.11
CA ASP H 223 -56.85 46.91 0.34
C ASP H 223 -55.57 47.54 0.81
N PHE H 224 -54.69 47.88 -0.14
CA PHE H 224 -53.45 48.58 0.14
C PHE H 224 -52.80 49.09 -1.14
N VAL H 225 -52.16 50.25 -1.02
CA VAL H 225 -51.32 50.77 -2.05
C VAL H 225 -49.88 50.34 -1.75
N SER H 226 -49.12 50.05 -2.79
CA SER H 226 -47.77 49.54 -2.65
C SER H 226 -46.89 50.26 -3.62
N ARG H 227 -45.64 50.44 -3.25
CA ARG H 227 -44.79 51.37 -3.95
C ARG H 227 -43.39 51.03 -3.57
N HIS H 228 -42.49 51.18 -4.50
CA HIS H 228 -41.09 50.92 -4.21
C HIS H 228 -40.50 52.24 -3.90
N ALA H 229 -39.28 52.25 -3.43
CA ALA H 229 -38.65 53.52 -3.11
C ALA H 229 -37.19 53.34 -3.13
N TYR H 230 -36.55 54.01 -4.08
CA TYR H 230 -35.13 54.08 -4.09
C TYR H 230 -34.68 55.51 -4.17
N THR H 231 -33.42 55.72 -3.81
CA THR H 231 -32.82 57.05 -3.88
C THR H 231 -31.60 57.09 -4.77
N SER H 232 -31.30 56.01 -5.48
CA SER H 232 -30.19 55.97 -6.42
C SER H 232 -30.56 56.41 -7.82
N LYS H 233 -29.64 57.13 -8.43
CA LYS H 233 -29.79 57.66 -9.77
C LYS H 233 -29.25 56.62 -10.70
N ALA H 234 -29.29 56.92 -11.98
CA ALA H 234 -28.81 55.99 -12.97
C ALA H 234 -27.32 55.74 -12.70
N PRO H 235 -26.85 54.53 -12.94
CA PRO H 235 -25.46 54.18 -12.63
C PRO H 235 -24.50 54.93 -13.52
N HIS H 236 -23.55 55.64 -12.92
CA HIS H 236 -22.58 56.43 -13.65
C HIS H 236 -21.33 55.62 -13.99
N LYS H 237 -21.27 54.40 -13.48
CA LYS H 237 -20.22 53.49 -13.90
C LYS H 237 -20.67 52.07 -13.75
N LYS H 238 -20.46 51.29 -14.79
CA LYS H 238 -20.66 49.86 -14.70
C LYS H 238 -19.34 49.19 -15.03
N THR H 239 -18.91 48.30 -14.16
CA THR H 239 -17.94 47.28 -14.54
C THR H 239 -18.74 46.03 -14.90
N PHE H 240 -18.01 44.95 -15.20
CA PHE H 240 -18.67 43.69 -15.62
C PHE H 240 -19.45 43.07 -14.48
N GLU H 241 -19.21 43.59 -13.27
CA GLU H 241 -19.86 43.05 -12.09
C GLU H 241 -20.47 44.08 -11.14
N TYR H 242 -20.46 45.37 -11.49
CA TYR H 242 -20.94 46.43 -10.59
C TYR H 242 -21.74 47.50 -11.29
N TYR H 243 -22.77 47.99 -10.63
CA TYR H 243 -23.32 49.32 -10.92
C TYR H 243 -22.89 50.29 -9.79
N TYR H 244 -22.25 51.39 -10.13
CA TYR H 244 -22.02 52.48 -9.16
C TYR H 244 -23.00 53.63 -9.39
N GLN H 245 -23.69 54.05 -8.35
CA GLN H 245 -24.79 55.02 -8.48
C GLN H 245 -24.73 56.11 -7.41
N GLU H 246 -25.07 57.34 -7.80
CA GLU H 246 -25.29 58.45 -6.85
C GLU H 246 -26.51 58.13 -6.02
N LEU H 247 -26.53 58.56 -4.76
CA LEU H 247 -27.73 58.44 -3.95
C LEU H 247 -28.26 59.79 -3.61
N GLU H 248 -29.56 59.98 -3.70
CA GLU H 248 -30.24 61.11 -3.06
C GLU H 248 -30.23 60.84 -1.56
N PRO H 249 -30.27 61.90 -0.76
CA PRO H 249 -30.23 61.77 0.69
C PRO H 249 -31.51 61.10 1.21
N PRO H 250 -31.52 60.53 2.43
CA PRO H 250 -32.69 59.79 2.91
C PRO H 250 -33.97 60.61 2.96
N GLU H 251 -33.88 61.93 3.11
CA GLU H 251 -35.08 62.77 3.10
C GLU H 251 -35.83 62.62 1.80
N ASP H 252 -35.11 62.37 0.71
CA ASP H 252 -35.77 62.13 -0.56
C ASP H 252 -36.69 60.93 -0.46
N MET H 253 -36.20 59.80 0.08
CA MET H 253 -37.06 58.63 0.25
C MET H 253 -38.25 58.87 1.16
N LEU H 254 -38.01 59.54 2.28
CA LEU H 254 -39.08 59.81 3.23
C LEU H 254 -40.14 60.70 2.59
N GLU H 255 -39.69 61.59 1.72
CA GLU H 255 -40.56 62.54 1.04
C GLU H 255 -41.34 61.78 -0.03
N GLN H 256 -40.72 60.78 -0.64
CA GLN H 256 -41.42 59.74 -1.39
C GLN H 256 -42.59 59.21 -0.54
N PHE H 257 -42.32 58.69 0.65
CA PHE H 257 -43.33 58.09 1.51
C PHE H 257 -44.48 59.02 1.86
N LYS H 258 -44.13 60.23 2.29
CA LYS H 258 -45.08 61.26 2.70
C LYS H 258 -45.94 61.68 1.51
N THR H 259 -45.31 61.99 0.38
CA THR H 259 -45.98 62.37 -0.88
C THR H 259 -47.02 61.37 -1.32
N VAL H 260 -46.61 60.11 -1.33
CA VAL H 260 -47.44 59.05 -1.83
C VAL H 260 -48.60 58.84 -0.86
N ARG H 261 -48.35 59.01 0.41
CA ARG H 261 -49.37 58.81 1.43
C ARG H 261 -50.44 59.87 1.21
N ALA H 262 -50.01 61.08 0.92
CA ALA H 262 -50.92 62.21 0.70
C ALA H 262 -51.75 62.00 -0.57
N LEU H 263 -51.20 61.28 -1.53
CA LEU H 263 -51.93 60.89 -2.74
C LEU H 263 -53.07 59.97 -2.41
N ILE H 264 -52.86 59.12 -1.42
CA ILE H 264 -53.87 58.18 -1.00
C ILE H 264 -54.98 58.90 -0.20
N ARG H 265 -54.61 59.92 0.58
CA ARG H 265 -55.55 60.56 1.49
C ARG H 265 -56.52 61.45 0.73
N GLN H 266 -56.15 61.85 -0.48
CA GLN H 266 -57.01 62.64 -1.38
C GLN H 266 -57.72 61.75 -2.39
N SER H 267 -57.62 60.44 -2.23
CA SER H 267 -58.08 59.50 -3.24
C SER H 267 -59.45 59.03 -2.80
N PRO H 268 -60.18 58.33 -3.64
CA PRO H 268 -61.44 57.73 -3.19
C PRO H 268 -61.29 56.74 -2.01
N PHE H 269 -60.08 56.29 -1.69
CA PHE H 269 -59.86 55.33 -0.60
C PHE H 269 -58.93 55.90 0.44
N PRO H 270 -59.34 57.00 1.07
CA PRO H 270 -58.39 57.76 1.89
C PRO H 270 -57.71 56.90 2.99
N HIS H 271 -58.24 55.72 3.28
CA HIS H 271 -57.80 54.90 4.43
C HIS H 271 -56.83 53.75 4.11
N LEU H 272 -56.46 53.57 2.86
CA LEU H 272 -55.69 52.39 2.50
C LEU H 272 -54.35 52.50 3.15
N PRO H 273 -53.83 51.36 3.60
CA PRO H 273 -52.43 51.25 3.99
C PRO H 273 -51.52 51.44 2.79
N LEU H 274 -50.32 51.92 3.07
CA LEU H 274 -49.23 52.03 2.10
C LEU H 274 -48.06 51.15 2.55
N HIS H 275 -47.74 50.11 1.77
CA HIS H 275 -46.55 49.26 1.97
C HIS H 275 -45.57 49.62 0.90
N ILE H 276 -44.37 49.98 1.34
CA ILE H 276 -43.27 50.21 0.45
C ILE H 276 -42.66 48.83 0.34
N THR H 277 -43.01 48.14 -0.73
CA THR H 277 -42.63 46.74 -0.89
C THR H 277 -41.17 46.54 -1.31
N GLU H 278 -40.51 47.58 -1.85
CA GLU H 278 -39.02 47.55 -1.98
C GLU H 278 -38.47 48.88 -1.50
N TYR H 279 -37.44 48.85 -0.70
CA TYR H 279 -36.59 50.02 -0.64
C TYR H 279 -35.19 49.62 -0.31
N ASN H 280 -34.28 50.48 -0.72
CA ASN H 280 -32.89 50.42 -0.33
C ASN H 280 -32.35 51.71 -0.87
N THR H 281 -31.06 51.90 -0.75
CA THR H 281 -30.43 53.03 -1.36
C THR H 281 -30.38 52.77 -2.85
N SER H 282 -29.49 51.92 -3.31
CA SER H 282 -29.42 51.65 -4.74
C SER H 282 -30.46 50.61 -5.07
N TYR H 283 -30.93 50.62 -6.30
CA TYR H 283 -31.88 49.61 -6.77
C TYR H 283 -31.14 48.50 -7.55
N SER H 284 -29.81 48.44 -7.45
CA SER H 284 -29.01 47.45 -8.14
C SER H 284 -28.46 46.41 -7.19
N PRO H 285 -28.52 45.13 -7.54
CA PRO H 285 -27.94 44.05 -6.72
C PRO H 285 -26.44 43.91 -6.86
N ILE H 286 -25.83 44.81 -7.60
CA ILE H 286 -24.40 44.75 -7.71
C ILE H 286 -23.75 46.11 -7.42
N ASN H 287 -24.38 46.88 -6.55
CA ASN H 287 -23.87 48.14 -6.08
C ASN H 287 -23.23 47.94 -4.72
N PRO H 288 -21.90 47.98 -4.67
CA PRO H 288 -21.19 47.83 -3.40
C PRO H 288 -21.69 48.70 -2.25
N VAL H 289 -22.46 49.77 -2.48
CA VAL H 289 -22.98 50.63 -1.39
C VAL H 289 -23.75 49.83 -0.39
N HIS H 290 -24.44 48.80 -0.88
CA HIS H 290 -25.25 47.94 -0.04
C HIS H 290 -24.41 47.21 1.02
N ASP H 291 -23.16 46.92 0.71
CA ASP H 291 -22.24 46.26 1.66
C ASP H 291 -21.55 47.17 2.66
N THR H 292 -21.81 48.46 2.57
CA THR H 292 -21.09 49.44 3.39
C THR H 292 -21.85 49.86 4.65
N ALA H 293 -21.09 50.53 5.49
CA ALA H 293 -21.61 51.16 6.68
C ALA H 293 -22.47 52.35 6.30
N LEU H 294 -22.18 52.98 5.17
CA LEU H 294 -23.01 54.12 4.74
C LEU H 294 -24.42 53.66 4.57
N ASN H 295 -24.56 52.45 4.05
CA ASN H 295 -25.86 51.92 3.76
C ASN H 295 -26.64 51.79 5.04
N ALA H 296 -26.00 51.29 6.10
CA ALA H 296 -26.64 51.17 7.42
C ALA H 296 -27.06 52.50 7.99
N ALA H 297 -26.15 53.47 7.97
CA ALA H 297 -26.45 54.80 8.43
C ALA H 297 -27.55 55.44 7.62
N TYR H 298 -27.68 55.07 6.35
CA TYR H 298 -28.66 55.68 5.46
C TYR H 298 -30.03 55.16 5.78
N ILE H 299 -30.11 53.85 5.95
CA ILE H 299 -31.35 53.17 6.26
C ILE H 299 -31.77 53.45 7.69
N ALA H 300 -30.85 53.81 8.56
CA ALA H 300 -31.22 54.06 9.94
C ALA H 300 -32.31 55.13 9.94
N ARG H 301 -32.05 56.23 9.25
CA ARG H 301 -33.02 57.32 9.19
C ARG H 301 -34.40 56.78 8.75
N ILE H 302 -34.40 55.90 7.77
CA ILE H 302 -35.68 55.45 7.22
C ILE H 302 -36.43 54.67 8.26
N LEU H 303 -35.72 53.77 8.92
CA LEU H 303 -36.30 52.97 9.98
C LEU H 303 -36.91 53.87 11.04
N SER H 304 -36.20 54.94 11.36
CA SER H 304 -36.61 55.91 12.34
C SER H 304 -37.96 56.53 12.01
N GLU H 305 -38.11 57.02 10.79
CA GLU H 305 -39.22 57.89 10.43
C GLU H 305 -40.23 57.30 9.48
N GLY H 306 -39.86 56.26 8.75
CA GLY H 306 -40.70 55.80 7.66
C GLY H 306 -42.11 55.45 8.10
N GLY H 307 -42.23 54.77 9.23
CA GLY H 307 -43.49 54.43 9.84
C GLY H 307 -44.42 55.58 10.09
N ASP H 308 -43.92 56.82 10.10
CA ASP H 308 -44.76 58.02 10.17
C ASP H 308 -45.70 58.13 9.00
N TYR H 309 -45.25 57.71 7.84
CA TYR H 309 -45.95 57.93 6.58
C TYR H 309 -46.54 56.67 5.97
N VAL H 310 -46.01 55.52 6.38
CA VAL H 310 -46.36 54.28 5.73
C VAL H 310 -46.57 53.22 6.79
N ASP H 311 -47.38 52.23 6.45
CA ASP H 311 -47.64 51.08 7.32
C ASP H 311 -46.53 50.05 7.35
N SER H 312 -45.85 49.87 6.23
CA SER H 312 -44.69 49.00 6.21
C SER H 312 -43.72 49.55 5.23
N PHE H 313 -42.45 49.23 5.46
CA PHE H 313 -41.46 49.48 4.44
C PHE H 313 -40.44 48.40 4.46
N SER H 314 -40.31 47.72 3.33
CA SER H 314 -39.69 46.42 3.27
C SER H 314 -38.32 46.52 2.63
N TYR H 315 -37.29 46.15 3.38
CA TYR H 315 -35.96 46.40 2.90
C TYR H 315 -35.56 45.30 1.99
N TRP H 316 -35.19 45.69 0.80
CA TRP H 316 -34.82 44.82 -0.26
C TRP H 316 -33.29 44.73 -0.25
N THR H 317 -32.68 43.69 0.33
CA THR H 317 -33.32 42.46 0.80
C THR H 317 -32.75 42.04 2.15
N PHE H 318 -33.24 40.93 2.68
CA PHE H 318 -32.69 40.37 3.91
C PHE H 318 -31.38 39.63 3.68
N SER H 319 -31.10 39.26 2.43
CA SER H 319 -30.00 38.34 2.10
C SER H 319 -29.37 38.61 0.71
N ASP H 320 -28.10 38.23 0.56
CA ASP H 320 -27.40 38.38 -0.71
C ASP H 320 -27.70 37.17 -1.60
N VAL H 321 -28.34 36.15 -1.04
CA VAL H 321 -28.89 35.07 -1.88
C VAL H 321 -29.89 35.62 -2.91
N PHE H 322 -29.37 35.81 -4.12
CA PHE H 322 -30.01 36.68 -5.09
C PHE H 322 -29.39 36.38 -6.43
N GLU H 323 -30.15 36.55 -7.51
CA GLU H 323 -29.62 36.21 -8.82
C GLU H 323 -30.08 37.14 -9.94
N GLU H 324 -30.68 38.27 -9.62
CA GLU H 324 -31.15 39.14 -10.71
C GLU H 324 -30.03 39.45 -11.69
N MET H 325 -28.82 39.63 -11.17
CA MET H 325 -27.67 39.98 -11.99
C MET H 325 -26.61 38.89 -11.90
N ASP H 326 -27.10 37.65 -11.96
CA ASP H 326 -26.24 36.47 -11.92
C ASP H 326 -25.83 36.16 -10.49
N VAL H 327 -25.18 35.02 -10.35
CA VAL H 327 -24.62 34.52 -9.10
C VAL H 327 -23.53 35.48 -8.63
N PRO H 328 -23.58 35.87 -7.35
CA PRO H 328 -22.55 36.71 -6.76
C PRO H 328 -21.16 36.36 -7.27
N LYS H 329 -20.45 37.37 -7.78
CA LYS H 329 -19.16 37.10 -8.38
C LYS H 329 -18.08 37.19 -7.28
N ALA H 330 -18.51 37.60 -6.08
CA ALA H 330 -17.63 37.70 -4.94
C ALA H 330 -18.36 37.88 -3.61
N LEU H 331 -17.74 37.45 -2.53
CA LEU H 331 -18.40 37.45 -1.24
C LEU H 331 -19.18 38.75 -1.05
N PHE H 332 -18.49 39.87 -1.13
CA PHE H 332 -19.13 41.19 -1.15
C PHE H 332 -19.13 41.70 -2.57
N HIS H 333 -20.32 41.73 -3.13
CA HIS H 333 -20.51 41.80 -4.56
C HIS H 333 -21.54 42.90 -4.83
N GLY H 334 -21.93 43.65 -3.78
CA GLY H 334 -22.87 44.74 -3.92
C GLY H 334 -24.35 44.38 -3.82
N GLY H 335 -24.63 43.21 -3.22
CA GLY H 335 -25.97 42.68 -3.16
C GLY H 335 -26.82 43.50 -2.22
N PHE H 336 -28.13 43.27 -2.29
CA PHE H 336 -29.12 44.04 -1.55
C PHE H 336 -29.13 43.60 -0.12
N GLY H 337 -28.73 42.37 0.09
CA GLY H 337 -28.84 41.71 1.37
C GLY H 337 -28.37 42.48 2.57
N LEU H 338 -29.17 42.42 3.62
CA LEU H 338 -28.67 42.67 4.95
C LEU H 338 -27.63 41.60 5.30
N VAL H 339 -27.84 40.36 4.83
CA VAL H 339 -26.95 39.28 5.17
C VAL H 339 -26.15 38.74 3.97
N ALA H 340 -24.83 38.74 4.11
CA ALA H 340 -23.93 38.27 3.07
C ALA H 340 -23.86 36.76 3.11
N LEU H 341 -23.29 36.20 2.07
CA LEU H 341 -23.22 34.75 1.96
C LEU H 341 -22.35 34.32 3.09
N HIS H 342 -22.56 33.09 3.52
CA HIS H 342 -21.95 32.58 4.79
C HIS H 342 -22.55 33.20 6.04
N SER H 343 -23.69 33.87 5.92
CA SER H 343 -24.44 34.37 7.09
C SER H 343 -23.58 35.41 7.82
N ILE H 344 -22.86 36.21 7.04
CA ILE H 344 -22.06 37.29 7.57
C ILE H 344 -22.90 38.55 7.52
N PRO H 345 -23.32 39.05 8.67
CA PRO H 345 -24.17 40.26 8.68
C PRO H 345 -23.37 41.43 8.23
N LYS H 346 -24.06 42.32 7.53
CA LYS H 346 -23.51 43.56 7.02
C LYS H 346 -23.96 44.65 7.96
N PRO H 347 -23.29 45.81 7.92
CA PRO H 347 -23.66 46.95 8.74
C PRO H 347 -25.19 47.20 8.79
N THR H 348 -25.86 47.09 7.64
CA THR H 348 -27.29 47.39 7.61
C THR H 348 -28.09 46.38 8.41
N PHE H 349 -27.56 45.19 8.57
CA PHE H 349 -28.16 44.16 9.42
C PHE H 349 -28.22 44.67 10.83
N HIS H 350 -27.09 45.13 11.29
CA HIS H 350 -26.96 45.62 12.63
C HIS H 350 -27.90 46.78 12.86
N ALA H 351 -28.13 47.62 11.86
CA ALA H 351 -29.08 48.73 11.98
C ALA H 351 -30.44 48.19 12.38
N PHE H 352 -30.94 47.21 11.65
CA PHE H 352 -32.20 46.59 11.99
C PHE H 352 -32.13 45.94 13.40
N THR H 353 -31.08 45.21 13.66
CA THR H 353 -30.85 44.67 14.99
C THR H 353 -31.03 45.75 16.07
N PHE H 354 -30.52 46.93 15.74
CA PHE H 354 -30.42 48.02 16.65
C PHE H 354 -31.79 48.62 16.88
N PHE H 355 -32.54 48.83 15.79
CA PHE H 355 -33.92 49.30 15.94
C PHE H 355 -34.78 48.29 16.69
N ASN H 356 -34.40 47.03 16.62
CA ASN H 356 -35.13 45.99 17.30
C ASN H 356 -34.92 45.99 18.80
N ALA H 357 -33.89 46.66 19.29
CA ALA H 357 -33.69 46.81 20.72
C ALA H 357 -34.53 47.99 21.26
N LEU H 358 -35.09 48.82 20.39
CA LEU H 358 -35.92 49.98 20.77
C LEU H 358 -37.26 49.65 21.41
N GLY H 359 -37.65 50.51 22.34
CA GLY H 359 -38.88 50.40 23.09
C GLY H 359 -40.01 51.05 22.34
N ASP H 360 -41.20 51.00 22.94
CA ASP H 360 -42.46 51.49 22.34
C ASP H 360 -42.57 52.98 22.42
N GLU H 361 -42.27 53.50 23.61
CA GLU H 361 -42.53 54.87 23.94
C GLU H 361 -41.50 55.75 23.26
N LEU H 362 -41.94 56.70 22.44
CA LEU H 362 -40.99 57.56 21.75
C LEU H 362 -40.68 58.81 22.56
N LEU H 363 -39.55 58.80 23.25
CA LEU H 363 -39.13 59.93 24.05
C LEU H 363 -38.67 61.10 23.20
N TYR H 364 -37.86 60.81 22.20
CA TYR H 364 -37.28 61.86 21.36
C TYR H 364 -36.85 61.32 20.02
N ARG H 365 -36.99 62.16 19.01
CA ARG H 365 -36.48 61.85 17.69
C ARG H 365 -36.10 63.11 16.93
N ASP H 366 -34.99 63.05 16.22
CA ASP H 366 -34.69 64.00 15.15
C ASP H 366 -34.04 63.26 13.98
N GLY H 367 -33.55 64.00 13.00
CA GLY H 367 -32.95 63.42 11.84
C GLY H 367 -31.78 62.48 12.06
N GLU H 368 -31.27 62.37 13.28
CA GLU H 368 -30.04 61.59 13.54
C GLU H 368 -30.11 60.65 14.75
N MET H 369 -31.27 60.52 15.33
CA MET H 369 -31.41 59.65 16.47
C MET H 369 -32.83 59.38 16.80
N ILE H 370 -33.01 58.28 17.51
CA ILE H 370 -34.29 57.91 18.06
C ILE H 370 -34.05 57.34 19.43
N VAL H 371 -34.91 57.72 20.34
CA VAL H 371 -34.69 57.49 21.75
C VAL H 371 -36.01 57.09 22.29
N THR H 372 -36.02 55.94 22.94
CA THR H 372 -37.24 55.34 23.40
C THR H 372 -37.10 54.92 24.83
N ARG H 373 -38.24 54.76 25.49
CA ARG H 373 -38.30 54.06 26.77
C ARG H 373 -38.88 52.70 26.54
N ARG H 374 -38.43 51.74 27.34
CA ARG H 374 -38.95 50.37 27.36
C ARG H 374 -39.87 50.20 28.55
N LYS H 375 -40.62 49.11 28.55
CA LYS H 375 -41.62 48.86 29.59
C LYS H 375 -41.00 48.71 30.98
N ASP H 376 -39.78 48.19 31.04
CA ASP H 376 -39.04 48.07 32.30
C ASP H 376 -38.33 49.34 32.74
N GLY H 377 -38.56 50.45 32.08
CA GLY H 377 -37.94 51.71 32.45
C GLY H 377 -36.69 52.07 31.67
N SER H 378 -36.07 51.11 30.99
CA SER H 378 -34.77 51.31 30.32
C SER H 378 -34.88 52.14 29.07
N ILE H 379 -33.81 52.83 28.71
CA ILE H 379 -33.78 53.59 27.48
C ILE H 379 -33.07 52.80 26.40
N ALA H 380 -33.44 53.04 25.17
CA ALA H 380 -32.83 52.41 24.03
C ALA H 380 -32.86 53.47 22.99
N ALA H 381 -31.68 53.88 22.55
CA ALA H 381 -31.53 54.92 21.56
C ALA H 381 -30.76 54.35 20.37
N VAL H 382 -31.12 54.72 19.15
CA VAL H 382 -30.23 54.48 18.01
C VAL H 382 -29.85 55.81 17.35
N LEU H 383 -28.58 56.03 17.16
CA LEU H 383 -28.09 57.24 16.58
C LEU H 383 -27.39 56.85 15.29
N TRP H 384 -27.40 57.75 14.32
CA TRP H 384 -26.63 57.50 13.12
C TRP H 384 -25.96 58.78 12.66
N ASN H 385 -24.78 58.58 12.08
CA ASN H 385 -24.06 59.63 11.46
C ASN H 385 -23.90 59.30 10.01
N LEU H 386 -24.96 59.57 9.24
CA LEU H 386 -24.88 59.44 7.80
C LEU H 386 -23.98 60.51 7.29
N VAL H 387 -22.90 60.10 6.62
CA VAL H 387 -22.06 61.03 5.88
C VAL H 387 -21.87 60.47 4.49
N MET H 388 -22.46 61.16 3.53
CA MET H 388 -22.43 60.77 2.13
C MET H 388 -21.29 61.43 1.37
N GLU H 389 -20.70 62.46 1.96
CA GLU H 389 -19.63 63.20 1.30
C GLU H 389 -18.38 62.35 1.46
N LYS H 390 -17.47 62.39 0.50
CA LYS H 390 -16.19 61.69 0.64
C LYS H 390 -15.36 62.37 1.75
N GLY H 391 -14.49 61.63 2.40
CA GLY H 391 -13.59 62.22 3.36
C GLY H 391 -13.51 61.41 4.62
N GLU H 392 -12.34 61.43 5.24
CA GLU H 392 -12.14 60.78 6.54
C GLU H 392 -12.31 61.85 7.63
N GLY H 393 -12.29 61.42 8.89
CA GLY H 393 -12.83 62.24 9.97
C GLY H 393 -14.35 62.33 9.82
N LEU H 394 -14.87 63.57 9.80
CA LEU H 394 -16.31 63.81 9.64
C LEU H 394 -17.11 63.05 10.72
N THR H 395 -16.85 63.41 11.97
CA THR H 395 -17.49 62.81 13.13
C THR H 395 -18.62 63.72 13.61
N LYS H 396 -19.42 63.20 14.54
CA LYS H 396 -20.59 63.87 15.08
C LYS H 396 -20.62 63.65 16.60
N GLU H 397 -20.24 64.67 17.36
CA GLU H 397 -20.42 64.67 18.81
C GLU H 397 -21.93 64.87 19.03
N VAL H 398 -22.54 63.99 19.81
CA VAL H 398 -23.92 64.12 20.23
C VAL H 398 -23.94 64.12 21.75
N GLN H 399 -24.72 65.00 22.34
CA GLN H 399 -24.80 65.09 23.79
C GLN H 399 -26.25 64.82 24.18
N LEU H 400 -26.44 63.81 25.03
CA LEU H 400 -27.79 63.36 25.42
C LEU H 400 -28.02 63.39 26.92
N VAL H 401 -28.89 64.29 27.36
CA VAL H 401 -29.38 64.29 28.74
C VAL H 401 -30.60 63.39 28.81
N ILE H 402 -30.56 62.40 29.68
CA ILE H 402 -31.54 61.34 29.64
C ILE H 402 -32.05 61.07 31.05
N PRO H 403 -33.37 61.23 31.23
CA PRO H 403 -34.00 60.99 32.53
C PRO H 403 -34.15 59.51 32.79
N VAL H 404 -33.69 59.12 33.97
CA VAL H 404 -33.72 57.75 34.44
C VAL H 404 -34.10 57.85 35.92
N SER H 405 -35.05 57.01 36.32
CA SER H 405 -35.53 57.02 37.70
C SER H 405 -34.91 55.80 38.41
N GLU H 406 -33.58 55.77 38.42
CA GLU H 406 -32.83 54.51 38.66
C GLU H 406 -31.45 54.57 39.37
N SER H 407 -31.03 55.72 39.88
CA SER H 407 -29.69 55.86 40.54
C SER H 407 -28.48 55.32 39.74
N ALA H 408 -28.28 54.01 39.67
CA ALA H 408 -27.14 53.43 38.95
C ALA H 408 -27.57 52.77 37.66
N VAL H 409 -26.71 52.84 36.66
CA VAL H 409 -27.12 52.56 35.30
C VAL H 409 -26.04 51.78 34.56
N PHE H 410 -26.45 50.70 33.91
CA PHE H 410 -25.58 49.94 33.02
C PHE H 410 -25.80 50.38 31.57
N ILE H 411 -24.76 50.91 30.94
CA ILE H 411 -24.87 51.39 29.56
C ILE H 411 -24.22 50.37 28.64
N LYS H 412 -24.91 50.01 27.57
CA LYS H 412 -24.37 49.11 26.56
C LYS H 412 -24.54 49.75 25.21
N ARG H 413 -23.44 50.03 24.58
CA ARG H 413 -23.45 50.67 23.29
C ARG H 413 -22.85 49.70 22.30
N GLN H 414 -23.52 49.47 21.18
CA GLN H 414 -22.96 48.65 20.15
C GLN H 414 -22.77 49.55 18.98
N ILE H 415 -21.69 49.31 18.24
CA ILE H 415 -21.25 50.17 17.15
C ILE H 415 -20.97 49.37 15.90
N VAL H 416 -21.36 49.91 14.77
CA VAL H 416 -20.94 49.44 13.49
C VAL H 416 -20.70 50.69 12.70
N ASN H 417 -19.52 50.79 12.12
CA ASN H 417 -19.18 51.97 11.37
C ASN H 417 -18.22 51.54 10.26
N GLU H 418 -17.34 52.44 9.81
CA GLU H 418 -16.34 52.03 8.81
C GLU H 418 -15.33 51.02 9.35
N GLN H 419 -15.21 50.94 10.67
CA GLN H 419 -14.23 50.09 11.32
C GLN H 419 -14.83 48.80 11.84
N TYR H 420 -15.95 48.94 12.57
CA TYR H 420 -16.53 47.91 13.41
C TYR H 420 -17.79 47.38 12.82
N GLY H 421 -18.03 46.08 13.03
CA GLY H 421 -19.18 45.36 12.51
C GLY H 421 -19.19 45.39 11.01
N ASN H 422 -17.99 45.50 10.43
CA ASN H 422 -17.80 45.72 9.01
C ASN H 422 -16.87 44.67 8.42
N ALA H 423 -17.44 43.65 7.80
CA ALA H 423 -16.67 42.61 7.18
C ALA H 423 -16.17 43.04 5.81
N TRP H 424 -16.91 43.93 5.15
CA TRP H 424 -16.48 44.48 3.87
C TRP H 424 -15.05 45.06 3.93
N ARG H 425 -14.81 46.03 4.82
CA ARG H 425 -13.47 46.64 5.00
C ARG H 425 -12.37 45.57 5.14
N VAL H 426 -12.67 44.51 5.91
CA VAL H 426 -11.73 43.42 6.17
C VAL H 426 -11.57 42.48 4.97
N TRP H 427 -12.63 42.30 4.21
CA TRP H 427 -12.57 41.42 3.06
C TRP H 427 -11.60 42.03 2.06
N LYS H 428 -11.54 43.35 2.01
CA LYS H 428 -10.59 44.04 1.14
C LYS H 428 -9.19 43.79 1.64
N GLN H 429 -9.00 44.00 2.95
CA GLN H 429 -7.71 43.78 3.57
C GLN H 429 -7.18 42.40 3.24
N MET H 430 -8.10 41.47 3.03
CA MET H 430 -7.76 40.09 2.82
C MET H 430 -7.33 39.81 1.39
N GLY H 431 -7.39 40.82 0.53
CA GLY H 431 -7.13 40.66 -0.89
C GLY H 431 -8.39 40.58 -1.72
N ARG H 432 -9.50 41.03 -1.17
CA ARG H 432 -10.81 40.91 -1.80
C ARG H 432 -11.03 39.54 -2.39
N PRO H 433 -10.92 38.51 -1.58
CA PRO H 433 -11.07 37.14 -2.07
C PRO H 433 -12.47 36.96 -2.60
N ARG H 434 -12.62 36.65 -3.87
CA ARG H 434 -13.94 36.45 -4.41
C ARG H 434 -14.66 35.36 -3.66
N PHE H 435 -13.99 34.24 -3.48
CA PHE H 435 -14.55 33.03 -2.89
C PHE H 435 -13.65 32.57 -1.74
N PRO H 436 -13.81 33.20 -0.58
CA PRO H 436 -12.90 32.94 0.55
C PRO H 436 -13.02 31.56 1.13
N SER H 437 -11.97 31.18 1.83
CA SER H 437 -11.90 29.92 2.53
C SER H 437 -12.75 29.99 3.77
N ARG H 438 -12.98 28.82 4.36
CA ARG H 438 -13.78 28.73 5.58
C ARG H 438 -13.13 29.58 6.68
N GLN H 439 -11.81 29.55 6.76
CA GLN H 439 -11.08 30.34 7.75
C GLN H 439 -11.24 31.84 7.48
N ALA H 440 -11.19 32.23 6.23
CA ALA H 440 -11.33 33.64 5.92
C ALA H 440 -12.74 34.16 6.25
N VAL H 441 -13.73 33.32 6.00
CA VAL H 441 -15.11 33.65 6.19
C VAL H 441 -15.37 33.81 7.68
N GLU H 442 -14.86 32.89 8.47
CA GLU H 442 -15.10 32.92 9.91
C GLU H 442 -14.45 34.17 10.53
N THR H 443 -13.26 34.53 10.03
CA THR H 443 -12.67 35.78 10.44
C THR H 443 -13.63 36.93 10.12
N LEU H 444 -14.23 36.88 8.92
CA LEU H 444 -15.14 37.93 8.46
C LEU H 444 -16.41 38.06 9.28
N ARG H 445 -16.87 36.94 9.80
CA ARG H 445 -18.11 36.89 10.58
C ARG H 445 -17.85 37.52 11.94
N GLN H 446 -16.62 37.35 12.38
CA GLN H 446 -16.17 37.72 13.69
C GLN H 446 -15.99 39.21 13.66
N VAL H 447 -15.36 39.64 12.61
CA VAL H 447 -15.11 41.04 12.38
C VAL H 447 -16.45 41.80 12.08
N ALA H 448 -17.45 41.10 11.54
CA ALA H 448 -18.79 41.67 11.32
C ALA H 448 -19.63 41.90 12.60
N GLN H 449 -19.16 41.40 13.75
CA GLN H 449 -19.87 41.58 15.01
C GLN H 449 -19.85 43.08 15.30
N PRO H 450 -20.95 43.65 15.80
CA PRO H 450 -20.89 45.04 16.24
C PRO H 450 -19.83 45.17 17.31
N HIS H 451 -19.21 46.33 17.42
CA HIS H 451 -18.36 46.56 18.56
C HIS H 451 -19.19 46.89 19.81
N VAL H 452 -18.90 46.20 20.92
CA VAL H 452 -19.62 46.41 22.18
C VAL H 452 -18.78 47.20 23.16
N MET H 453 -19.40 48.18 23.79
CA MET H 453 -18.76 48.97 24.86
C MET H 453 -19.75 49.09 25.99
N THR H 454 -19.28 48.90 27.22
CA THR H 454 -20.13 48.89 28.40
C THR H 454 -19.60 49.81 29.47
N GLU H 455 -20.50 50.30 30.31
CA GLU H 455 -20.09 50.89 31.57
C GLU H 455 -21.20 50.87 32.60
N GLN H 456 -20.79 50.86 33.86
CA GLN H 456 -21.64 51.29 34.95
C GLN H 456 -21.48 52.79 35.14
N ARG H 457 -22.56 53.45 35.50
CA ARG H 457 -22.52 54.88 35.82
C ARG H 457 -23.67 55.29 36.77
N ARG H 458 -23.39 56.23 37.67
CA ARG H 458 -24.39 56.68 38.62
C ARG H 458 -25.02 57.95 38.05
N ALA H 459 -26.35 57.97 38.05
CA ALA H 459 -27.15 59.13 37.68
C ALA H 459 -26.91 60.33 38.61
N THR H 460 -26.93 61.54 38.04
CA THR H 460 -26.98 62.77 38.85
C THR H 460 -28.26 63.57 38.56
N ASP H 461 -28.96 63.96 39.63
CA ASP H 461 -30.24 64.68 39.55
C ASP H 461 -31.22 64.05 38.53
N GLY H 462 -31.47 62.75 38.70
CA GLY H 462 -32.45 62.01 37.92
C GLY H 462 -32.04 61.79 36.47
N VAL H 463 -30.75 61.95 36.20
CA VAL H 463 -30.29 62.20 34.84
C VAL H 463 -28.88 61.66 34.54
N ILE H 464 -28.71 61.21 33.29
CA ILE H 464 -27.44 60.72 32.78
C ILE H 464 -27.05 61.65 31.62
N HIS H 465 -25.86 62.23 31.68
CA HIS H 465 -25.34 63.08 30.59
C HIS H 465 -24.43 62.23 29.70
N LEU H 466 -24.88 61.99 28.47
CA LEU H 466 -24.18 61.07 27.55
C LEU H 466 -23.45 61.81 26.45
N SER H 467 -22.13 61.71 26.44
CA SER H 467 -21.33 62.31 25.37
C SER H 467 -20.93 61.26 24.37
N ILE H 468 -21.66 61.23 23.25
CA ILE H 468 -21.54 60.18 22.24
C ILE H 468 -20.87 60.69 20.97
N VAL H 469 -19.69 60.16 20.67
CA VAL H 469 -19.06 60.43 19.38
C VAL H 469 -19.38 59.36 18.36
N LEU H 470 -19.86 59.77 17.20
CA LEU H 470 -20.27 58.86 16.15
C LEU H 470 -19.30 59.00 15.01
N SER H 471 -18.56 57.94 14.71
CA SER H 471 -17.64 58.00 13.61
C SER H 471 -18.43 57.96 12.30
N LYS H 472 -17.74 58.07 11.18
CA LYS H 472 -18.39 58.24 9.88
C LYS H 472 -19.24 57.02 9.55
N ASN H 473 -20.49 57.27 9.21
CA ASN H 473 -21.44 56.23 8.84
C ASN H 473 -21.60 55.19 9.93
N GLU H 474 -21.45 55.69 11.16
CA GLU H 474 -21.77 54.91 12.33
C GLU H 474 -23.25 54.82 12.54
N VAL H 475 -23.64 53.63 12.91
CA VAL H 475 -24.88 53.43 13.59
C VAL H 475 -24.51 52.86 14.94
N THR H 476 -25.25 53.27 15.96
CA THR H 476 -25.00 52.80 17.29
C THR H 476 -26.28 52.66 18.09
N LEU H 477 -26.30 51.66 18.95
CA LEU H 477 -27.42 51.45 19.85
C LEU H 477 -26.88 51.68 21.23
N ILE H 478 -27.50 52.56 22.00
CA ILE H 478 -27.17 52.65 23.41
C ILE H 478 -28.37 52.25 24.20
N GLU H 479 -28.20 51.29 25.09
CA GLU H 479 -29.26 50.87 25.96
C GLU H 479 -28.82 51.26 27.32
N ILE H 480 -29.73 51.84 28.09
CA ILE H 480 -29.44 52.23 29.47
C ILE H 480 -30.34 51.48 30.40
N GLU H 481 -29.78 50.51 31.08
CA GLU H 481 -30.57 49.69 31.96
C GLU H 481 -30.23 50.02 33.38
N GLN H 482 -31.21 49.80 34.25
CA GLN H 482 -31.09 50.02 35.66
C GLN H 482 -30.21 48.93 36.20
N VAL H 483 -29.23 49.32 37.01
CA VAL H 483 -28.38 48.42 37.77
C VAL H 483 -29.09 48.17 39.10
N ARG H 484 -29.39 46.91 39.40
CA ARG H 484 -29.80 46.51 40.73
C ARG H 484 -28.56 45.85 41.24
N ASP H 485 -27.74 46.64 41.91
CA ASP H 485 -26.45 46.23 42.40
C ASP H 485 -26.66 45.18 43.45
N GLU H 486 -25.94 44.08 43.30
CA GLU H 486 -25.95 43.02 44.26
C GLU H 486 -24.63 42.95 44.96
N THR H 487 -23.72 43.88 44.66
CA THR H 487 -22.37 43.85 45.22
C THR H 487 -22.42 43.73 46.74
N SER H 488 -23.32 44.49 47.37
CA SER H 488 -23.58 44.45 48.82
C SER H 488 -23.79 43.05 49.44
N THR H 489 -24.46 42.15 48.73
CA THR H 489 -24.64 40.78 49.21
C THR H 489 -23.35 39.91 49.14
N TYR H 490 -22.34 40.32 48.40
CA TYR H 490 -21.04 39.64 48.38
C TYR H 490 -20.24 40.17 49.53
N VAL H 491 -20.60 39.78 50.74
CA VAL H 491 -20.00 40.36 51.90
C VAL H 491 -18.52 39.90 51.95
N GLY H 492 -17.62 40.89 52.10
CA GLY H 492 -16.19 40.64 52.10
C GLY H 492 -15.58 40.73 50.70
N LEU H 493 -16.38 40.53 49.64
CA LEU H 493 -15.88 40.73 48.27
C LEU H 493 -14.97 41.93 48.27
N ASP H 494 -13.72 41.66 47.92
CA ASP H 494 -12.72 42.67 47.61
C ASP H 494 -11.94 42.14 46.41
N ASP H 495 -11.97 42.87 45.30
CA ASP H 495 -11.21 42.45 44.13
C ASP H 495 -9.73 42.77 44.31
N GLY H 496 -9.45 43.74 45.17
CA GLY H 496 -8.10 44.05 45.56
C GLY H 496 -7.39 42.88 46.20
N GLU H 497 -8.07 41.79 46.50
CA GLU H 497 -7.41 40.63 47.08
C GLU H 497 -7.00 39.61 46.03
N ILE H 498 -7.38 39.87 44.80
CA ILE H 498 -7.00 39.02 43.69
C ILE H 498 -5.68 39.54 43.15
N THR H 499 -4.73 38.64 42.90
CA THR H 499 -3.49 39.01 42.27
C THR H 499 -3.75 40.06 41.19
N SER H 500 -3.18 41.26 41.38
CA SER H 500 -3.15 42.32 40.38
C SER H 500 -4.39 43.21 40.28
N TYR H 501 -5.49 42.86 40.92
CA TYR H 501 -6.70 43.72 40.84
C TYR H 501 -6.84 44.76 41.95
N SER H 502 -7.72 45.74 41.74
CA SER H 502 -8.22 46.67 42.75
C SER H 502 -9.76 46.67 42.87
#